data_6ED1
#
_entry.id   6ED1
#
_cell.length_a   242.663
_cell.length_b   101.355
_cell.length_c   168.600
_cell.angle_alpha   90.00
_cell.angle_beta   94.97
_cell.angle_gamma   90.00
#
_symmetry.space_group_name_H-M   'C 1 2 1'
#
loop_
_entity.id
_entity.type
_entity.pdbx_description
1 polymer 'Glycosyl hydrolase family 2, sugar binding domain protein'
2 non-polymer 'SODIUM ION'
3 water water
#
_entity_poly.entity_id   1
_entity_poly.type   'polypeptide(L)'
_entity_poly.pdbx_seq_one_letter_code
;MHHHHHHSSGVDLGTENLYFQSNASEISITDSWKYKAENDERFSSMDWNDSDWVTVDLPHTWNAGDVIDEQRGYRRGISW
YRKKLFIPSEARDKKITLRFDGVASKADVYLNGKLLKTHLGAYTAFGVDITDICEVGKENLLAVKVDNSSSLGEILPPVS
GDFSIFGGIYRRVFLQWTEKVHFVTEPYAAVPVRIQTPEVSVSEASMQIVAFLKNDFTDTKHVHVNVFLCDEMNRIVKEK
QLKLKLIPGRKYPISTSVGRIENPHLWSPELPYLYTVKVQVCDAKNGEMYQEVISPVGFRWFSVDKTGFYLNGKYLKLRG
AARHQDYAGLGTAIPVEMNRRDMRLLKEMGANFVRISHYPQDPEIYRACDELGLIVWSEICVVNEVRKNTAFAHNCKEML
KEMILQNYNHPSVVLWGAMNELWDYHKQAIALARELEALKKELDPYRLSCVAFHAFTWEKPYTQSSKEMFSISDVNGVNV
YESWYQGDSATIAPMFDKFCSYSTAKPRFLSEFGAGSDERIHSYTPRTFDFTPEFQLDFNRRYINEMEKRPDYIGYSIWN
LVDFQVDGRGDSKPNLNQKGMLTEDRRKKEIYYYCQARWSDIPMIHIAGADWTKRVEICDDSINVRKISVFSNQKTVELI
HNGKSLGVREVVNGEAVFAVPFINGENLLDARSGALSDRLKIQMKLLSSRLTDSDVLLDGLCINLGQEHCYFIDPQLQEI
WIPDKPYTKGSWGYMDGKPFNSWPGSSHDGVRYGVGADIKNTFLEPLFQTFLIGTTCYRLDVPDGVYEIGFYFTEPFSKD
ERKNIVRTGVSAEGQRVFDVSVNGEKLIDSLNLADSYGEQTAVVKTLVVNVRNHEGLEILLSPQKGQGVISGLKVKKIR
;
_entity_poly.pdbx_strand_id   A,B,C,D
#
# COMPACT_ATOMS: atom_id res chain seq x y z
N PHE A 20 43.07 -37.98 3.69
CA PHE A 20 41.95 -37.70 4.61
C PHE A 20 41.81 -36.21 4.91
N GLN A 21 40.76 -35.58 4.39
CA GLN A 21 40.50 -34.17 4.66
C GLN A 21 39.67 -33.96 5.92
N SER A 22 39.21 -35.03 6.54
CA SER A 22 38.35 -34.94 7.72
C SER A 22 39.19 -34.84 8.99
N ASN A 23 38.56 -34.38 10.07
CA ASN A 23 39.28 -34.18 11.31
C ASN A 23 38.32 -34.13 12.48
N ALA A 24 38.80 -34.62 13.62
CA ALA A 24 38.01 -34.47 14.82
C ALA A 24 38.23 -33.08 15.41
N SER A 25 37.30 -32.70 16.27
CA SER A 25 37.30 -31.42 16.97
C SER A 25 37.26 -31.63 18.47
N GLU A 26 36.31 -32.42 18.95
CA GLU A 26 36.03 -32.56 20.37
C GLU A 26 35.90 -34.05 20.70
N ILE A 27 36.05 -34.35 21.98
CA ILE A 27 35.91 -35.73 22.48
C ILE A 27 35.34 -35.66 23.89
N SER A 28 34.31 -36.44 24.15
CA SER A 28 33.63 -36.38 25.43
C SER A 28 34.54 -36.83 26.57
N ILE A 29 34.39 -36.16 27.71
CA ILE A 29 35.13 -36.51 28.92
C ILE A 29 34.13 -36.68 30.06
N THR A 30 32.92 -37.17 29.74
CA THR A 30 31.86 -37.34 30.72
C THR A 30 31.86 -38.71 31.40
N ASP A 31 32.83 -39.58 31.10
CA ASP A 31 32.85 -40.93 31.63
C ASP A 31 33.65 -41.01 32.94
N SER A 32 33.17 -41.85 33.86
CA SER A 32 33.87 -42.22 35.09
C SER A 32 34.56 -41.04 35.79
N TRP A 33 33.80 -40.28 36.56
CA TRP A 33 34.34 -39.24 37.41
C TRP A 33 34.40 -39.70 38.86
N LYS A 34 35.12 -38.95 39.68
CA LYS A 34 35.11 -39.17 41.12
C LYS A 34 34.31 -38.05 41.79
N TYR A 35 33.50 -38.41 42.80
CA TYR A 35 32.56 -37.45 43.37
C TYR A 35 32.48 -37.59 44.87
N LYS A 36 32.38 -36.45 45.57
CA LYS A 36 32.25 -36.41 47.03
C LYS A 36 31.54 -35.13 47.43
N ALA A 37 30.69 -35.21 48.45
CA ALA A 37 30.00 -34.01 48.96
C ALA A 37 30.69 -33.40 50.19
N GLU A 38 32.00 -33.19 50.11
CA GLU A 38 32.70 -32.41 51.12
C GLU A 38 33.41 -31.24 50.43
N ASN A 39 33.83 -30.27 51.22
CA ASN A 39 34.58 -29.15 50.68
C ASN A 39 35.91 -29.10 51.42
N ASP A 40 36.97 -29.56 50.78
CA ASP A 40 38.32 -29.37 51.28
C ASP A 40 39.15 -28.82 50.14
N GLU A 41 39.89 -27.75 50.41
CA GLU A 41 40.65 -27.10 49.35
C GLU A 41 41.79 -27.96 48.84
N ARG A 42 42.29 -28.92 49.64
CA ARG A 42 43.28 -29.88 49.15
C ARG A 42 42.74 -30.73 48.01
N PHE A 43 41.43 -30.76 47.82
CA PHE A 43 40.80 -31.61 46.81
C PHE A 43 41.23 -31.28 45.39
N SER A 44 41.86 -30.13 45.18
CA SER A 44 42.38 -29.81 43.85
C SER A 44 43.72 -30.46 43.57
N SER A 45 44.40 -30.95 44.60
CA SER A 45 45.78 -31.43 44.46
C SER A 45 45.86 -32.73 43.67
N MET A 46 46.86 -32.81 42.78
CA MET A 46 47.00 -33.96 41.89
C MET A 46 47.15 -35.25 42.68
N ASP A 47 47.87 -35.20 43.80
CA ASP A 47 48.30 -36.39 44.52
C ASP A 47 47.33 -36.82 45.60
N TRP A 48 46.19 -36.12 45.76
CA TRP A 48 45.17 -36.53 46.71
C TRP A 48 44.79 -37.99 46.46
N ASN A 49 44.31 -38.66 47.49
CA ASN A 49 43.86 -40.04 47.34
C ASN A 49 42.35 -40.05 47.35
N ASP A 50 41.77 -39.94 46.16
CA ASP A 50 40.33 -40.04 45.94
C ASP A 50 39.96 -41.49 45.66
N SER A 51 40.68 -42.43 46.28
CA SER A 51 40.48 -43.85 45.98
C SER A 51 39.16 -44.37 46.56
N ASP A 52 38.70 -43.80 47.68
CA ASP A 52 37.47 -44.22 48.32
C ASP A 52 36.26 -43.41 47.90
N TRP A 53 36.40 -42.56 46.87
CA TRP A 53 35.29 -41.76 46.37
C TRP A 53 34.40 -42.60 45.45
N VAL A 54 33.14 -42.18 45.32
CA VAL A 54 32.21 -42.87 44.43
C VAL A 54 32.41 -42.44 42.99
N THR A 55 32.16 -43.35 42.04
CA THR A 55 32.24 -43.06 40.61
C THR A 55 30.86 -42.75 40.04
N VAL A 56 30.77 -41.65 39.30
CA VAL A 56 29.59 -41.26 38.54
C VAL A 56 30.01 -40.99 37.11
N ASP A 57 29.05 -41.09 36.20
CA ASP A 57 29.23 -40.61 34.84
C ASP A 57 28.37 -39.36 34.68
N LEU A 58 28.94 -38.30 33.90
CA LEU A 58 28.11 -37.13 33.61
C LEU A 58 27.26 -37.42 32.37
N PRO A 59 26.09 -36.78 32.21
CA PRO A 59 25.43 -35.82 33.11
C PRO A 59 25.08 -36.35 34.50
N HIS A 60 25.48 -35.58 35.50
CA HIS A 60 25.25 -35.91 36.90
C HIS A 60 24.69 -34.71 37.64
N THR A 61 23.56 -34.89 38.31
CA THR A 61 23.17 -34.03 39.42
C THR A 61 23.31 -34.80 40.73
N TRP A 62 23.07 -34.10 41.84
CA TRP A 62 23.13 -34.72 43.16
C TRP A 62 21.86 -34.45 43.96
N ASN A 63 20.86 -33.82 43.35
CA ASN A 63 19.55 -33.67 43.97
C ASN A 63 18.46 -34.45 43.21
N ALA A 64 18.84 -35.48 42.44
CA ALA A 64 17.83 -36.31 41.80
C ALA A 64 16.97 -36.98 42.86
N GLY A 65 17.52 -37.28 44.04
CA GLY A 65 16.77 -37.89 45.12
C GLY A 65 16.22 -36.96 46.19
N ASP A 66 17.09 -36.19 46.85
CA ASP A 66 16.74 -34.97 47.61
C ASP A 66 15.37 -34.34 47.21
N VAL A 67 15.20 -33.99 45.93
CA VAL A 67 14.08 -33.14 45.55
C VAL A 67 12.76 -33.90 45.63
N ILE A 68 12.76 -35.21 45.40
CA ILE A 68 11.50 -35.98 45.41
C ILE A 68 11.40 -36.94 46.60
N ASP A 69 12.06 -36.62 47.72
CA ASP A 69 11.94 -37.43 48.92
C ASP A 69 10.93 -36.77 49.88
N GLU A 70 10.77 -37.36 51.07
CA GLU A 70 9.86 -36.80 52.06
C GLU A 70 10.47 -35.63 52.83
N GLN A 71 11.79 -35.58 52.98
CA GLN A 71 12.38 -34.46 53.70
C GLN A 71 12.16 -33.15 52.96
N ARG A 72 11.48 -32.21 53.60
CA ARG A 72 11.34 -30.85 53.09
C ARG A 72 12.68 -30.31 52.61
N GLY A 73 12.71 -29.82 51.36
CA GLY A 73 13.89 -29.18 50.84
C GLY A 73 14.85 -30.14 50.19
N TYR A 74 15.99 -29.60 49.77
CA TYR A 74 17.07 -30.41 49.21
C TYR A 74 18.42 -29.83 49.66
N ARG A 75 19.50 -30.51 49.29
CA ARG A 75 20.84 -30.17 49.78
C ARG A 75 21.51 -29.14 48.88
N ARG A 76 21.46 -27.87 49.27
CA ARG A 76 22.23 -26.85 48.59
C ARG A 76 23.61 -26.72 49.26
N GLY A 77 24.66 -27.03 48.52
CA GLY A 77 25.99 -26.86 49.05
C GLY A 77 27.04 -27.06 48.00
N ILE A 78 28.25 -27.47 48.41
CA ILE A 78 29.39 -27.67 47.52
C ILE A 78 29.72 -29.14 47.47
N SER A 79 30.14 -29.62 46.29
CA SER A 79 30.74 -30.93 46.11
C SER A 79 31.89 -30.80 45.12
N TRP A 80 32.63 -31.87 44.96
CA TRP A 80 33.84 -31.85 44.14
C TRP A 80 33.80 -32.98 43.12
N TYR A 81 34.32 -32.73 41.93
CA TYR A 81 34.51 -33.75 40.92
C TYR A 81 35.99 -33.84 40.58
N ARG A 82 36.50 -35.07 40.40
CA ARG A 82 37.85 -35.33 39.93
C ARG A 82 37.82 -36.34 38.79
N LYS A 83 38.60 -36.03 37.75
CA LYS A 83 38.72 -36.88 36.58
C LYS A 83 40.16 -36.85 36.10
N LYS A 84 40.75 -38.04 35.95
CA LYS A 84 42.09 -38.17 35.41
C LYS A 84 41.99 -38.01 33.90
N LEU A 85 42.40 -36.84 33.40
CA LEU A 85 42.13 -36.42 32.02
C LEU A 85 43.27 -36.84 31.09
N PHE A 86 42.95 -37.68 30.11
CA PHE A 86 43.91 -38.09 29.09
C PHE A 86 43.74 -37.27 27.81
N ILE A 87 44.86 -36.91 27.20
CA ILE A 87 44.90 -35.97 26.07
C ILE A 87 45.52 -36.66 24.87
N PRO A 88 44.75 -36.95 23.82
CA PRO A 88 45.32 -37.73 22.70
C PRO A 88 46.40 -36.97 21.96
N SER A 89 47.36 -37.73 21.41
CA SER A 89 48.51 -37.12 20.74
C SER A 89 48.13 -36.42 19.44
N GLU A 90 47.00 -36.82 18.83
CA GLU A 90 46.41 -36.08 17.72
C GLU A 90 46.23 -34.59 18.03
N ALA A 91 46.24 -34.22 19.30
CA ALA A 91 46.06 -32.83 19.69
C ALA A 91 47.36 -32.17 20.12
N ARG A 92 48.51 -32.86 20.01
CA ARG A 92 49.77 -32.31 20.48
C ARG A 92 50.07 -30.97 19.80
N ASP A 93 50.54 -30.02 20.61
CA ASP A 93 50.89 -28.67 20.17
C ASP A 93 49.84 -28.08 19.25
N LYS A 94 48.60 -28.17 19.71
CA LYS A 94 47.44 -27.45 19.20
C LYS A 94 46.84 -26.66 20.36
N LYS A 95 45.83 -25.83 20.05
CA LYS A 95 45.09 -25.10 21.09
C LYS A 95 44.03 -26.00 21.70
N ILE A 96 44.08 -26.19 23.01
CA ILE A 96 43.25 -27.20 23.65
C ILE A 96 42.36 -26.53 24.69
N THR A 97 41.05 -26.67 24.52
CA THR A 97 40.04 -26.06 25.38
C THR A 97 39.22 -27.14 26.06
N LEU A 98 38.74 -26.83 27.27
CA LEU A 98 37.69 -27.61 27.90
C LEU A 98 36.34 -26.95 27.66
N ARG A 99 35.34 -27.78 27.31
CA ARG A 99 33.99 -27.32 27.01
C ARG A 99 33.01 -27.83 28.07
N PHE A 100 32.26 -26.91 28.69
CA PHE A 100 31.33 -27.19 29.79
C PHE A 100 29.95 -26.68 29.39
N ASP A 101 29.08 -27.59 28.93
CA ASP A 101 27.77 -27.16 28.45
C ASP A 101 26.82 -26.74 29.56
N GLY A 102 27.15 -27.03 30.83
CA GLY A 102 26.25 -26.69 31.92
C GLY A 102 26.75 -27.25 33.24
N VAL A 103 26.75 -26.43 34.28
CA VAL A 103 27.20 -26.80 35.62
C VAL A 103 26.45 -25.91 36.60
N ALA A 104 25.63 -26.50 37.47
CA ALA A 104 24.62 -25.74 38.22
C ALA A 104 25.26 -24.81 39.23
N SER A 105 25.14 -23.50 38.95
CA SER A 105 25.71 -22.32 39.63
C SER A 105 27.23 -22.26 39.53
N LYS A 106 27.95 -22.20 40.66
CA LYS A 106 29.36 -21.84 40.57
C LYS A 106 30.23 -23.04 40.27
N ALA A 107 31.08 -22.92 39.25
CA ALA A 107 32.15 -23.86 38.96
C ALA A 107 33.50 -23.20 39.21
N ASP A 108 34.48 -24.02 39.64
CA ASP A 108 35.85 -23.56 39.93
C ASP A 108 36.80 -24.62 39.39
N VAL A 109 37.27 -24.45 38.16
CA VAL A 109 37.90 -25.55 37.45
C VAL A 109 39.40 -25.47 37.62
N TYR A 110 39.99 -26.56 38.09
CA TYR A 110 41.42 -26.68 38.31
C TYR A 110 41.95 -27.79 37.40
N LEU A 111 43.15 -27.60 36.87
CA LEU A 111 43.83 -28.63 36.10
C LEU A 111 45.28 -28.73 36.56
N ASN A 112 45.71 -29.93 36.96
CA ASN A 112 47.03 -30.18 37.54
C ASN A 112 47.30 -29.27 38.73
N GLY A 113 46.29 -29.10 39.57
CA GLY A 113 46.41 -28.34 40.80
C GLY A 113 46.12 -26.86 40.67
N LYS A 114 46.24 -26.30 39.46
CA LYS A 114 46.14 -24.87 39.23
C LYS A 114 44.72 -24.46 38.84
N LEU A 115 44.15 -23.49 39.56
CA LEU A 115 42.83 -22.96 39.21
C LEU A 115 42.89 -22.18 37.91
N LEU A 116 41.97 -22.50 36.99
CA LEU A 116 41.96 -21.94 35.64
C LEU A 116 40.74 -21.09 35.32
N LYS A 117 39.55 -21.48 35.75
CA LYS A 117 38.37 -20.65 35.52
C LYS A 117 37.44 -20.75 36.70
N THR A 118 36.78 -19.64 37.01
CA THR A 118 35.63 -19.63 37.90
C THR A 118 34.45 -19.12 37.08
N HIS A 119 33.27 -19.70 37.29
CA HIS A 119 32.11 -19.38 36.46
C HIS A 119 30.85 -19.25 37.31
N LEU A 120 30.13 -18.15 37.12
CA LEU A 120 28.83 -17.93 37.74
C LEU A 120 27.73 -18.16 36.72
N GLY A 121 26.69 -18.91 37.12
CA GLY A 121 25.58 -19.18 36.23
C GLY A 121 25.37 -20.64 35.88
N ALA A 122 24.22 -21.19 36.31
CA ALA A 122 23.91 -22.61 36.13
C ALA A 122 23.64 -22.98 34.67
N TYR A 123 23.06 -22.08 33.89
CA TYR A 123 22.33 -22.48 32.71
C TYR A 123 23.04 -22.21 31.37
N THR A 124 24.18 -21.52 31.36
CA THR A 124 24.89 -21.25 30.11
C THR A 124 26.21 -22.02 30.08
N ALA A 125 26.76 -22.18 28.87
CA ALA A 125 28.03 -22.87 28.72
C ALA A 125 29.20 -21.94 29.00
N PHE A 126 30.32 -22.51 29.43
CA PHE A 126 31.58 -21.76 29.51
C PHE A 126 32.72 -22.62 29.01
N GLY A 127 33.85 -21.98 28.79
CA GLY A 127 35.01 -22.67 28.26
C GLY A 127 36.25 -22.33 29.08
N VAL A 128 37.11 -23.32 29.19
CA VAL A 128 38.37 -23.18 29.91
C VAL A 128 39.50 -23.56 28.97
N ASP A 129 40.56 -22.75 28.95
CA ASP A 129 41.70 -23.01 28.07
C ASP A 129 42.79 -23.72 28.85
N ILE A 130 43.32 -24.78 28.27
CA ILE A 130 44.27 -25.61 28.98
C ILE A 130 45.50 -25.83 28.10
N THR A 131 45.56 -25.13 26.96
CA THR A 131 46.66 -25.41 26.03
C THR A 131 48.01 -25.23 26.72
N ASP A 132 48.14 -24.22 27.59
CA ASP A 132 49.43 -23.95 28.21
C ASP A 132 49.71 -24.86 29.41
N ILE A 133 48.67 -25.33 30.09
CA ILE A 133 48.81 -25.98 31.39
C ILE A 133 48.85 -27.50 31.28
N CYS A 134 48.11 -28.08 30.34
CA CYS A 134 47.91 -29.52 30.29
C CYS A 134 49.19 -30.22 29.81
N GLU A 135 49.09 -31.53 29.57
CA GLU A 135 50.24 -32.33 29.18
C GLU A 135 49.77 -33.47 28.28
N VAL A 136 50.06 -33.35 26.98
CA VAL A 136 49.67 -34.34 25.99
C VAL A 136 50.53 -35.60 26.15
N GLY A 137 49.92 -36.70 26.60
CA GLY A 137 50.61 -37.96 26.76
C GLY A 137 50.73 -38.40 28.20
N LYS A 138 50.85 -37.45 29.13
CA LYS A 138 50.75 -37.79 30.54
C LYS A 138 49.29 -37.81 30.96
N GLU A 139 49.04 -38.40 32.12
CA GLU A 139 47.77 -38.22 32.80
C GLU A 139 47.74 -36.84 33.44
N ASN A 140 46.60 -36.17 33.34
CA ASN A 140 46.38 -34.91 34.03
C ASN A 140 45.19 -35.06 34.95
N LEU A 141 45.07 -34.17 35.93
CA LEU A 141 44.01 -34.28 36.92
C LEU A 141 43.14 -33.03 36.89
N LEU A 142 41.86 -33.23 36.60
CA LEU A 142 40.89 -32.15 36.37
C LEU A 142 39.90 -32.10 37.53
N ALA A 143 40.01 -31.06 38.36
CA ALA A 143 39.13 -30.92 39.51
C ALA A 143 38.11 -29.82 39.28
N VAL A 144 36.83 -30.14 39.45
CA VAL A 144 35.79 -29.13 39.49
C VAL A 144 35.19 -29.11 40.90
N LYS A 145 35.14 -27.91 41.49
CA LYS A 145 34.34 -27.62 42.67
C LYS A 145 33.03 -27.03 42.17
N VAL A 146 31.91 -27.62 42.57
CA VAL A 146 30.59 -27.20 42.10
C VAL A 146 29.77 -26.71 43.28
N ASP A 147 28.94 -25.70 43.06
CA ASP A 147 28.36 -24.97 44.16
C ASP A 147 26.92 -24.57 43.88
N ASN A 148 26.08 -24.74 44.88
CA ASN A 148 24.63 -24.87 44.79
C ASN A 148 23.91 -24.03 45.86
N SER A 149 24.66 -23.32 46.70
CA SER A 149 24.09 -22.69 47.87
C SER A 149 23.18 -21.52 47.51
N SER A 150 22.05 -21.42 48.22
CA SER A 150 21.26 -20.21 48.15
C SER A 150 22.09 -18.96 48.47
N SER A 151 23.16 -19.12 49.26
CA SER A 151 24.05 -17.99 49.55
C SER A 151 24.47 -17.25 48.29
N LEU A 152 24.40 -17.94 47.15
CA LEU A 152 24.79 -17.36 45.87
C LEU A 152 23.68 -16.50 45.27
N GLY A 153 22.42 -16.78 45.62
CA GLY A 153 21.30 -16.05 45.06
C GLY A 153 21.36 -14.55 45.22
N GLU A 154 22.27 -14.07 46.08
CA GLU A 154 22.38 -12.64 46.31
C GLU A 154 23.19 -11.94 45.23
N ILE A 155 24.20 -12.63 44.66
CA ILE A 155 24.98 -12.07 43.58
C ILE A 155 24.57 -12.59 42.20
N LEU A 156 23.59 -13.53 42.12
CA LEU A 156 23.34 -14.24 40.86
C LEU A 156 21.94 -14.82 40.75
N PRO A 157 21.23 -14.60 39.64
CA PRO A 157 19.87 -15.13 39.50
C PRO A 157 19.90 -16.60 39.10
N PRO A 158 18.84 -17.35 39.41
CA PRO A 158 17.62 -16.84 40.04
C PRO A 158 17.67 -16.70 41.57
N VAL A 159 16.94 -15.70 42.06
CA VAL A 159 16.82 -15.45 43.49
C VAL A 159 15.88 -16.48 44.11
N SER A 160 14.72 -16.64 43.51
CA SER A 160 13.66 -17.49 44.03
C SER A 160 12.95 -18.07 42.82
N GLY A 161 11.75 -18.61 43.03
CA GLY A 161 11.03 -19.10 41.90
C GLY A 161 10.61 -20.54 42.00
N ASP A 162 9.48 -20.85 41.35
CA ASP A 162 8.89 -22.17 41.33
C ASP A 162 9.71 -23.22 40.58
N PHE A 163 10.94 -23.43 41.01
CA PHE A 163 11.73 -24.55 40.51
C PHE A 163 12.86 -24.78 41.50
N SER A 164 13.73 -25.70 41.16
CA SER A 164 14.81 -26.09 42.06
C SER A 164 16.12 -26.14 41.28
N ILE A 165 17.19 -25.73 41.93
CA ILE A 165 18.49 -25.68 41.29
C ILE A 165 19.20 -26.99 41.67
N PHE A 166 19.16 -27.96 40.76
CA PHE A 166 19.77 -29.27 40.97
C PHE A 166 21.28 -29.16 40.76
N GLY A 167 22.02 -29.13 41.87
CA GLY A 167 23.47 -29.05 41.76
C GLY A 167 24.05 -30.27 41.08
N GLY A 168 25.18 -30.08 40.38
CA GLY A 168 25.93 -31.11 39.71
C GLY A 168 26.48 -30.61 38.41
N ILE A 169 27.08 -31.52 37.64
CA ILE A 169 27.50 -31.21 36.27
C ILE A 169 26.54 -31.90 35.32
N TYR A 170 25.39 -31.26 35.07
CA TYR A 170 24.20 -31.95 34.57
C TYR A 170 24.04 -31.90 33.05
N ARG A 171 24.92 -31.22 32.34
CA ARG A 171 24.98 -31.35 30.90
C ARG A 171 26.38 -31.85 30.54
N ARG A 172 26.60 -32.12 29.26
CA ARG A 172 27.83 -32.82 28.87
C ARG A 172 29.05 -31.90 29.02
N VAL A 173 30.24 -32.49 28.90
CA VAL A 173 31.50 -31.74 28.99
C VAL A 173 32.45 -32.31 27.96
N PHE A 174 33.09 -31.44 27.17
CA PHE A 174 33.97 -31.86 26.08
C PHE A 174 35.34 -31.26 26.21
N LEU A 175 36.34 -32.04 25.82
CA LEU A 175 37.68 -31.54 25.59
C LEU A 175 37.89 -31.44 24.07
N GLN A 176 38.23 -30.25 23.61
CA GLN A 176 38.20 -29.91 22.20
C GLN A 176 39.53 -29.29 21.78
N TRP A 177 39.88 -29.42 20.50
CA TRP A 177 41.12 -28.81 20.00
C TRP A 177 40.97 -28.27 18.58
N THR A 178 41.62 -27.14 18.33
CA THR A 178 41.71 -26.46 17.05
C THR A 178 43.17 -26.34 16.65
N GLU A 179 43.40 -25.71 15.52
CA GLU A 179 44.72 -25.22 15.19
C GLU A 179 44.89 -23.81 15.76
N LYS A 180 46.15 -23.40 15.97
CA LYS A 180 46.40 -22.20 16.74
C LYS A 180 45.93 -20.92 16.06
N VAL A 181 45.64 -20.94 14.75
CA VAL A 181 44.92 -19.86 14.08
C VAL A 181 43.44 -20.17 14.19
N HIS A 182 42.71 -19.38 14.97
CA HIS A 182 41.41 -19.79 15.49
C HIS A 182 40.52 -18.58 15.65
N PHE A 183 39.20 -18.82 15.61
CA PHE A 183 38.22 -17.75 15.86
C PHE A 183 38.08 -17.55 17.36
N VAL A 184 38.22 -16.30 17.80
CA VAL A 184 38.11 -16.01 19.22
C VAL A 184 36.70 -16.33 19.70
N THR A 185 36.63 -17.10 20.78
CA THR A 185 35.39 -17.54 21.40
C THR A 185 35.15 -16.91 22.76
N GLU A 186 36.23 -16.68 23.52
CA GLU A 186 36.12 -16.10 24.85
C GLU A 186 35.78 -14.62 24.74
N PRO A 187 35.15 -14.04 25.78
CA PRO A 187 34.89 -14.54 27.14
C PRO A 187 33.53 -15.19 27.38
N TYR A 188 32.66 -15.21 26.34
CA TYR A 188 31.29 -15.68 26.48
C TYR A 188 31.04 -17.00 25.75
N ALA A 189 32.10 -17.64 25.25
CA ALA A 189 32.00 -18.89 24.52
C ALA A 189 30.91 -18.74 23.46
N ALA A 190 31.10 -17.75 22.62
CA ALA A 190 30.12 -17.44 21.60
C ALA A 190 30.30 -18.37 20.41
N VAL A 191 29.30 -18.37 19.53
CA VAL A 191 29.45 -19.12 18.27
C VAL A 191 30.58 -18.50 17.48
N PRO A 192 31.43 -19.29 16.82
CA PRO A 192 32.71 -18.75 16.34
C PRO A 192 32.56 -17.67 15.28
N VAL A 193 31.52 -17.74 14.45
CA VAL A 193 31.13 -16.64 13.58
C VAL A 193 29.65 -16.32 13.84
N ARG A 194 29.36 -15.04 14.04
CA ARG A 194 28.01 -14.52 14.24
C ARG A 194 27.43 -14.17 12.87
N ILE A 195 26.10 -14.29 12.73
CA ILE A 195 25.50 -14.14 11.41
C ILE A 195 24.15 -13.45 11.52
N GLN A 196 23.97 -12.36 10.80
CA GLN A 196 22.71 -11.63 10.76
C GLN A 196 22.23 -11.53 9.33
N THR A 197 20.94 -11.21 9.19
CA THR A 197 20.29 -10.99 7.90
C THR A 197 19.56 -9.65 7.95
N PRO A 198 20.26 -8.55 7.69
CA PRO A 198 19.65 -7.23 7.92
C PRO A 198 18.44 -6.98 7.06
N GLU A 199 18.44 -7.47 5.82
CA GLU A 199 17.29 -7.34 4.95
C GLU A 199 16.89 -8.72 4.42
N VAL A 200 15.60 -9.03 4.49
CA VAL A 200 15.06 -10.29 3.97
C VAL A 200 13.68 -10.02 3.37
N SER A 201 13.49 -10.46 2.13
CA SER A 201 12.17 -10.37 1.49
C SER A 201 12.01 -11.57 0.56
N VAL A 202 10.86 -11.63 -0.12
CA VAL A 202 10.65 -12.77 -1.03
C VAL A 202 11.64 -12.74 -2.19
N SER A 203 12.08 -11.54 -2.62
CA SER A 203 12.92 -11.46 -3.80
C SER A 203 14.41 -11.52 -3.48
N GLU A 204 14.90 -10.86 -2.42
CA GLU A 204 16.33 -10.93 -2.11
C GLU A 204 16.56 -10.81 -0.62
N ALA A 205 17.71 -11.32 -0.17
CA ALA A 205 18.16 -11.12 1.21
C ALA A 205 19.62 -10.69 1.23
N SER A 206 19.97 -9.95 2.28
CA SER A 206 21.34 -9.59 2.63
C SER A 206 21.90 -10.54 3.71
N MET A 207 23.21 -10.52 3.88
CA MET A 207 23.79 -11.35 4.91
C MET A 207 25.08 -10.69 5.43
N GLN A 208 25.23 -10.64 6.74
CA GLN A 208 26.40 -10.08 7.40
C GLN A 208 26.97 -11.12 8.34
N ILE A 209 28.26 -11.42 8.20
CA ILE A 209 28.94 -12.34 9.10
C ILE A 209 29.91 -11.54 9.96
N VAL A 210 30.07 -11.94 11.21
CA VAL A 210 30.92 -11.24 12.17
C VAL A 210 31.80 -12.26 12.87
N ALA A 211 33.11 -12.00 12.89
CA ALA A 211 34.01 -12.83 13.66
C ALA A 211 35.26 -12.03 14.00
N PHE A 212 36.04 -12.58 14.93
CA PHE A 212 37.41 -12.17 15.18
C PHE A 212 38.35 -13.35 14.92
N LEU A 213 39.58 -13.05 14.54
CA LEU A 213 40.59 -14.08 14.37
C LEU A 213 41.76 -13.83 15.30
N LYS A 214 42.47 -14.89 15.66
CA LYS A 214 43.69 -14.73 16.44
C LYS A 214 44.69 -15.76 15.96
N ASN A 215 45.96 -15.36 15.92
CA ASN A 215 47.09 -16.23 15.62
C ASN A 215 47.87 -16.46 16.91
N ASP A 216 48.05 -17.74 17.28
CA ASP A 216 48.77 -18.12 18.49
C ASP A 216 50.07 -18.86 18.17
N PHE A 217 50.54 -18.79 16.93
CA PHE A 217 51.84 -19.33 16.56
C PHE A 217 52.97 -18.38 16.95
N THR A 218 54.19 -18.74 16.59
CA THR A 218 55.30 -17.79 16.66
C THR A 218 55.42 -16.96 15.39
N ASP A 219 55.11 -17.56 14.24
CA ASP A 219 55.25 -16.92 12.95
C ASP A 219 54.12 -15.91 12.73
N THR A 220 54.30 -15.07 11.72
CA THR A 220 53.18 -14.41 11.09
C THR A 220 52.56 -15.35 10.07
N LYS A 221 51.26 -15.21 9.87
CA LYS A 221 50.54 -16.04 8.91
C LYS A 221 49.66 -15.16 8.02
N HIS A 222 49.63 -15.46 6.73
CA HIS A 222 48.71 -14.82 5.80
C HIS A 222 47.62 -15.81 5.44
N VAL A 223 46.36 -15.40 5.57
CA VAL A 223 45.26 -16.35 5.42
C VAL A 223 44.18 -15.77 4.53
N HIS A 224 43.71 -16.61 3.59
CA HIS A 224 42.42 -16.40 2.93
C HIS A 224 41.30 -16.77 3.87
N VAL A 225 40.20 -16.03 3.81
CA VAL A 225 38.96 -16.43 4.46
C VAL A 225 37.94 -16.73 3.35
N ASN A 226 37.46 -17.96 3.29
CA ASN A 226 36.56 -18.41 2.24
C ASN A 226 35.17 -18.58 2.84
N VAL A 227 34.25 -17.71 2.44
CA VAL A 227 32.88 -17.70 2.95
C VAL A 227 31.96 -18.27 1.88
N PHE A 228 31.33 -19.40 2.17
CA PHE A 228 30.32 -20.01 1.30
C PHE A 228 28.94 -19.96 1.93
N LEU A 229 27.91 -19.87 1.09
CA LEU A 229 26.52 -19.98 1.53
C LEU A 229 25.87 -21.07 0.69
N CYS A 230 25.65 -22.25 1.27
CA CYS A 230 25.13 -23.42 0.56
C CYS A 230 23.70 -23.73 0.99
N ASP A 231 22.91 -24.23 0.05
CA ASP A 231 21.51 -24.57 0.32
C ASP A 231 21.44 -25.95 0.97
N GLU A 232 20.23 -26.50 1.10
CA GLU A 232 20.10 -27.78 1.78
C GLU A 232 20.69 -28.92 0.98
N MET A 233 20.76 -28.80 -0.34
CA MET A 233 21.48 -29.75 -1.17
C MET A 233 22.98 -29.47 -1.22
N ASN A 234 23.45 -28.47 -0.46
CA ASN A 234 24.88 -28.14 -0.33
C ASN A 234 25.49 -27.69 -1.64
N ARG A 235 24.67 -27.11 -2.51
CA ARG A 235 25.12 -26.38 -3.69
C ARG A 235 25.50 -24.95 -3.30
N ILE A 236 26.74 -24.56 -3.59
CA ILE A 236 27.26 -23.21 -3.32
C ILE A 236 26.41 -22.18 -4.03
N VAL A 237 25.56 -21.44 -3.30
CA VAL A 237 24.78 -20.39 -3.93
C VAL A 237 25.43 -19.01 -3.81
N LYS A 238 26.47 -18.87 -3.00
CA LYS A 238 27.20 -17.61 -2.87
C LYS A 238 28.60 -17.91 -2.36
N GLU A 239 29.61 -17.18 -2.85
CA GLU A 239 30.94 -17.35 -2.29
C GLU A 239 31.76 -16.07 -2.42
N LYS A 240 32.76 -15.96 -1.54
CA LYS A 240 33.50 -14.71 -1.32
C LYS A 240 34.74 -14.96 -0.48
N GLN A 241 35.91 -14.51 -0.94
CA GLN A 241 37.15 -14.67 -0.20
C GLN A 241 37.73 -13.31 0.19
N LEU A 242 38.47 -13.34 1.31
CA LEU A 242 39.11 -12.17 1.91
C LEU A 242 40.55 -12.50 2.24
N LYS A 243 41.46 -11.58 1.92
CA LYS A 243 42.86 -11.74 2.26
C LYS A 243 43.20 -10.83 3.44
N LEU A 244 44.00 -11.35 4.37
CA LEU A 244 44.46 -10.58 5.51
C LEU A 244 45.55 -11.36 6.22
N LYS A 245 46.51 -10.63 6.78
CA LYS A 245 47.69 -11.19 7.43
C LYS A 245 47.62 -10.90 8.94
N LEU A 246 48.08 -11.87 9.74
CA LEU A 246 47.86 -11.90 11.20
C LEU A 246 49.18 -12.02 11.96
N ILE A 247 49.66 -10.90 12.51
CA ILE A 247 50.81 -10.95 13.42
C ILE A 247 50.38 -11.57 14.74
N PRO A 248 51.20 -12.40 15.37
CA PRO A 248 50.74 -13.14 16.56
C PRO A 248 50.06 -12.27 17.62
N GLY A 249 49.14 -12.91 18.34
CA GLY A 249 48.55 -12.35 19.54
C GLY A 249 47.59 -11.19 19.36
N ARG A 250 47.42 -10.67 18.15
CA ARG A 250 46.54 -9.52 17.94
C ARG A 250 45.14 -9.97 17.50
N LYS A 251 44.13 -9.26 17.98
CA LYS A 251 42.73 -9.69 17.87
C LYS A 251 42.11 -8.99 16.65
N TYR A 252 42.21 -9.63 15.49
CA TYR A 252 41.79 -9.01 14.24
C TYR A 252 40.29 -9.21 14.02
N PRO A 253 39.53 -8.14 13.84
CA PRO A 253 38.10 -8.29 13.50
C PRO A 253 37.90 -8.45 12.00
N ILE A 254 36.77 -9.08 11.66
CA ILE A 254 36.29 -9.13 10.28
C ILE A 254 34.77 -9.02 10.28
N SER A 255 34.24 -8.46 9.20
CA SER A 255 32.79 -8.35 9.04
C SER A 255 32.53 -8.04 7.57
N THR A 256 32.23 -9.08 6.81
CA THR A 256 31.90 -8.96 5.40
C THR A 256 30.40 -8.97 5.20
N SER A 257 29.98 -8.43 4.08
CA SER A 257 28.63 -8.59 3.61
C SER A 257 28.63 -9.49 2.39
N VAL A 258 27.51 -10.18 2.19
CA VAL A 258 27.28 -11.01 1.01
C VAL A 258 26.18 -10.36 0.19
N GLY A 259 26.46 -10.11 -1.09
CA GLY A 259 25.55 -9.40 -1.97
C GLY A 259 24.22 -10.09 -2.17
N ARG A 260 23.33 -9.49 -2.97
CA ARG A 260 21.96 -9.96 -3.16
C ARG A 260 21.91 -11.46 -3.31
N ILE A 261 20.97 -12.09 -2.63
CA ILE A 261 20.99 -13.55 -2.57
C ILE A 261 19.92 -14.11 -3.50
N GLU A 262 18.84 -13.36 -3.69
CA GLU A 262 17.89 -13.62 -4.77
C GLU A 262 16.99 -14.80 -4.46
N ASN A 263 15.69 -14.54 -4.31
CA ASN A 263 14.66 -15.56 -4.18
C ASN A 263 15.00 -16.62 -3.12
N PRO A 264 15.35 -16.19 -1.90
CA PRO A 264 15.76 -17.17 -0.90
C PRO A 264 14.59 -18.03 -0.47
N HIS A 265 14.90 -19.28 -0.13
CA HIS A 265 13.90 -20.15 0.48
C HIS A 265 13.77 -19.74 1.96
N LEU A 266 12.60 -19.22 2.33
CA LEU A 266 12.46 -18.66 3.67
C LEU A 266 12.30 -19.77 4.70
N TRP A 267 12.44 -19.39 5.97
CA TRP A 267 12.25 -20.29 7.08
C TRP A 267 10.91 -19.98 7.73
N SER A 268 10.09 -21.00 7.91
CA SER A 268 8.86 -20.89 8.69
C SER A 268 8.76 -22.11 9.58
N PRO A 269 7.92 -22.05 10.62
CA PRO A 269 7.56 -23.30 11.32
C PRO A 269 6.87 -24.30 10.42
N GLU A 270 6.27 -23.88 9.31
CA GLU A 270 5.72 -24.83 8.35
C GLU A 270 6.82 -25.42 7.45
N LEU A 271 7.64 -24.56 6.85
CA LEU A 271 8.73 -25.01 5.98
C LEU A 271 10.03 -24.46 6.56
N PRO A 272 10.65 -25.16 7.52
CA PRO A 272 11.89 -24.68 8.15
C PRO A 272 13.13 -24.94 7.31
N TYR A 273 13.15 -24.36 6.11
CA TYR A 273 14.32 -24.47 5.25
C TYR A 273 15.55 -23.88 5.93
N LEU A 274 16.70 -24.56 5.77
CA LEU A 274 17.93 -24.18 6.44
C LEU A 274 19.07 -24.17 5.43
N TYR A 275 19.84 -23.09 5.45
CA TYR A 275 21.02 -22.97 4.62
C TYR A 275 22.24 -23.34 5.47
N THR A 276 23.43 -23.07 4.96
CA THR A 276 24.65 -23.42 5.68
C THR A 276 25.78 -22.49 5.26
N VAL A 277 26.22 -21.63 6.18
CA VAL A 277 27.35 -20.73 5.96
C VAL A 277 28.64 -21.50 6.27
N LYS A 278 29.39 -21.84 5.21
CA LYS A 278 30.66 -22.53 5.33
C LYS A 278 31.77 -21.48 5.30
N VAL A 279 32.54 -21.38 6.40
CA VAL A 279 33.60 -20.38 6.53
C VAL A 279 34.91 -21.10 6.81
N GLN A 280 35.84 -21.05 5.86
CA GLN A 280 37.18 -21.62 6.03
C GLN A 280 38.20 -20.51 6.20
N VAL A 281 39.34 -20.86 6.80
CA VAL A 281 40.50 -19.98 6.91
C VAL A 281 41.71 -20.78 6.50
N CYS A 282 42.25 -20.51 5.32
CA CYS A 282 43.39 -21.26 4.79
C CYS A 282 44.62 -20.38 4.74
N ASP A 283 45.78 -21.01 4.61
CA ASP A 283 47.06 -20.31 4.50
C ASP A 283 47.32 -19.99 3.03
N ALA A 284 47.28 -18.69 2.69
CA ALA A 284 47.44 -18.23 1.31
C ALA A 284 48.77 -18.62 0.68
N LYS A 285 49.74 -19.06 1.48
CA LYS A 285 51.09 -19.33 0.99
C LYS A 285 51.32 -20.80 0.65
N ASN A 286 50.82 -21.74 1.47
CA ASN A 286 50.90 -23.16 1.16
C ASN A 286 49.54 -23.80 0.87
N GLY A 287 48.46 -23.34 1.50
CA GLY A 287 47.14 -23.91 1.30
C GLY A 287 46.60 -24.72 2.47
N GLU A 288 47.42 -25.00 3.49
CA GLU A 288 46.95 -25.70 4.67
C GLU A 288 45.74 -24.97 5.27
N MET A 289 44.72 -25.76 5.60
CA MET A 289 43.48 -25.20 6.13
C MET A 289 43.54 -25.12 7.65
N TYR A 290 43.36 -23.91 8.18
CA TYR A 290 43.40 -23.72 9.63
C TYR A 290 42.05 -24.03 10.28
N GLN A 291 40.98 -23.44 9.75
CA GLN A 291 39.64 -23.66 10.28
C GLN A 291 38.66 -23.89 9.15
N GLU A 292 37.56 -24.55 9.49
CA GLU A 292 36.34 -24.53 8.69
C GLU A 292 35.19 -24.63 9.68
N VAL A 293 34.36 -23.60 9.71
CA VAL A 293 33.26 -23.50 10.65
C VAL A 293 31.96 -23.62 9.87
N ILE A 294 31.13 -24.59 10.23
CA ILE A 294 29.85 -24.80 9.58
C ILE A 294 28.76 -24.21 10.47
N SER A 295 27.95 -23.33 9.89
CA SER A 295 26.94 -22.66 10.68
C SER A 295 25.62 -22.62 9.93
N PRO A 296 24.60 -23.32 10.40
CA PRO A 296 23.30 -23.24 9.73
C PRO A 296 22.61 -21.92 10.01
N VAL A 297 21.80 -21.49 9.05
CA VAL A 297 21.00 -20.27 9.20
C VAL A 297 19.72 -20.42 8.40
N GLY A 298 18.77 -19.56 8.69
CA GLY A 298 17.57 -19.45 7.89
C GLY A 298 17.22 -18.00 7.64
N PHE A 299 16.48 -17.79 6.54
CA PHE A 299 16.07 -16.45 6.12
C PHE A 299 14.62 -16.24 6.50
N ARG A 300 14.37 -15.23 7.31
CA ARG A 300 13.01 -14.90 7.71
C ARG A 300 12.99 -13.43 8.12
N TRP A 301 11.79 -12.95 8.39
CA TRP A 301 11.64 -11.59 8.86
C TRP A 301 10.30 -11.50 9.56
N PHE A 302 10.23 -10.66 10.59
CA PHE A 302 9.05 -10.60 11.46
C PHE A 302 8.89 -9.20 12.04
N SER A 303 7.72 -8.94 12.63
CA SER A 303 7.41 -7.71 13.35
C SER A 303 6.25 -7.97 14.30
N VAL A 304 5.86 -6.97 15.09
CA VAL A 304 4.73 -7.08 16.01
C VAL A 304 3.97 -5.76 16.11
N ASP A 305 2.64 -5.85 16.14
CA ASP A 305 1.78 -4.75 16.57
C ASP A 305 0.53 -5.32 17.25
N LYS A 306 -0.38 -4.43 17.66
CA LYS A 306 -1.62 -4.89 18.28
C LYS A 306 -2.56 -5.59 17.29
N THR A 307 -2.16 -5.81 16.05
CA THR A 307 -2.97 -6.60 15.15
C THR A 307 -2.43 -8.02 14.96
N GLY A 308 -1.21 -8.28 15.37
CA GLY A 308 -0.73 -9.65 15.49
C GLY A 308 0.77 -9.76 15.34
N PHE A 309 1.22 -11.01 15.27
CA PHE A 309 2.58 -11.36 14.90
C PHE A 309 2.61 -11.55 13.39
N TYR A 310 3.66 -11.06 12.75
CA TYR A 310 3.80 -11.27 11.32
C TYR A 310 5.13 -11.95 11.07
N LEU A 311 5.10 -13.05 10.33
CA LEU A 311 6.32 -13.74 9.95
C LEU A 311 6.34 -13.88 8.43
N ASN A 312 7.47 -13.51 7.81
CA ASN A 312 7.63 -13.59 6.35
C ASN A 312 6.42 -13.02 5.60
N GLY A 313 5.82 -11.96 6.17
CA GLY A 313 4.78 -11.19 5.50
C GLY A 313 3.35 -11.58 5.82
N LYS A 314 3.11 -12.77 6.38
CA LYS A 314 1.76 -13.24 6.62
C LYS A 314 1.47 -13.21 8.13
N TYR A 315 0.19 -13.15 8.48
CA TYR A 315 -0.21 -13.11 9.88
C TYR A 315 -0.12 -14.51 10.51
N LEU A 316 0.66 -14.62 11.59
CA LEU A 316 0.94 -15.90 12.23
C LEU A 316 0.50 -15.85 13.69
N LYS A 317 -0.53 -16.63 14.03
CA LYS A 317 -0.91 -16.80 15.42
C LYS A 317 0.04 -17.80 16.06
N LEU A 318 0.75 -17.34 17.10
CA LEU A 318 1.79 -18.11 17.78
C LEU A 318 1.16 -18.92 18.91
N ARG A 319 1.31 -20.25 18.83
CA ARG A 319 0.62 -21.18 19.73
C ARG A 319 1.62 -22.23 20.21
N GLY A 320 1.74 -22.37 21.52
CA GLY A 320 2.81 -23.22 22.02
C GLY A 320 2.76 -23.64 23.48
N ALA A 321 3.92 -23.77 24.08
CA ALA A 321 4.08 -24.34 25.42
C ALA A 321 5.53 -24.15 25.85
N ALA A 322 5.72 -24.02 27.16
CA ALA A 322 7.06 -23.93 27.73
C ALA A 322 7.54 -25.32 28.14
N ARG A 323 8.85 -25.46 28.24
CA ARG A 323 9.45 -26.73 28.61
C ARG A 323 10.46 -26.52 29.73
N HIS A 324 10.41 -27.37 30.74
CA HIS A 324 11.40 -27.39 31.81
C HIS A 324 12.43 -28.48 31.54
N GLN A 325 13.53 -28.41 32.28
CA GLN A 325 14.76 -29.13 31.98
C GLN A 325 14.79 -30.56 32.47
N ASP A 326 13.87 -30.99 33.31
CA ASP A 326 14.08 -32.22 34.05
C ASP A 326 13.22 -33.38 33.50
N TYR A 327 13.60 -34.59 33.94
CA TYR A 327 12.96 -35.84 33.59
C TYR A 327 12.82 -36.67 34.86
N ALA A 328 11.79 -37.51 34.90
CA ALA A 328 11.40 -38.16 36.16
C ALA A 328 12.53 -39.00 36.74
N GLY A 329 12.84 -38.73 38.02
CA GLY A 329 13.86 -39.46 38.75
C GLY A 329 15.29 -39.19 38.34
N LEU A 330 15.51 -38.48 37.23
CA LEU A 330 16.83 -38.12 36.75
C LEU A 330 17.24 -36.71 37.10
N GLY A 331 16.39 -35.97 37.82
CA GLY A 331 16.68 -34.56 38.05
C GLY A 331 16.81 -33.81 36.74
N THR A 332 17.77 -32.90 36.68
CA THR A 332 18.04 -32.22 35.43
C THR A 332 19.24 -32.81 34.70
N ALA A 333 19.79 -33.91 35.20
CA ALA A 333 20.86 -34.63 34.50
C ALA A 333 20.25 -35.60 33.48
N ILE A 334 19.59 -35.01 32.49
CA ILE A 334 18.89 -35.77 31.46
C ILE A 334 19.92 -36.19 30.42
N PRO A 335 19.66 -37.22 29.63
CA PRO A 335 20.52 -37.49 28.47
C PRO A 335 20.19 -36.46 27.40
N VAL A 336 21.16 -36.21 26.53
CA VAL A 336 21.01 -35.05 25.67
C VAL A 336 19.91 -35.29 24.63
N GLU A 337 19.67 -36.54 24.26
CA GLU A 337 18.65 -36.79 23.24
C GLU A 337 17.23 -36.46 23.71
N MET A 338 16.99 -36.43 25.04
CA MET A 338 15.67 -36.08 25.56
C MET A 338 15.23 -34.71 25.09
N ASN A 339 16.20 -33.82 24.85
CA ASN A 339 15.91 -32.46 24.39
C ASN A 339 15.21 -32.46 23.03
N ARG A 340 15.71 -33.23 22.06
CA ARG A 340 15.00 -33.33 20.79
C ARG A 340 13.70 -34.12 20.93
N ARG A 341 13.66 -35.13 21.82
CA ARG A 341 12.42 -35.86 22.04
C ARG A 341 11.29 -34.95 22.52
N ASP A 342 11.61 -33.99 23.40
CA ASP A 342 10.57 -33.08 23.87
C ASP A 342 10.05 -32.23 22.73
N MET A 343 10.96 -31.69 21.93
CA MET A 343 10.56 -30.75 20.89
C MET A 343 9.77 -31.45 19.78
N ARG A 344 10.06 -32.72 19.52
CA ARG A 344 9.25 -33.46 18.56
C ARG A 344 7.84 -33.66 19.10
N LEU A 345 7.72 -34.07 20.35
CA LEU A 345 6.40 -34.24 20.91
C LEU A 345 5.62 -32.95 20.83
N LEU A 346 6.30 -31.82 20.99
CA LEU A 346 5.61 -30.53 21.02
C LEU A 346 5.12 -30.16 19.62
N LYS A 347 5.97 -30.30 18.59
CA LYS A 347 5.55 -30.01 17.23
C LYS A 347 4.35 -30.86 16.83
N GLU A 348 4.32 -32.12 17.30
CA GLU A 348 3.27 -33.07 16.99
C GLU A 348 2.02 -32.82 17.80
N MET A 349 2.04 -31.82 18.67
CA MET A 349 0.83 -31.31 19.29
C MET A 349 0.27 -30.10 18.54
N GLY A 350 0.81 -29.77 17.38
CA GLY A 350 0.31 -28.62 16.64
C GLY A 350 0.94 -27.28 17.00
N ALA A 351 1.95 -27.28 17.86
CA ALA A 351 2.60 -26.04 18.21
C ALA A 351 3.46 -25.52 17.06
N ASN A 352 3.61 -24.19 17.00
CA ASN A 352 4.70 -23.55 16.26
C ASN A 352 5.57 -22.73 17.18
N PHE A 353 5.32 -22.75 18.47
CA PHE A 353 5.95 -21.85 19.42
C PHE A 353 6.44 -22.65 20.62
N VAL A 354 7.63 -22.29 21.14
CA VAL A 354 8.12 -22.87 22.37
C VAL A 354 8.71 -21.78 23.24
N ARG A 355 8.43 -21.84 24.54
CA ARG A 355 8.94 -20.87 25.51
C ARG A 355 10.05 -21.50 26.35
N ILE A 356 11.30 -21.33 25.90
CA ILE A 356 12.45 -21.83 26.66
C ILE A 356 12.66 -21.00 27.93
N SER A 357 12.16 -21.51 29.05
CA SER A 357 12.06 -20.78 30.32
C SER A 357 12.10 -21.76 31.49
N HIS A 358 12.60 -21.31 32.64
CA HIS A 358 12.95 -19.92 32.92
C HIS A 358 14.42 -19.72 32.79
N TYR A 359 15.06 -20.36 31.84
CA TYR A 359 16.51 -20.27 31.75
C TYR A 359 16.91 -20.74 30.38
N PRO A 360 18.09 -20.34 29.89
CA PRO A 360 18.54 -20.87 28.60
C PRO A 360 18.81 -22.35 28.72
N GLN A 361 18.64 -23.06 27.63
CA GLN A 361 18.70 -24.51 27.73
C GLN A 361 19.73 -25.09 26.77
N ASP A 362 19.62 -26.37 26.48
CA ASP A 362 20.72 -27.08 25.85
C ASP A 362 20.88 -26.64 24.38
N PRO A 363 22.13 -26.50 23.89
CA PRO A 363 22.37 -26.33 22.46
C PRO A 363 21.43 -27.13 21.56
N GLU A 364 21.09 -28.35 21.94
CA GLU A 364 20.31 -29.15 21.02
C GLU A 364 18.81 -28.88 21.09
N ILE A 365 18.32 -28.21 22.13
CA ILE A 365 16.94 -27.71 22.07
C ILE A 365 16.79 -26.74 20.91
N TYR A 366 17.83 -25.95 20.61
CA TYR A 366 17.77 -24.93 19.57
C TYR A 366 18.07 -25.49 18.20
N ARG A 367 18.92 -26.51 18.10
CA ARG A 367 19.10 -27.26 16.86
C ARG A 367 17.82 -28.01 16.49
N ALA A 368 17.15 -28.59 17.50
CA ALA A 368 15.90 -29.29 17.28
C ALA A 368 14.84 -28.36 16.75
N CYS A 369 14.70 -27.20 17.37
CA CYS A 369 13.61 -26.27 17.12
C CYS A 369 13.69 -25.66 15.74
N ASP A 370 14.89 -25.38 15.23
CA ASP A 370 14.91 -24.79 13.92
C ASP A 370 15.04 -25.82 12.80
N GLU A 371 15.04 -27.12 13.10
CA GLU A 371 14.86 -28.18 12.11
C GLU A 371 13.43 -28.66 12.03
N LEU A 372 12.73 -28.71 13.15
CA LEU A 372 11.34 -29.15 13.16
C LEU A 372 10.41 -28.05 12.69
N GLY A 373 10.63 -26.82 13.15
CA GLY A 373 9.77 -25.71 12.84
C GLY A 373 9.05 -25.20 14.07
N LEU A 374 9.79 -24.70 15.05
CA LEU A 374 9.17 -24.07 16.20
C LEU A 374 9.88 -22.76 16.50
N ILE A 375 9.11 -21.68 16.64
CA ILE A 375 9.64 -20.36 16.96
C ILE A 375 9.93 -20.32 18.46
N VAL A 376 11.08 -19.75 18.83
CA VAL A 376 11.63 -19.84 20.19
C VAL A 376 11.59 -18.48 20.88
N TRP A 377 10.90 -18.41 22.03
CA TRP A 377 11.04 -17.35 23.03
C TRP A 377 12.05 -17.83 24.07
N SER A 378 13.21 -17.18 24.16
CA SER A 378 14.29 -17.68 25.02
C SER A 378 14.70 -16.67 26.09
N GLU A 379 14.48 -17.05 27.37
CA GLU A 379 14.65 -16.24 28.57
C GLU A 379 15.93 -16.59 29.32
N ILE A 380 16.51 -15.59 29.99
CA ILE A 380 17.36 -15.89 31.14
C ILE A 380 16.52 -15.74 32.41
N CYS A 381 17.14 -15.99 33.57
CA CYS A 381 16.41 -16.45 34.74
C CYS A 381 16.27 -15.41 35.84
N VAL A 382 15.83 -14.20 35.49
CA VAL A 382 15.65 -13.14 36.48
C VAL A 382 14.20 -13.23 36.94
N VAL A 383 13.95 -14.08 37.93
CA VAL A 383 12.59 -14.38 38.36
C VAL A 383 12.33 -13.68 39.69
N ASN A 384 11.07 -13.28 39.86
CA ASN A 384 10.51 -12.87 41.15
C ASN A 384 11.06 -11.59 41.77
N GLU A 385 12.37 -11.31 41.73
CA GLU A 385 12.82 -9.99 42.19
C GLU A 385 14.23 -9.70 41.75
N VAL A 386 14.52 -8.40 41.56
CA VAL A 386 15.85 -7.89 41.24
C VAL A 386 16.52 -7.41 42.52
N ARG A 387 17.80 -7.73 42.67
CA ARG A 387 18.54 -7.44 43.89
C ARG A 387 19.36 -6.16 43.73
N LYS A 388 19.19 -5.22 44.66
CA LYS A 388 19.90 -3.93 44.66
C LYS A 388 21.34 -4.13 45.17
N ASN A 389 22.13 -4.81 44.35
CA ASN A 389 23.59 -4.91 44.52
C ASN A 389 24.22 -4.55 43.18
N THR A 390 25.39 -3.92 43.25
CA THR A 390 26.16 -3.67 42.04
C THR A 390 26.54 -4.97 41.32
N ALA A 391 26.72 -6.06 42.07
CA ALA A 391 27.25 -7.29 41.48
C ALA A 391 26.15 -8.15 40.89
N PHE A 392 24.97 -8.17 41.50
CA PHE A 392 23.86 -8.92 40.94
C PHE A 392 23.53 -8.43 39.52
N ALA A 393 23.33 -7.11 39.38
CA ALA A 393 23.02 -6.55 38.07
C ALA A 393 24.07 -6.93 37.04
N HIS A 394 25.35 -6.82 37.41
CA HIS A 394 26.42 -7.12 36.46
C HIS A 394 26.30 -8.55 35.93
N ASN A 395 25.98 -9.50 36.80
CA ASN A 395 25.99 -10.91 36.40
C ASN A 395 24.83 -11.24 35.48
N CYS A 396 23.73 -10.49 35.58
CA CYS A 396 22.62 -10.66 34.65
C CYS A 396 23.03 -10.23 33.24
N LYS A 397 23.61 -9.03 33.12
CA LYS A 397 24.18 -8.57 31.85
C LYS A 397 25.07 -9.64 31.22
N GLU A 398 25.98 -10.23 32.02
CA GLU A 398 26.91 -11.21 31.49
C GLU A 398 26.21 -12.52 31.18
N MET A 399 25.04 -12.79 31.76
CA MET A 399 24.26 -13.96 31.40
C MET A 399 23.38 -13.70 30.19
N LEU A 400 22.99 -12.44 29.96
CA LEU A 400 22.37 -12.06 28.70
C LEU A 400 23.37 -12.18 27.57
N LYS A 401 24.60 -11.69 27.79
CA LYS A 401 25.62 -11.83 26.78
C LYS A 401 25.87 -13.30 26.47
N GLU A 402 25.92 -14.15 27.50
CA GLU A 402 26.27 -15.55 27.29
C GLU A 402 25.17 -16.27 26.51
N MET A 403 23.90 -16.01 26.83
CA MET A 403 22.80 -16.65 26.12
C MET A 403 22.84 -16.31 24.65
N ILE A 404 22.77 -15.00 24.35
CA ILE A 404 22.59 -14.52 22.97
C ILE A 404 23.78 -14.93 22.11
N LEU A 405 24.99 -14.62 22.56
CA LEU A 405 26.18 -14.99 21.81
C LEU A 405 26.32 -16.51 21.62
N GLN A 406 25.68 -17.33 22.45
CA GLN A 406 25.83 -18.77 22.29
C GLN A 406 24.77 -19.38 21.40
N ASN A 407 23.66 -18.67 21.22
CA ASN A 407 22.52 -19.08 20.41
C ASN A 407 22.26 -18.07 19.31
N TYR A 408 23.32 -17.50 18.77
CA TYR A 408 23.16 -16.30 17.93
C TYR A 408 22.52 -16.63 16.59
N ASN A 409 22.91 -17.76 15.99
CA ASN A 409 22.57 -18.06 14.61
C ASN A 409 21.29 -18.86 14.41
N HIS A 410 20.59 -19.24 15.47
CA HIS A 410 19.46 -20.15 15.37
C HIS A 410 18.24 -19.46 14.76
N PRO A 411 17.82 -19.80 13.53
CA PRO A 411 16.67 -19.11 12.93
C PRO A 411 15.41 -19.16 13.77
N SER A 412 15.35 -20.06 14.73
CA SER A 412 14.11 -20.24 15.46
C SER A 412 13.90 -19.18 16.52
N VAL A 413 14.99 -18.69 17.11
CA VAL A 413 14.87 -17.70 18.17
C VAL A 413 14.36 -16.39 17.56
N VAL A 414 13.24 -15.89 18.10
CA VAL A 414 12.68 -14.62 17.64
C VAL A 414 12.55 -13.63 18.80
N LEU A 415 12.42 -14.12 20.03
CA LEU A 415 12.32 -13.24 21.20
C LEU A 415 13.37 -13.55 22.26
N TRP A 416 13.98 -12.48 22.81
CA TRP A 416 14.90 -12.56 23.95
C TRP A 416 14.23 -12.04 25.22
N GLY A 417 14.31 -12.83 26.31
CA GLY A 417 13.73 -12.43 27.58
C GLY A 417 14.79 -12.26 28.67
N ALA A 418 14.37 -11.64 29.78
CA ALA A 418 15.26 -11.61 30.95
C ALA A 418 14.48 -11.76 32.23
N MET A 419 13.32 -11.14 32.36
CA MET A 419 12.61 -11.10 33.64
C MET A 419 11.27 -11.81 33.54
N ASN A 420 10.87 -12.44 34.66
CA ASN A 420 9.62 -13.16 34.74
C ASN A 420 9.01 -12.92 36.12
N GLU A 421 7.87 -12.22 36.14
CA GLU A 421 7.03 -12.10 37.33
C GLU A 421 7.72 -11.38 38.50
N LEU A 422 8.23 -10.16 38.25
CA LEU A 422 8.74 -9.41 39.39
C LEU A 422 7.59 -9.04 40.32
N TRP A 423 7.94 -8.75 41.57
CA TRP A 423 6.97 -8.43 42.60
C TRP A 423 7.20 -7.06 43.18
N ASP A 424 8.29 -6.39 42.76
CA ASP A 424 8.56 -5.03 43.19
C ASP A 424 9.45 -4.44 42.09
N TYR A 425 8.85 -3.60 41.24
CA TYR A 425 9.60 -2.88 40.21
C TYR A 425 10.16 -1.59 40.81
N HIS A 426 11.09 -1.78 41.75
CA HIS A 426 11.75 -0.66 42.40
C HIS A 426 12.73 -0.01 41.44
N LYS A 427 13.29 1.12 41.86
CA LYS A 427 14.11 1.93 40.97
C LYS A 427 15.17 1.08 40.25
N GLN A 428 16.02 0.40 41.02
CA GLN A 428 17.07 -0.43 40.41
C GLN A 428 16.51 -1.61 39.60
N ALA A 429 15.22 -1.93 39.74
CA ALA A 429 14.59 -2.90 38.84
C ALA A 429 14.38 -2.28 37.45
N ILE A 430 13.70 -1.14 37.38
CA ILE A 430 13.51 -0.45 36.12
C ILE A 430 14.86 -0.16 35.46
N ALA A 431 15.83 0.27 36.26
CA ALA A 431 17.17 0.53 35.72
C ALA A 431 17.74 -0.69 35.01
N LEU A 432 17.36 -1.89 35.44
CA LEU A 432 17.88 -3.14 34.89
C LEU A 432 16.98 -3.71 33.80
N ALA A 433 15.68 -3.45 33.84
CA ALA A 433 14.89 -3.72 32.65
C ALA A 433 15.38 -2.88 31.48
N ARG A 434 15.92 -1.69 31.75
CA ARG A 434 16.34 -0.77 30.70
C ARG A 434 17.66 -1.18 30.10
N GLU A 435 18.68 -1.41 30.93
CA GLU A 435 19.98 -1.82 30.41
C GLU A 435 19.93 -3.18 29.73
N LEU A 436 18.95 -4.02 30.08
CA LEU A 436 18.85 -5.34 29.46
C LEU A 436 18.18 -5.27 28.11
N GLU A 437 17.18 -4.39 27.94
CA GLU A 437 16.70 -4.10 26.60
C GLU A 437 17.76 -3.36 25.79
N ALA A 438 18.39 -2.35 26.40
CA ALA A 438 19.50 -1.66 25.74
C ALA A 438 20.55 -2.63 25.23
N LEU A 439 20.68 -3.79 25.87
CA LEU A 439 21.75 -4.75 25.61
C LEU A 439 21.34 -5.77 24.57
N LYS A 440 20.10 -6.26 24.69
CA LYS A 440 19.54 -7.14 23.66
C LYS A 440 19.71 -6.52 22.29
N LYS A 441 19.25 -5.27 22.14
CA LYS A 441 19.31 -4.58 20.85
C LYS A 441 20.73 -4.21 20.46
N GLU A 442 21.62 -4.03 21.43
CA GLU A 442 23.01 -3.78 21.09
C GLU A 442 23.65 -5.02 20.50
N LEU A 443 23.75 -6.09 21.30
CA LEU A 443 24.41 -7.31 20.85
C LEU A 443 23.73 -7.90 19.62
N ASP A 444 22.40 -7.83 19.55
CA ASP A 444 21.65 -8.38 18.43
C ASP A 444 20.43 -7.51 18.16
N PRO A 445 20.51 -6.63 17.15
CA PRO A 445 19.40 -5.69 16.87
C PRO A 445 18.24 -6.27 16.07
N TYR A 446 18.38 -7.47 15.52
CA TYR A 446 17.44 -8.00 14.56
C TYR A 446 16.41 -8.94 15.16
N ARG A 447 16.44 -9.15 16.48
CA ARG A 447 15.43 -9.95 17.17
C ARG A 447 14.53 -9.05 18.03
N LEU A 448 13.40 -9.61 18.45
CA LEU A 448 12.49 -8.91 19.34
C LEU A 448 12.82 -9.17 20.80
N SER A 449 12.11 -8.45 21.66
CA SER A 449 12.33 -8.48 23.09
C SER A 449 11.04 -8.78 23.81
N CYS A 450 11.14 -9.44 24.94
CA CYS A 450 9.95 -9.84 25.65
C CYS A 450 10.23 -9.82 27.13
N VAL A 451 9.13 -9.90 27.88
CA VAL A 451 9.16 -9.95 29.33
C VAL A 451 7.82 -10.51 29.73
N ALA A 452 7.73 -11.10 30.93
CA ALA A 452 6.45 -11.63 31.40
C ALA A 452 6.17 -11.15 32.81
N PHE A 453 4.91 -10.81 33.05
CA PHE A 453 4.41 -10.26 34.30
C PHE A 453 3.49 -11.27 34.95
N HIS A 454 3.23 -11.10 36.24
CA HIS A 454 2.19 -11.88 36.86
C HIS A 454 0.87 -11.21 36.59
N ALA A 455 -0.21 -11.82 37.07
CA ALA A 455 -1.56 -11.30 36.89
C ALA A 455 -2.22 -11.00 38.23
N PHE A 456 -1.41 -10.80 39.27
CA PHE A 456 -1.93 -10.41 40.59
C PHE A 456 -2.02 -8.89 40.59
N THR A 457 -3.15 -8.38 40.11
CA THR A 457 -3.37 -6.94 39.98
C THR A 457 -3.33 -6.23 41.33
N TRP A 458 -3.43 -6.97 42.42
CA TRP A 458 -3.36 -6.41 43.76
C TRP A 458 -1.93 -6.19 44.25
N GLU A 459 -0.91 -6.44 43.43
CA GLU A 459 0.46 -6.36 43.90
C GLU A 459 1.32 -5.51 42.98
N LYS A 460 2.45 -5.08 43.51
CA LYS A 460 3.49 -4.52 42.67
C LYS A 460 3.77 -5.50 41.54
N PRO A 461 3.87 -5.04 40.29
CA PRO A 461 3.95 -3.62 39.93
C PRO A 461 2.62 -2.96 39.53
N TYR A 462 1.50 -3.70 39.54
CA TYR A 462 0.24 -3.12 39.11
C TYR A 462 -0.25 -2.01 40.02
N THR A 463 0.32 -1.90 41.21
CA THR A 463 -0.05 -0.86 42.16
C THR A 463 1.03 0.20 42.31
N GLN A 464 2.00 0.24 41.41
CA GLN A 464 3.00 1.30 41.52
C GLN A 464 2.46 2.56 40.85
N SER A 465 3.01 3.70 41.27
CA SER A 465 2.50 4.96 40.75
C SER A 465 2.72 5.04 39.24
N SER A 466 3.84 4.48 38.77
CA SER A 466 4.31 4.60 37.40
C SER A 466 3.86 3.41 36.55
N LYS A 467 4.34 3.41 35.28
CA LYS A 467 4.04 2.31 34.36
C LYS A 467 5.17 2.09 33.37
N GLU A 468 6.36 2.64 33.57
CA GLU A 468 7.45 2.46 32.60
C GLU A 468 7.72 0.98 32.36
N MET A 469 7.60 0.15 33.40
CA MET A 469 8.00 -1.24 33.27
C MET A 469 7.21 -1.95 32.18
N PHE A 470 6.00 -1.46 31.89
CA PHE A 470 5.13 -1.96 30.81
C PHE A 470 5.45 -1.34 29.45
N SER A 471 6.55 -0.58 29.32
CA SER A 471 6.87 0.08 28.07
C SER A 471 8.31 -0.15 27.62
N ILE A 472 8.97 -1.22 28.06
CA ILE A 472 10.39 -1.36 27.77
C ILE A 472 10.67 -2.31 26.59
N SER A 473 10.47 -3.61 26.79
CA SER A 473 10.71 -4.61 25.76
C SER A 473 9.49 -4.78 24.86
N ASP A 474 9.73 -5.23 23.62
CA ASP A 474 8.75 -5.07 22.55
C ASP A 474 7.43 -5.80 22.81
N VAL A 475 7.44 -6.93 23.52
CA VAL A 475 6.21 -7.67 23.79
C VAL A 475 6.05 -7.86 25.30
N ASN A 476 4.80 -7.85 25.76
CA ASN A 476 4.43 -7.97 27.17
C ASN A 476 3.62 -9.25 27.36
N GLY A 477 4.24 -10.27 27.96
CA GLY A 477 3.53 -11.44 28.36
C GLY A 477 2.90 -11.30 29.73
N VAL A 478 1.94 -12.18 30.01
CA VAL A 478 1.24 -12.19 31.27
C VAL A 478 0.90 -13.64 31.63
N ASN A 479 1.07 -13.99 32.91
CA ASN A 479 0.79 -15.33 33.42
C ASN A 479 -0.52 -15.32 34.16
N VAL A 480 -1.57 -15.88 33.56
CA VAL A 480 -2.93 -15.84 34.08
C VAL A 480 -3.32 -17.20 34.62
N TYR A 481 -3.76 -17.25 35.89
CA TYR A 481 -4.29 -18.46 36.50
C TYR A 481 -5.63 -18.19 37.16
N GLU A 482 -6.43 -17.32 36.55
CA GLU A 482 -7.78 -17.11 37.02
C GLU A 482 -8.59 -18.35 36.69
N SER A 483 -9.36 -18.82 37.67
CA SER A 483 -10.12 -20.07 37.73
C SER A 483 -9.26 -21.17 38.35
N TRP A 484 -7.99 -20.91 38.67
CA TRP A 484 -7.14 -21.91 39.32
C TRP A 484 -6.67 -21.42 40.68
N TYR A 485 -5.70 -20.49 40.75
CA TYR A 485 -5.21 -20.02 42.05
C TYR A 485 -6.21 -19.09 42.72
N GLN A 486 -6.87 -18.21 41.96
CA GLN A 486 -8.02 -17.46 42.44
C GLN A 486 -9.08 -17.41 41.33
N GLY A 487 -10.22 -16.82 41.63
CA GLY A 487 -11.24 -16.56 40.65
C GLY A 487 -12.01 -17.79 40.20
N ASP A 488 -12.68 -17.65 39.04
CA ASP A 488 -13.47 -18.71 38.43
C ASP A 488 -13.85 -18.38 36.98
N SER A 489 -14.90 -19.05 36.50
CA SER A 489 -15.38 -18.86 35.13
C SER A 489 -15.67 -17.39 34.80
N ALA A 490 -16.03 -16.59 35.78
CA ALA A 490 -16.52 -15.24 35.48
C ALA A 490 -15.41 -14.22 35.34
N THR A 491 -14.19 -14.55 35.76
CA THR A 491 -13.13 -13.56 35.90
C THR A 491 -12.02 -13.75 34.88
N ILE A 492 -12.14 -14.73 34.00
CA ILE A 492 -11.08 -15.02 33.04
C ILE A 492 -10.96 -13.89 32.02
N ALA A 493 -12.01 -13.68 31.21
CA ALA A 493 -11.96 -12.65 30.19
C ALA A 493 -11.77 -11.25 30.77
N PRO A 494 -12.50 -10.84 31.82
CA PRO A 494 -12.20 -9.53 32.46
C PRO A 494 -10.73 -9.31 32.83
N MET A 495 -9.96 -10.40 32.98
CA MET A 495 -8.55 -10.25 33.32
C MET A 495 -7.72 -9.90 32.09
N PHE A 496 -7.97 -10.57 30.97
CA PHE A 496 -7.22 -10.24 29.76
C PHE A 496 -7.43 -8.79 29.35
N ASP A 497 -8.61 -8.23 29.60
CA ASP A 497 -8.83 -6.83 29.30
C ASP A 497 -8.00 -5.95 30.22
N LYS A 498 -8.03 -6.25 31.54
CA LYS A 498 -7.25 -5.46 32.48
C LYS A 498 -5.77 -5.41 32.11
N PHE A 499 -5.25 -6.49 31.51
CA PHE A 499 -3.83 -6.45 31.19
C PHE A 499 -3.51 -5.42 30.10
N CYS A 500 -4.46 -5.15 29.19
CA CYS A 500 -4.23 -4.10 28.20
C CYS A 500 -4.41 -2.72 28.81
N SER A 501 -5.23 -2.60 29.86
CA SER A 501 -5.25 -1.38 30.66
C SER A 501 -3.84 -0.93 31.00
N TYR A 502 -2.94 -1.89 31.24
CA TYR A 502 -1.54 -1.63 31.56
C TYR A 502 -0.60 -1.78 30.37
N SER A 503 -0.88 -2.69 29.44
CA SER A 503 -0.01 -2.90 28.27
C SER A 503 -0.59 -2.08 27.13
N THR A 504 -0.26 -0.80 27.13
CA THR A 504 -0.95 0.12 26.24
C THR A 504 -0.15 0.46 25.01
N ALA A 505 1.17 0.51 25.14
CA ALA A 505 2.06 0.75 24.01
C ALA A 505 2.37 -0.57 23.33
N LYS A 506 3.16 -1.41 24.01
CA LYS A 506 3.58 -2.68 23.46
C LYS A 506 2.41 -3.67 23.40
N PRO A 507 2.41 -4.57 22.39
CA PRO A 507 1.38 -5.64 22.33
C PRO A 507 1.49 -6.63 23.48
N ARG A 508 0.65 -7.68 23.48
CA ARG A 508 0.55 -8.60 24.62
C ARG A 508 0.78 -10.05 24.19
N PHE A 509 0.86 -10.90 25.20
CA PHE A 509 1.14 -12.32 25.05
C PHE A 509 0.66 -13.05 26.29
N LEU A 510 0.28 -14.30 26.12
CA LEU A 510 -0.16 -15.15 27.20
C LEU A 510 0.99 -16.13 27.43
N SER A 511 1.92 -15.76 28.29
CA SER A 511 3.14 -16.55 28.43
C SER A 511 2.97 -17.76 29.34
N GLU A 512 2.05 -17.72 30.29
CA GLU A 512 1.74 -18.90 31.08
C GLU A 512 0.24 -19.01 31.19
N PHE A 513 -0.30 -20.22 31.04
CA PHE A 513 -1.60 -20.53 31.64
C PHE A 513 -1.68 -22.05 31.79
N GLY A 514 -2.34 -22.50 32.86
CA GLY A 514 -2.34 -23.92 33.17
C GLY A 514 -3.22 -24.25 34.35
N ALA A 515 -3.49 -25.55 34.49
CA ALA A 515 -4.24 -26.16 35.59
C ALA A 515 -3.62 -27.51 35.87
N GLY A 516 -3.54 -27.88 37.15
CA GLY A 516 -2.97 -29.17 37.52
C GLY A 516 -3.93 -30.34 37.33
N SER A 517 -3.37 -31.47 36.91
CA SER A 517 -4.19 -32.65 36.72
C SER A 517 -3.48 -33.87 37.26
N ASP A 518 -4.27 -34.84 37.73
CA ASP A 518 -3.74 -36.13 38.16
C ASP A 518 -4.45 -37.21 37.37
N GLU A 519 -3.68 -38.10 36.74
CA GLU A 519 -4.19 -39.22 35.95
C GLU A 519 -5.01 -40.22 36.78
N ARG A 520 -4.99 -40.11 38.10
CA ARG A 520 -5.71 -41.02 38.98
C ARG A 520 -7.08 -40.49 39.47
N ILE A 521 -7.29 -39.17 39.48
CA ILE A 521 -8.52 -38.58 40.02
C ILE A 521 -9.42 -38.17 38.86
N HIS A 522 -10.64 -38.71 38.81
CA HIS A 522 -11.55 -38.43 37.70
C HIS A 522 -12.92 -38.05 38.23
N SER A 523 -13.54 -37.06 37.60
CA SER A 523 -14.82 -36.51 38.05
C SER A 523 -15.72 -36.22 36.87
N TYR A 524 -17.02 -36.49 37.03
CA TYR A 524 -17.97 -36.03 36.03
C TYR A 524 -18.38 -34.58 36.24
N THR A 525 -18.18 -34.02 37.43
CA THR A 525 -18.56 -32.64 37.74
C THR A 525 -17.33 -31.86 38.23
N PRO A 526 -16.39 -31.58 37.34
CA PRO A 526 -15.11 -31.01 37.76
C PRO A 526 -15.26 -29.62 38.34
N ARG A 527 -14.43 -29.33 39.34
CA ARG A 527 -14.34 -28.03 39.98
C ARG A 527 -12.87 -27.68 40.09
N THR A 528 -12.62 -26.42 40.43
CA THR A 528 -11.27 -25.93 40.66
C THR A 528 -10.52 -26.76 41.71
N PHE A 529 -9.25 -27.03 41.44
CA PHE A 529 -8.31 -27.59 42.42
C PHE A 529 -8.73 -28.96 42.93
N ASP A 530 -9.49 -29.70 42.15
CA ASP A 530 -9.62 -31.12 42.42
C ASP A 530 -8.62 -31.94 41.63
N PHE A 531 -7.82 -31.31 40.77
CA PHE A 531 -6.75 -31.95 40.02
C PHE A 531 -7.22 -33.08 39.13
N THR A 532 -8.57 -32.99 38.65
CA THR A 532 -8.98 -33.94 37.62
C THR A 532 -8.60 -33.43 36.24
N PRO A 533 -8.33 -34.34 35.30
CA PRO A 533 -8.04 -33.89 33.93
C PRO A 533 -9.26 -33.28 33.26
N GLU A 534 -10.45 -33.57 33.79
CA GLU A 534 -11.69 -33.02 33.24
C GLU A 534 -11.88 -31.58 33.64
N PHE A 535 -11.24 -31.12 34.71
CA PHE A 535 -11.23 -29.67 34.91
C PHE A 535 -10.10 -29.00 34.15
N GLN A 536 -8.94 -29.65 34.07
CA GLN A 536 -7.89 -29.13 33.21
C GLN A 536 -8.36 -29.05 31.77
N LEU A 537 -9.26 -29.94 31.35
CA LEU A 537 -9.86 -29.82 30.02
C LEU A 537 -10.64 -28.53 29.90
N ASP A 538 -11.58 -28.29 30.83
CA ASP A 538 -12.45 -27.13 30.68
C ASP A 538 -11.65 -25.84 30.78
N PHE A 539 -10.77 -25.77 31.77
CA PHE A 539 -9.86 -24.65 31.93
C PHE A 539 -9.30 -24.19 30.58
N ASN A 540 -8.52 -25.06 29.92
CA ASN A 540 -7.86 -24.67 28.69
C ASN A 540 -8.86 -24.30 27.61
N ARG A 541 -9.96 -25.05 27.51
CA ARG A 541 -11.01 -24.68 26.58
C ARG A 541 -11.37 -23.21 26.73
N ARG A 542 -11.85 -22.83 27.92
CA ARG A 542 -12.13 -21.43 28.22
C ARG A 542 -10.95 -20.52 27.88
N TYR A 543 -9.73 -21.04 27.90
CA TYR A 543 -8.58 -20.19 27.65
C TYR A 543 -8.27 -20.04 26.16
N ILE A 544 -8.14 -21.15 25.44
CA ILE A 544 -8.07 -21.16 23.98
C ILE A 544 -9.10 -20.20 23.38
N ASN A 545 -10.39 -20.54 23.48
CA ASN A 545 -11.50 -19.76 22.94
C ASN A 545 -11.33 -18.25 23.06
N GLU A 546 -10.81 -17.80 24.20
CA GLU A 546 -10.58 -16.37 24.39
C GLU A 546 -9.41 -15.88 23.55
N MET A 547 -8.36 -16.70 23.39
CA MET A 547 -7.20 -16.24 22.66
C MET A 547 -7.44 -16.25 21.16
N GLU A 548 -8.20 -17.23 20.68
CA GLU A 548 -8.52 -17.38 19.27
C GLU A 548 -9.42 -16.26 18.74
N LYS A 549 -9.90 -15.36 19.61
CA LYS A 549 -10.68 -14.21 19.19
C LYS A 549 -10.05 -12.87 19.59
N ARG A 550 -8.84 -12.87 20.16
CA ARG A 550 -8.19 -11.68 20.74
C ARG A 550 -6.90 -11.38 19.98
N PRO A 551 -6.99 -10.76 18.80
CA PRO A 551 -5.79 -10.67 17.95
C PRO A 551 -4.67 -9.82 18.53
N ASP A 552 -4.94 -8.96 19.52
CA ASP A 552 -3.89 -8.17 20.15
C ASP A 552 -2.99 -8.99 21.09
N TYR A 553 -3.35 -10.25 21.33
CA TYR A 553 -2.48 -11.26 21.96
C TYR A 553 -1.83 -12.04 20.83
N ILE A 554 -0.69 -11.56 20.36
CA ILE A 554 -0.01 -12.09 19.18
C ILE A 554 0.21 -13.60 19.28
N GLY A 555 0.04 -14.15 20.46
CA GLY A 555 0.33 -15.56 20.69
C GLY A 555 0.02 -15.93 22.12
N TYR A 556 0.17 -17.22 22.42
CA TYR A 556 -0.09 -17.67 23.78
C TYR A 556 0.52 -19.04 23.98
N SER A 557 1.09 -19.27 25.16
CA SER A 557 1.85 -20.48 25.45
C SER A 557 1.25 -21.15 26.68
N ILE A 558 0.83 -22.41 26.52
CA ILE A 558 0.46 -23.26 27.64
C ILE A 558 1.62 -23.36 28.66
N TRP A 559 1.26 -23.44 29.94
CA TRP A 559 2.17 -23.81 31.03
C TRP A 559 1.63 -25.08 31.69
N ASN A 560 2.35 -26.20 31.57
CA ASN A 560 3.69 -26.31 30.97
C ASN A 560 3.65 -27.52 30.02
N LEU A 561 4.69 -27.74 29.21
CA LEU A 561 4.66 -28.88 28.30
C LEU A 561 4.73 -30.18 29.07
N VAL A 562 5.34 -30.15 30.26
CA VAL A 562 5.66 -31.35 31.03
C VAL A 562 5.33 -31.11 32.50
N ASP A 563 4.83 -32.15 33.17
CA ASP A 563 4.99 -32.21 34.62
C ASP A 563 6.47 -32.14 34.95
N PHE A 564 6.84 -31.27 35.87
CA PHE A 564 8.22 -31.12 36.25
C PHE A 564 8.36 -31.20 37.76
N GLN A 565 9.60 -31.46 38.19
CA GLN A 565 9.96 -31.78 39.56
C GLN A 565 10.44 -30.52 40.26
N VAL A 566 9.81 -30.18 41.37
CA VAL A 566 10.17 -29.01 42.15
C VAL A 566 9.90 -29.35 43.61
N ASP A 567 10.91 -29.21 44.46
CA ASP A 567 10.70 -29.53 45.86
C ASP A 567 9.87 -28.46 46.53
N GLY A 568 8.97 -28.90 47.41
CA GLY A 568 8.12 -28.00 48.16
C GLY A 568 6.66 -28.18 47.79
N ARG A 569 6.35 -27.90 46.51
CA ARG A 569 5.01 -28.12 45.98
C ARG A 569 4.49 -29.47 46.42
N GLY A 570 3.21 -29.51 46.76
CA GLY A 570 2.52 -30.73 47.18
C GLY A 570 1.34 -31.07 46.28
N ASP A 571 0.12 -30.97 46.82
CA ASP A 571 -1.14 -31.29 46.10
C ASP A 571 -1.17 -32.81 45.85
N SER A 572 -1.91 -33.24 44.82
CA SER A 572 -2.18 -34.67 44.61
C SER A 572 -0.91 -35.47 44.42
N LYS A 573 -0.05 -35.07 43.48
CA LYS A 573 1.27 -35.67 43.41
C LYS A 573 2.29 -34.72 44.04
N PRO A 574 2.79 -35.02 45.24
CA PRO A 574 3.78 -34.12 45.88
C PRO A 574 5.07 -33.98 45.08
N ASN A 575 5.63 -32.77 45.15
CA ASN A 575 6.96 -32.44 44.67
C ASN A 575 7.02 -32.34 43.16
N LEU A 576 5.87 -32.14 42.53
CA LEU A 576 5.72 -32.17 41.09
C LEU A 576 4.76 -31.05 40.74
N ASN A 577 5.10 -30.28 39.70
CA ASN A 577 4.18 -29.26 39.19
C ASN A 577 3.36 -29.92 38.08
N GLN A 578 2.07 -30.15 38.34
CA GLN A 578 1.29 -31.11 37.56
C GLN A 578 0.50 -30.47 36.43
N LYS A 579 0.94 -29.32 35.92
CA LYS A 579 0.20 -28.58 34.91
C LYS A 579 0.58 -28.96 33.48
N GLY A 580 1.28 -30.09 33.27
CA GLY A 580 1.82 -30.40 31.97
C GLY A 580 0.82 -30.99 30.97
N MET A 581 1.20 -30.92 29.69
CA MET A 581 0.53 -31.74 28.70
C MET A 581 0.97 -33.19 28.77
N LEU A 582 2.22 -33.44 29.18
CA LEU A 582 2.76 -34.78 29.32
C LEU A 582 3.11 -35.08 30.77
N THR A 583 3.11 -36.36 31.11
CA THR A 583 3.56 -36.78 32.43
C THR A 583 5.07 -36.52 32.59
N GLU A 584 5.59 -36.76 33.80
CA GLU A 584 7.00 -36.48 34.04
C GLU A 584 7.90 -37.40 33.22
N ASP A 585 7.36 -38.52 32.72
CA ASP A 585 8.11 -39.40 31.83
C ASP A 585 7.61 -39.34 30.38
N ARG A 586 6.91 -38.28 30.01
CA ARG A 586 6.67 -37.88 28.63
C ARG A 586 5.56 -38.70 27.98
N ARG A 587 4.69 -39.28 28.80
CA ARG A 587 3.48 -39.93 28.34
C ARG A 587 2.39 -38.87 28.20
N LYS A 588 1.51 -39.07 27.22
CA LYS A 588 0.56 -38.03 26.87
C LYS A 588 -0.65 -38.10 27.79
N LYS A 589 -1.07 -36.93 28.28
CA LYS A 589 -2.33 -36.82 29.00
C LYS A 589 -3.48 -36.58 28.02
N GLU A 590 -4.70 -36.68 28.56
CA GLU A 590 -5.88 -36.46 27.74
C GLU A 590 -5.82 -35.12 27.04
N ILE A 591 -5.29 -34.11 27.73
CA ILE A 591 -5.34 -32.76 27.20
C ILE A 591 -4.30 -32.51 26.12
N TYR A 592 -3.24 -33.31 26.06
CA TYR A 592 -2.35 -33.23 24.90
C TYR A 592 -3.14 -33.45 23.62
N TYR A 593 -4.19 -34.29 23.66
CA TYR A 593 -5.00 -34.54 22.48
C TYR A 593 -5.96 -33.39 22.18
N TYR A 594 -6.50 -32.75 23.23
CA TYR A 594 -7.34 -31.57 23.04
C TYR A 594 -6.59 -30.48 22.28
N CYS A 595 -5.36 -30.18 22.68
CA CYS A 595 -4.56 -29.21 21.93
C CYS A 595 -4.39 -29.63 20.48
N GLN A 596 -4.10 -30.91 20.25
CA GLN A 596 -4.02 -31.45 18.90
C GLN A 596 -5.30 -31.20 18.11
N ALA A 597 -6.45 -31.16 18.78
CA ALA A 597 -7.69 -30.87 18.07
C ALA A 597 -7.74 -29.41 17.64
N ARG A 598 -7.27 -28.51 18.50
CA ARG A 598 -7.42 -27.09 18.27
C ARG A 598 -6.29 -26.50 17.45
N TRP A 599 -5.14 -27.17 17.39
CA TRP A 599 -3.98 -26.61 16.72
C TRP A 599 -3.52 -27.40 15.50
N SER A 600 -3.20 -28.68 15.66
CA SER A 600 -2.57 -29.46 14.61
C SER A 600 -3.39 -29.47 13.33
N ASP A 601 -2.68 -29.43 12.22
CA ASP A 601 -3.29 -29.48 10.91
C ASP A 601 -3.25 -30.88 10.32
N ILE A 602 -2.78 -31.84 11.09
CA ILE A 602 -2.89 -33.26 10.75
C ILE A 602 -4.24 -33.76 11.23
N PRO A 603 -5.11 -34.27 10.34
CA PRO A 603 -6.43 -34.74 10.77
C PRO A 603 -6.37 -35.87 11.80
N MET A 604 -7.29 -35.83 12.76
CA MET A 604 -7.24 -36.74 13.90
C MET A 604 -8.63 -36.89 14.50
N ILE A 605 -8.74 -37.90 15.38
CA ILE A 605 -9.92 -38.14 16.18
C ILE A 605 -9.45 -38.92 17.40
N HIS A 606 -10.11 -38.67 18.54
CA HIS A 606 -9.72 -39.26 19.80
C HIS A 606 -10.77 -39.13 20.88
N ILE A 607 -11.10 -40.23 21.56
CA ILE A 607 -12.15 -40.24 22.59
C ILE A 607 -11.50 -39.96 23.92
N ALA A 608 -11.96 -38.90 24.59
CA ALA A 608 -11.49 -38.56 25.94
C ALA A 608 -11.76 -39.69 26.93
N GLY A 609 -10.72 -40.07 27.67
CA GLY A 609 -10.90 -41.05 28.72
C GLY A 609 -10.02 -42.27 28.59
N ALA A 610 -8.93 -42.19 27.83
CA ALA A 610 -7.98 -43.30 27.81
C ALA A 610 -7.28 -43.49 29.16
N ASP A 611 -7.39 -42.52 30.06
CA ASP A 611 -6.92 -42.59 31.43
C ASP A 611 -8.03 -42.93 32.43
N TRP A 612 -9.08 -43.62 31.99
CA TRP A 612 -10.23 -43.85 32.86
C TRP A 612 -11.03 -45.05 32.36
N THR A 613 -10.34 -46.16 32.09
CA THR A 613 -10.99 -47.33 31.53
C THR A 613 -11.57 -48.27 32.58
N LYS A 614 -11.25 -48.06 33.86
CA LYS A 614 -11.81 -48.83 34.96
C LYS A 614 -12.69 -47.88 35.78
N ARG A 615 -14.00 -48.12 35.77
CA ARG A 615 -14.97 -47.30 36.49
C ARG A 615 -15.90 -48.18 37.29
N VAL A 616 -16.21 -47.73 38.53
CA VAL A 616 -17.11 -48.43 39.44
C VAL A 616 -17.98 -47.37 40.11
N GLU A 617 -19.29 -47.39 39.83
CA GLU A 617 -20.22 -46.36 40.24
C GLU A 617 -21.45 -46.98 40.91
N ILE A 618 -22.05 -46.23 41.84
CA ILE A 618 -23.29 -46.65 42.47
C ILE A 618 -24.46 -46.29 41.56
N CYS A 619 -25.24 -47.28 41.20
CA CYS A 619 -26.30 -47.14 40.21
C CYS A 619 -27.14 -48.40 40.25
N ASP A 620 -28.45 -48.26 40.47
CA ASP A 620 -29.26 -49.45 40.60
C ASP A 620 -29.97 -49.85 39.30
N ASP A 621 -30.35 -48.89 38.45
CA ASP A 621 -30.87 -49.30 37.15
C ASP A 621 -29.73 -49.90 36.30
N SER A 622 -30.13 -50.59 35.23
CA SER A 622 -29.22 -51.34 34.37
C SER A 622 -28.42 -50.45 33.43
N ILE A 623 -28.77 -49.18 33.28
CA ILE A 623 -28.19 -48.27 32.30
C ILE A 623 -27.77 -46.99 32.99
N ASN A 624 -26.53 -46.52 32.73
CA ASN A 624 -25.88 -45.42 33.45
C ASN A 624 -25.39 -44.33 32.47
N VAL A 625 -26.25 -43.34 32.20
CA VAL A 625 -25.95 -42.35 31.17
C VAL A 625 -24.91 -41.35 31.66
N ARG A 626 -23.80 -41.22 30.91
CA ARG A 626 -22.71 -40.30 31.24
C ARG A 626 -22.17 -39.63 29.97
N LYS A 627 -21.78 -38.36 30.12
CA LYS A 627 -21.27 -37.56 29.00
C LYS A 627 -19.80 -37.86 28.72
N ILE A 628 -19.46 -37.91 27.43
CA ILE A 628 -18.12 -38.27 26.95
C ILE A 628 -17.76 -37.40 25.76
N SER A 629 -16.55 -36.88 25.75
CA SER A 629 -16.06 -36.03 24.67
C SER A 629 -15.40 -36.87 23.58
N VAL A 630 -15.34 -36.31 22.39
CA VAL A 630 -14.47 -36.82 21.34
C VAL A 630 -13.75 -35.61 20.76
N PHE A 631 -12.43 -35.60 20.87
CA PHE A 631 -11.64 -34.52 20.30
C PHE A 631 -11.47 -34.75 18.81
N SER A 632 -11.50 -33.68 18.00
CA SER A 632 -11.19 -33.86 16.59
C SER A 632 -10.90 -32.55 15.87
N ASN A 633 -10.15 -32.70 14.79
CA ASN A 633 -9.96 -31.69 13.77
C ASN A 633 -11.16 -31.53 12.86
N GLN A 634 -11.98 -32.57 12.73
CA GLN A 634 -12.89 -32.68 11.61
C GLN A 634 -14.19 -31.92 11.87
N LYS A 635 -15.03 -31.87 10.83
CA LYS A 635 -16.30 -31.18 10.97
C LYS A 635 -17.32 -32.01 11.73
N THR A 636 -17.16 -33.33 11.71
CA THR A 636 -18.13 -34.23 12.31
C THR A 636 -17.45 -35.46 12.88
N VAL A 637 -18.02 -35.98 13.98
CA VAL A 637 -17.73 -37.32 14.50
C VAL A 637 -19.04 -38.08 14.63
N GLU A 638 -19.01 -39.36 14.28
CA GLU A 638 -20.01 -40.31 14.69
C GLU A 638 -19.43 -41.24 15.75
N LEU A 639 -20.20 -41.51 16.80
CA LEU A 639 -19.78 -42.35 17.90
C LEU A 639 -20.69 -43.58 17.98
N ILE A 640 -20.09 -44.77 18.08
CA ILE A 640 -20.85 -46.02 18.12
C ILE A 640 -20.52 -46.78 19.41
N HIS A 641 -21.52 -46.87 20.31
CA HIS A 641 -21.36 -47.51 21.61
C HIS A 641 -21.92 -48.93 21.56
N ASN A 642 -21.05 -49.93 21.75
CA ASN A 642 -21.44 -51.34 21.77
C ASN A 642 -22.18 -51.75 20.50
N GLY A 643 -21.74 -51.19 19.37
CA GLY A 643 -22.30 -51.52 18.09
C GLY A 643 -23.44 -50.61 17.63
N LYS A 644 -24.15 -49.98 18.56
CA LYS A 644 -25.22 -49.05 18.22
C LYS A 644 -24.63 -47.66 18.03
N SER A 645 -25.06 -46.99 16.96
CA SER A 645 -24.62 -45.63 16.68
C SER A 645 -25.43 -44.65 17.52
N LEU A 646 -24.73 -43.68 18.14
CA LEU A 646 -25.37 -42.63 18.91
C LEU A 646 -25.59 -41.37 18.09
N GLY A 647 -25.18 -41.37 16.83
CA GLY A 647 -25.43 -40.28 15.91
C GLY A 647 -24.16 -39.59 15.44
N VAL A 648 -24.36 -38.61 14.58
CA VAL A 648 -23.29 -37.76 14.07
C VAL A 648 -23.51 -36.39 14.67
N ARG A 649 -22.58 -35.94 15.50
CA ARG A 649 -22.65 -34.61 16.08
C ARG A 649 -21.61 -33.71 15.43
N GLU A 650 -21.99 -32.46 15.19
CA GLU A 650 -21.06 -31.46 14.71
C GLU A 650 -19.96 -31.23 15.74
N VAL A 651 -18.74 -30.98 15.27
CA VAL A 651 -17.60 -30.75 16.15
C VAL A 651 -17.51 -29.25 16.40
N VAL A 652 -17.81 -28.83 17.61
CA VAL A 652 -17.78 -27.40 17.93
C VAL A 652 -16.57 -27.12 18.83
N ASN A 653 -15.60 -26.40 18.29
CA ASN A 653 -14.44 -25.95 19.04
C ASN A 653 -13.65 -27.11 19.60
N GLY A 654 -13.51 -28.16 18.79
CA GLY A 654 -12.62 -29.26 19.04
C GLY A 654 -13.31 -30.54 19.46
N GLU A 655 -14.55 -30.47 19.91
CA GLU A 655 -15.13 -31.64 20.52
C GLU A 655 -16.61 -31.80 20.20
N ALA A 656 -17.08 -33.03 20.33
CA ALA A 656 -18.50 -33.36 20.34
C ALA A 656 -18.75 -34.27 21.52
N VAL A 657 -19.54 -33.81 22.47
CA VAL A 657 -19.92 -34.66 23.59
C VAL A 657 -21.16 -35.45 23.20
N PHE A 658 -21.26 -36.66 23.73
CA PHE A 658 -22.42 -37.53 23.55
C PHE A 658 -22.95 -37.91 24.93
N ALA A 659 -24.14 -38.52 24.94
CA ALA A 659 -24.70 -39.11 26.15
C ALA A 659 -24.59 -40.62 25.95
N VAL A 660 -23.60 -41.23 26.58
CA VAL A 660 -23.29 -42.63 26.38
C VAL A 660 -24.07 -43.44 27.41
N PRO A 661 -24.90 -44.40 26.99
CA PRO A 661 -25.64 -45.23 27.96
C PRO A 661 -24.84 -46.44 28.43
N PHE A 662 -24.01 -46.25 29.45
CA PHE A 662 -23.13 -47.30 29.92
C PHE A 662 -23.93 -48.45 30.54
N ILE A 663 -23.63 -49.67 30.11
CA ILE A 663 -24.15 -50.86 30.77
C ILE A 663 -23.12 -51.37 31.76
N ASN A 664 -23.48 -52.40 32.52
CA ASN A 664 -22.51 -53.07 33.35
C ASN A 664 -21.68 -54.02 32.49
N GLY A 665 -20.38 -54.03 32.73
CA GLY A 665 -19.45 -54.85 31.96
C GLY A 665 -18.63 -54.04 30.99
N GLU A 666 -18.14 -54.72 29.95
CA GLU A 666 -17.35 -54.06 28.92
C GLU A 666 -18.23 -53.21 28.01
N ASN A 667 -17.83 -51.95 27.83
CA ASN A 667 -18.46 -51.04 26.88
C ASN A 667 -17.42 -50.65 25.85
N LEU A 668 -17.78 -50.72 24.57
CA LEU A 668 -16.86 -50.41 23.47
C LEU A 668 -17.35 -49.17 22.72
N LEU A 669 -16.43 -48.23 22.47
CA LEU A 669 -16.73 -46.94 21.86
C LEU A 669 -15.94 -46.79 20.57
N ASP A 670 -16.66 -46.63 19.45
CA ASP A 670 -16.05 -46.37 18.15
C ASP A 670 -16.38 -44.95 17.70
N ALA A 671 -15.35 -44.12 17.61
CA ALA A 671 -15.47 -42.79 17.04
C ALA A 671 -14.88 -42.79 15.63
N ARG A 672 -15.61 -42.19 14.69
CA ARG A 672 -15.22 -42.24 13.28
C ARG A 672 -15.52 -40.91 12.60
N SER A 673 -14.66 -40.58 11.61
CA SER A 673 -14.73 -39.32 10.87
C SER A 673 -14.10 -39.56 9.51
N GLY A 674 -14.93 -39.68 8.48
CA GLY A 674 -14.41 -40.12 7.18
C GLY A 674 -13.54 -41.37 7.29
N ALA A 675 -12.23 -41.22 7.21
CA ALA A 675 -11.30 -42.33 7.27
C ALA A 675 -10.67 -42.54 8.65
N LEU A 676 -10.64 -41.51 9.50
CA LEU A 676 -10.06 -41.61 10.83
C LEU A 676 -10.99 -42.34 11.80
N SER A 677 -10.39 -42.93 12.84
CA SER A 677 -11.14 -43.62 13.89
C SER A 677 -10.25 -43.88 15.11
N ASP A 678 -10.82 -43.70 16.30
CA ASP A 678 -10.22 -44.10 17.56
C ASP A 678 -11.17 -45.06 18.28
N ARG A 679 -10.61 -46.01 19.02
CA ARG A 679 -11.42 -46.99 19.73
C ARG A 679 -10.97 -47.08 21.19
N LEU A 680 -11.94 -47.28 22.08
CA LEU A 680 -11.62 -47.26 23.51
C LEU A 680 -12.66 -48.05 24.28
N LYS A 681 -12.26 -49.22 24.82
CA LYS A 681 -13.14 -49.99 25.71
C LYS A 681 -13.11 -49.41 27.12
N ILE A 682 -14.27 -49.38 27.77
CA ILE A 682 -14.38 -48.94 29.15
C ILE A 682 -15.11 -50.02 29.95
N GLN A 683 -14.43 -50.57 30.96
CA GLN A 683 -15.03 -51.52 31.89
C GLN A 683 -15.76 -50.76 32.99
N MET A 684 -17.06 -51.03 33.14
CA MET A 684 -17.86 -50.40 34.20
C MET A 684 -18.46 -51.43 35.14
N LYS A 685 -18.22 -51.26 36.43
CA LYS A 685 -18.91 -52.03 37.45
C LYS A 685 -20.02 -51.17 38.03
N LEU A 686 -21.27 -51.57 37.81
CA LEU A 686 -22.40 -50.95 38.48
C LEU A 686 -22.54 -51.51 39.90
N LEU A 687 -22.76 -50.63 40.85
CA LEU A 687 -22.86 -51.02 42.26
C LEU A 687 -24.22 -50.64 42.81
N SER A 688 -24.92 -51.60 43.37
CA SER A 688 -26.20 -51.27 43.98
C SER A 688 -25.98 -50.50 45.27
N SER A 689 -26.98 -49.69 45.63
CA SER A 689 -27.00 -49.12 46.98
C SER A 689 -26.99 -50.23 48.04
N ARG A 690 -27.86 -51.22 47.90
CA ARG A 690 -27.94 -52.28 48.89
C ARG A 690 -26.76 -53.25 48.76
N LEU A 691 -26.10 -53.53 49.89
CA LEU A 691 -24.81 -54.21 49.89
C LEU A 691 -24.91 -55.73 49.69
N THR A 692 -26.07 -56.33 49.90
CA THR A 692 -26.19 -57.76 49.67
C THR A 692 -26.61 -58.07 48.23
N ASP A 693 -26.50 -57.09 47.33
CA ASP A 693 -26.86 -57.26 45.93
C ASP A 693 -25.67 -57.58 45.03
N SER A 694 -24.44 -57.52 45.56
CA SER A 694 -23.26 -57.80 44.75
C SER A 694 -22.17 -58.57 45.51
N ASP A 695 -20.91 -58.22 45.23
CA ASP A 695 -19.77 -58.94 45.78
C ASP A 695 -18.56 -58.04 45.97
N VAL A 696 -18.75 -56.72 46.01
CA VAL A 696 -17.64 -55.81 46.29
C VAL A 696 -16.95 -56.22 47.59
N LEU A 697 -17.77 -56.51 48.62
CA LEU A 697 -17.27 -56.85 49.94
C LEU A 697 -16.20 -57.92 49.91
N LEU A 698 -16.22 -58.79 48.90
CA LEU A 698 -15.31 -59.93 48.90
C LEU A 698 -13.93 -59.59 48.35
N ASP A 699 -13.83 -58.53 47.54
CA ASP A 699 -12.54 -57.87 47.34
C ASP A 699 -12.35 -56.74 48.33
N GLY A 700 -13.39 -55.94 48.54
CA GLY A 700 -13.33 -54.87 49.51
C GLY A 700 -13.93 -53.57 49.01
N LEU A 701 -14.89 -53.04 49.73
CA LEU A 701 -15.41 -51.72 49.40
C LEU A 701 -14.42 -50.67 49.87
N CYS A 702 -13.87 -49.90 48.95
CA CYS A 702 -12.93 -48.83 49.27
C CYS A 702 -13.67 -47.51 49.09
N ILE A 703 -13.72 -46.71 50.14
CA ILE A 703 -14.57 -45.52 50.21
C ILE A 703 -13.71 -44.31 50.58
N ASN A 704 -13.54 -43.37 49.65
CA ASN A 704 -12.76 -42.16 49.90
C ASN A 704 -13.61 -41.18 50.71
N LEU A 705 -13.45 -41.21 52.02
CA LEU A 705 -14.27 -40.38 52.89
C LEU A 705 -13.80 -38.94 52.81
N GLY A 706 -14.76 -38.03 52.63
CA GLY A 706 -14.46 -36.63 52.43
C GLY A 706 -14.40 -36.20 50.98
N GLN A 707 -14.58 -37.12 50.04
CA GLN A 707 -14.52 -36.87 48.61
C GLN A 707 -15.89 -37.19 48.04
N GLU A 708 -16.66 -36.18 47.67
CA GLU A 708 -18.02 -36.42 47.22
C GLU A 708 -18.23 -36.09 45.75
N HIS A 709 -17.19 -36.25 44.94
CA HIS A 709 -17.37 -36.03 43.50
C HIS A 709 -16.17 -36.49 42.64
N CYS A 710 -15.16 -37.13 43.22
CA CYS A 710 -14.07 -37.70 42.43
C CYS A 710 -13.78 -39.15 42.84
N TYR A 711 -13.57 -39.99 41.83
CA TYR A 711 -13.07 -41.36 41.99
C TYR A 711 -11.55 -41.33 41.97
N PHE A 712 -10.95 -42.36 42.57
CA PHE A 712 -9.50 -42.40 42.73
C PHE A 712 -9.00 -43.82 42.50
N ILE A 713 -8.31 -44.05 41.39
CA ILE A 713 -7.83 -45.39 41.03
C ILE A 713 -6.42 -45.55 41.57
N ASP A 714 -6.25 -46.42 42.55
CA ASP A 714 -4.94 -46.79 43.02
C ASP A 714 -4.31 -47.66 41.95
N PRO A 715 -3.37 -47.13 41.16
CA PRO A 715 -2.86 -47.91 40.03
C PRO A 715 -2.07 -49.13 40.44
N GLN A 716 -1.66 -49.24 41.71
CA GLN A 716 -0.88 -50.39 42.14
C GLN A 716 -1.75 -51.63 42.43
N LEU A 717 -2.93 -51.45 43.01
CA LEU A 717 -3.86 -52.54 43.24
C LEU A 717 -5.06 -52.48 42.30
N GLN A 718 -5.12 -51.48 41.41
CA GLN A 718 -6.26 -51.19 40.54
C GLN A 718 -7.57 -51.14 41.31
N GLU A 719 -7.51 -50.76 42.59
CA GLU A 719 -8.71 -50.50 43.38
C GLU A 719 -9.23 -49.10 43.08
N ILE A 720 -10.52 -48.89 43.33
CA ILE A 720 -11.21 -47.65 42.94
C ILE A 720 -11.94 -47.10 44.17
N TRP A 721 -11.37 -46.07 44.77
CA TRP A 721 -11.96 -45.48 45.95
C TRP A 721 -13.13 -44.65 45.46
N ILE A 722 -14.33 -45.16 45.71
CA ILE A 722 -15.54 -44.44 45.27
C ILE A 722 -15.79 -43.23 46.15
N PRO A 723 -16.57 -42.25 45.71
CA PRO A 723 -16.84 -41.07 46.55
C PRO A 723 -17.62 -41.40 47.82
N ASP A 724 -18.04 -40.39 48.56
CA ASP A 724 -18.83 -40.62 49.76
C ASP A 724 -20.18 -39.91 49.67
N LYS A 725 -21.21 -40.59 50.17
CA LYS A 725 -22.58 -40.14 50.26
C LYS A 725 -23.04 -40.21 51.71
N PRO A 726 -23.85 -39.26 52.16
CA PRO A 726 -24.45 -39.42 53.49
C PRO A 726 -25.24 -40.72 53.57
N TYR A 727 -25.62 -41.08 54.79
CA TYR A 727 -26.20 -42.40 55.03
C TYR A 727 -27.64 -42.43 54.57
N THR A 728 -27.99 -43.44 53.78
CA THR A 728 -29.37 -43.90 53.56
C THR A 728 -29.42 -45.35 54.03
N LYS A 729 -30.63 -45.84 54.33
CA LYS A 729 -30.70 -47.17 54.93
C LYS A 729 -30.66 -48.28 53.87
N GLY A 730 -30.25 -49.47 54.30
CA GLY A 730 -29.86 -50.52 53.38
C GLY A 730 -28.47 -50.37 52.82
N SER A 731 -27.93 -49.15 52.77
CA SER A 731 -26.59 -48.92 52.22
C SER A 731 -25.68 -48.31 53.29
N TRP A 732 -24.79 -47.39 52.92
CA TRP A 732 -23.74 -46.92 53.81
C TRP A 732 -23.64 -45.41 53.73
N GLY A 733 -22.71 -44.83 54.48
CA GLY A 733 -22.49 -43.40 54.46
C GLY A 733 -22.51 -42.80 55.85
N TYR A 734 -22.01 -41.57 55.92
CA TYR A 734 -21.74 -40.94 57.20
C TYR A 734 -23.01 -40.37 57.81
N MET A 735 -23.16 -40.58 59.11
CA MET A 735 -24.30 -40.05 59.86
C MET A 735 -24.13 -38.61 60.30
N ASP A 736 -22.95 -38.03 60.15
CA ASP A 736 -22.64 -36.88 60.99
C ASP A 736 -21.50 -36.11 60.32
N GLY A 737 -21.33 -34.86 60.75
CA GLY A 737 -20.15 -34.15 60.28
C GLY A 737 -20.26 -33.74 58.81
N LYS A 738 -19.11 -33.39 58.24
CA LYS A 738 -19.07 -32.87 56.88
C LYS A 738 -17.67 -33.02 56.31
N PRO A 739 -17.53 -33.32 55.02
CA PRO A 739 -16.19 -33.38 54.42
C PRO A 739 -15.51 -32.01 54.43
N PHE A 740 -14.21 -32.02 54.71
CA PHE A 740 -13.46 -30.77 54.84
C PHE A 740 -13.37 -30.05 53.50
N ASN A 741 -13.69 -28.76 53.50
CA ASN A 741 -13.38 -27.92 52.35
C ASN A 741 -13.36 -26.45 52.72
N SER A 742 -12.78 -26.10 53.87
CA SER A 742 -12.77 -24.73 54.34
C SER A 742 -11.47 -24.04 53.98
N TRP A 743 -11.56 -23.02 53.12
CA TRP A 743 -10.42 -22.17 52.77
C TRP A 743 -10.79 -20.73 53.06
N PRO A 744 -10.47 -20.23 54.26
CA PRO A 744 -10.89 -18.88 54.67
C PRO A 744 -10.25 -17.80 53.81
N GLY A 745 -11.08 -16.97 53.18
CA GLY A 745 -10.62 -15.84 52.41
C GLY A 745 -10.18 -16.15 50.99
N SER A 746 -10.35 -17.38 50.53
CA SER A 746 -9.90 -17.77 49.21
C SER A 746 -11.08 -18.07 48.30
N SER A 747 -10.79 -18.11 47.00
CA SER A 747 -11.81 -18.50 46.03
C SER A 747 -12.15 -19.97 46.14
N HIS A 748 -11.28 -20.77 46.77
CA HIS A 748 -11.51 -22.19 46.92
C HIS A 748 -12.56 -22.51 47.98
N ASP A 749 -12.99 -21.53 48.79
CA ASP A 749 -13.81 -21.75 49.97
C ASP A 749 -15.11 -22.52 49.67
N GLY A 750 -15.22 -23.75 50.18
CA GLY A 750 -16.29 -24.63 49.80
C GLY A 750 -16.04 -25.42 48.54
N VAL A 751 -15.16 -24.93 47.67
CA VAL A 751 -14.92 -25.56 46.37
C VAL A 751 -13.89 -26.68 46.48
N ARG A 752 -12.77 -26.45 47.16
CA ARG A 752 -11.68 -27.44 47.25
C ARG A 752 -11.86 -28.31 48.49
N TYR A 753 -12.06 -29.61 48.28
CA TYR A 753 -12.18 -30.59 49.36
C TYR A 753 -10.81 -31.16 49.70
N GLY A 754 -10.45 -31.11 50.98
CA GLY A 754 -9.18 -31.63 51.44
C GLY A 754 -8.14 -30.55 51.70
N VAL A 755 -6.99 -30.98 52.23
CA VAL A 755 -5.84 -30.09 52.37
C VAL A 755 -4.85 -30.39 51.25
N GLY A 756 -3.71 -29.72 51.28
CA GLY A 756 -2.78 -29.84 50.17
C GLY A 756 -1.41 -30.38 50.52
N ALA A 757 -1.21 -30.76 51.79
CA ALA A 757 0.13 -31.09 52.29
C ALA A 757 0.58 -32.48 51.87
N ASP A 758 1.87 -32.60 51.64
CA ASP A 758 2.48 -33.92 51.46
C ASP A 758 2.17 -34.81 52.66
N ILE A 759 1.51 -35.94 52.42
CA ILE A 759 1.17 -36.88 53.47
C ILE A 759 2.26 -37.94 53.46
N LYS A 760 3.20 -37.84 54.41
CA LYS A 760 4.25 -38.83 54.57
C LYS A 760 3.65 -40.22 54.67
N ASN A 761 4.44 -41.22 54.26
CA ASN A 761 4.20 -42.66 54.43
C ASN A 761 3.22 -43.27 53.44
N THR A 762 2.79 -42.52 52.41
CA THR A 762 1.91 -43.07 51.39
C THR A 762 2.17 -42.41 50.06
N PHE A 763 1.70 -43.08 49.00
CA PHE A 763 1.58 -42.48 47.68
C PHE A 763 0.14 -42.18 47.32
N LEU A 764 -0.80 -42.46 48.22
CA LEU A 764 -2.21 -42.27 47.93
C LEU A 764 -2.69 -40.93 48.45
N GLU A 765 -1.96 -39.87 48.11
CA GLU A 765 -2.30 -38.55 48.64
C GLU A 765 -3.71 -38.09 48.31
N PRO A 766 -4.34 -38.50 47.19
CA PRO A 766 -5.76 -38.15 46.97
C PRO A 766 -6.71 -38.79 47.96
N LEU A 767 -6.33 -39.91 48.58
CA LEU A 767 -7.16 -40.57 49.58
C LEU A 767 -7.08 -39.90 50.94
N PHE A 768 -5.85 -39.57 51.38
CA PHE A 768 -5.64 -39.02 52.72
C PHE A 768 -5.99 -37.52 52.79
N GLN A 769 -5.53 -36.73 51.80
CA GLN A 769 -5.73 -35.28 51.86
C GLN A 769 -7.20 -34.91 51.97
N THR A 770 -8.10 -35.75 51.47
CA THR A 770 -9.54 -35.63 51.65
C THR A 770 -9.98 -36.34 52.93
N PHE A 771 -10.97 -35.79 53.64
CA PHE A 771 -11.32 -36.40 54.91
C PHE A 771 -12.61 -35.80 55.48
N LEU A 772 -13.27 -36.59 56.32
CA LEU A 772 -14.44 -36.17 57.07
C LEU A 772 -14.00 -35.56 58.38
N ILE A 773 -14.67 -34.48 58.78
CA ILE A 773 -14.34 -33.79 60.03
C ILE A 773 -15.60 -33.64 60.89
N GLY A 774 -15.44 -33.90 62.19
CA GLY A 774 -16.52 -33.82 63.15
C GLY A 774 -17.55 -34.93 63.06
N THR A 775 -17.32 -35.94 62.22
CA THR A 775 -18.18 -37.12 62.18
C THR A 775 -18.05 -37.91 63.47
N THR A 776 -19.16 -38.43 63.96
CA THR A 776 -19.11 -39.30 65.11
C THR A 776 -19.69 -40.66 64.83
N CYS A 777 -20.65 -40.79 63.92
CA CYS A 777 -21.23 -42.10 63.63
C CYS A 777 -21.18 -42.41 62.14
N TYR A 778 -20.95 -43.68 61.84
CA TYR A 778 -20.91 -44.15 60.47
C TYR A 778 -21.58 -45.50 60.38
N ARG A 779 -22.55 -45.66 59.48
CA ARG A 779 -23.32 -46.90 59.35
C ARG A 779 -23.00 -47.58 58.02
N LEU A 780 -23.24 -48.90 57.97
CA LEU A 780 -22.96 -49.71 56.78
C LEU A 780 -23.76 -51.01 56.87
N ASP A 781 -24.92 -51.05 56.22
CA ASP A 781 -25.87 -52.14 56.40
C ASP A 781 -25.46 -53.35 55.54
N VAL A 782 -24.42 -54.04 56.01
CA VAL A 782 -23.80 -55.17 55.31
C VAL A 782 -24.42 -56.50 55.77
N PRO A 783 -24.34 -57.59 54.99
CA PRO A 783 -24.86 -58.87 55.48
C PRO A 783 -24.06 -59.37 56.66
N ASP A 784 -24.35 -60.56 57.13
CA ASP A 784 -23.55 -61.10 58.22
C ASP A 784 -22.25 -61.70 57.69
N GLY A 785 -21.37 -62.06 58.61
CA GLY A 785 -20.06 -62.57 58.32
C GLY A 785 -18.99 -61.82 59.08
N VAL A 786 -17.74 -62.20 58.79
CA VAL A 786 -16.55 -61.63 59.40
C VAL A 786 -15.92 -60.59 58.47
N TYR A 787 -15.61 -59.42 59.01
CA TYR A 787 -15.12 -58.31 58.22
C TYR A 787 -13.76 -57.87 58.71
N GLU A 788 -12.83 -57.68 57.77
CA GLU A 788 -11.75 -56.72 57.92
C GLU A 788 -12.26 -55.33 57.58
N ILE A 789 -11.83 -54.35 58.38
CA ILE A 789 -12.14 -52.94 58.10
C ILE A 789 -10.87 -52.14 58.33
N GLY A 790 -10.30 -51.59 57.24
CA GLY A 790 -9.17 -50.69 57.37
C GLY A 790 -9.62 -49.28 57.70
N PHE A 791 -8.76 -48.56 58.40
CA PHE A 791 -8.98 -47.15 58.71
C PHE A 791 -7.80 -46.36 58.20
N TYR A 792 -8.04 -45.28 57.46
CA TYR A 792 -6.96 -44.48 56.90
C TYR A 792 -7.09 -43.08 57.49
N PHE A 793 -6.14 -42.69 58.33
CA PHE A 793 -6.13 -41.46 59.12
C PHE A 793 -4.95 -40.59 58.75
N THR A 794 -4.97 -39.36 59.28
CA THR A 794 -3.88 -38.40 59.18
C THR A 794 -4.30 -37.16 59.98
N GLU A 795 -3.38 -36.56 60.72
CA GLU A 795 -3.61 -35.19 61.13
C GLU A 795 -3.46 -34.31 59.90
N PRO A 796 -4.54 -33.73 59.35
CA PRO A 796 -4.40 -33.05 58.06
C PRO A 796 -3.75 -31.69 58.13
N PHE A 797 -3.63 -31.07 59.31
CA PHE A 797 -3.13 -29.72 59.47
C PHE A 797 -1.85 -29.74 60.30
N SER A 798 -1.06 -28.68 60.18
CA SER A 798 0.23 -28.60 60.85
C SER A 798 0.09 -27.81 62.15
N LYS A 799 1.20 -27.71 62.90
CA LYS A 799 1.16 -26.95 64.14
C LYS A 799 0.71 -25.52 63.88
N ASP A 800 1.31 -24.84 62.91
CA ASP A 800 0.84 -23.50 62.53
C ASP A 800 -0.65 -23.55 62.16
N GLU A 801 -1.05 -24.55 61.36
CA GLU A 801 -2.42 -24.60 60.88
C GLU A 801 -3.42 -24.92 61.99
N ARG A 802 -2.99 -25.61 63.04
CA ARG A 802 -3.91 -25.93 64.14
C ARG A 802 -4.03 -24.79 65.16
N LYS A 803 -3.23 -23.71 64.99
CA LYS A 803 -3.42 -22.49 65.77
C LYS A 803 -4.79 -21.88 65.50
N ASN A 804 -5.37 -22.17 64.34
CA ASN A 804 -6.73 -21.76 63.97
C ASN A 804 -7.69 -22.85 64.47
N ILE A 805 -8.22 -22.65 65.68
CA ILE A 805 -9.04 -23.68 66.32
C ILE A 805 -10.24 -24.02 65.45
N VAL A 806 -10.85 -23.00 64.83
CA VAL A 806 -12.17 -23.17 64.25
C VAL A 806 -12.10 -23.92 62.93
N ARG A 807 -11.14 -23.58 62.07
CA ARG A 807 -11.04 -24.26 60.80
C ARG A 807 -10.52 -25.68 60.99
N THR A 808 -9.70 -25.89 62.01
CA THR A 808 -9.06 -27.19 62.22
C THR A 808 -9.94 -28.15 63.01
N GLY A 809 -10.71 -27.65 63.99
CA GLY A 809 -11.55 -28.50 64.79
C GLY A 809 -10.76 -29.24 65.86
N VAL A 810 -9.88 -28.50 66.55
CA VAL A 810 -9.02 -29.04 67.60
C VAL A 810 -9.25 -28.31 68.93
N SER A 811 -8.58 -28.76 69.98
CA SER A 811 -8.68 -28.13 71.28
C SER A 811 -7.85 -26.86 71.32
N ALA A 812 -8.33 -25.87 72.07
CA ALA A 812 -7.66 -24.57 72.17
C ALA A 812 -6.16 -24.68 72.46
N GLU A 813 -5.70 -25.80 73.03
CA GLU A 813 -4.26 -26.02 73.13
C GLU A 813 -3.69 -26.64 71.87
N GLY A 814 -4.52 -26.94 70.88
CA GLY A 814 -4.05 -27.37 69.59
C GLY A 814 -4.09 -28.86 69.34
N GLN A 815 -4.90 -29.62 70.07
CA GLN A 815 -4.79 -31.06 70.12
C GLN A 815 -6.05 -31.72 69.57
N ARG A 816 -5.92 -33.01 69.22
CA ARG A 816 -7.00 -33.77 68.59
C ARG A 816 -6.89 -35.24 69.03
N VAL A 817 -7.74 -35.64 69.98
CA VAL A 817 -7.75 -36.99 70.54
C VAL A 817 -9.17 -37.57 70.48
N PHE A 818 -9.26 -38.86 70.13
CA PHE A 818 -10.55 -39.52 69.94
C PHE A 818 -10.32 -41.02 69.90
N ASP A 819 -11.43 -41.77 69.97
CA ASP A 819 -11.40 -43.22 70.04
C ASP A 819 -12.29 -43.80 68.96
N VAL A 820 -11.79 -44.76 68.25
CA VAL A 820 -12.66 -45.42 67.28
C VAL A 820 -13.26 -46.62 67.97
N SER A 821 -14.56 -46.80 67.76
CA SER A 821 -15.34 -47.86 68.35
C SER A 821 -16.22 -48.42 67.24
N VAL A 822 -16.58 -49.69 67.36
CA VAL A 822 -17.43 -50.33 66.35
C VAL A 822 -18.28 -51.37 67.05
N ASN A 823 -19.60 -51.29 66.86
CA ASN A 823 -20.55 -52.27 67.42
C ASN A 823 -20.35 -52.42 68.93
N GLY A 824 -20.44 -51.29 69.62
CA GLY A 824 -20.22 -51.21 71.05
C GLY A 824 -18.78 -51.22 71.52
N GLU A 825 -17.97 -52.11 70.98
CA GLU A 825 -16.64 -52.35 71.51
C GLU A 825 -15.67 -51.25 71.10
N LYS A 826 -14.83 -50.84 72.05
CA LYS A 826 -13.82 -49.82 71.83
C LYS A 826 -12.49 -50.48 71.55
N LEU A 827 -11.88 -50.11 70.43
CA LEU A 827 -10.70 -50.81 69.90
C LEU A 827 -9.48 -49.91 69.79
N ILE A 828 -9.57 -48.79 69.09
CA ILE A 828 -8.52 -47.78 69.22
C ILE A 828 -8.84 -46.92 70.43
N ASP A 829 -7.87 -46.83 71.36
CA ASP A 829 -8.18 -46.53 72.74
C ASP A 829 -8.16 -45.05 73.06
N SER A 830 -7.55 -44.23 72.20
CA SER A 830 -7.52 -42.78 72.30
C SER A 830 -6.36 -42.29 71.47
N LEU A 831 -6.67 -41.86 70.25
CA LEU A 831 -5.69 -41.58 69.23
C LEU A 831 -5.31 -40.10 69.24
N ASN A 832 -4.01 -39.82 69.38
CA ASN A 832 -3.46 -38.50 69.11
C ASN A 832 -2.67 -38.63 67.82
N LEU A 833 -3.19 -38.06 66.73
CA LEU A 833 -2.59 -38.34 65.42
C LEU A 833 -1.22 -37.66 65.30
N ALA A 834 -1.18 -36.35 65.43
CA ALA A 834 0.07 -35.64 65.25
C ALA A 834 1.06 -35.87 66.38
N ASP A 835 0.69 -36.55 67.46
CA ASP A 835 1.63 -36.77 68.55
C ASP A 835 2.11 -38.21 68.64
N SER A 836 1.28 -39.19 68.30
CA SER A 836 1.69 -40.59 68.32
C SER A 836 2.37 -41.04 67.03
N TYR A 837 2.16 -40.34 65.92
CA TYR A 837 2.74 -40.78 64.66
C TYR A 837 3.34 -39.66 63.83
N GLY A 838 3.13 -38.39 64.18
CA GLY A 838 3.54 -37.23 63.41
C GLY A 838 2.38 -36.60 62.63
N GLU A 839 2.44 -35.28 62.46
CA GLU A 839 1.43 -34.60 61.66
C GLU A 839 1.62 -34.94 60.19
N GLN A 840 0.51 -35.03 59.48
CA GLN A 840 0.48 -35.36 58.04
C GLN A 840 1.36 -36.58 57.69
N THR A 841 1.26 -37.62 58.51
CA THR A 841 1.75 -38.96 58.20
C THR A 841 0.53 -39.86 58.03
N ALA A 842 0.70 -40.96 57.30
CA ALA A 842 -0.38 -41.89 57.03
C ALA A 842 -0.36 -43.03 58.04
N VAL A 843 -1.52 -43.30 58.66
CA VAL A 843 -1.70 -44.42 59.57
C VAL A 843 -2.92 -45.23 59.13
N VAL A 844 -2.76 -46.55 59.07
CA VAL A 844 -3.80 -47.48 58.62
C VAL A 844 -4.04 -48.54 59.70
N LYS A 845 -5.17 -48.43 60.41
CA LYS A 845 -5.61 -49.44 61.36
C LYS A 845 -6.55 -50.45 60.67
N THR A 846 -6.53 -51.69 61.16
CA THR A 846 -7.36 -52.76 60.59
C THR A 846 -7.94 -53.63 61.69
N LEU A 847 -9.24 -53.53 61.90
CA LEU A 847 -9.96 -54.42 62.79
C LEU A 847 -10.51 -55.62 62.04
N VAL A 848 -10.60 -56.75 62.75
CA VAL A 848 -11.40 -57.89 62.32
C VAL A 848 -12.58 -57.97 63.28
N VAL A 849 -13.78 -57.70 62.77
CA VAL A 849 -14.99 -57.65 63.60
C VAL A 849 -16.04 -58.57 62.99
N ASN A 850 -16.85 -59.20 63.87
CA ASN A 850 -17.75 -60.31 63.51
C ASN A 850 -19.21 -59.86 63.55
N VAL A 851 -19.75 -59.50 62.39
CA VAL A 851 -21.12 -58.99 62.36
C VAL A 851 -22.06 -60.18 62.55
N ARG A 852 -22.78 -60.19 63.68
CA ARG A 852 -23.72 -61.23 64.05
C ARG A 852 -25.15 -60.69 63.97
N ASN A 853 -26.09 -61.62 63.81
CA ASN A 853 -27.52 -61.32 63.76
C ASN A 853 -27.84 -60.43 62.55
N HIS A 854 -28.24 -59.17 62.79
CA HIS A 854 -28.55 -58.25 61.68
C HIS A 854 -28.11 -56.84 62.00
N GLU A 855 -27.04 -56.69 62.78
CA GLU A 855 -26.63 -55.39 63.30
C GLU A 855 -25.98 -54.51 62.24
N GLY A 856 -25.44 -55.11 61.16
CA GLY A 856 -24.63 -54.35 60.24
C GLY A 856 -23.38 -53.83 60.92
N LEU A 857 -23.00 -52.60 60.58
CA LEU A 857 -21.79 -51.98 61.10
C LEU A 857 -22.12 -50.58 61.60
N GLU A 858 -21.92 -50.37 62.89
CA GLU A 858 -21.85 -49.03 63.45
C GLU A 858 -20.39 -48.73 63.74
N ILE A 859 -19.94 -47.56 63.34
CA ILE A 859 -18.59 -47.07 63.61
C ILE A 859 -18.73 -45.72 64.30
N LEU A 860 -18.40 -45.69 65.59
CA LEU A 860 -18.41 -44.45 66.36
C LEU A 860 -17.01 -43.87 66.43
N LEU A 861 -16.91 -42.58 66.20
CA LEU A 861 -15.71 -41.82 66.53
C LEU A 861 -16.09 -40.95 67.72
N SER A 862 -15.38 -41.13 68.82
CA SER A 862 -15.72 -40.45 70.07
C SER A 862 -14.60 -39.52 70.46
N PRO A 863 -14.80 -38.23 70.45
CA PRO A 863 -13.69 -37.29 70.71
C PRO A 863 -13.48 -36.97 72.18
N GLN A 864 -12.22 -37.07 72.63
CA GLN A 864 -11.82 -36.58 73.95
C GLN A 864 -11.13 -35.23 73.91
N LYS A 865 -10.81 -34.70 72.74
CA LYS A 865 -10.17 -33.41 72.55
C LYS A 865 -10.37 -33.00 71.09
N GLY A 866 -11.08 -31.91 70.85
CA GLY A 866 -11.31 -31.47 69.49
C GLY A 866 -12.38 -32.29 68.79
N GLN A 867 -12.31 -32.30 67.46
CA GLN A 867 -13.14 -33.17 66.65
C GLN A 867 -12.26 -34.16 65.90
N GLY A 868 -12.84 -35.30 65.57
CA GLY A 868 -12.08 -36.31 64.86
C GLY A 868 -11.90 -36.00 63.38
N VAL A 869 -11.02 -36.78 62.77
CA VAL A 869 -10.82 -36.76 61.33
C VAL A 869 -10.70 -38.21 60.88
N ILE A 870 -11.01 -38.45 59.61
CA ILE A 870 -10.85 -39.78 59.04
C ILE A 870 -10.85 -39.65 57.53
N SER A 871 -9.91 -40.34 56.89
CA SER A 871 -9.76 -40.22 55.45
C SER A 871 -10.38 -41.36 54.69
N GLY A 872 -10.19 -42.60 55.13
CA GLY A 872 -10.50 -43.72 54.28
C GLY A 872 -11.19 -44.84 55.04
N LEU A 873 -11.75 -45.76 54.26
CA LEU A 873 -12.48 -46.90 54.78
C LEU A 873 -12.36 -48.02 53.76
N LYS A 874 -11.82 -49.15 54.17
CA LYS A 874 -11.92 -50.35 53.38
C LYS A 874 -12.72 -51.34 54.22
N VAL A 875 -13.64 -52.06 53.57
CA VAL A 875 -14.59 -52.95 54.24
C VAL A 875 -14.61 -54.24 53.42
N LYS A 876 -13.95 -55.26 53.92
CA LYS A 876 -13.74 -56.53 53.22
C LYS A 876 -14.43 -57.64 54.00
N LYS A 877 -15.09 -58.56 53.30
CA LYS A 877 -15.77 -59.70 53.93
C LYS A 877 -14.90 -60.93 53.74
N ILE A 878 -14.22 -61.37 54.80
CA ILE A 878 -13.18 -62.39 54.69
C ILE A 878 -13.69 -63.82 54.94
N ARG A 879 -14.77 -63.99 55.71
CA ARG A 879 -15.48 -65.27 55.78
C ARG A 879 -16.85 -65.10 56.44
N PHE B 20 14.43 -36.00 -39.00
CA PHE B 20 13.33 -35.64 -38.09
C PHE B 20 12.46 -36.82 -37.71
N GLN B 21 12.19 -36.99 -36.42
CA GLN B 21 11.23 -37.98 -35.93
C GLN B 21 9.91 -37.40 -35.44
N SER B 22 9.80 -36.08 -35.31
CA SER B 22 8.55 -35.44 -34.95
C SER B 22 7.67 -35.28 -36.18
N ASN B 23 6.38 -35.60 -36.05
CA ASN B 23 5.43 -35.42 -37.14
C ASN B 23 4.31 -34.50 -36.72
N ALA B 24 3.63 -33.95 -37.72
CA ALA B 24 2.46 -33.12 -37.47
C ALA B 24 1.21 -33.92 -37.74
N SER B 25 0.14 -33.52 -37.08
CA SER B 25 -0.99 -34.35 -36.74
C SER B 25 -2.31 -33.84 -37.30
N GLU B 26 -2.58 -32.53 -37.17
CA GLU B 26 -3.77 -31.93 -37.74
C GLU B 26 -3.45 -30.52 -38.23
N ILE B 27 -4.38 -29.95 -38.99
CA ILE B 27 -4.34 -28.55 -39.35
C ILE B 27 -5.73 -27.96 -39.20
N SER B 28 -5.81 -26.73 -38.69
CA SER B 28 -7.07 -25.99 -38.69
C SER B 28 -7.62 -25.87 -40.11
N ILE B 29 -8.95 -25.85 -40.22
CA ILE B 29 -9.57 -25.49 -41.49
C ILE B 29 -10.65 -24.44 -41.23
N THR B 30 -10.35 -23.50 -40.32
CA THR B 30 -11.33 -22.55 -39.78
C THR B 30 -11.46 -21.27 -40.58
N ASP B 31 -10.54 -21.00 -41.52
CA ASP B 31 -10.42 -19.73 -42.23
C ASP B 31 -11.37 -19.63 -43.44
N SER B 32 -11.69 -18.38 -43.80
CA SER B 32 -12.59 -17.99 -44.89
C SER B 32 -13.52 -19.08 -45.42
N TRP B 33 -14.68 -19.23 -44.81
CA TRP B 33 -15.76 -20.05 -45.32
C TRP B 33 -16.78 -19.17 -46.03
N LYS B 34 -17.60 -19.79 -46.87
CA LYS B 34 -18.76 -19.08 -47.40
C LYS B 34 -19.99 -19.51 -46.62
N TYR B 35 -20.96 -18.59 -46.49
CA TYR B 35 -22.13 -18.79 -45.63
C TYR B 35 -23.39 -18.18 -46.23
N LYS B 36 -24.52 -18.86 -46.06
CA LYS B 36 -25.81 -18.33 -46.50
C LYS B 36 -26.92 -18.87 -45.61
N ALA B 37 -27.67 -18.00 -44.95
CA ALA B 37 -28.78 -18.45 -44.15
C ALA B 37 -30.02 -18.77 -44.99
N GLU B 38 -29.86 -19.61 -46.02
CA GLU B 38 -31.02 -20.09 -46.75
C GLU B 38 -30.77 -21.56 -47.06
N ASN B 39 -31.80 -22.26 -47.52
CA ASN B 39 -31.83 -23.73 -47.41
C ASN B 39 -32.20 -24.38 -48.73
N ASP B 40 -31.22 -25.00 -49.39
CA ASP B 40 -31.39 -25.52 -50.75
C ASP B 40 -30.48 -26.72 -50.95
N GLU B 41 -31.08 -27.90 -51.19
CA GLU B 41 -30.33 -29.14 -51.29
C GLU B 41 -29.24 -29.10 -52.36
N ARG B 42 -29.34 -28.16 -53.31
CA ARG B 42 -28.26 -27.97 -54.28
C ARG B 42 -27.02 -27.32 -53.66
N PHE B 43 -27.12 -26.74 -52.44
CA PHE B 43 -25.99 -26.07 -51.84
C PHE B 43 -24.83 -27.02 -51.53
N SER B 44 -25.09 -28.34 -51.52
CA SER B 44 -24.07 -29.36 -51.30
C SER B 44 -23.27 -29.71 -52.55
N SER B 45 -23.72 -29.32 -53.74
CA SER B 45 -23.05 -29.77 -54.95
C SER B 45 -21.75 -29.02 -55.16
N MET B 46 -20.82 -29.67 -55.88
CA MET B 46 -19.48 -29.13 -56.03
C MET B 46 -19.48 -27.78 -56.73
N ASP B 47 -20.42 -27.58 -57.66
CA ASP B 47 -20.26 -26.53 -58.65
C ASP B 47 -21.20 -25.34 -58.46
N TRP B 48 -21.93 -25.29 -57.34
CA TRP B 48 -22.80 -24.18 -57.01
C TRP B 48 -22.06 -22.85 -57.03
N ASN B 49 -22.83 -21.76 -56.88
CA ASN B 49 -22.30 -20.40 -57.11
C ASN B 49 -22.04 -19.67 -55.80
N ASP B 50 -20.85 -19.88 -55.25
CA ASP B 50 -20.46 -19.30 -53.97
C ASP B 50 -20.30 -17.78 -53.99
N SER B 51 -20.06 -17.18 -55.17
CA SER B 51 -19.46 -15.86 -55.23
C SER B 51 -20.25 -14.82 -54.43
N ASP B 52 -21.58 -14.89 -54.50
CA ASP B 52 -22.45 -13.89 -53.86
C ASP B 52 -22.70 -14.16 -52.38
N TRP B 53 -22.08 -15.18 -51.80
CA TRP B 53 -22.23 -15.45 -50.38
C TRP B 53 -21.23 -14.64 -49.58
N VAL B 54 -21.57 -14.37 -48.32
CA VAL B 54 -20.60 -13.69 -47.43
C VAL B 54 -19.47 -14.65 -47.07
N THR B 55 -18.32 -14.09 -46.73
CA THR B 55 -17.22 -14.88 -46.19
C THR B 55 -17.16 -14.66 -44.68
N VAL B 56 -17.16 -15.76 -43.93
CA VAL B 56 -17.01 -15.72 -42.48
C VAL B 56 -15.82 -16.58 -42.10
N ASP B 57 -15.17 -16.20 -41.02
CA ASP B 57 -14.18 -17.06 -40.40
C ASP B 57 -14.85 -17.86 -39.29
N LEU B 58 -14.24 -18.97 -38.90
CA LEU B 58 -14.79 -19.75 -37.82
C LEU B 58 -13.92 -19.62 -36.58
N PRO B 59 -14.46 -19.91 -35.38
CA PRO B 59 -15.86 -20.19 -34.99
C PRO B 59 -16.89 -19.13 -35.42
N HIS B 60 -18.09 -19.57 -35.79
CA HIS B 60 -19.16 -18.68 -36.23
C HIS B 60 -20.48 -19.02 -35.55
N THR B 61 -21.23 -17.97 -35.23
CA THR B 61 -22.61 -18.07 -34.79
C THR B 61 -23.41 -17.03 -35.57
N TRP B 62 -24.64 -17.36 -35.87
CA TRP B 62 -25.51 -16.42 -36.57
C TRP B 62 -26.55 -15.83 -35.65
N ASN B 63 -26.42 -16.07 -34.35
CA ASN B 63 -27.38 -15.57 -33.37
C ASN B 63 -26.72 -14.60 -32.38
N ALA B 64 -25.52 -14.10 -32.70
CA ALA B 64 -24.82 -13.19 -31.79
C ALA B 64 -25.56 -11.85 -31.65
N GLY B 65 -26.08 -11.30 -32.73
CA GLY B 65 -26.89 -10.10 -32.59
C GLY B 65 -28.36 -10.38 -32.30
N ASP B 66 -28.98 -11.28 -33.09
CA ASP B 66 -30.30 -11.86 -32.87
C ASP B 66 -30.72 -11.93 -31.40
N VAL B 67 -29.80 -12.40 -30.57
CA VAL B 67 -30.16 -12.78 -29.21
C VAL B 67 -30.14 -11.58 -28.27
N ILE B 68 -29.31 -10.57 -28.54
CA ILE B 68 -29.22 -9.43 -27.63
C ILE B 68 -29.83 -8.19 -28.27
N ASP B 69 -30.87 -8.36 -29.08
CA ASP B 69 -31.44 -7.19 -29.77
C ASP B 69 -32.93 -7.09 -29.53
N GLU B 70 -33.49 -5.97 -30.03
CA GLU B 70 -34.80 -5.49 -29.58
C GLU B 70 -35.94 -6.33 -30.12
N GLN B 71 -35.68 -7.21 -31.09
CA GLN B 71 -36.72 -8.11 -31.57
C GLN B 71 -36.81 -9.32 -30.67
N ARG B 72 -38.03 -9.67 -30.26
CA ARG B 72 -38.21 -10.85 -29.43
C ARG B 72 -37.84 -12.09 -30.22
N GLY B 73 -37.03 -12.97 -29.62
CA GLY B 73 -36.58 -14.19 -30.25
C GLY B 73 -35.26 -14.06 -31.00
N TYR B 74 -34.80 -15.21 -31.47
CA TYR B 74 -33.63 -15.34 -32.33
C TYR B 74 -33.98 -16.29 -33.47
N ARG B 75 -33.28 -16.16 -34.59
CA ARG B 75 -33.60 -16.93 -35.78
C ARG B 75 -33.19 -18.40 -35.61
N ARG B 76 -34.17 -19.31 -35.55
CA ARG B 76 -33.95 -20.75 -35.60
C ARG B 76 -34.24 -21.31 -36.99
N GLY B 77 -33.31 -22.10 -37.53
CA GLY B 77 -33.49 -22.66 -38.84
C GLY B 77 -32.20 -23.22 -39.37
N ILE B 78 -32.13 -23.40 -40.69
CA ILE B 78 -31.00 -24.02 -41.38
C ILE B 78 -30.17 -22.94 -42.08
N SER B 79 -28.84 -23.06 -41.99
CA SER B 79 -27.93 -22.33 -42.88
C SER B 79 -26.99 -23.34 -43.52
N TRP B 80 -26.15 -22.85 -44.43
CA TRP B 80 -25.13 -23.65 -45.08
C TRP B 80 -23.78 -22.96 -44.99
N TYR B 81 -22.73 -23.77 -44.93
CA TYR B 81 -21.33 -23.33 -44.92
C TYR B 81 -20.61 -24.06 -46.05
N ARG B 82 -19.87 -23.33 -46.87
CA ARG B 82 -19.10 -23.94 -47.95
C ARG B 82 -17.66 -23.49 -47.87
N LYS B 83 -16.74 -24.45 -47.91
CA LYS B 83 -15.31 -24.19 -47.88
C LYS B 83 -14.65 -25.05 -48.95
N LYS B 84 -13.76 -24.47 -49.73
CA LYS B 84 -12.94 -25.28 -50.61
C LYS B 84 -11.76 -25.84 -49.81
N LEU B 85 -11.66 -27.16 -49.76
CA LEU B 85 -10.79 -27.85 -48.82
C LEU B 85 -9.54 -28.38 -49.50
N PHE B 86 -8.39 -28.01 -48.97
CA PHE B 86 -7.13 -28.48 -49.50
C PHE B 86 -6.53 -29.51 -48.57
N ILE B 87 -6.12 -30.66 -49.13
CA ILE B 87 -5.55 -31.76 -48.36
C ILE B 87 -4.04 -31.70 -48.55
N PRO B 88 -3.26 -31.37 -47.51
CA PRO B 88 -1.81 -31.25 -47.69
C PRO B 88 -1.17 -32.59 -48.03
N SER B 89 -0.22 -32.54 -48.96
CA SER B 89 0.26 -33.77 -49.57
C SER B 89 1.04 -34.64 -48.58
N GLU B 90 1.49 -34.08 -47.46
CA GLU B 90 2.06 -34.91 -46.40
C GLU B 90 1.05 -35.97 -45.92
N ALA B 91 -0.25 -35.66 -46.02
CA ALA B 91 -1.31 -36.57 -45.63
C ALA B 91 -1.66 -37.58 -46.71
N ARG B 92 -1.00 -37.51 -47.87
CA ARG B 92 -1.37 -38.40 -48.98
C ARG B 92 -1.13 -39.86 -48.60
N ASP B 93 -2.01 -40.72 -49.08
CA ASP B 93 -2.03 -42.17 -48.84
C ASP B 93 -2.34 -42.53 -47.39
N LYS B 94 -2.51 -41.55 -46.51
CA LYS B 94 -2.82 -41.82 -45.11
C LYS B 94 -4.34 -41.76 -44.90
N LYS B 95 -4.74 -42.06 -43.67
CA LYS B 95 -6.14 -42.04 -43.25
C LYS B 95 -6.49 -40.63 -42.81
N ILE B 96 -7.46 -40.02 -43.48
CA ILE B 96 -7.74 -38.58 -43.38
C ILE B 96 -9.11 -38.39 -42.76
N THR B 97 -9.21 -37.44 -41.85
CA THR B 97 -10.47 -37.27 -41.15
C THR B 97 -10.65 -35.82 -40.76
N LEU B 98 -11.92 -35.41 -40.67
CA LEU B 98 -12.27 -34.10 -40.17
C LEU B 98 -12.70 -34.20 -38.71
N ARG B 99 -12.38 -33.17 -37.94
CA ARG B 99 -12.73 -33.08 -36.53
C ARG B 99 -13.47 -31.77 -36.30
N PHE B 100 -14.75 -31.87 -35.97
CA PHE B 100 -15.56 -30.73 -35.54
C PHE B 100 -15.66 -30.80 -34.03
N ASP B 101 -15.51 -29.65 -33.36
CA ASP B 101 -15.61 -29.61 -31.91
C ASP B 101 -16.98 -29.16 -31.41
N GLY B 102 -17.77 -28.50 -32.25
CA GLY B 102 -19.10 -28.03 -31.90
C GLY B 102 -19.86 -27.35 -33.04
N VAL B 103 -20.85 -28.03 -33.62
CA VAL B 103 -21.86 -27.43 -34.49
C VAL B 103 -23.19 -27.49 -33.75
N ALA B 104 -23.95 -26.39 -33.77
CA ALA B 104 -25.10 -26.24 -32.87
C ALA B 104 -26.32 -27.01 -33.41
N SER B 105 -26.70 -28.07 -32.68
CA SER B 105 -27.74 -29.11 -32.98
C SER B 105 -27.44 -29.82 -34.29
N LYS B 106 -28.40 -29.97 -35.17
CA LYS B 106 -28.27 -30.94 -36.22
C LYS B 106 -27.30 -30.43 -37.28
N ALA B 107 -26.37 -31.28 -37.68
CA ALA B 107 -25.41 -30.96 -38.72
C ALA B 107 -25.30 -32.10 -39.71
N ASP B 108 -25.34 -31.81 -41.00
CA ASP B 108 -24.96 -32.78 -42.02
C ASP B 108 -23.68 -32.30 -42.68
N VAL B 109 -22.79 -33.23 -43.01
CA VAL B 109 -21.49 -32.90 -43.56
C VAL B 109 -21.35 -33.59 -44.90
N TYR B 110 -21.18 -32.77 -45.94
CA TYR B 110 -20.99 -33.21 -47.31
C TYR B 110 -19.56 -32.93 -47.76
N LEU B 111 -19.05 -33.83 -48.60
CA LEU B 111 -17.80 -33.61 -49.29
C LEU B 111 -18.02 -34.00 -50.74
N ASN B 112 -17.77 -33.06 -51.65
CA ASN B 112 -17.82 -33.29 -53.09
C ASN B 112 -19.18 -33.85 -53.55
N GLY B 113 -20.25 -33.32 -52.97
CA GLY B 113 -21.60 -33.70 -53.34
C GLY B 113 -22.20 -34.80 -52.50
N LYS B 114 -21.37 -35.52 -51.74
CA LYS B 114 -21.70 -36.79 -51.10
C LYS B 114 -21.83 -36.61 -49.59
N LEU B 115 -23.00 -36.95 -49.05
CA LEU B 115 -23.25 -36.89 -47.61
C LEU B 115 -22.45 -37.98 -46.87
N LEU B 116 -21.62 -37.56 -45.91
CA LEU B 116 -20.70 -38.46 -45.22
C LEU B 116 -21.03 -38.68 -43.74
N LYS B 117 -21.72 -37.74 -43.10
CA LYS B 117 -22.17 -37.93 -41.72
C LYS B 117 -23.15 -36.82 -41.39
N THR B 118 -24.13 -37.16 -40.56
CA THR B 118 -24.98 -36.16 -39.95
C THR B 118 -24.98 -36.40 -38.45
N HIS B 119 -25.10 -35.32 -37.68
CA HIS B 119 -24.89 -35.35 -36.24
C HIS B 119 -25.97 -34.57 -35.50
N LEU B 120 -26.40 -35.10 -34.35
CA LEU B 120 -27.41 -34.47 -33.51
C LEU B 120 -26.79 -34.22 -32.14
N GLY B 121 -26.97 -33.01 -31.60
CA GLY B 121 -26.32 -32.63 -30.36
C GLY B 121 -25.34 -31.49 -30.55
N ALA B 122 -25.64 -30.36 -29.90
CA ALA B 122 -24.94 -29.09 -30.12
C ALA B 122 -23.64 -28.96 -29.34
N TYR B 123 -23.30 -29.90 -28.47
CA TYR B 123 -22.30 -29.64 -27.44
C TYR B 123 -21.16 -30.63 -27.42
N THR B 124 -21.35 -31.83 -27.93
CA THR B 124 -20.30 -32.82 -28.04
C THR B 124 -19.64 -32.73 -29.41
N ALA B 125 -18.38 -33.12 -29.48
CA ALA B 125 -17.71 -33.13 -30.77
C ALA B 125 -18.08 -34.37 -31.58
N PHE B 126 -17.61 -34.41 -32.82
CA PHE B 126 -17.80 -35.58 -33.67
C PHE B 126 -16.78 -35.48 -34.80
N GLY B 127 -16.74 -36.53 -35.63
CA GLY B 127 -15.70 -36.65 -36.63
C GLY B 127 -16.15 -37.41 -37.87
N VAL B 128 -15.41 -37.21 -38.96
CA VAL B 128 -15.84 -37.63 -40.29
C VAL B 128 -14.65 -38.28 -40.99
N ASP B 129 -14.86 -39.49 -41.53
CA ASP B 129 -13.84 -40.22 -42.28
C ASP B 129 -13.90 -39.82 -43.74
N ILE B 130 -12.80 -39.28 -44.29
CA ILE B 130 -12.87 -38.80 -45.66
C ILE B 130 -11.77 -39.40 -46.53
N THR B 131 -11.23 -40.56 -46.12
CA THR B 131 -10.10 -41.16 -46.84
C THR B 131 -10.41 -41.40 -48.32
N ASP B 132 -11.58 -41.97 -48.62
CA ASP B 132 -11.92 -42.45 -49.96
C ASP B 132 -12.69 -41.43 -50.80
N ILE B 133 -12.76 -40.18 -50.37
CA ILE B 133 -13.61 -39.18 -51.03
C ILE B 133 -12.77 -37.98 -51.41
N CYS B 134 -11.73 -37.72 -50.61
CA CYS B 134 -10.86 -36.57 -50.82
C CYS B 134 -9.80 -36.86 -51.88
N GLU B 135 -9.35 -35.82 -52.55
CA GLU B 135 -8.31 -35.88 -53.56
C GLU B 135 -7.15 -35.02 -53.07
N VAL B 136 -6.07 -35.66 -52.64
CA VAL B 136 -4.88 -34.90 -52.32
C VAL B 136 -4.38 -34.24 -53.59
N GLY B 137 -3.88 -33.01 -53.47
CA GLY B 137 -3.41 -32.27 -54.63
C GLY B 137 -4.47 -31.69 -55.54
N LYS B 138 -5.76 -31.92 -55.24
CA LYS B 138 -6.86 -31.31 -55.95
C LYS B 138 -7.61 -30.40 -54.98
N GLU B 139 -8.59 -29.67 -55.52
CA GLU B 139 -9.45 -28.85 -54.67
C GLU B 139 -10.73 -29.62 -54.38
N ASN B 140 -11.20 -29.56 -53.13
CA ASN B 140 -12.34 -30.32 -52.62
C ASN B 140 -13.32 -29.36 -51.96
N LEU B 141 -14.63 -29.62 -52.13
CA LEU B 141 -15.65 -28.74 -51.58
C LEU B 141 -16.34 -29.41 -50.40
N LEU B 142 -16.10 -28.85 -49.22
CA LEU B 142 -16.75 -29.30 -47.99
C LEU B 142 -18.01 -28.45 -47.80
N ALA B 143 -19.13 -29.12 -47.56
CA ALA B 143 -20.41 -28.43 -47.44
C ALA B 143 -21.11 -28.93 -46.20
N VAL B 144 -21.45 -28.02 -45.29
CA VAL B 144 -22.03 -28.39 -44.00
C VAL B 144 -23.37 -27.68 -43.85
N LYS B 145 -24.42 -28.46 -43.67
CA LYS B 145 -25.74 -27.97 -43.30
C LYS B 145 -25.80 -27.93 -41.77
N VAL B 146 -26.20 -26.79 -41.23
CA VAL B 146 -26.23 -26.56 -39.78
C VAL B 146 -27.62 -26.07 -39.42
N ASP B 147 -28.25 -26.70 -38.42
CA ASP B 147 -29.67 -26.55 -38.14
C ASP B 147 -29.93 -26.25 -36.66
N ASN B 148 -30.77 -25.25 -36.43
CA ASN B 148 -31.03 -24.61 -35.16
C ASN B 148 -32.43 -24.87 -34.63
N SER B 149 -33.25 -25.65 -35.36
CA SER B 149 -34.71 -25.64 -35.23
C SER B 149 -35.20 -26.17 -33.89
N SER B 150 -36.27 -25.57 -33.39
CA SER B 150 -36.88 -26.11 -32.19
C SER B 150 -37.54 -27.44 -32.46
N SER B 151 -37.96 -27.67 -33.70
CA SER B 151 -38.49 -29.00 -34.06
C SER B 151 -37.61 -30.10 -33.49
N LEU B 152 -36.28 -29.85 -33.49
CA LEU B 152 -35.33 -30.81 -32.93
C LEU B 152 -35.59 -31.04 -31.44
N GLY B 153 -36.04 -30.03 -30.73
CA GLY B 153 -36.34 -30.21 -29.32
C GLY B 153 -37.51 -31.14 -29.05
N GLU B 154 -37.76 -32.07 -29.98
CA GLU B 154 -38.70 -33.15 -29.72
C GLU B 154 -38.04 -34.51 -29.71
N ILE B 155 -36.83 -34.63 -30.28
CA ILE B 155 -36.10 -35.89 -30.24
C ILE B 155 -34.68 -35.66 -29.74
N LEU B 156 -34.42 -34.50 -29.14
CA LEU B 156 -33.07 -34.09 -28.78
C LEU B 156 -33.10 -33.06 -27.65
N PRO B 157 -32.36 -33.28 -26.57
CA PRO B 157 -32.28 -32.28 -25.51
C PRO B 157 -31.37 -31.12 -25.92
N PRO B 158 -31.54 -29.92 -25.33
CA PRO B 158 -32.63 -29.61 -24.40
C PRO B 158 -33.94 -29.34 -25.13
N VAL B 159 -35.06 -29.56 -24.45
CA VAL B 159 -36.35 -29.16 -25.00
C VAL B 159 -36.55 -27.65 -24.80
N SER B 160 -36.08 -27.10 -23.69
CA SER B 160 -36.29 -25.71 -23.27
C SER B 160 -35.29 -25.40 -22.17
N GLY B 161 -35.29 -24.16 -21.73
CA GLY B 161 -34.39 -23.80 -20.64
C GLY B 161 -33.96 -22.36 -20.72
N ASP B 162 -33.45 -21.87 -19.59
CA ASP B 162 -32.99 -20.48 -19.49
C ASP B 162 -31.63 -20.31 -20.17
N PHE B 163 -31.61 -20.56 -21.48
CA PHE B 163 -30.50 -20.20 -22.34
C PHE B 163 -30.97 -20.24 -23.79
N SER B 164 -30.09 -19.78 -24.66
CA SER B 164 -30.37 -19.73 -26.09
C SER B 164 -29.48 -20.76 -26.78
N ILE B 165 -29.89 -21.16 -27.97
CA ILE B 165 -29.07 -22.07 -28.74
C ILE B 165 -28.53 -21.29 -29.93
N PHE B 166 -27.43 -20.58 -29.69
CA PHE B 166 -26.71 -19.88 -30.73
C PHE B 166 -26.30 -20.89 -31.80
N GLY B 167 -26.94 -20.83 -32.95
CA GLY B 167 -26.68 -21.79 -34.00
C GLY B 167 -25.49 -21.42 -34.86
N GLY B 168 -24.78 -22.46 -35.31
CA GLY B 168 -23.69 -22.31 -36.26
C GLY B 168 -22.60 -23.29 -35.91
N ILE B 169 -21.50 -23.26 -36.68
CA ILE B 169 -20.30 -23.96 -36.29
C ILE B 169 -19.54 -23.08 -35.32
N TYR B 170 -19.86 -23.18 -34.03
CA TYR B 170 -19.38 -22.22 -33.04
C TYR B 170 -18.09 -22.65 -32.31
N ARG B 171 -17.55 -23.84 -32.56
CA ARG B 171 -16.22 -24.20 -32.07
C ARG B 171 -15.29 -24.41 -33.27
N ARG B 172 -14.11 -24.95 -33.04
CA ARG B 172 -13.14 -25.06 -34.11
C ARG B 172 -13.47 -26.26 -35.01
N VAL B 173 -12.73 -26.37 -36.13
CA VAL B 173 -12.90 -27.46 -37.10
C VAL B 173 -11.53 -27.82 -37.64
N PHE B 174 -11.18 -29.13 -37.58
CA PHE B 174 -9.83 -29.60 -37.89
C PHE B 174 -9.81 -30.72 -38.92
N LEU B 175 -8.78 -30.71 -39.77
CA LEU B 175 -8.47 -31.81 -40.67
C LEU B 175 -7.22 -32.50 -40.15
N GLN B 176 -7.30 -33.84 -40.00
CA GLN B 176 -6.28 -34.66 -39.33
C GLN B 176 -6.00 -35.93 -40.11
N TRP B 177 -4.79 -36.47 -39.95
CA TRP B 177 -4.33 -37.65 -40.67
C TRP B 177 -3.43 -38.49 -39.78
N THR B 178 -3.63 -39.81 -39.79
CA THR B 178 -2.82 -40.78 -39.07
C THR B 178 -2.40 -41.89 -40.02
N GLU B 179 -1.48 -42.74 -39.56
CA GLU B 179 -1.20 -43.96 -40.28
C GLU B 179 -2.45 -44.85 -40.35
N LYS B 180 -2.44 -45.80 -41.30
CA LYS B 180 -3.65 -46.59 -41.55
C LYS B 180 -3.93 -47.59 -40.42
N VAL B 181 -2.90 -48.08 -39.73
CA VAL B 181 -3.12 -48.78 -38.47
C VAL B 181 -3.16 -47.73 -37.36
N HIS B 182 -4.16 -47.82 -36.50
CA HIS B 182 -4.59 -46.65 -35.77
C HIS B 182 -5.60 -47.07 -34.70
N PHE B 183 -5.87 -46.14 -33.77
CA PHE B 183 -6.82 -46.37 -32.68
C PHE B 183 -8.24 -45.99 -33.12
N VAL B 184 -9.20 -46.78 -32.65
CA VAL B 184 -10.59 -46.67 -33.10
C VAL B 184 -11.31 -45.63 -32.23
N THR B 185 -11.57 -44.46 -32.81
CA THR B 185 -12.28 -43.43 -32.08
C THR B 185 -13.75 -43.29 -32.46
N GLU B 186 -14.16 -43.85 -33.58
CA GLU B 186 -15.58 -43.75 -33.85
C GLU B 186 -16.29 -44.97 -33.26
N PRO B 187 -17.57 -44.87 -32.88
CA PRO B 187 -18.58 -43.85 -33.22
C PRO B 187 -18.66 -42.61 -32.30
N TYR B 188 -18.17 -42.65 -31.07
CA TYR B 188 -18.40 -41.53 -30.18
C TYR B 188 -17.23 -40.55 -30.14
N ALA B 189 -16.18 -40.78 -30.95
CA ALA B 189 -15.08 -39.83 -31.11
C ALA B 189 -14.29 -39.72 -29.81
N ALA B 190 -14.00 -40.88 -29.23
CA ALA B 190 -13.44 -41.00 -27.89
C ALA B 190 -11.92 -40.76 -27.88
N VAL B 191 -11.39 -40.61 -26.67
CA VAL B 191 -9.94 -40.49 -26.51
C VAL B 191 -9.30 -41.79 -26.97
N PRO B 192 -8.31 -41.76 -27.86
CA PRO B 192 -7.86 -43.00 -28.50
C PRO B 192 -7.47 -44.08 -27.52
N VAL B 193 -7.08 -43.69 -26.30
CA VAL B 193 -6.73 -44.58 -25.22
C VAL B 193 -7.47 -44.10 -23.98
N ARG B 194 -8.30 -44.97 -23.41
CA ARG B 194 -8.98 -44.68 -22.17
C ARG B 194 -8.16 -45.24 -21.01
N ILE B 195 -8.00 -44.46 -19.94
CA ILE B 195 -7.14 -44.81 -18.82
C ILE B 195 -7.97 -44.77 -17.55
N GLN B 196 -7.99 -45.88 -16.81
CA GLN B 196 -8.66 -45.99 -15.51
C GLN B 196 -7.65 -46.32 -14.43
N THR B 197 -7.90 -45.83 -13.22
CA THR B 197 -7.10 -46.15 -12.04
C THR B 197 -8.00 -46.81 -10.99
N PRO B 198 -8.20 -48.13 -11.07
CA PRO B 198 -9.22 -48.75 -10.20
C PRO B 198 -8.86 -48.68 -8.73
N GLU B 199 -7.58 -48.63 -8.41
CA GLU B 199 -7.11 -48.50 -7.03
C GLU B 199 -6.07 -47.39 -6.93
N VAL B 200 -6.26 -46.50 -5.98
CA VAL B 200 -5.26 -45.48 -5.66
C VAL B 200 -5.20 -45.26 -4.15
N SER B 201 -4.00 -44.98 -3.66
CA SER B 201 -3.61 -45.00 -2.27
C SER B 201 -2.37 -44.13 -2.15
N VAL B 202 -2.02 -43.74 -0.93
CA VAL B 202 -0.72 -43.08 -0.75
C VAL B 202 0.41 -44.06 -1.03
N SER B 203 0.24 -45.34 -0.66
CA SER B 203 1.30 -46.31 -0.89
C SER B 203 1.40 -46.70 -2.36
N GLU B 204 0.27 -46.93 -3.04
CA GLU B 204 0.36 -47.47 -4.40
C GLU B 204 -0.90 -47.19 -5.22
N ALA B 205 -0.78 -47.37 -6.54
CA ALA B 205 -1.94 -47.27 -7.42
C ALA B 205 -1.78 -48.19 -8.63
N SER B 206 -2.91 -48.51 -9.24
CA SER B 206 -2.96 -49.42 -10.37
C SER B 206 -3.62 -48.72 -11.55
N MET B 207 -3.02 -48.83 -12.74
CA MET B 207 -3.54 -48.21 -13.96
C MET B 207 -4.04 -49.27 -14.94
N GLN B 208 -5.19 -49.00 -15.57
CA GLN B 208 -5.80 -49.90 -16.55
C GLN B 208 -6.06 -49.13 -17.84
N ILE B 209 -5.45 -49.56 -18.92
CA ILE B 209 -5.53 -48.86 -20.20
C ILE B 209 -6.30 -49.72 -21.19
N VAL B 210 -7.11 -49.07 -22.03
CA VAL B 210 -8.15 -49.76 -22.77
C VAL B 210 -8.34 -49.11 -24.11
N ALA B 211 -7.86 -49.77 -25.17
CA ALA B 211 -8.00 -49.20 -26.52
C ALA B 211 -8.52 -50.21 -27.56
N PHE B 212 -8.48 -49.82 -28.84
CA PHE B 212 -8.89 -50.64 -29.97
C PHE B 212 -8.00 -50.29 -31.15
N LEU B 213 -7.32 -51.27 -31.73
CA LEU B 213 -6.54 -51.02 -32.93
C LEU B 213 -7.27 -51.57 -34.14
N LYS B 214 -7.03 -50.93 -35.28
CA LYS B 214 -7.60 -51.35 -36.55
C LYS B 214 -6.54 -51.13 -37.62
N ASN B 215 -6.19 -52.18 -38.35
CA ASN B 215 -5.16 -52.12 -39.39
C ASN B 215 -5.87 -51.95 -40.73
N ASP B 216 -5.94 -50.71 -41.22
CA ASP B 216 -6.64 -50.41 -42.45
C ASP B 216 -5.73 -50.38 -43.67
N PHE B 217 -4.49 -50.85 -43.55
CA PHE B 217 -3.69 -51.25 -44.71
C PHE B 217 -4.33 -52.46 -45.40
N THR B 218 -3.71 -53.00 -46.45
CA THR B 218 -4.26 -54.19 -47.09
C THR B 218 -3.41 -55.44 -46.89
N ASP B 219 -2.14 -55.30 -46.54
CA ASP B 219 -1.31 -56.40 -46.08
C ASP B 219 -1.78 -56.90 -44.71
N THR B 220 -0.85 -57.36 -43.89
CA THR B 220 -1.16 -57.74 -42.51
C THR B 220 0.03 -57.32 -41.68
N LYS B 221 -0.24 -56.81 -40.47
CA LYS B 221 0.77 -56.13 -39.68
C LYS B 221 0.96 -56.80 -38.34
N HIS B 222 2.21 -56.82 -37.88
CA HIS B 222 2.57 -57.29 -36.55
C HIS B 222 3.21 -56.11 -35.82
N VAL B 223 2.61 -55.71 -34.70
CA VAL B 223 3.07 -54.49 -34.06
C VAL B 223 3.50 -54.76 -32.62
N HIS B 224 4.33 -53.85 -32.13
CA HIS B 224 4.62 -53.71 -30.71
C HIS B 224 3.77 -52.57 -30.17
N VAL B 225 3.33 -52.71 -28.94
CA VAL B 225 2.58 -51.66 -28.26
C VAL B 225 3.30 -51.38 -26.95
N ASN B 226 3.96 -50.23 -26.87
CA ASN B 226 4.72 -49.81 -25.71
C ASN B 226 3.91 -48.85 -24.86
N VAL B 227 3.93 -49.06 -23.56
CA VAL B 227 3.16 -48.25 -22.63
C VAL B 227 4.12 -47.71 -21.57
N PHE B 228 4.34 -46.40 -21.56
CA PHE B 228 5.12 -45.75 -20.53
C PHE B 228 4.22 -44.85 -19.72
N LEU B 229 4.27 -45.03 -18.40
CA LEU B 229 3.76 -44.02 -17.49
C LEU B 229 4.91 -43.04 -17.26
N CYS B 230 4.66 -41.77 -17.52
CA CYS B 230 5.71 -40.75 -17.63
C CYS B 230 5.53 -39.62 -16.62
N ASP B 231 6.66 -39.28 -16.00
CA ASP B 231 6.82 -38.35 -14.89
C ASP B 231 6.54 -36.90 -15.31
N GLU B 232 6.31 -36.04 -14.33
CA GLU B 232 6.27 -34.61 -14.61
C GLU B 232 7.61 -34.10 -15.15
N MET B 233 8.72 -34.72 -14.75
CA MET B 233 10.02 -34.48 -15.35
C MET B 233 10.27 -35.38 -16.55
N ASN B 234 9.22 -36.01 -17.08
CA ASN B 234 9.28 -36.92 -18.21
C ASN B 234 10.31 -38.02 -17.98
N ARG B 235 10.30 -38.58 -16.77
CA ARG B 235 11.04 -39.79 -16.44
C ARG B 235 10.11 -41.00 -16.60
N ILE B 236 10.58 -42.03 -17.28
CA ILE B 236 9.79 -43.24 -17.41
C ILE B 236 9.64 -43.87 -16.04
N VAL B 237 8.40 -43.93 -15.54
CA VAL B 237 8.10 -44.55 -14.25
C VAL B 237 7.86 -46.06 -14.38
N LYS B 238 6.84 -46.45 -15.16
CA LYS B 238 6.55 -47.84 -15.47
C LYS B 238 6.66 -48.07 -16.98
N GLU B 239 6.71 -49.34 -17.38
CA GLU B 239 7.07 -49.64 -18.76
C GLU B 239 6.65 -51.07 -19.12
N LYS B 240 5.80 -51.22 -20.15
CA LYS B 240 5.18 -52.50 -20.51
C LYS B 240 5.03 -52.61 -22.01
N GLN B 241 5.19 -53.83 -22.54
CA GLN B 241 5.16 -54.07 -23.98
C GLN B 241 4.19 -55.19 -24.33
N LEU B 242 3.40 -54.96 -25.38
CA LEU B 242 2.48 -55.94 -25.93
C LEU B 242 2.83 -56.17 -27.39
N LYS B 243 2.70 -57.42 -27.84
CA LYS B 243 2.91 -57.79 -29.24
C LYS B 243 1.61 -58.36 -29.77
N LEU B 244 1.14 -57.85 -30.91
CA LEU B 244 -0.05 -58.45 -31.50
C LEU B 244 -0.06 -58.25 -33.01
N LYS B 245 -0.90 -59.07 -33.63
CA LYS B 245 -0.96 -59.27 -35.07
C LYS B 245 -2.30 -58.75 -35.56
N LEU B 246 -2.29 -57.93 -36.61
CA LEU B 246 -3.47 -57.16 -36.99
C LEU B 246 -3.94 -57.55 -38.40
N ILE B 247 -5.02 -58.35 -38.45
CA ILE B 247 -5.65 -58.75 -39.71
C ILE B 247 -6.45 -57.58 -40.27
N PRO B 248 -6.15 -57.13 -41.48
CA PRO B 248 -6.76 -55.91 -42.00
C PRO B 248 -8.28 -55.95 -41.89
N GLY B 249 -8.86 -54.80 -41.56
CA GLY B 249 -10.29 -54.66 -41.41
C GLY B 249 -10.83 -54.95 -40.01
N ARG B 250 -10.13 -55.77 -39.23
CA ARG B 250 -10.65 -56.22 -37.93
C ARG B 250 -10.21 -55.32 -36.79
N LYS B 251 -11.13 -55.09 -35.85
CA LYS B 251 -10.89 -54.29 -34.65
C LYS B 251 -10.44 -55.20 -33.51
N TYR B 252 -9.13 -55.11 -33.12
CA TYR B 252 -8.65 -55.84 -31.96
C TYR B 252 -8.70 -54.97 -30.74
N PRO B 253 -9.25 -55.43 -29.61
CA PRO B 253 -9.18 -54.66 -28.38
C PRO B 253 -7.89 -54.96 -27.62
N ILE B 254 -7.49 -54.00 -26.79
CA ILE B 254 -6.43 -54.21 -25.82
C ILE B 254 -6.91 -53.71 -24.48
N SER B 255 -6.38 -54.33 -23.44
CA SER B 255 -6.64 -53.91 -22.07
C SER B 255 -5.57 -54.52 -21.18
N THR B 256 -4.37 -53.96 -21.28
CA THR B 256 -3.30 -54.29 -20.37
C THR B 256 -3.52 -53.60 -19.03
N SER B 257 -2.81 -54.09 -18.02
CA SER B 257 -2.66 -53.39 -16.76
C SER B 257 -1.21 -52.96 -16.64
N VAL B 258 -0.90 -52.15 -15.63
CA VAL B 258 0.47 -51.74 -15.35
C VAL B 258 0.93 -52.28 -14.00
N GLY B 259 0.13 -52.06 -12.95
CA GLY B 259 0.37 -52.65 -11.65
C GLY B 259 1.54 -52.04 -10.89
N ARG B 260 1.46 -52.11 -9.56
CA ARG B 260 2.54 -51.75 -8.62
C ARG B 260 3.19 -50.41 -8.95
N ILE B 261 2.38 -49.35 -8.92
CA ILE B 261 2.88 -47.99 -9.09
C ILE B 261 3.11 -47.43 -7.68
N GLU B 262 4.36 -47.45 -7.25
CA GLU B 262 4.69 -47.16 -5.86
C GLU B 262 4.82 -45.67 -5.59
N ASN B 263 4.12 -45.20 -4.52
CA ASN B 263 4.17 -43.85 -3.96
C ASN B 263 3.81 -42.78 -5.00
N PRO B 264 2.70 -42.91 -5.72
CA PRO B 264 2.43 -41.97 -6.80
C PRO B 264 2.25 -40.56 -6.27
N HIS B 265 2.62 -39.58 -7.10
CA HIS B 265 2.27 -38.20 -6.80
C HIS B 265 0.78 -38.03 -7.08
N LEU B 266 0.05 -37.52 -6.09
CA LEU B 266 -1.40 -37.46 -6.11
C LEU B 266 -1.91 -36.17 -6.76
N TRP B 267 -3.08 -36.24 -7.35
CA TRP B 267 -3.69 -35.04 -7.94
C TRP B 267 -4.74 -34.49 -6.97
N SER B 268 -4.88 -33.18 -6.98
CA SER B 268 -5.62 -32.44 -5.99
C SER B 268 -5.86 -31.05 -6.55
N PRO B 269 -6.97 -30.39 -6.22
CA PRO B 269 -7.11 -28.98 -6.61
C PRO B 269 -5.97 -28.10 -6.14
N GLU B 270 -5.30 -28.46 -5.05
CA GLU B 270 -4.17 -27.65 -4.60
C GLU B 270 -2.84 -28.15 -5.17
N LEU B 271 -2.61 -29.47 -5.18
CA LEU B 271 -1.41 -30.01 -5.82
C LEU B 271 -1.85 -30.79 -7.06
N PRO B 272 -2.04 -30.12 -8.21
CA PRO B 272 -2.60 -30.78 -9.38
C PRO B 272 -1.52 -31.42 -10.25
N TYR B 273 -0.64 -32.19 -9.61
CA TYR B 273 0.35 -33.00 -10.31
C TYR B 273 -0.30 -33.87 -11.39
N LEU B 274 0.34 -33.91 -12.55
CA LEU B 274 -0.16 -34.67 -13.68
C LEU B 274 0.92 -35.63 -14.14
N TYR B 275 0.63 -36.91 -14.06
CA TYR B 275 1.41 -37.89 -14.78
C TYR B 275 1.03 -37.83 -16.26
N THR B 276 1.70 -38.63 -17.09
CA THR B 276 1.24 -38.76 -18.47
C THR B 276 1.58 -40.14 -19.04
N VAL B 277 0.64 -40.70 -19.80
CA VAL B 277 0.73 -42.07 -20.32
C VAL B 277 0.98 -42.02 -21.83
N LYS B 278 2.07 -42.64 -22.27
CA LYS B 278 2.53 -42.59 -23.66
C LYS B 278 2.41 -43.97 -24.28
N VAL B 279 1.57 -44.10 -25.32
CA VAL B 279 1.25 -45.40 -25.94
C VAL B 279 1.71 -45.36 -27.39
N GLN B 280 2.75 -46.14 -27.71
CA GLN B 280 3.32 -46.21 -29.05
C GLN B 280 2.86 -47.51 -29.71
N VAL B 281 2.63 -47.45 -31.01
CA VAL B 281 2.38 -48.64 -31.81
C VAL B 281 3.43 -48.67 -32.92
N CYS B 282 4.29 -49.69 -32.90
CA CYS B 282 5.42 -49.76 -33.79
C CYS B 282 5.47 -51.11 -34.47
N ASP B 283 5.82 -51.11 -35.76
CA ASP B 283 5.96 -52.38 -36.48
C ASP B 283 7.05 -53.20 -35.82
N ALA B 284 6.77 -54.50 -35.61
CA ALA B 284 7.75 -55.38 -34.97
C ALA B 284 8.89 -55.74 -35.92
N LYS B 285 8.59 -55.87 -37.22
CA LYS B 285 9.60 -56.06 -38.26
C LYS B 285 10.46 -54.81 -38.43
N ASN B 286 9.92 -53.79 -39.11
CA ASN B 286 10.70 -52.60 -39.48
C ASN B 286 11.14 -51.82 -38.25
N GLY B 287 10.21 -51.57 -37.34
CA GLY B 287 10.40 -50.58 -36.29
C GLY B 287 9.75 -49.24 -36.57
N GLU B 288 8.99 -49.11 -37.67
CA GLU B 288 8.34 -47.85 -38.00
C GLU B 288 7.22 -47.54 -37.01
N MET B 289 7.22 -46.31 -36.47
CA MET B 289 6.20 -45.91 -35.51
C MET B 289 4.91 -45.55 -36.22
N TYR B 290 3.80 -46.10 -35.73
CA TYR B 290 2.48 -45.92 -36.35
C TYR B 290 1.65 -44.85 -35.65
N GLN B 291 1.44 -44.99 -34.33
CA GLN B 291 0.81 -43.96 -33.51
C GLN B 291 1.63 -43.78 -32.25
N GLU B 292 1.78 -42.53 -31.82
CA GLU B 292 2.30 -42.20 -30.49
C GLU B 292 1.29 -41.27 -29.86
N VAL B 293 0.62 -41.76 -28.82
CA VAL B 293 -0.51 -41.08 -28.18
C VAL B 293 -0.05 -40.62 -26.81
N ILE B 294 -0.28 -39.35 -26.51
CA ILE B 294 -0.03 -38.82 -25.17
C ILE B 294 -1.37 -38.50 -24.52
N SER B 295 -1.58 -39.05 -23.32
CA SER B 295 -2.77 -38.73 -22.53
C SER B 295 -2.31 -38.37 -21.12
N PRO B 296 -2.49 -37.13 -20.68
CA PRO B 296 -2.15 -36.79 -19.30
C PRO B 296 -3.23 -37.26 -18.35
N VAL B 297 -2.82 -37.94 -17.28
CA VAL B 297 -3.73 -38.47 -16.27
C VAL B 297 -3.28 -38.00 -14.89
N GLY B 298 -4.14 -38.22 -13.89
CA GLY B 298 -3.81 -37.90 -12.52
C GLY B 298 -4.25 -39.01 -11.58
N PHE B 299 -3.59 -39.06 -10.40
CA PHE B 299 -3.83 -40.11 -9.40
C PHE B 299 -4.58 -39.53 -8.21
N ARG B 300 -5.84 -39.91 -8.05
CA ARG B 300 -6.62 -39.47 -6.89
C ARG B 300 -7.76 -40.48 -6.64
N TRP B 301 -8.43 -40.30 -5.49
CA TRP B 301 -9.53 -41.17 -5.10
C TRP B 301 -10.49 -40.32 -4.28
N PHE B 302 -11.79 -40.67 -4.33
CA PHE B 302 -12.87 -39.87 -3.74
C PHE B 302 -14.03 -40.75 -3.30
N SER B 303 -14.91 -40.20 -2.46
CA SER B 303 -16.17 -40.83 -2.06
C SER B 303 -17.05 -39.82 -1.31
N VAL B 304 -18.36 -40.13 -1.20
CA VAL B 304 -19.31 -39.21 -0.57
C VAL B 304 -20.25 -39.97 0.37
N ASP B 305 -20.19 -39.69 1.66
CA ASP B 305 -21.26 -39.99 2.59
C ASP B 305 -21.93 -38.68 3.01
N LYS B 306 -22.95 -38.75 3.85
CA LYS B 306 -23.63 -37.52 4.24
C LYS B 306 -22.80 -36.61 5.15
N THR B 307 -21.59 -37.00 5.59
CA THR B 307 -20.79 -36.06 6.36
C THR B 307 -19.81 -35.24 5.51
N GLY B 308 -19.69 -35.52 4.23
CA GLY B 308 -18.85 -34.67 3.42
C GLY B 308 -18.36 -35.39 2.18
N PHE B 309 -17.63 -34.61 1.39
CA PHE B 309 -16.93 -35.11 0.23
C PHE B 309 -15.49 -35.42 0.65
N TYR B 310 -14.95 -36.51 0.14
CA TYR B 310 -13.60 -36.89 0.52
C TYR B 310 -12.77 -37.12 -0.72
N LEU B 311 -11.58 -36.54 -0.72
CA LEU B 311 -10.62 -36.71 -1.80
C LEU B 311 -9.32 -37.09 -1.13
N ASN B 312 -8.75 -38.20 -1.55
CA ASN B 312 -7.44 -38.62 -1.07
C ASN B 312 -7.38 -38.69 0.46
N GLY B 313 -8.39 -39.32 1.06
CA GLY B 313 -8.43 -39.56 2.49
C GLY B 313 -8.77 -38.36 3.35
N LYS B 314 -8.99 -37.19 2.78
CA LYS B 314 -9.12 -35.95 3.53
C LYS B 314 -10.45 -35.29 3.19
N TYR B 315 -11.08 -34.67 4.21
CA TYR B 315 -12.36 -34.01 3.98
C TYR B 315 -12.17 -32.80 3.08
N LEU B 316 -13.00 -32.69 2.05
CA LEU B 316 -13.02 -31.50 1.20
C LEU B 316 -14.39 -30.84 1.21
N LYS B 317 -14.41 -29.51 1.31
CA LYS B 317 -15.64 -28.75 1.05
C LYS B 317 -15.54 -28.27 -0.39
N LEU B 318 -16.34 -28.86 -1.27
CA LEU B 318 -16.32 -28.44 -2.66
C LEU B 318 -17.04 -27.12 -2.78
N ARG B 319 -16.35 -26.08 -3.25
CA ARG B 319 -16.96 -24.76 -3.39
C ARG B 319 -16.50 -24.15 -4.70
N GLY B 320 -17.45 -23.60 -5.46
CA GLY B 320 -17.13 -23.03 -6.76
C GLY B 320 -18.26 -22.31 -7.45
N ALA B 321 -18.43 -22.59 -8.74
CA ALA B 321 -19.35 -21.81 -9.55
C ALA B 321 -19.54 -22.50 -10.90
N ALA B 322 -20.74 -22.36 -11.46
CA ALA B 322 -20.99 -22.78 -12.83
C ALA B 322 -20.37 -21.79 -13.81
N ARG B 323 -20.25 -22.21 -15.06
CA ARG B 323 -19.77 -21.30 -16.09
C ARG B 323 -20.47 -21.63 -17.40
N HIS B 324 -21.16 -20.63 -17.98
CA HIS B 324 -21.73 -20.73 -19.33
C HIS B 324 -20.69 -20.40 -20.39
N GLN B 325 -21.07 -20.65 -21.64
CA GLN B 325 -20.16 -20.79 -22.77
C GLN B 325 -20.03 -19.53 -23.64
N ASP B 326 -20.58 -18.39 -23.24
CA ASP B 326 -20.64 -17.23 -24.12
C ASP B 326 -19.90 -16.02 -23.53
N TYR B 327 -19.60 -15.07 -24.43
CA TYR B 327 -18.92 -13.81 -24.16
C TYR B 327 -19.74 -12.71 -24.79
N ALA B 328 -19.58 -11.49 -24.27
CA ALA B 328 -20.35 -10.34 -24.74
C ALA B 328 -20.23 -10.13 -26.25
N GLY B 329 -21.36 -10.19 -26.96
CA GLY B 329 -21.38 -9.77 -28.34
C GLY B 329 -20.73 -10.73 -29.33
N LEU B 330 -20.26 -11.89 -28.88
CA LEU B 330 -19.81 -12.95 -29.76
C LEU B 330 -20.71 -14.18 -29.68
N GLY B 331 -21.72 -14.15 -28.82
CA GLY B 331 -22.44 -15.37 -28.50
C GLY B 331 -21.50 -16.46 -28.05
N THR B 332 -21.75 -17.67 -28.55
CA THR B 332 -20.92 -18.83 -28.23
C THR B 332 -19.75 -18.98 -29.19
N ALA B 333 -19.52 -18.02 -30.09
CA ALA B 333 -18.45 -18.14 -31.09
C ALA B 333 -17.16 -17.50 -30.58
N ILE B 334 -16.60 -18.10 -29.54
CA ILE B 334 -15.55 -17.49 -28.73
C ILE B 334 -14.17 -18.03 -29.07
N PRO B 335 -13.12 -17.20 -28.97
CA PRO B 335 -11.78 -17.72 -29.22
C PRO B 335 -11.47 -18.77 -28.18
N VAL B 336 -10.81 -19.85 -28.61
CA VAL B 336 -10.70 -21.04 -27.76
C VAL B 336 -10.09 -20.69 -26.42
N GLU B 337 -9.14 -19.76 -26.42
CA GLU B 337 -8.41 -19.35 -25.23
C GLU B 337 -9.31 -18.77 -24.15
N MET B 338 -10.57 -18.49 -24.43
CA MET B 338 -11.41 -17.91 -23.41
C MET B 338 -11.70 -18.92 -22.32
N ASN B 339 -11.88 -20.17 -22.72
CA ASN B 339 -12.08 -21.28 -21.80
C ASN B 339 -11.01 -21.31 -20.71
N ARG B 340 -9.74 -21.15 -21.09
CA ARG B 340 -8.69 -21.13 -20.07
C ARG B 340 -8.83 -19.90 -19.18
N ARG B 341 -8.96 -18.71 -19.79
CA ARG B 341 -9.15 -17.46 -19.05
C ARG B 341 -10.22 -17.59 -17.96
N ASP B 342 -11.32 -18.31 -18.23
CA ASP B 342 -12.40 -18.40 -17.27
C ASP B 342 -11.99 -19.27 -16.09
N MET B 343 -11.42 -20.42 -16.39
CA MET B 343 -11.00 -21.32 -15.34
C MET B 343 -9.89 -20.72 -14.52
N ARG B 344 -9.08 -19.84 -15.11
CA ARG B 344 -8.13 -19.09 -14.30
C ARG B 344 -8.83 -18.05 -13.45
N LEU B 345 -9.80 -17.34 -14.01
CA LEU B 345 -10.47 -16.32 -13.21
C LEU B 345 -11.31 -16.95 -12.11
N LEU B 346 -11.68 -18.23 -12.25
CA LEU B 346 -12.40 -18.90 -11.18
C LEU B 346 -11.43 -19.44 -10.13
N LYS B 347 -10.35 -20.08 -10.58
CA LYS B 347 -9.29 -20.50 -9.67
C LYS B 347 -8.86 -19.35 -8.76
N GLU B 348 -8.61 -18.18 -9.36
CA GLU B 348 -8.18 -17.01 -8.63
C GLU B 348 -9.27 -16.44 -7.73
N MET B 349 -10.50 -16.93 -7.87
CA MET B 349 -11.55 -16.59 -6.92
C MET B 349 -11.49 -17.45 -5.68
N GLY B 350 -10.53 -18.37 -5.62
CA GLY B 350 -10.34 -19.19 -4.45
C GLY B 350 -11.11 -20.49 -4.46
N ALA B 351 -11.79 -20.81 -5.56
CA ALA B 351 -12.59 -22.01 -5.72
C ALA B 351 -11.71 -23.23 -6.00
N ASN B 352 -12.30 -24.41 -5.77
CA ASN B 352 -11.76 -25.67 -6.24
C ASN B 352 -12.77 -26.46 -7.07
N PHE B 353 -13.89 -25.86 -7.43
CA PHE B 353 -14.93 -26.61 -8.10
C PHE B 353 -15.56 -25.78 -9.20
N VAL B 354 -15.78 -26.39 -10.35
CA VAL B 354 -16.48 -25.74 -11.44
C VAL B 354 -17.63 -26.64 -11.85
N ARG B 355 -18.73 -26.04 -12.20
CA ARG B 355 -19.88 -26.77 -12.69
C ARG B 355 -20.05 -26.47 -14.18
N ILE B 356 -19.55 -27.40 -15.00
CA ILE B 356 -19.80 -27.46 -16.44
C ILE B 356 -21.27 -27.76 -16.70
N SER B 357 -22.05 -26.70 -16.92
CA SER B 357 -23.48 -26.82 -17.14
C SER B 357 -23.89 -25.70 -18.08
N HIS B 358 -25.04 -25.86 -18.74
CA HIS B 358 -25.87 -27.07 -18.68
C HIS B 358 -25.54 -28.03 -19.77
N TYR B 359 -24.32 -27.96 -20.28
CA TYR B 359 -23.94 -28.71 -21.46
C TYR B 359 -22.44 -28.96 -21.38
N PRO B 360 -21.94 -30.03 -21.99
CA PRO B 360 -20.50 -30.30 -21.93
C PRO B 360 -19.73 -29.32 -22.82
N GLN B 361 -18.53 -28.97 -22.38
CA GLN B 361 -17.86 -27.85 -23.02
C GLN B 361 -16.55 -28.28 -23.67
N ASP B 362 -15.77 -27.28 -24.08
CA ASP B 362 -14.63 -27.47 -24.95
C ASP B 362 -13.57 -28.40 -24.33
N PRO B 363 -12.84 -29.16 -25.17
CA PRO B 363 -11.56 -29.75 -24.74
C PRO B 363 -10.74 -28.87 -23.79
N GLU B 364 -10.57 -27.59 -24.13
CA GLU B 364 -9.72 -26.69 -23.36
C GLU B 364 -10.30 -26.31 -22.00
N ILE B 365 -11.61 -26.45 -21.80
CA ILE B 365 -12.14 -26.22 -20.47
C ILE B 365 -11.68 -27.29 -19.48
N TYR B 366 -11.28 -28.48 -19.96
CA TYR B 366 -10.91 -29.61 -19.10
C TYR B 366 -9.41 -29.70 -18.84
N ARG B 367 -8.61 -29.63 -19.90
CA ARG B 367 -7.18 -29.34 -19.78
C ARG B 367 -6.97 -28.28 -18.72
N ALA B 368 -7.69 -27.15 -18.87
CA ALA B 368 -7.62 -26.04 -17.93
C ALA B 368 -7.86 -26.51 -16.50
N CYS B 369 -8.93 -27.27 -16.30
CA CYS B 369 -9.43 -27.61 -14.97
C CYS B 369 -8.54 -28.59 -14.23
N ASP B 370 -7.64 -29.31 -14.92
CA ASP B 370 -6.73 -30.16 -14.18
C ASP B 370 -5.28 -29.70 -14.27
N GLU B 371 -5.00 -28.67 -15.05
CA GLU B 371 -3.69 -28.06 -14.88
C GLU B 371 -3.71 -27.09 -13.70
N LEU B 372 -4.77 -26.29 -13.60
CA LEU B 372 -4.87 -25.31 -12.53
C LEU B 372 -5.28 -25.95 -11.21
N GLY B 373 -6.26 -26.86 -11.24
CA GLY B 373 -6.70 -27.54 -10.05
C GLY B 373 -8.13 -27.22 -9.66
N LEU B 374 -9.10 -27.73 -10.40
CA LEU B 374 -10.52 -27.56 -10.10
C LEU B 374 -11.22 -28.88 -10.34
N ILE B 375 -12.09 -29.27 -9.41
CA ILE B 375 -12.88 -30.48 -9.59
C ILE B 375 -14.10 -30.15 -10.46
N VAL B 376 -14.50 -31.10 -11.31
CA VAL B 376 -15.45 -30.84 -12.38
C VAL B 376 -16.72 -31.64 -12.18
N TRP B 377 -17.86 -31.00 -12.36
CA TRP B 377 -19.19 -31.61 -12.48
C TRP B 377 -19.66 -31.36 -13.91
N SER B 378 -19.58 -32.37 -14.74
CA SER B 378 -20.00 -32.21 -16.12
C SER B 378 -21.38 -32.84 -16.37
N GLU B 379 -22.20 -32.13 -17.15
CA GLU B 379 -23.61 -32.44 -17.42
C GLU B 379 -23.86 -32.53 -18.91
N ILE B 380 -24.79 -33.40 -19.29
CA ILE B 380 -25.40 -33.22 -20.60
C ILE B 380 -26.65 -32.41 -20.33
N CYS B 381 -27.43 -32.14 -21.35
CA CYS B 381 -28.37 -31.03 -21.23
C CYS B 381 -29.81 -31.49 -21.17
N VAL B 382 -30.15 -32.40 -20.27
CA VAL B 382 -31.56 -32.83 -20.14
C VAL B 382 -32.19 -31.84 -19.16
N VAL B 383 -32.56 -30.67 -19.67
CA VAL B 383 -33.14 -29.59 -18.88
C VAL B 383 -34.65 -29.64 -19.01
N ASN B 384 -35.34 -29.53 -17.86
CA ASN B 384 -36.74 -29.08 -17.77
C ASN B 384 -37.79 -30.15 -18.02
N GLU B 385 -37.70 -30.86 -19.15
CA GLU B 385 -38.66 -31.92 -19.40
C GLU B 385 -38.03 -33.02 -20.23
N VAL B 386 -38.60 -34.21 -20.11
CA VAL B 386 -38.22 -35.39 -20.88
C VAL B 386 -39.40 -35.71 -21.78
N ARG B 387 -39.27 -35.43 -23.07
CA ARG B 387 -40.34 -35.80 -24.00
C ARG B 387 -40.54 -37.31 -24.04
N LYS B 388 -41.76 -37.74 -24.30
CA LYS B 388 -42.13 -39.13 -24.01
C LYS B 388 -41.94 -40.07 -25.19
N ASN B 389 -41.35 -39.63 -26.29
CA ASN B 389 -41.12 -40.52 -27.42
C ASN B 389 -39.83 -41.30 -27.26
N THR B 390 -39.57 -42.18 -28.21
CA THR B 390 -38.49 -43.15 -28.08
C THR B 390 -37.18 -42.67 -28.65
N ALA B 391 -37.22 -41.87 -29.73
CA ALA B 391 -36.01 -41.29 -30.29
C ALA B 391 -35.31 -40.39 -29.27
N PHE B 392 -36.09 -39.77 -28.38
CA PHE B 392 -35.53 -38.78 -27.46
C PHE B 392 -34.64 -39.45 -26.42
N ALA B 393 -35.16 -40.49 -25.77
CA ALA B 393 -34.33 -41.24 -24.85
C ALA B 393 -33.13 -41.85 -25.56
N HIS B 394 -33.26 -42.19 -26.85
CA HIS B 394 -32.10 -42.69 -27.57
C HIS B 394 -30.99 -41.65 -27.58
N ASN B 395 -31.32 -40.43 -27.96
CA ASN B 395 -30.27 -39.45 -28.19
C ASN B 395 -29.64 -38.92 -26.90
N CYS B 396 -30.37 -38.95 -25.80
CA CYS B 396 -29.77 -38.67 -24.52
C CYS B 396 -28.66 -39.68 -24.23
N LYS B 397 -29.00 -40.96 -24.30
CA LYS B 397 -28.04 -42.02 -24.03
C LYS B 397 -26.78 -41.86 -24.89
N GLU B 398 -26.94 -41.57 -26.17
CA GLU B 398 -25.76 -41.44 -27.00
C GLU B 398 -25.05 -40.11 -26.80
N MET B 399 -25.71 -39.10 -26.19
CA MET B 399 -24.98 -37.89 -25.80
C MET B 399 -24.15 -38.13 -24.54
N LEU B 400 -24.73 -38.90 -23.60
CA LEU B 400 -24.02 -39.34 -22.41
C LEU B 400 -22.72 -40.05 -22.76
N LYS B 401 -22.79 -41.06 -23.63
CA LYS B 401 -21.59 -41.79 -24.00
C LYS B 401 -20.57 -40.87 -24.64
N GLU B 402 -21.01 -39.99 -25.54
CA GLU B 402 -20.11 -39.02 -26.17
C GLU B 402 -19.33 -38.23 -25.13
N MET B 403 -20.04 -37.63 -24.16
CA MET B 403 -19.35 -36.80 -23.16
C MET B 403 -18.38 -37.60 -22.33
N ILE B 404 -18.84 -38.74 -21.79
CA ILE B 404 -17.99 -39.60 -20.99
C ILE B 404 -16.76 -40.01 -21.79
N LEU B 405 -16.98 -40.58 -22.98
CA LEU B 405 -15.84 -41.10 -23.74
C LEU B 405 -14.97 -39.99 -24.35
N GLN B 406 -15.41 -38.75 -24.41
CA GLN B 406 -14.56 -37.74 -25.04
C GLN B 406 -13.67 -37.04 -24.04
N ASN B 407 -14.12 -36.92 -22.79
CA ASN B 407 -13.32 -36.36 -21.70
C ASN B 407 -13.08 -37.40 -20.61
N TYR B 408 -12.51 -38.54 -20.97
CA TYR B 408 -12.58 -39.72 -20.12
C TYR B 408 -11.41 -39.85 -19.15
N ASN B 409 -10.27 -39.21 -19.43
CA ASN B 409 -9.07 -39.33 -18.60
C ASN B 409 -8.74 -38.10 -17.76
N HIS B 410 -9.46 -36.99 -17.95
CA HIS B 410 -9.27 -35.78 -17.15
C HIS B 410 -9.47 -36.09 -15.68
N PRO B 411 -8.45 -35.94 -14.83
CA PRO B 411 -8.62 -36.22 -13.39
C PRO B 411 -9.45 -35.18 -12.69
N SER B 412 -9.56 -33.99 -13.28
CA SER B 412 -10.39 -32.93 -12.73
C SER B 412 -11.86 -33.28 -12.74
N VAL B 413 -12.28 -34.20 -13.60
CA VAL B 413 -13.69 -34.60 -13.67
C VAL B 413 -13.96 -35.61 -12.56
N VAL B 414 -14.95 -35.33 -11.71
CA VAL B 414 -15.25 -36.24 -10.62
C VAL B 414 -16.72 -36.70 -10.63
N LEU B 415 -17.62 -35.89 -11.18
CA LEU B 415 -19.03 -36.24 -11.24
C LEU B 415 -19.53 -36.10 -12.67
N TRP B 416 -20.40 -37.02 -13.08
CA TRP B 416 -21.15 -36.89 -14.33
C TRP B 416 -22.60 -36.63 -13.99
N GLY B 417 -23.16 -35.54 -14.54
CA GLY B 417 -24.57 -35.25 -14.44
C GLY B 417 -25.27 -35.38 -15.79
N ALA B 418 -26.61 -35.35 -15.74
CA ALA B 418 -27.35 -35.44 -16.99
C ALA B 418 -28.62 -34.59 -16.96
N MET B 419 -29.39 -34.63 -15.87
CA MET B 419 -30.69 -33.99 -15.82
C MET B 419 -30.67 -32.81 -14.86
N ASN B 420 -31.39 -31.75 -15.23
CA ASN B 420 -31.45 -30.49 -14.48
C ASN B 420 -32.89 -29.98 -14.44
N GLU B 421 -33.39 -29.76 -13.22
CA GLU B 421 -34.65 -29.08 -12.96
C GLU B 421 -35.80 -29.65 -13.77
N LEU B 422 -35.95 -30.98 -13.72
CA LEU B 422 -37.14 -31.60 -14.30
C LEU B 422 -38.40 -31.14 -13.57
N TRP B 423 -39.47 -30.92 -14.34
CA TRP B 423 -40.76 -30.44 -13.81
C TRP B 423 -41.87 -31.50 -13.87
N ASP B 424 -41.51 -32.75 -14.20
CA ASP B 424 -42.47 -33.83 -14.33
C ASP B 424 -41.74 -35.16 -14.42
N TYR B 425 -41.42 -35.77 -13.28
CA TYR B 425 -40.76 -37.07 -13.26
C TYR B 425 -41.79 -38.16 -13.54
N HIS B 426 -42.27 -38.15 -14.78
CA HIS B 426 -43.23 -39.12 -15.25
C HIS B 426 -42.53 -40.43 -15.63
N LYS B 427 -43.33 -41.46 -15.93
CA LYS B 427 -42.81 -42.81 -16.11
C LYS B 427 -41.69 -42.84 -17.15
N GLN B 428 -41.90 -42.15 -18.27
CA GLN B 428 -40.85 -42.08 -19.28
C GLN B 428 -39.58 -41.47 -18.72
N ALA B 429 -39.69 -40.47 -17.82
CA ALA B 429 -38.52 -39.74 -17.29
C ALA B 429 -37.83 -40.47 -16.14
N ILE B 430 -38.59 -41.00 -15.18
CA ILE B 430 -37.98 -41.81 -14.13
C ILE B 430 -37.17 -42.93 -14.76
N ALA B 431 -37.70 -43.53 -15.83
CA ALA B 431 -37.00 -44.63 -16.48
C ALA B 431 -35.69 -44.18 -17.11
N LEU B 432 -35.69 -43.00 -17.73
CA LEU B 432 -34.49 -42.53 -18.39
C LEU B 432 -33.41 -42.17 -17.36
N ALA B 433 -33.79 -41.54 -16.25
CA ALA B 433 -32.81 -41.20 -15.22
C ALA B 433 -32.11 -42.45 -14.72
N ARG B 434 -32.87 -43.54 -14.54
CA ARG B 434 -32.29 -44.82 -14.18
C ARG B 434 -31.40 -45.32 -15.30
N GLU B 435 -31.94 -45.39 -16.52
CA GLU B 435 -31.14 -45.90 -17.62
C GLU B 435 -29.85 -45.09 -17.81
N LEU B 436 -29.88 -43.76 -17.55
CA LEU B 436 -28.64 -42.97 -17.64
C LEU B 436 -27.72 -43.27 -16.48
N GLU B 437 -28.27 -43.36 -15.26
CA GLU B 437 -27.48 -43.73 -14.10
C GLU B 437 -26.66 -45.01 -14.31
N ALA B 438 -27.23 -46.01 -15.00
CA ALA B 438 -26.49 -47.25 -15.18
C ALA B 438 -25.43 -47.12 -16.25
N LEU B 439 -25.67 -46.26 -17.24
CA LEU B 439 -24.75 -46.12 -18.36
C LEU B 439 -23.50 -45.35 -17.97
N LYS B 440 -23.60 -44.46 -16.98
CA LYS B 440 -22.42 -43.88 -16.35
C LYS B 440 -21.57 -44.94 -15.67
N LYS B 441 -22.15 -45.63 -14.69
CA LYS B 441 -21.39 -46.63 -13.94
C LYS B 441 -20.92 -47.79 -14.82
N GLU B 442 -21.52 -47.95 -16.00
CA GLU B 442 -21.00 -48.92 -16.95
C GLU B 442 -19.74 -48.41 -17.63
N LEU B 443 -19.83 -47.28 -18.34
CA LEU B 443 -18.68 -46.74 -19.04
C LEU B 443 -17.58 -46.30 -18.07
N ASP B 444 -17.95 -45.81 -16.88
CA ASP B 444 -17.01 -45.27 -15.91
C ASP B 444 -17.53 -45.63 -14.54
N PRO B 445 -17.19 -46.81 -14.04
CA PRO B 445 -17.64 -47.20 -12.69
C PRO B 445 -16.95 -46.43 -11.59
N TYR B 446 -15.84 -45.76 -11.89
CA TYR B 446 -14.95 -45.16 -10.91
C TYR B 446 -15.13 -43.64 -10.80
N ARG B 447 -16.29 -43.12 -11.20
CA ARG B 447 -16.62 -41.72 -11.01
C ARG B 447 -18.03 -41.61 -10.47
N LEU B 448 -18.33 -40.46 -9.85
CA LEU B 448 -19.63 -40.20 -9.23
C LEU B 448 -20.66 -39.73 -10.27
N SER B 449 -21.94 -39.76 -9.86
CA SER B 449 -23.06 -39.27 -10.65
C SER B 449 -23.83 -38.22 -9.86
N CYS B 450 -24.54 -37.34 -10.57
CA CYS B 450 -25.26 -36.28 -9.89
C CYS B 450 -26.48 -35.88 -10.68
N VAL B 451 -27.28 -35.02 -10.05
CA VAL B 451 -28.59 -34.62 -10.55
C VAL B 451 -28.87 -33.26 -9.95
N ALA B 452 -29.61 -32.44 -10.70
CA ALA B 452 -30.01 -31.12 -10.22
C ALA B 452 -31.52 -31.02 -10.21
N PHE B 453 -32.06 -30.70 -9.03
CA PHE B 453 -33.46 -30.43 -8.84
C PHE B 453 -33.64 -28.94 -8.59
N HIS B 454 -34.79 -28.43 -9.01
CA HIS B 454 -35.20 -27.13 -8.53
C HIS B 454 -35.57 -27.24 -7.05
N ALA B 455 -36.00 -26.12 -6.46
CA ALA B 455 -36.43 -26.06 -5.06
C ALA B 455 -37.83 -25.46 -4.93
N PHE B 456 -38.68 -25.69 -5.94
CA PHE B 456 -40.08 -25.27 -5.88
C PHE B 456 -40.88 -26.43 -5.29
N THR B 457 -40.82 -26.56 -3.95
CA THR B 457 -41.44 -27.72 -3.32
C THR B 457 -42.96 -27.80 -3.52
N TRP B 458 -43.59 -26.77 -4.10
CA TRP B 458 -45.00 -26.79 -4.43
C TRP B 458 -45.27 -27.28 -5.85
N GLU B 459 -44.30 -27.98 -6.47
CA GLU B 459 -44.47 -28.53 -7.81
C GLU B 459 -43.87 -29.93 -7.86
N LYS B 460 -44.07 -30.60 -9.00
CA LYS B 460 -43.42 -31.88 -9.21
C LYS B 460 -41.92 -31.66 -9.32
N PRO B 461 -41.10 -32.58 -8.80
CA PRO B 461 -41.53 -33.85 -8.18
C PRO B 461 -41.85 -33.79 -6.69
N TYR B 462 -41.72 -32.63 -6.06
CA TYR B 462 -41.98 -32.66 -4.62
C TYR B 462 -43.45 -32.84 -4.27
N THR B 463 -44.31 -33.09 -5.24
CA THR B 463 -45.74 -33.28 -5.02
C THR B 463 -46.21 -34.62 -5.52
N GLN B 464 -45.33 -35.41 -6.16
CA GLN B 464 -45.71 -36.63 -6.80
C GLN B 464 -45.90 -37.76 -5.80
N SER B 465 -46.38 -38.89 -6.32
CA SER B 465 -46.70 -40.06 -5.51
C SER B 465 -45.51 -40.52 -4.66
N SER B 466 -44.30 -40.48 -5.22
CA SER B 466 -43.15 -41.16 -4.65
C SER B 466 -41.92 -40.26 -4.66
N LYS B 467 -40.97 -40.60 -3.78
CA LYS B 467 -39.67 -39.95 -3.73
C LYS B 467 -38.55 -40.80 -4.37
N GLU B 468 -38.89 -41.86 -5.10
CA GLU B 468 -37.89 -42.76 -5.68
C GLU B 468 -36.92 -42.05 -6.63
N MET B 469 -37.27 -40.88 -7.16
CA MET B 469 -36.37 -40.13 -8.05
C MET B 469 -35.29 -39.35 -7.30
N PHE B 470 -35.33 -39.37 -5.97
CA PHE B 470 -34.26 -38.85 -5.13
C PHE B 470 -33.32 -39.95 -4.66
N SER B 471 -33.39 -41.16 -5.24
CA SER B 471 -32.56 -42.30 -4.83
C SER B 471 -31.73 -42.89 -5.96
N ILE B 472 -31.47 -42.11 -7.03
CA ILE B 472 -30.90 -42.63 -8.27
C ILE B 472 -29.43 -42.22 -8.44
N SER B 473 -29.15 -40.92 -8.54
CA SER B 473 -27.76 -40.46 -8.60
C SER B 473 -27.06 -40.54 -7.24
N ASP B 474 -25.73 -40.59 -7.30
CA ASP B 474 -24.94 -40.70 -6.08
C ASP B 474 -25.00 -39.43 -5.25
N VAL B 475 -25.22 -38.27 -5.90
CA VAL B 475 -25.28 -36.96 -5.26
C VAL B 475 -26.47 -36.20 -5.81
N ASN B 476 -27.35 -35.74 -4.93
CA ASN B 476 -28.54 -35.01 -5.30
C ASN B 476 -28.26 -33.53 -5.08
N GLY B 477 -28.16 -32.76 -6.19
CA GLY B 477 -28.00 -31.32 -6.09
C GLY B 477 -29.32 -30.59 -6.13
N VAL B 478 -29.33 -29.36 -5.60
CA VAL B 478 -30.54 -28.55 -5.58
C VAL B 478 -30.22 -27.08 -5.88
N ASN B 479 -31.07 -26.45 -6.71
CA ASN B 479 -30.97 -25.04 -7.04
C ASN B 479 -31.97 -24.25 -6.21
N VAL B 480 -31.48 -23.37 -5.35
CA VAL B 480 -32.33 -22.64 -4.42
C VAL B 480 -32.18 -21.14 -4.63
N TYR B 481 -33.33 -20.43 -4.72
CA TYR B 481 -33.37 -18.98 -4.90
C TYR B 481 -34.37 -18.34 -3.95
N GLU B 482 -34.59 -18.93 -2.78
CA GLU B 482 -35.35 -18.22 -1.76
C GLU B 482 -34.65 -16.90 -1.49
N SER B 483 -35.46 -15.87 -1.18
CA SER B 483 -34.97 -14.51 -0.98
C SER B 483 -34.70 -13.82 -2.31
N TRP B 484 -35.22 -14.35 -3.43
CA TRP B 484 -35.01 -13.80 -4.77
C TRP B 484 -36.25 -13.94 -5.67
N TYR B 485 -36.43 -15.11 -6.31
CA TYR B 485 -37.64 -15.33 -7.11
C TYR B 485 -38.87 -15.46 -6.21
N GLN B 486 -38.69 -15.88 -4.95
CA GLN B 486 -39.75 -15.93 -3.96
C GLN B 486 -39.13 -16.09 -2.57
N GLY B 487 -39.97 -15.88 -1.54
CA GLY B 487 -39.50 -15.96 -0.16
C GLY B 487 -38.71 -14.73 0.23
N ASP B 488 -38.07 -14.79 1.40
CA ASP B 488 -37.34 -13.63 1.85
C ASP B 488 -36.17 -14.04 2.74
N SER B 489 -35.63 -13.05 3.45
CA SER B 489 -34.43 -13.13 4.27
C SER B 489 -34.38 -14.38 5.13
N ALA B 490 -35.54 -15.03 5.34
CA ALA B 490 -35.70 -16.07 6.35
C ALA B 490 -36.30 -17.39 5.85
N THR B 491 -36.82 -17.46 4.65
CA THR B 491 -37.29 -18.74 4.14
C THR B 491 -36.16 -19.59 3.58
N ILE B 492 -34.91 -19.13 3.70
CA ILE B 492 -33.74 -19.82 3.15
C ILE B 492 -33.50 -21.13 3.90
N ALA B 493 -32.96 -21.03 5.12
CA ALA B 493 -32.58 -22.22 5.90
C ALA B 493 -33.67 -23.28 6.02
N PRO B 494 -34.92 -22.95 6.33
CA PRO B 494 -35.99 -23.96 6.19
C PRO B 494 -35.96 -24.75 4.88
N MET B 495 -35.68 -24.09 3.75
CA MET B 495 -35.69 -24.81 2.49
C MET B 495 -34.51 -25.77 2.40
N PHE B 496 -33.36 -25.41 2.98
CA PHE B 496 -32.26 -26.37 3.06
C PHE B 496 -32.66 -27.59 3.86
N ASP B 497 -33.46 -27.38 4.91
CA ASP B 497 -33.97 -28.50 5.70
C ASP B 497 -34.91 -29.36 4.87
N LYS B 498 -35.82 -28.72 4.13
CA LYS B 498 -36.85 -29.46 3.41
C LYS B 498 -36.24 -30.38 2.35
N PHE B 499 -35.18 -29.91 1.69
CA PHE B 499 -34.59 -30.71 0.62
C PHE B 499 -33.99 -32.00 1.16
N CYS B 500 -33.53 -31.97 2.42
CA CYS B 500 -33.06 -33.17 3.09
C CYS B 500 -34.20 -34.14 3.34
N SER B 501 -35.40 -33.62 3.62
CA SER B 501 -36.56 -34.48 3.78
C SER B 501 -36.87 -35.31 2.54
N TYR B 502 -36.42 -34.88 1.36
CA TYR B 502 -36.62 -35.71 0.17
C TYR B 502 -35.39 -36.49 -0.22
N SER B 503 -34.20 -35.95 -0.01
CA SER B 503 -32.95 -36.65 -0.25
C SER B 503 -32.44 -37.23 1.07
N THR B 504 -33.26 -38.12 1.61
CA THR B 504 -32.93 -38.77 2.88
C THR B 504 -31.84 -39.82 2.71
N ALA B 505 -31.55 -40.24 1.48
CA ALA B 505 -30.56 -41.27 1.19
C ALA B 505 -29.22 -40.66 0.80
N LYS B 506 -29.18 -39.94 -0.31
CA LYS B 506 -27.95 -39.46 -0.91
C LYS B 506 -27.41 -38.21 -0.19
N PRO B 507 -26.13 -37.91 -0.35
CA PRO B 507 -25.63 -36.60 0.07
C PRO B 507 -26.20 -35.46 -0.76
N ARG B 508 -26.36 -34.30 -0.12
CA ARG B 508 -27.00 -33.15 -0.70
C ARG B 508 -25.95 -32.25 -1.34
N PHE B 509 -26.36 -31.52 -2.38
CA PHE B 509 -25.47 -30.56 -3.00
C PHE B 509 -26.25 -29.32 -3.41
N LEU B 510 -25.62 -28.14 -3.31
CA LEU B 510 -26.20 -26.86 -3.74
C LEU B 510 -25.66 -26.48 -5.12
N SER B 511 -26.40 -26.85 -6.18
CA SER B 511 -25.95 -26.79 -7.57
C SER B 511 -25.96 -25.37 -8.13
N GLU B 512 -26.94 -24.58 -7.72
CA GLU B 512 -27.09 -23.22 -8.14
C GLU B 512 -27.56 -22.41 -6.96
N PHE B 513 -26.97 -21.24 -6.78
CA PHE B 513 -27.62 -20.17 -6.05
C PHE B 513 -27.07 -18.88 -6.63
N GLY B 514 -27.82 -17.79 -6.45
CA GLY B 514 -27.42 -16.56 -7.11
C GLY B 514 -28.49 -15.50 -7.15
N ALA B 515 -28.06 -14.25 -7.16
CA ALA B 515 -28.91 -13.09 -7.28
C ALA B 515 -28.27 -12.19 -8.32
N GLY B 516 -29.11 -11.44 -9.06
CA GLY B 516 -28.63 -10.59 -10.15
C GLY B 516 -28.25 -9.17 -9.74
N SER B 517 -27.31 -8.58 -10.48
CA SER B 517 -26.78 -7.27 -10.13
C SER B 517 -26.41 -6.45 -11.36
N ASP B 518 -26.67 -5.14 -11.26
CA ASP B 518 -26.25 -4.11 -12.21
C ASP B 518 -25.27 -3.16 -11.52
N GLU B 519 -24.10 -2.98 -12.12
CA GLU B 519 -23.12 -2.08 -11.51
C GLU B 519 -23.54 -0.61 -11.56
N ARG B 520 -24.58 -0.26 -12.32
CA ARG B 520 -25.12 1.10 -12.33
C ARG B 520 -26.09 1.41 -11.18
N ILE B 521 -26.58 0.40 -10.46
CA ILE B 521 -27.63 0.60 -9.48
C ILE B 521 -27.08 0.28 -8.10
N HIS B 522 -27.28 1.20 -7.15
CA HIS B 522 -26.68 1.06 -5.83
C HIS B 522 -27.62 1.59 -4.75
N SER B 523 -27.70 0.85 -3.63
CA SER B 523 -28.60 1.18 -2.53
C SER B 523 -27.88 1.16 -1.20
N TYR B 524 -28.29 2.07 -0.31
CA TYR B 524 -27.84 1.97 1.07
C TYR B 524 -28.73 1.07 1.91
N THR B 525 -29.87 0.65 1.37
CA THR B 525 -30.74 -0.34 2.00
C THR B 525 -31.26 -1.29 0.95
N PRO B 526 -30.46 -2.31 0.59
CA PRO B 526 -30.87 -3.26 -0.44
C PRO B 526 -32.21 -3.95 -0.15
N ARG B 527 -33.03 -4.04 -1.19
CA ARG B 527 -34.25 -4.83 -1.26
C ARG B 527 -34.00 -6.00 -2.20
N THR B 528 -34.95 -6.95 -2.22
CA THR B 528 -34.96 -7.94 -3.29
C THR B 528 -35.33 -7.29 -4.62
N PHE B 529 -34.61 -7.68 -5.68
CA PHE B 529 -34.96 -7.33 -7.05
C PHE B 529 -34.80 -5.84 -7.30
N ASP B 530 -33.92 -5.19 -6.56
CA ASP B 530 -33.47 -3.87 -6.97
C ASP B 530 -32.29 -3.97 -7.92
N PHE B 531 -31.67 -5.14 -7.97
CA PHE B 531 -30.55 -5.48 -8.85
C PHE B 531 -29.29 -4.72 -8.49
N THR B 532 -29.21 -4.20 -7.30
CA THR B 532 -27.94 -3.66 -6.82
C THR B 532 -27.00 -4.79 -6.44
N PRO B 533 -25.69 -4.55 -6.47
CA PRO B 533 -24.77 -5.53 -5.88
C PRO B 533 -24.87 -5.57 -4.38
N GLU B 534 -25.42 -4.52 -3.77
CA GLU B 534 -25.51 -4.48 -2.32
C GLU B 534 -26.51 -5.50 -1.82
N PHE B 535 -27.53 -5.82 -2.63
CA PHE B 535 -28.35 -6.99 -2.32
C PHE B 535 -27.61 -8.29 -2.62
N GLN B 536 -26.98 -8.37 -3.79
CA GLN B 536 -26.29 -9.60 -4.17
C GLN B 536 -25.26 -10.00 -3.12
N LEU B 537 -24.41 -9.05 -2.71
CA LEU B 537 -23.51 -9.32 -1.59
C LEU B 537 -24.27 -9.89 -0.40
N ASP B 538 -25.32 -9.19 0.04
CA ASP B 538 -26.09 -9.66 1.17
C ASP B 538 -26.45 -11.12 1.02
N PHE B 539 -27.01 -11.48 -0.14
CA PHE B 539 -27.59 -12.81 -0.33
C PHE B 539 -26.51 -13.90 -0.28
N ASN B 540 -25.34 -13.64 -0.85
CA ASN B 540 -24.26 -14.62 -0.76
C ASN B 540 -23.76 -14.81 0.67
N ARG B 541 -23.80 -13.76 1.48
CA ARG B 541 -23.52 -13.92 2.91
C ARG B 541 -24.44 -14.97 3.52
N ARG B 542 -25.74 -14.82 3.34
CA ARG B 542 -26.65 -15.76 3.98
C ARG B 542 -26.50 -17.16 3.42
N TYR B 543 -26.25 -17.30 2.11
CA TYR B 543 -26.14 -18.65 1.58
C TYR B 543 -24.85 -19.31 2.04
N ILE B 544 -23.74 -18.56 2.05
CA ILE B 544 -22.44 -19.16 2.34
C ILE B 544 -22.28 -19.44 3.83
N ASN B 545 -22.87 -18.61 4.68
CA ASN B 545 -22.86 -18.93 6.11
C ASN B 545 -23.67 -20.19 6.40
N GLU B 546 -24.77 -20.42 5.68
CA GLU B 546 -25.54 -21.64 5.90
C GLU B 546 -24.82 -22.86 5.37
N MET B 547 -24.17 -22.76 4.20
CA MET B 547 -23.48 -23.92 3.68
C MET B 547 -22.23 -24.26 4.48
N GLU B 548 -21.55 -23.29 5.07
CA GLU B 548 -20.32 -23.67 5.74
C GLU B 548 -20.58 -24.39 7.06
N LYS B 549 -21.81 -24.40 7.55
CA LYS B 549 -22.16 -25.15 8.75
C LYS B 549 -23.08 -26.34 8.45
N ARG B 550 -22.98 -26.93 7.26
CA ARG B 550 -23.87 -28.03 6.84
C ARG B 550 -23.07 -29.10 6.12
N PRO B 551 -22.57 -30.10 6.85
CA PRO B 551 -21.70 -31.08 6.19
C PRO B 551 -22.47 -32.03 5.28
N ASP B 552 -23.76 -32.27 5.57
CA ASP B 552 -24.58 -33.10 4.68
C ASP B 552 -24.73 -32.50 3.28
N TYR B 553 -24.40 -31.21 3.11
CA TYR B 553 -24.29 -30.58 1.80
C TYR B 553 -22.82 -30.59 1.44
N ILE B 554 -22.42 -31.52 0.56
CA ILE B 554 -20.99 -31.75 0.39
C ILE B 554 -20.32 -30.62 -0.38
N GLY B 555 -21.11 -29.80 -1.05
CA GLY B 555 -20.59 -28.65 -1.74
C GLY B 555 -21.69 -27.77 -2.25
N TYR B 556 -21.31 -26.56 -2.62
CA TYR B 556 -22.24 -25.58 -3.15
C TYR B 556 -21.55 -24.87 -4.32
N SER B 557 -22.36 -24.25 -5.17
CA SER B 557 -21.87 -23.71 -6.44
C SER B 557 -22.62 -22.43 -6.74
N ILE B 558 -21.90 -21.31 -6.78
CA ILE B 558 -22.45 -20.07 -7.27
C ILE B 558 -23.01 -20.26 -8.68
N TRP B 559 -24.12 -19.57 -8.96
CA TRP B 559 -24.66 -19.41 -10.32
C TRP B 559 -24.76 -17.91 -10.62
N ASN B 560 -23.95 -17.41 -11.55
CA ASN B 560 -23.04 -18.15 -12.41
C ASN B 560 -21.68 -17.42 -12.37
N LEU B 561 -20.59 -18.01 -12.86
CA LEU B 561 -19.32 -17.26 -12.84
C LEU B 561 -19.43 -15.99 -13.69
N VAL B 562 -19.98 -16.12 -14.89
CA VAL B 562 -20.13 -15.01 -15.83
C VAL B 562 -21.60 -14.64 -15.94
N ASP B 563 -21.86 -13.37 -16.26
CA ASP B 563 -23.16 -13.00 -16.82
C ASP B 563 -23.27 -13.53 -18.23
N PHE B 564 -24.47 -13.95 -18.62
CA PHE B 564 -24.62 -14.63 -19.89
C PHE B 564 -25.86 -14.15 -20.62
N GLN B 565 -25.83 -14.37 -21.94
CA GLN B 565 -26.82 -13.90 -22.90
C GLN B 565 -27.91 -14.95 -23.10
N VAL B 566 -29.16 -14.56 -22.83
CA VAL B 566 -30.34 -15.42 -22.95
C VAL B 566 -31.45 -14.55 -23.54
N ASP B 567 -31.84 -14.81 -24.77
CA ASP B 567 -32.93 -14.00 -25.29
C ASP B 567 -34.16 -14.23 -24.44
N GLY B 568 -34.82 -13.12 -24.07
CA GLY B 568 -36.10 -13.14 -23.40
C GLY B 568 -36.07 -12.52 -22.02
N ARG B 569 -34.94 -12.58 -21.35
CA ARG B 569 -34.82 -12.01 -20.02
C ARG B 569 -34.95 -10.49 -20.10
N GLY B 570 -35.72 -9.92 -19.17
CA GLY B 570 -35.82 -8.48 -19.05
C GLY B 570 -34.96 -7.89 -17.93
N ASP B 571 -35.58 -7.08 -17.06
CA ASP B 571 -34.95 -6.49 -15.88
C ASP B 571 -34.02 -5.35 -16.26
N SER B 572 -32.92 -5.13 -15.55
CA SER B 572 -32.17 -3.90 -15.73
C SER B 572 -31.21 -3.98 -16.90
N LYS B 573 -30.68 -5.17 -17.17
CA LYS B 573 -29.94 -5.47 -18.39
C LYS B 573 -30.69 -6.60 -19.10
N PRO B 574 -31.58 -6.27 -20.03
CA PRO B 574 -32.37 -7.32 -20.69
C PRO B 574 -31.53 -8.18 -21.64
N ASN B 575 -32.10 -9.34 -21.99
CA ASN B 575 -31.44 -10.40 -22.75
C ASN B 575 -30.23 -10.96 -22.03
N LEU B 576 -30.10 -10.67 -20.74
CA LEU B 576 -28.89 -10.95 -19.98
C LEU B 576 -29.30 -11.51 -18.63
N ASN B 577 -28.73 -12.64 -18.26
CA ASN B 577 -28.85 -13.13 -16.90
C ASN B 577 -27.72 -12.49 -16.11
N GLN B 578 -28.07 -11.81 -15.02
CA GLN B 578 -27.13 -10.93 -14.36
C GLN B 578 -26.55 -11.49 -13.06
N LYS B 579 -26.65 -12.80 -12.82
CA LYS B 579 -26.27 -13.36 -11.53
C LYS B 579 -24.77 -13.60 -11.39
N GLY B 580 -23.97 -13.23 -12.40
CA GLY B 580 -22.57 -13.58 -12.39
C GLY B 580 -21.75 -12.88 -11.31
N MET B 581 -20.66 -13.53 -10.89
CA MET B 581 -19.56 -12.84 -10.23
C MET B 581 -18.79 -11.95 -11.20
N LEU B 582 -18.88 -12.24 -12.50
CA LEU B 582 -18.14 -11.53 -13.54
C LEU B 582 -19.11 -10.93 -14.56
N THR B 583 -18.71 -9.79 -15.13
CA THR B 583 -19.53 -9.26 -16.21
C THR B 583 -19.40 -10.11 -17.47
N GLU B 584 -20.25 -9.79 -18.45
CA GLU B 584 -20.26 -10.48 -19.73
C GLU B 584 -18.95 -10.31 -20.50
N ASP B 585 -18.26 -9.17 -20.33
CA ASP B 585 -16.91 -8.99 -20.85
C ASP B 585 -15.83 -9.37 -19.84
N ARG B 586 -16.22 -10.07 -18.77
CA ARG B 586 -15.32 -10.75 -17.85
C ARG B 586 -14.55 -9.77 -16.97
N ARG B 587 -15.17 -8.65 -16.64
CA ARG B 587 -14.62 -7.79 -15.61
C ARG B 587 -15.14 -8.25 -14.25
N LYS B 588 -14.26 -8.20 -13.24
CA LYS B 588 -14.61 -8.65 -11.89
C LYS B 588 -15.53 -7.65 -11.22
N LYS B 589 -16.74 -8.09 -10.85
CA LYS B 589 -17.64 -7.32 -10.01
C LYS B 589 -17.14 -7.33 -8.57
N GLU B 590 -17.86 -6.59 -7.71
CA GLU B 590 -17.54 -6.60 -6.28
C GLU B 590 -17.79 -7.97 -5.67
N ILE B 591 -18.91 -8.60 -6.05
CA ILE B 591 -19.24 -9.87 -5.46
C ILE B 591 -18.14 -10.89 -5.65
N TYR B 592 -17.34 -10.76 -6.72
CA TYR B 592 -16.16 -11.62 -6.90
C TYR B 592 -15.18 -11.47 -5.74
N TYR B 593 -14.97 -10.24 -5.28
CA TYR B 593 -13.95 -10.00 -4.26
C TYR B 593 -14.36 -10.57 -2.90
N TYR B 594 -15.67 -10.62 -2.65
CA TYR B 594 -16.19 -11.18 -1.40
C TYR B 594 -16.00 -12.69 -1.37
N CYS B 595 -16.20 -13.36 -2.52
CA CYS B 595 -15.89 -14.77 -2.60
C CYS B 595 -14.40 -15.02 -2.36
N GLN B 596 -13.54 -14.15 -2.87
CA GLN B 596 -12.13 -14.27 -2.56
C GLN B 596 -11.92 -14.30 -1.06
N ALA B 597 -12.64 -13.44 -0.34
CA ALA B 597 -12.51 -13.36 1.11
C ALA B 597 -12.88 -14.69 1.76
N ARG B 598 -13.94 -15.32 1.31
CA ARG B 598 -14.41 -16.49 2.00
C ARG B 598 -13.86 -17.81 1.46
N TRP B 599 -13.03 -17.79 0.42
CA TRP B 599 -12.57 -19.05 -0.17
C TRP B 599 -11.07 -19.12 -0.33
N SER B 600 -10.51 -18.07 -0.93
CA SER B 600 -9.10 -18.06 -1.26
C SER B 600 -8.25 -18.08 0.00
N ASP B 601 -7.12 -18.77 -0.09
CA ASP B 601 -6.05 -18.82 0.89
C ASP B 601 -4.95 -17.81 0.59
N ILE B 602 -5.06 -17.08 -0.52
CA ILE B 602 -4.13 -16.00 -0.83
C ILE B 602 -4.57 -14.77 -0.05
N PRO B 603 -3.76 -14.28 0.91
CA PRO B 603 -4.17 -13.11 1.72
C PRO B 603 -4.60 -11.91 0.89
N MET B 604 -5.71 -11.30 1.31
CA MET B 604 -6.39 -10.32 0.45
C MET B 604 -7.18 -9.34 1.30
N ILE B 605 -7.35 -8.13 0.76
CA ILE B 605 -8.11 -7.05 1.37
C ILE B 605 -8.67 -6.22 0.23
N HIS B 606 -9.88 -5.66 0.40
CA HIS B 606 -10.53 -4.96 -0.70
C HIS B 606 -11.67 -4.12 -0.17
N ILE B 607 -11.65 -2.81 -0.45
CA ILE B 607 -12.71 -1.90 -0.03
C ILE B 607 -13.86 -2.02 -1.03
N ALA B 608 -15.00 -2.52 -0.57
CA ALA B 608 -16.13 -2.65 -1.47
C ALA B 608 -16.68 -1.28 -1.84
N GLY B 609 -17.08 -1.13 -3.10
CA GLY B 609 -17.63 0.12 -3.58
C GLY B 609 -16.90 0.65 -4.79
N ALA B 610 -16.18 -0.23 -5.48
CA ALA B 610 -15.40 0.20 -6.63
C ALA B 610 -16.26 0.48 -7.85
N ASP B 611 -17.49 -0.04 -7.90
CA ASP B 611 -18.43 0.25 -8.97
C ASP B 611 -19.38 1.43 -8.63
N TRP B 612 -18.99 2.30 -7.71
CA TRP B 612 -19.85 3.30 -7.11
C TRP B 612 -18.95 4.40 -6.56
N THR B 613 -18.09 4.93 -7.43
CA THR B 613 -17.06 5.90 -7.09
C THR B 613 -17.53 7.34 -7.22
N LYS B 614 -18.53 7.61 -8.07
CA LYS B 614 -19.16 8.92 -8.16
C LYS B 614 -20.53 8.84 -7.49
N ARG B 615 -20.75 9.70 -6.49
CA ARG B 615 -21.98 9.75 -5.72
C ARG B 615 -22.51 11.18 -5.60
N VAL B 616 -23.83 11.31 -5.68
CA VAL B 616 -24.55 12.57 -5.46
C VAL B 616 -25.74 12.21 -4.59
N GLU B 617 -25.76 12.71 -3.36
CA GLU B 617 -26.81 12.32 -2.41
C GLU B 617 -27.30 13.52 -1.63
N ILE B 618 -28.63 13.61 -1.47
CA ILE B 618 -29.26 14.69 -0.72
C ILE B 618 -28.72 14.72 0.70
N CYS B 619 -27.86 15.67 1.02
CA CYS B 619 -27.37 15.82 2.40
C CYS B 619 -27.31 17.28 2.77
N ASP B 620 -28.08 17.68 3.78
CA ASP B 620 -28.09 19.06 4.23
C ASP B 620 -27.04 19.38 5.28
N ASP B 621 -26.45 18.37 5.89
CA ASP B 621 -25.41 18.54 6.87
C ASP B 621 -24.04 18.55 6.18
N SER B 622 -23.02 18.93 6.94
CA SER B 622 -21.67 18.93 6.41
C SER B 622 -21.10 17.51 6.31
N ILE B 623 -21.73 16.54 6.98
CA ILE B 623 -21.26 15.16 7.02
C ILE B 623 -22.39 14.22 6.62
N ASN B 624 -22.03 13.19 5.84
CA ASN B 624 -22.93 12.12 5.43
C ASN B 624 -22.32 10.83 5.96
N VAL B 625 -22.95 10.23 6.96
CA VAL B 625 -22.47 8.96 7.50
C VAL B 625 -23.12 7.83 6.71
N ARG B 626 -22.30 7.04 6.01
CA ARG B 626 -22.76 5.86 5.31
C ARG B 626 -21.92 4.67 5.74
N LYS B 627 -22.49 3.47 5.65
CA LYS B 627 -21.75 2.28 6.03
C LYS B 627 -21.00 1.74 4.82
N ILE B 628 -19.95 0.96 5.10
CA ILE B 628 -19.03 0.49 4.06
C ILE B 628 -18.33 -0.78 4.57
N SER B 629 -18.05 -1.68 3.65
CA SER B 629 -17.54 -3.01 4.00
C SER B 629 -16.15 -3.16 3.42
N VAL B 630 -15.22 -3.64 4.24
CA VAL B 630 -13.92 -4.08 3.75
C VAL B 630 -13.92 -5.60 3.75
N PHE B 631 -13.66 -6.20 2.59
CA PHE B 631 -13.48 -7.65 2.50
C PHE B 631 -12.04 -8.02 2.82
N SER B 632 -11.86 -9.14 3.53
CA SER B 632 -10.50 -9.65 3.76
C SER B 632 -10.54 -11.07 4.27
N ASN B 633 -9.54 -11.86 3.82
CA ASN B 633 -9.12 -13.11 4.46
C ASN B 633 -8.85 -12.90 5.92
N GLN B 634 -8.09 -11.85 6.25
CA GLN B 634 -7.36 -11.72 7.52
C GLN B 634 -8.33 -11.56 8.69
N LYS B 635 -7.76 -11.41 9.90
CA LYS B 635 -8.55 -11.29 11.12
C LYS B 635 -8.85 -9.85 11.47
N THR B 636 -8.13 -8.91 10.87
CA THR B 636 -8.15 -7.51 11.27
C THR B 636 -8.18 -6.65 10.02
N VAL B 637 -8.87 -5.53 10.09
CA VAL B 637 -8.68 -4.45 9.14
C VAL B 637 -8.71 -3.11 9.87
N GLU B 638 -7.79 -2.22 9.49
CA GLU B 638 -7.86 -0.81 9.82
C GLU B 638 -8.39 -0.04 8.63
N LEU B 639 -9.18 0.99 8.88
CA LEU B 639 -9.73 1.84 7.83
C LEU B 639 -9.46 3.30 8.16
N ILE B 640 -8.77 4.00 7.24
CA ILE B 640 -8.35 5.38 7.44
C ILE B 640 -8.98 6.26 6.37
N HIS B 641 -9.85 7.18 6.80
CA HIS B 641 -10.65 8.03 5.92
C HIS B 641 -10.01 9.41 5.94
N ASN B 642 -9.31 9.76 4.86
CA ASN B 642 -8.67 11.07 4.70
C ASN B 642 -7.73 11.37 5.87
N GLY B 643 -6.77 10.45 6.06
CA GLY B 643 -5.75 10.56 7.09
C GLY B 643 -6.18 10.30 8.51
N LYS B 644 -7.45 9.99 8.77
CA LYS B 644 -7.93 9.75 10.13
C LYS B 644 -8.40 8.31 10.28
N SER B 645 -7.91 7.65 11.32
CA SER B 645 -8.25 6.26 11.62
C SER B 645 -9.71 6.16 12.02
N LEU B 646 -10.44 5.25 11.40
CA LEU B 646 -11.75 4.92 11.89
C LEU B 646 -11.71 3.78 12.90
N GLY B 647 -10.51 3.28 13.19
CA GLY B 647 -10.31 2.23 14.16
C GLY B 647 -9.69 0.96 13.58
N VAL B 648 -9.85 -0.14 14.32
CA VAL B 648 -9.50 -1.49 13.87
C VAL B 648 -10.70 -2.38 14.16
N ARG B 649 -11.16 -3.14 13.17
CA ARG B 649 -12.36 -3.93 13.33
C ARG B 649 -12.10 -5.40 13.01
N GLU B 650 -12.68 -6.27 13.84
CA GLU B 650 -12.49 -7.72 13.70
C GLU B 650 -13.32 -8.23 12.52
N VAL B 651 -12.66 -8.91 11.58
CA VAL B 651 -13.29 -9.41 10.37
C VAL B 651 -14.21 -10.58 10.69
N VAL B 652 -15.50 -10.43 10.42
CA VAL B 652 -16.49 -11.47 10.65
C VAL B 652 -17.07 -11.92 9.32
N ASN B 653 -16.89 -13.22 9.00
CA ASN B 653 -17.48 -13.84 7.81
C ASN B 653 -17.08 -13.08 6.55
N GLY B 654 -15.83 -12.64 6.54
CA GLY B 654 -15.22 -12.07 5.38
C GLY B 654 -15.19 -10.56 5.31
N GLU B 655 -15.82 -9.84 6.26
CA GLU B 655 -15.98 -8.40 6.07
C GLU B 655 -15.99 -7.65 7.39
N ALA B 656 -15.83 -6.33 7.29
CA ALA B 656 -15.81 -5.43 8.44
C ALA B 656 -16.50 -4.13 8.04
N VAL B 657 -17.70 -3.90 8.56
CA VAL B 657 -18.48 -2.69 8.29
C VAL B 657 -17.97 -1.53 9.16
N PHE B 658 -18.03 -0.29 8.66
CA PHE B 658 -17.18 0.73 9.26
C PHE B 658 -17.80 2.09 9.59
N ALA B 659 -18.75 2.56 8.78
CA ALA B 659 -19.44 3.83 9.02
C ALA B 659 -18.56 5.05 8.78
N VAL B 660 -18.49 5.50 7.52
CA VAL B 660 -17.60 6.57 7.14
C VAL B 660 -18.31 7.91 7.35
N PRO B 661 -17.63 8.92 7.91
CA PRO B 661 -18.16 10.31 7.91
C PRO B 661 -17.82 11.04 6.62
N PHE B 662 -18.63 10.80 5.59
CA PHE B 662 -18.35 11.27 4.25
C PHE B 662 -18.55 12.78 4.13
N ILE B 663 -17.58 13.45 3.50
CA ILE B 663 -17.64 14.91 3.31
C ILE B 663 -17.89 15.24 1.83
N ASN B 664 -18.36 16.45 1.57
CA ASN B 664 -18.45 16.93 0.19
C ASN B 664 -17.05 17.06 -0.40
N GLY B 665 -16.82 16.39 -1.53
CA GLY B 665 -15.52 16.41 -2.16
C GLY B 665 -14.90 15.03 -2.17
N GLU B 666 -13.60 14.97 -2.45
CA GLU B 666 -12.92 13.69 -2.56
C GLU B 666 -12.69 13.09 -1.20
N ASN B 667 -13.27 11.90 -0.97
CA ASN B 667 -13.01 11.09 0.20
C ASN B 667 -12.06 9.97 -0.19
N LEU B 668 -10.91 9.89 0.50
CA LEU B 668 -9.95 8.83 0.31
C LEU B 668 -10.10 7.80 1.42
N LEU B 669 -10.32 6.54 1.02
CA LEU B 669 -10.46 5.40 1.93
C LEU B 669 -9.30 4.44 1.73
N ASP B 670 -8.46 4.30 2.77
CA ASP B 670 -7.37 3.34 2.80
C ASP B 670 -7.63 2.27 3.87
N ALA B 671 -7.53 1.00 3.46
CA ALA B 671 -7.77 -0.16 4.31
C ALA B 671 -6.47 -0.94 4.47
N ARG B 672 -6.11 -1.26 5.74
CA ARG B 672 -4.83 -1.86 6.05
C ARG B 672 -4.98 -3.11 6.89
N SER B 673 -4.07 -4.08 6.64
CA SER B 673 -4.03 -5.37 7.38
C SER B 673 -2.60 -5.89 7.41
N GLY B 674 -1.88 -5.55 8.47
CA GLY B 674 -0.45 -5.82 8.47
C GLY B 674 0.16 -5.35 7.16
N ALA B 675 0.46 -6.29 6.27
CA ALA B 675 1.12 -5.97 5.02
C ALA B 675 0.16 -5.62 3.88
N LEU B 676 -1.14 -5.79 4.06
CA LEU B 676 -2.09 -5.67 2.98
C LEU B 676 -2.70 -4.27 2.96
N SER B 677 -3.07 -3.83 1.75
CA SER B 677 -3.54 -2.47 1.52
C SER B 677 -4.58 -2.44 0.41
N ASP B 678 -5.55 -1.54 0.53
CA ASP B 678 -6.35 -1.16 -0.62
C ASP B 678 -6.71 0.30 -0.49
N ARG B 679 -7.03 0.90 -1.65
CA ARG B 679 -7.31 2.33 -1.74
C ARG B 679 -8.53 2.55 -2.61
N LEU B 680 -9.41 3.44 -2.17
CA LEU B 680 -10.57 3.82 -2.97
C LEU B 680 -10.91 5.28 -2.71
N LYS B 681 -10.63 6.15 -3.69
CA LYS B 681 -11.13 7.53 -3.66
C LYS B 681 -12.58 7.53 -4.13
N ILE B 682 -13.46 8.15 -3.34
CA ILE B 682 -14.88 8.23 -3.64
C ILE B 682 -15.24 9.70 -3.81
N GLN B 683 -15.75 10.07 -4.98
CA GLN B 683 -16.23 11.43 -5.17
C GLN B 683 -17.67 11.52 -4.67
N MET B 684 -17.93 12.43 -3.73
CA MET B 684 -19.28 12.63 -3.20
C MET B 684 -19.72 14.08 -3.35
N LYS B 685 -20.80 14.30 -4.10
CA LYS B 685 -21.49 15.59 -4.11
C LYS B 685 -22.62 15.54 -3.08
N LEU B 686 -22.48 16.30 -1.99
CA LEU B 686 -23.59 16.54 -1.08
C LEU B 686 -24.48 17.61 -1.69
N LEU B 687 -25.75 17.29 -1.87
CA LEU B 687 -26.70 18.19 -2.53
C LEU B 687 -27.65 18.82 -1.52
N SER B 688 -27.82 20.13 -1.61
CA SER B 688 -28.69 20.85 -0.69
C SER B 688 -30.15 20.53 -0.99
N SER B 689 -30.96 20.37 0.07
CA SER B 689 -32.39 20.14 -0.14
C SER B 689 -33.04 21.32 -0.85
N ARG B 690 -32.81 22.54 -0.36
CA ARG B 690 -33.37 23.72 -1.01
C ARG B 690 -32.75 23.87 -2.39
N LEU B 691 -33.59 24.23 -3.39
CA LEU B 691 -33.25 23.94 -4.77
C LEU B 691 -32.22 24.88 -5.39
N THR B 692 -31.80 25.95 -4.72
CA THR B 692 -30.67 26.70 -5.25
C THR B 692 -29.73 27.15 -4.12
N ASP B 693 -29.31 26.18 -3.31
CA ASP B 693 -28.08 26.30 -2.54
C ASP B 693 -26.93 25.58 -3.22
N SER B 694 -27.11 25.15 -4.47
CA SER B 694 -26.05 24.53 -5.25
C SER B 694 -26.28 24.76 -6.76
N ASP B 695 -25.21 24.53 -7.52
CA ASP B 695 -25.05 24.71 -8.97
C ASP B 695 -25.62 23.57 -9.81
N VAL B 696 -26.41 22.68 -9.21
CA VAL B 696 -26.79 21.43 -9.86
C VAL B 696 -27.71 21.69 -11.06
N LEU B 697 -28.53 22.74 -11.00
CA LEU B 697 -29.36 23.08 -12.16
C LEU B 697 -28.55 23.46 -13.38
N LEU B 698 -27.29 23.84 -13.21
CA LEU B 698 -26.49 24.29 -14.36
C LEU B 698 -26.10 23.10 -15.23
N ASP B 699 -25.75 21.98 -14.63
CA ASP B 699 -25.50 20.73 -15.36
C ASP B 699 -26.77 19.92 -15.62
N GLY B 700 -27.84 20.15 -14.85
CA GLY B 700 -29.03 19.36 -14.96
C GLY B 700 -29.27 18.53 -13.71
N LEU B 701 -30.44 18.66 -13.13
CA LEU B 701 -30.84 17.84 -11.99
C LEU B 701 -31.62 16.65 -12.50
N CYS B 702 -31.06 15.45 -12.35
CA CYS B 702 -31.70 14.23 -12.86
C CYS B 702 -32.35 13.47 -11.70
N ILE B 703 -33.67 13.27 -11.80
CA ILE B 703 -34.48 12.62 -10.78
C ILE B 703 -35.07 11.34 -11.36
N ASN B 704 -34.87 10.22 -10.65
CA ASN B 704 -35.41 8.92 -11.06
C ASN B 704 -36.76 8.71 -10.38
N LEU B 705 -37.83 9.02 -11.09
CA LEU B 705 -39.16 8.93 -10.51
C LEU B 705 -39.54 7.49 -10.25
N GLY B 706 -40.38 7.31 -9.24
CA GLY B 706 -40.80 5.98 -8.86
C GLY B 706 -39.71 5.11 -8.25
N GLN B 707 -38.50 5.63 -8.09
CA GLN B 707 -37.38 4.87 -7.54
C GLN B 707 -36.94 5.60 -6.28
N GLU B 708 -37.39 5.12 -5.12
CA GLU B 708 -37.19 5.89 -3.88
C GLU B 708 -35.98 5.44 -3.05
N HIS B 709 -35.36 4.29 -3.38
CA HIS B 709 -34.27 3.77 -2.57
C HIS B 709 -32.98 3.42 -3.31
N CYS B 710 -32.84 3.72 -4.61
CA CYS B 710 -31.60 3.42 -5.34
C CYS B 710 -31.12 4.60 -6.16
N TYR B 711 -29.84 4.58 -6.48
CA TYR B 711 -29.20 5.53 -7.38
C TYR B 711 -28.89 4.80 -8.68
N PHE B 712 -28.85 5.54 -9.78
CA PHE B 712 -28.59 4.93 -11.08
C PHE B 712 -27.68 5.84 -11.90
N ILE B 713 -26.48 5.34 -12.21
CA ILE B 713 -25.44 6.10 -12.92
C ILE B 713 -25.53 5.74 -14.39
N ASP B 714 -25.91 6.69 -15.25
CA ASP B 714 -25.83 6.48 -16.71
C ASP B 714 -24.36 6.50 -17.06
N PRO B 715 -23.73 5.36 -17.39
CA PRO B 715 -22.28 5.34 -17.53
C PRO B 715 -21.77 6.12 -18.73
N GLN B 716 -22.61 6.36 -19.72
CA GLN B 716 -22.20 7.07 -20.93
C GLN B 716 -22.05 8.58 -20.71
N LEU B 717 -22.87 9.15 -19.83
CA LEU B 717 -22.86 10.56 -19.51
C LEU B 717 -22.27 10.88 -18.16
N GLN B 718 -22.05 9.86 -17.30
CA GLN B 718 -21.69 10.01 -15.88
C GLN B 718 -22.74 10.82 -15.10
N GLU B 719 -23.98 10.84 -15.58
CA GLU B 719 -25.06 11.52 -14.89
C GLU B 719 -25.62 10.60 -13.80
N ILE B 720 -25.65 11.08 -12.56
CA ILE B 720 -26.25 10.32 -11.47
C ILE B 720 -27.73 10.66 -11.43
N TRP B 721 -28.59 9.66 -11.61
CA TRP B 721 -30.01 9.84 -11.40
C TRP B 721 -30.25 9.61 -9.93
N ILE B 722 -30.84 10.58 -9.26
CA ILE B 722 -30.91 10.54 -7.81
C ILE B 722 -32.28 10.02 -7.41
N PRO B 723 -32.40 9.36 -6.26
CA PRO B 723 -33.71 8.82 -5.85
C PRO B 723 -34.73 9.91 -5.61
N ASP B 724 -35.97 9.55 -5.86
CA ASP B 724 -37.14 10.40 -5.73
C ASP B 724 -37.53 10.61 -4.25
N LYS B 725 -38.43 11.56 -4.02
CA LYS B 725 -38.97 11.86 -2.70
C LYS B 725 -40.24 12.67 -2.88
N PRO B 726 -41.12 12.68 -1.88
CA PRO B 726 -42.29 13.59 -1.93
C PRO B 726 -41.90 15.02 -1.64
N TYR B 727 -42.73 15.94 -2.10
CA TYR B 727 -42.37 17.35 -2.06
C TYR B 727 -42.19 17.79 -0.61
N THR B 728 -41.10 18.54 -0.35
CA THR B 728 -40.95 19.36 0.85
C THR B 728 -40.62 20.78 0.44
N LYS B 729 -41.09 21.74 1.24
CA LYS B 729 -41.19 23.14 0.84
C LYS B 729 -39.82 23.79 0.67
N GLY B 730 -39.64 24.51 -0.43
CA GLY B 730 -38.33 24.99 -0.82
C GLY B 730 -37.51 23.99 -1.62
N SER B 731 -38.02 22.78 -1.81
CA SER B 731 -37.26 21.77 -2.55
C SER B 731 -38.07 21.22 -3.72
N TRP B 732 -38.08 19.89 -3.87
CA TRP B 732 -38.72 19.29 -5.02
C TRP B 732 -39.37 17.99 -4.59
N GLY B 733 -40.33 17.53 -5.37
CA GLY B 733 -40.88 16.21 -5.14
C GLY B 733 -42.30 16.12 -5.66
N TYR B 734 -42.88 14.94 -5.45
CA TYR B 734 -44.25 14.72 -5.87
C TYR B 734 -45.21 14.99 -4.72
N MET B 735 -46.40 15.45 -5.09
CA MET B 735 -47.45 15.80 -4.15
C MET B 735 -48.29 14.59 -3.79
N ASP B 736 -48.95 14.00 -4.79
CA ASP B 736 -49.74 12.80 -4.63
C ASP B 736 -49.08 11.67 -5.41
N GLY B 737 -49.88 10.65 -5.76
CA GLY B 737 -49.38 9.45 -6.39
C GLY B 737 -48.39 8.67 -5.52
N LYS B 738 -47.76 7.70 -6.15
CA LYS B 738 -46.90 6.76 -5.46
C LYS B 738 -46.05 6.01 -6.48
N PRO B 739 -44.88 5.53 -6.10
CA PRO B 739 -44.12 4.67 -7.02
C PRO B 739 -44.77 3.32 -7.15
N PHE B 740 -44.59 2.70 -8.32
CA PHE B 740 -45.24 1.42 -8.56
C PHE B 740 -44.45 0.31 -7.90
N ASN B 741 -45.18 -0.61 -7.26
CA ASN B 741 -44.60 -1.81 -6.66
C ASN B 741 -45.68 -2.86 -6.39
N SER B 742 -46.70 -2.91 -7.23
CA SER B 742 -47.79 -3.86 -7.07
C SER B 742 -47.48 -5.12 -7.88
N TRP B 743 -47.16 -6.22 -7.19
CA TRP B 743 -47.07 -7.54 -7.80
C TRP B 743 -48.01 -8.45 -7.00
N PRO B 744 -49.30 -8.44 -7.36
CA PRO B 744 -50.31 -9.17 -6.59
C PRO B 744 -49.90 -10.60 -6.26
N GLY B 745 -49.99 -10.93 -4.97
CA GLY B 745 -49.71 -12.26 -4.47
C GLY B 745 -48.32 -12.74 -4.82
N SER B 746 -47.30 -12.19 -4.17
CA SER B 746 -45.93 -12.61 -4.39
C SER B 746 -44.98 -11.88 -3.46
N SER B 747 -43.84 -12.50 -3.14
CA SER B 747 -42.86 -11.91 -2.26
C SER B 747 -42.30 -10.59 -2.80
N HIS B 748 -42.65 -10.24 -4.05
CA HIS B 748 -42.20 -8.97 -4.64
C HIS B 748 -43.10 -7.81 -4.27
N ASP B 749 -44.34 -8.09 -3.83
CA ASP B 749 -45.33 -7.04 -3.68
C ASP B 749 -44.87 -5.99 -2.67
N GLY B 750 -44.91 -4.73 -3.10
CA GLY B 750 -44.37 -3.65 -2.29
C GLY B 750 -42.87 -3.64 -2.15
N VAL B 751 -42.16 -4.63 -2.69
CA VAL B 751 -40.72 -4.74 -2.55
C VAL B 751 -39.99 -4.40 -3.85
N ARG B 752 -40.58 -4.77 -4.98
CA ARG B 752 -40.00 -4.47 -6.29
C ARG B 752 -40.64 -3.20 -6.84
N TYR B 753 -39.92 -2.07 -6.77
CA TYR B 753 -40.40 -0.82 -7.35
C TYR B 753 -40.20 -0.87 -8.87
N GLY B 754 -41.30 -0.79 -9.61
CA GLY B 754 -41.24 -0.77 -11.07
C GLY B 754 -40.98 -2.09 -11.79
N VAL B 755 -41.45 -2.18 -13.04
CA VAL B 755 -41.47 -3.41 -13.83
C VAL B 755 -40.09 -3.93 -14.24
N GLY B 756 -40.08 -5.04 -14.99
CA GLY B 756 -38.83 -5.59 -15.47
C GLY B 756 -38.86 -5.88 -16.94
N ALA B 757 -39.76 -5.21 -17.68
CA ALA B 757 -39.82 -5.38 -19.12
C ALA B 757 -38.63 -4.71 -19.80
N ASP B 758 -38.17 -5.32 -20.90
CA ASP B 758 -37.18 -4.68 -21.76
C ASP B 758 -37.83 -3.50 -22.46
N ILE B 759 -37.30 -2.31 -22.23
CA ILE B 759 -37.90 -1.07 -22.71
C ILE B 759 -37.13 -0.59 -23.93
N LYS B 760 -37.84 -0.53 -25.05
CA LYS B 760 -37.27 -0.17 -26.33
C LYS B 760 -36.82 1.27 -26.33
N ASN B 761 -35.86 1.57 -27.18
CA ASN B 761 -35.36 2.91 -27.50
C ASN B 761 -34.40 3.44 -26.43
N THR B 762 -34.11 2.68 -25.37
CA THR B 762 -33.25 3.17 -24.31
C THR B 762 -32.35 2.05 -23.79
N PHE B 763 -31.10 2.42 -23.46
CA PHE B 763 -30.26 1.58 -22.60
C PHE B 763 -30.46 1.84 -21.11
N LEU B 764 -31.12 2.92 -20.73
CA LEU B 764 -31.28 3.28 -19.32
C LEU B 764 -32.55 2.63 -18.74
N GLU B 765 -32.58 1.30 -18.85
CA GLU B 765 -33.73 0.53 -18.37
C GLU B 765 -34.07 0.73 -16.89
N PRO B 766 -33.14 0.83 -15.95
CA PRO B 766 -33.55 1.07 -14.55
C PRO B 766 -34.30 2.38 -14.39
N LEU B 767 -34.11 3.33 -15.29
CA LEU B 767 -34.83 4.59 -15.19
C LEU B 767 -36.26 4.43 -15.65
N PHE B 768 -36.46 3.88 -16.85
CA PHE B 768 -37.80 3.82 -17.43
C PHE B 768 -38.67 2.77 -16.79
N GLN B 769 -38.10 1.77 -16.09
CA GLN B 769 -38.88 0.69 -15.52
C GLN B 769 -39.53 1.06 -14.19
N THR B 770 -38.99 2.08 -13.51
CA THR B 770 -39.52 2.62 -12.26
C THR B 770 -40.21 3.94 -12.59
N PHE B 771 -41.35 4.19 -11.94
CA PHE B 771 -42.16 5.32 -12.37
C PHE B 771 -43.18 5.64 -11.29
N LEU B 772 -43.75 6.83 -11.39
CA LEU B 772 -44.83 7.24 -10.51
C LEU B 772 -46.15 6.93 -11.20
N ILE B 773 -47.13 6.51 -10.41
CA ILE B 773 -48.44 6.13 -10.93
C ILE B 773 -49.49 6.99 -10.21
N GLY B 774 -50.40 7.56 -11.00
CA GLY B 774 -51.49 8.34 -10.45
C GLY B 774 -51.07 9.60 -9.75
N THR B 775 -49.95 10.20 -10.15
CA THR B 775 -49.55 11.50 -9.65
C THR B 775 -50.17 12.55 -10.55
N THR B 776 -50.78 13.55 -9.93
CA THR B 776 -51.34 14.70 -10.63
C THR B 776 -50.48 15.94 -10.51
N CYS B 777 -49.46 15.94 -9.67
CA CYS B 777 -48.78 17.19 -9.36
C CYS B 777 -47.37 16.88 -8.91
N TYR B 778 -46.40 17.42 -9.63
CA TYR B 778 -44.99 17.42 -9.24
C TYR B 778 -44.51 18.85 -9.10
N ARG B 779 -43.84 19.17 -8.01
CA ARG B 779 -43.34 20.52 -7.80
C ARG B 779 -41.81 20.58 -7.83
N LEU B 780 -41.30 21.77 -8.13
CA LEU B 780 -39.86 22.05 -8.11
C LEU B 780 -39.70 23.55 -7.95
N ASP B 781 -39.33 23.99 -6.75
CA ASP B 781 -39.14 25.42 -6.46
C ASP B 781 -37.78 25.83 -7.00
N VAL B 782 -37.76 26.39 -8.22
CA VAL B 782 -36.50 26.80 -8.84
C VAL B 782 -36.38 28.32 -8.80
N PRO B 783 -35.15 28.86 -8.81
CA PRO B 783 -34.99 30.29 -9.07
C PRO B 783 -35.49 30.66 -10.45
N ASP B 784 -35.70 31.96 -10.65
CA ASP B 784 -36.00 32.48 -11.97
C ASP B 784 -34.91 32.11 -12.98
N GLY B 785 -35.31 31.94 -14.22
CA GLY B 785 -34.39 31.61 -15.28
C GLY B 785 -35.13 30.91 -16.41
N VAL B 786 -34.36 30.38 -17.34
CA VAL B 786 -34.88 29.64 -18.49
C VAL B 786 -34.45 28.18 -18.34
N TYR B 787 -35.43 27.27 -18.41
CA TYR B 787 -35.26 25.89 -17.94
C TYR B 787 -35.62 24.89 -19.03
N GLU B 788 -34.75 23.91 -19.24
CA GLU B 788 -35.05 22.77 -20.10
C GLU B 788 -35.58 21.66 -19.18
N ILE B 789 -36.89 21.40 -19.23
CA ILE B 789 -37.49 20.30 -18.51
C ILE B 789 -37.73 19.17 -19.50
N GLY B 790 -37.03 18.05 -19.30
CA GLY B 790 -37.27 16.85 -20.08
C GLY B 790 -38.09 15.87 -19.24
N PHE B 791 -39.15 15.36 -19.84
CA PHE B 791 -40.03 14.36 -19.24
C PHE B 791 -39.71 13.00 -19.86
N TYR B 792 -39.52 11.98 -19.01
CA TYR B 792 -39.22 10.63 -19.45
C TYR B 792 -40.45 9.75 -19.25
N PHE B 793 -40.93 9.15 -20.33
CA PHE B 793 -42.19 8.43 -20.33
C PHE B 793 -42.03 7.05 -20.96
N THR B 794 -42.92 6.13 -20.58
CA THR B 794 -42.99 4.82 -21.20
C THR B 794 -44.35 4.23 -20.84
N GLU B 795 -44.90 3.44 -21.77
CA GLU B 795 -46.07 2.61 -21.43
C GLU B 795 -45.55 1.38 -20.70
N PRO B 796 -45.71 1.31 -19.39
CA PRO B 796 -45.01 0.26 -18.63
C PRO B 796 -45.53 -1.14 -18.87
N PHE B 797 -46.81 -1.29 -19.18
CA PHE B 797 -47.44 -2.60 -19.13
C PHE B 797 -47.80 -3.08 -20.54
N SER B 798 -47.80 -4.40 -20.69
CA SER B 798 -48.24 -5.03 -21.92
C SER B 798 -49.77 -5.01 -22.03
N LYS B 799 -50.27 -5.13 -23.26
CA LYS B 799 -51.71 -5.28 -23.47
C LYS B 799 -52.30 -6.38 -22.58
N ASP B 800 -51.52 -7.44 -22.34
CA ASP B 800 -51.99 -8.50 -21.43
C ASP B 800 -52.02 -8.02 -19.98
N GLU B 801 -50.94 -7.36 -19.54
CA GLU B 801 -50.91 -6.82 -18.18
C GLU B 801 -52.01 -5.80 -17.93
N ARG B 802 -52.42 -5.06 -18.98
CA ARG B 802 -53.35 -3.95 -18.85
C ARG B 802 -54.79 -4.38 -18.72
N LYS B 803 -55.11 -5.66 -18.93
CA LYS B 803 -56.46 -6.13 -18.65
C LYS B 803 -56.70 -6.25 -17.14
N ASN B 804 -55.67 -6.08 -16.33
CA ASN B 804 -55.77 -5.91 -14.87
C ASN B 804 -55.84 -4.42 -14.57
N ILE B 805 -57.03 -3.84 -14.78
CA ILE B 805 -57.15 -2.38 -14.86
C ILE B 805 -56.71 -1.64 -13.60
N VAL B 806 -56.73 -2.28 -12.44
CA VAL B 806 -56.38 -1.55 -11.23
C VAL B 806 -54.91 -1.72 -10.87
N ARG B 807 -54.27 -2.82 -11.25
CA ARG B 807 -52.83 -2.88 -11.05
C ARG B 807 -52.13 -1.79 -11.86
N THR B 808 -52.58 -1.57 -13.09
CA THR B 808 -51.87 -0.76 -14.06
C THR B 808 -52.35 0.68 -14.13
N GLY B 809 -53.50 0.99 -13.53
CA GLY B 809 -54.08 2.32 -13.68
C GLY B 809 -54.49 2.67 -15.10
N VAL B 810 -55.44 1.92 -15.68
CA VAL B 810 -55.94 2.19 -17.03
C VAL B 810 -57.45 2.07 -17.04
N SER B 811 -58.04 2.57 -18.12
CA SER B 811 -59.49 2.57 -18.32
C SER B 811 -60.01 1.16 -18.53
N ALA B 812 -61.34 1.03 -18.47
CA ALA B 812 -61.95 -0.28 -18.65
C ALA B 812 -61.56 -0.90 -19.98
N GLU B 813 -61.36 -0.09 -21.01
CA GLU B 813 -60.88 -0.57 -22.30
C GLU B 813 -59.37 -0.81 -22.32
N GLY B 814 -58.67 -0.54 -21.23
CA GLY B 814 -57.21 -0.64 -21.21
C GLY B 814 -56.51 0.50 -21.93
N GLN B 815 -56.92 1.74 -21.66
CA GLN B 815 -56.35 2.94 -22.28
C GLN B 815 -55.74 3.83 -21.21
N ARG B 816 -54.68 4.55 -21.56
CA ARG B 816 -54.07 5.55 -20.68
C ARG B 816 -53.78 6.81 -21.50
N VAL B 817 -54.54 7.86 -21.26
CA VAL B 817 -54.48 9.09 -22.05
C VAL B 817 -54.47 10.27 -21.08
N PHE B 818 -53.41 11.07 -21.11
CA PHE B 818 -53.37 12.21 -20.20
C PHE B 818 -52.66 13.41 -20.81
N ASP B 819 -52.99 14.58 -20.27
CA ASP B 819 -52.35 15.83 -20.64
C ASP B 819 -51.34 16.19 -19.56
N VAL B 820 -50.14 16.52 -19.96
CA VAL B 820 -49.19 17.08 -19.03
C VAL B 820 -49.23 18.59 -19.20
N SER B 821 -48.68 19.30 -18.22
CA SER B 821 -48.97 20.71 -18.11
C SER B 821 -48.03 21.37 -17.10
N VAL B 822 -47.34 22.44 -17.50
CA VAL B 822 -46.45 23.20 -16.64
C VAL B 822 -47.07 24.55 -16.35
N ASN B 823 -46.75 25.09 -15.16
CA ASN B 823 -47.20 26.40 -14.65
C ASN B 823 -48.39 26.99 -15.40
N GLY B 824 -49.51 26.28 -15.41
CA GLY B 824 -50.74 26.77 -15.99
C GLY B 824 -51.00 26.36 -17.43
N GLU B 825 -49.96 26.16 -18.24
CA GLU B 825 -50.14 25.87 -19.65
C GLU B 825 -50.18 24.36 -19.91
N LYS B 826 -50.96 23.96 -20.91
CA LYS B 826 -51.08 22.56 -21.32
C LYS B 826 -50.26 22.34 -22.59
N LEU B 827 -49.13 21.65 -22.46
CA LEU B 827 -48.14 21.58 -23.53
C LEU B 827 -48.05 20.23 -24.22
N ILE B 828 -48.73 19.22 -23.70
CA ILE B 828 -48.83 17.90 -24.34
C ILE B 828 -50.30 17.54 -24.32
N ASP B 829 -50.93 17.55 -25.50
CA ASP B 829 -52.37 17.77 -25.59
C ASP B 829 -53.23 16.51 -25.40
N SER B 830 -52.65 15.31 -25.41
CA SER B 830 -53.32 14.07 -24.98
C SER B 830 -52.45 12.88 -25.27
N LEU B 831 -51.63 12.50 -24.29
CA LEU B 831 -50.54 11.55 -24.48
C LEU B 831 -51.03 10.13 -24.24
N ASN B 832 -51.32 9.40 -25.32
CA ASN B 832 -51.59 7.95 -25.27
C ASN B 832 -50.30 7.24 -25.68
N LEU B 833 -49.57 6.71 -24.68
CA LEU B 833 -48.23 6.20 -24.96
C LEU B 833 -48.29 4.89 -25.74
N ALA B 834 -49.17 3.97 -25.34
CA ALA B 834 -49.29 2.70 -26.07
C ALA B 834 -49.73 2.92 -27.52
N ASP B 835 -50.84 3.60 -27.72
CA ASP B 835 -51.40 3.72 -29.06
C ASP B 835 -50.76 4.82 -29.91
N SER B 836 -49.82 5.59 -29.37
CA SER B 836 -49.04 6.52 -30.19
C SER B 836 -47.58 6.14 -30.32
N TYR B 837 -46.95 5.54 -29.30
CA TYR B 837 -45.55 5.15 -29.36
C TYR B 837 -45.33 3.66 -29.29
N GLY B 838 -46.34 2.88 -28.89
CA GLY B 838 -46.18 1.46 -28.70
C GLY B 838 -45.73 1.18 -27.28
N GLU B 839 -46.27 0.13 -26.66
CA GLU B 839 -45.98 -0.15 -25.25
C GLU B 839 -44.48 -0.26 -25.05
N GLN B 840 -44.06 -0.01 -23.80
CA GLN B 840 -42.68 -0.26 -23.35
C GLN B 840 -41.66 0.32 -24.31
N THR B 841 -41.92 1.53 -24.76
CA THR B 841 -40.98 2.26 -25.60
C THR B 841 -40.61 3.59 -24.94
N ALA B 842 -39.36 3.96 -25.08
CA ALA B 842 -38.86 5.15 -24.44
C ALA B 842 -39.25 6.39 -25.24
N VAL B 843 -39.91 7.33 -24.57
CA VAL B 843 -40.32 8.62 -25.13
C VAL B 843 -39.77 9.71 -24.23
N VAL B 844 -39.09 10.69 -24.81
CA VAL B 844 -38.60 11.85 -24.07
C VAL B 844 -39.05 13.11 -24.79
N LYS B 845 -39.82 13.95 -24.10
CA LYS B 845 -40.28 15.23 -24.64
C LYS B 845 -39.76 16.33 -23.74
N THR B 846 -39.05 17.30 -24.34
CA THR B 846 -38.42 18.41 -23.64
C THR B 846 -39.17 19.72 -23.92
N LEU B 847 -39.21 20.59 -22.92
CA LEU B 847 -39.99 21.81 -22.96
C LEU B 847 -39.14 22.94 -22.39
N VAL B 848 -39.07 24.06 -23.11
CA VAL B 848 -38.35 25.25 -22.64
C VAL B 848 -39.34 26.18 -21.95
N VAL B 849 -39.15 26.40 -20.65
CA VAL B 849 -40.08 27.18 -19.82
C VAL B 849 -39.35 28.37 -19.22
N ASN B 850 -39.96 29.56 -19.30
CA ASN B 850 -39.40 30.80 -18.73
C ASN B 850 -40.04 31.04 -17.36
N VAL B 851 -39.37 30.63 -16.29
CA VAL B 851 -39.89 30.83 -14.94
C VAL B 851 -39.64 32.27 -14.52
N ARG B 852 -40.71 33.06 -14.41
CA ARG B 852 -40.68 34.46 -14.00
C ARG B 852 -41.32 34.58 -12.61
N ASN B 853 -41.16 35.76 -12.02
CA ASN B 853 -41.74 36.07 -10.73
C ASN B 853 -41.05 35.24 -9.65
N HIS B 854 -41.75 34.33 -8.97
CA HIS B 854 -41.09 33.47 -7.99
C HIS B 854 -41.85 32.15 -7.84
N GLU B 855 -42.28 31.56 -8.96
CA GLU B 855 -43.27 30.49 -8.95
C GLU B 855 -42.68 29.11 -9.18
N GLY B 856 -41.39 29.02 -9.49
CA GLY B 856 -40.80 27.72 -9.73
C GLY B 856 -41.51 26.96 -10.83
N LEU B 857 -41.65 25.65 -10.62
CA LEU B 857 -42.16 24.76 -11.65
C LEU B 857 -43.22 23.87 -11.03
N GLU B 858 -44.42 23.93 -11.57
CA GLU B 858 -45.53 23.11 -11.11
C GLU B 858 -46.07 22.32 -12.30
N ILE B 859 -45.73 21.02 -12.31
CA ILE B 859 -46.16 20.09 -13.34
C ILE B 859 -47.48 19.47 -12.90
N LEU B 860 -48.52 19.65 -13.71
CA LEU B 860 -49.84 19.07 -13.45
C LEU B 860 -50.17 18.07 -14.55
N LEU B 861 -50.50 16.84 -14.14
CA LEU B 861 -50.83 15.76 -15.05
C LEU B 861 -52.31 15.47 -14.95
N SER B 862 -53.03 15.72 -16.05
CA SER B 862 -54.48 15.64 -16.09
C SER B 862 -54.91 14.39 -16.85
N PRO B 863 -55.39 13.35 -16.17
CA PRO B 863 -55.77 12.13 -16.89
C PRO B 863 -57.13 12.30 -17.54
N GLN B 864 -57.25 11.79 -18.76
CA GLN B 864 -58.53 11.63 -19.42
C GLN B 864 -59.03 10.19 -19.38
N LYS B 865 -58.14 9.22 -19.60
CA LYS B 865 -58.42 7.80 -19.43
C LYS B 865 -57.33 7.18 -18.55
N GLY B 866 -57.75 6.41 -17.54
CA GLY B 866 -56.77 5.81 -16.67
C GLY B 866 -56.06 6.84 -15.81
N GLN B 867 -54.93 6.40 -15.22
CA GLN B 867 -54.06 7.23 -14.39
C GLN B 867 -52.73 7.45 -15.08
N GLY B 868 -52.15 8.62 -14.87
CA GLY B 868 -50.91 8.97 -15.54
C GLY B 868 -49.71 8.24 -14.96
N VAL B 869 -48.73 8.01 -15.83
CA VAL B 869 -47.42 7.51 -15.41
C VAL B 869 -46.36 8.48 -15.91
N ILE B 870 -45.20 8.43 -15.25
CA ILE B 870 -44.01 9.14 -15.66
C ILE B 870 -42.83 8.48 -14.96
N SER B 871 -41.74 8.22 -15.71
CA SER B 871 -40.59 7.47 -15.23
C SER B 871 -39.40 8.34 -14.82
N GLY B 872 -39.29 9.56 -15.35
CA GLY B 872 -38.11 10.35 -15.08
C GLY B 872 -38.33 11.84 -15.29
N LEU B 873 -37.31 12.61 -14.92
CA LEU B 873 -37.38 14.07 -14.96
C LEU B 873 -35.97 14.63 -14.93
N LYS B 874 -35.62 15.47 -15.91
CA LYS B 874 -34.32 16.15 -15.95
C LYS B 874 -34.56 17.64 -16.08
N VAL B 875 -33.85 18.43 -15.28
CA VAL B 875 -34.11 19.86 -15.16
C VAL B 875 -32.79 20.61 -15.30
N LYS B 876 -32.71 21.52 -16.28
CA LYS B 876 -31.51 22.28 -16.58
C LYS B 876 -31.84 23.76 -16.66
N LYS B 877 -30.89 24.58 -16.26
CA LYS B 877 -31.06 26.03 -16.17
C LYS B 877 -30.15 26.66 -17.22
N ILE B 878 -30.68 26.86 -18.44
CA ILE B 878 -29.83 27.24 -19.56
C ILE B 878 -29.71 28.73 -19.75
N ARG B 879 -30.38 29.54 -18.94
CA ARG B 879 -30.11 30.97 -18.78
C ARG B 879 -31.18 31.63 -17.89
N PHE C 20 -50.42 32.82 -13.05
CA PHE C 20 -49.10 32.37 -13.55
C PHE C 20 -48.46 33.33 -14.57
N GLN C 21 -47.38 34.00 -14.18
CA GLN C 21 -46.65 34.92 -15.05
C GLN C 21 -45.59 34.24 -15.91
N SER C 22 -45.26 32.98 -15.63
CA SER C 22 -44.35 32.22 -16.45
C SER C 22 -45.05 31.67 -17.67
N ASN C 23 -44.28 31.46 -18.74
CA ASN C 23 -44.79 30.90 -19.98
C ASN C 23 -43.75 29.98 -20.59
N ALA C 24 -44.22 28.92 -21.26
CA ALA C 24 -43.34 28.07 -22.06
C ALA C 24 -43.24 28.62 -23.48
N SER C 25 -42.04 28.50 -24.07
CA SER C 25 -41.73 29.07 -25.37
C SER C 25 -41.48 28.02 -26.45
N GLU C 26 -40.88 26.88 -26.11
CA GLU C 26 -40.48 25.87 -27.11
C GLU C 26 -40.79 24.47 -26.60
N ILE C 27 -40.75 23.51 -27.52
CA ILE C 27 -40.90 22.09 -27.18
C ILE C 27 -40.11 21.26 -28.18
N SER C 28 -39.60 20.12 -27.70
CA SER C 28 -38.82 19.23 -28.54
C SER C 28 -39.74 18.39 -29.41
N ILE C 29 -39.46 18.35 -30.71
CA ILE C 29 -40.14 17.42 -31.61
C ILE C 29 -39.10 16.42 -32.13
N THR C 30 -38.21 15.98 -31.26
CA THR C 30 -37.15 15.06 -31.66
C THR C 30 -37.59 13.60 -31.65
N ASP C 31 -38.82 13.34 -31.21
CA ASP C 31 -39.28 11.97 -30.99
C ASP C 31 -39.97 11.42 -32.23
N SER C 32 -39.86 10.09 -32.38
CA SER C 32 -40.57 9.31 -33.39
C SER C 32 -40.71 9.99 -34.75
N TRP C 33 -39.65 9.90 -35.54
CA TRP C 33 -39.57 10.31 -36.93
C TRP C 33 -39.53 9.05 -37.80
N LYS C 34 -39.91 9.20 -39.07
CA LYS C 34 -39.79 8.14 -40.06
C LYS C 34 -38.66 8.47 -41.03
N TYR C 35 -37.92 7.44 -41.47
CA TYR C 35 -36.68 7.64 -42.20
C TYR C 35 -36.53 6.62 -43.32
N LYS C 36 -36.17 7.09 -44.51
CA LYS C 36 -35.91 6.21 -45.66
C LYS C 36 -34.68 6.74 -46.41
N ALA C 37 -33.61 5.94 -46.41
CA ALA C 37 -32.40 6.27 -47.18
C ALA C 37 -32.70 5.99 -48.64
N GLU C 38 -33.32 6.98 -49.28
CA GLU C 38 -33.81 6.88 -50.64
C GLU C 38 -34.39 8.24 -50.94
N ASN C 39 -34.44 8.61 -52.22
CA ASN C 39 -34.69 9.99 -52.62
C ASN C 39 -35.82 10.07 -53.66
N ASP C 40 -37.03 10.34 -53.19
CA ASP C 40 -38.21 10.40 -54.05
C ASP C 40 -39.01 11.65 -53.69
N GLU C 41 -39.11 12.60 -54.64
CA GLU C 41 -39.74 13.89 -54.35
C GLU C 41 -41.13 13.70 -53.74
N ARG C 42 -41.82 12.60 -54.07
CA ARG C 42 -43.14 12.26 -53.54
C ARG C 42 -43.15 12.08 -52.02
N PHE C 43 -41.98 12.00 -51.37
CA PHE C 43 -41.93 11.77 -49.94
C PHE C 43 -42.35 13.00 -49.13
N SER C 44 -42.52 14.15 -49.78
CA SER C 44 -42.93 15.37 -49.09
C SER C 44 -44.45 15.52 -49.01
N SER C 45 -45.19 14.55 -49.55
CA SER C 45 -46.65 14.61 -49.63
C SER C 45 -47.29 14.12 -48.34
N MET C 46 -48.42 14.75 -47.99
CA MET C 46 -49.13 14.40 -46.75
C MET C 46 -49.50 12.94 -46.71
N ASP C 47 -49.81 12.34 -47.86
CA ASP C 47 -50.50 11.06 -47.90
C ASP C 47 -49.59 9.92 -48.37
N TRP C 48 -48.30 9.99 -48.08
CA TRP C 48 -47.37 8.98 -48.58
C TRP C 48 -47.26 7.83 -47.58
N ASN C 49 -47.58 6.62 -48.03
CA ASN C 49 -47.53 5.44 -47.18
C ASN C 49 -46.11 5.21 -46.70
N ASP C 50 -45.74 5.86 -45.59
CA ASP C 50 -44.49 5.57 -44.88
C ASP C 50 -44.66 4.51 -43.81
N SER C 51 -45.53 3.52 -44.04
CA SER C 51 -45.78 2.50 -43.02
C SER C 51 -44.54 1.64 -42.81
N ASP C 52 -43.87 1.26 -43.90
CA ASP C 52 -42.71 0.37 -43.79
C ASP C 52 -41.41 1.08 -43.43
N TRP C 53 -41.41 2.41 -43.27
CA TRP C 53 -40.17 3.11 -42.95
C TRP C 53 -39.77 2.87 -41.50
N VAL C 54 -38.46 2.71 -41.28
CA VAL C 54 -37.94 2.64 -39.93
C VAL C 54 -38.23 3.95 -39.21
N THR C 55 -38.63 3.85 -37.93
CA THR C 55 -38.83 5.01 -37.08
C THR C 55 -37.59 5.26 -36.24
N VAL C 56 -37.26 6.53 -36.01
CA VAL C 56 -36.01 6.89 -35.33
C VAL C 56 -36.25 8.08 -34.39
N ASP C 57 -35.43 8.17 -33.36
CA ASP C 57 -35.40 9.38 -32.56
C ASP C 57 -34.32 10.29 -33.10
N LEU C 58 -34.56 11.62 -33.00
CA LEU C 58 -33.49 12.59 -33.22
C LEU C 58 -32.78 12.88 -31.91
N PRO C 59 -31.50 13.22 -31.95
CA PRO C 59 -30.63 13.26 -33.14
C PRO C 59 -30.41 11.90 -33.81
N HIS C 60 -30.14 11.92 -35.11
CA HIS C 60 -29.91 10.73 -35.93
C HIS C 60 -28.82 11.04 -36.95
N THR C 61 -28.09 9.99 -37.33
CA THR C 61 -27.19 10.04 -38.46
C THR C 61 -27.11 8.63 -39.05
N TRP C 62 -27.03 8.55 -40.38
CA TRP C 62 -26.97 7.25 -41.06
C TRP C 62 -25.55 6.81 -41.34
N ASN C 63 -24.57 7.66 -41.09
CA ASN C 63 -23.15 7.34 -41.19
C ASN C 63 -22.55 6.85 -39.86
N ALA C 64 -23.40 6.43 -38.91
CA ALA C 64 -22.93 5.97 -37.59
C ALA C 64 -22.29 4.59 -37.65
N GLY C 65 -22.44 3.86 -38.74
CA GLY C 65 -21.73 2.61 -38.91
C GLY C 65 -20.82 2.64 -40.12
N ASP C 66 -21.36 3.14 -41.23
CA ASP C 66 -20.66 3.46 -42.47
C ASP C 66 -19.22 3.90 -42.26
N VAL C 67 -18.99 4.77 -41.27
CA VAL C 67 -17.71 5.45 -41.10
C VAL C 67 -16.64 4.55 -40.45
N ILE C 68 -17.05 3.56 -39.65
CA ILE C 68 -16.10 2.64 -39.02
C ILE C 68 -16.31 1.19 -39.49
N ASP C 69 -16.89 0.99 -40.69
CA ASP C 69 -16.97 -0.34 -41.27
C ASP C 69 -15.66 -0.65 -42.00
N GLU C 70 -15.48 -1.93 -42.34
CA GLU C 70 -14.22 -2.34 -42.94
C GLU C 70 -14.11 -1.84 -44.37
N GLN C 71 -15.24 -1.74 -45.07
CA GLN C 71 -15.28 -1.18 -46.42
C GLN C 71 -14.92 0.30 -46.40
N ARG C 72 -13.91 0.69 -47.19
CA ARG C 72 -13.53 2.09 -47.28
C ARG C 72 -14.61 2.90 -48.00
N GLY C 73 -15.02 3.99 -47.40
CA GLY C 73 -16.09 4.79 -47.97
C GLY C 73 -17.37 4.63 -47.17
N TYR C 74 -18.11 5.73 -47.03
CA TYR C 74 -19.42 5.66 -46.42
C TYR C 74 -20.47 6.06 -47.44
N ARG C 75 -21.55 6.69 -47.00
CA ARG C 75 -22.70 6.98 -47.84
C ARG C 75 -22.88 8.50 -47.94
N ARG C 76 -22.52 9.08 -49.09
CA ARG C 76 -22.84 10.47 -49.41
C ARG C 76 -24.07 10.47 -50.32
N GLY C 77 -25.26 10.64 -49.74
CA GLY C 77 -26.48 10.61 -50.52
C GLY C 77 -27.58 11.51 -50.00
N ILE C 78 -28.82 11.22 -50.41
CA ILE C 78 -30.02 11.96 -50.02
C ILE C 78 -30.97 10.99 -49.32
N SER C 79 -31.44 11.37 -48.13
CA SER C 79 -32.41 10.59 -47.35
C SER C 79 -33.50 11.52 -46.83
N TRP C 80 -34.57 10.93 -46.32
CA TRP C 80 -35.83 11.63 -46.07
C TRP C 80 -36.32 11.35 -44.66
N TYR C 81 -36.59 12.41 -43.90
CA TYR C 81 -37.22 12.28 -42.58
C TYR C 81 -38.65 12.78 -42.65
N ARG C 82 -39.58 12.03 -42.03
CA ARG C 82 -40.99 12.41 -41.96
C ARG C 82 -41.47 12.35 -40.53
N LYS C 83 -42.26 13.36 -40.13
CA LYS C 83 -42.73 13.51 -38.74
C LYS C 83 -44.13 14.09 -38.74
N LYS C 84 -45.03 13.49 -37.96
CA LYS C 84 -46.36 14.02 -37.75
C LYS C 84 -46.30 15.03 -36.62
N LEU C 85 -46.45 16.30 -36.96
CA LEU C 85 -46.32 17.41 -36.02
C LEU C 85 -47.70 17.80 -35.49
N PHE C 86 -47.88 17.68 -34.19
CA PHE C 86 -49.05 18.24 -33.53
C PHE C 86 -48.61 19.54 -32.87
N ILE C 87 -49.28 20.63 -33.20
CA ILE C 87 -48.94 21.96 -32.69
C ILE C 87 -49.86 22.25 -31.52
N PRO C 88 -49.34 22.48 -30.31
CA PRO C 88 -50.21 22.64 -29.14
C PRO C 88 -51.25 23.73 -29.37
N SER C 89 -52.37 23.61 -28.64
CA SER C 89 -53.37 24.66 -28.73
C SER C 89 -52.94 25.93 -28.03
N GLU C 90 -51.98 25.85 -27.11
CA GLU C 90 -51.38 27.04 -26.52
C GLU C 90 -50.92 28.04 -27.59
N ALA C 91 -50.59 27.54 -28.78
CA ALA C 91 -49.91 28.33 -29.79
C ALA C 91 -50.84 29.13 -30.69
N ARG C 92 -52.15 29.05 -30.49
CA ARG C 92 -53.09 29.67 -31.42
C ARG C 92 -52.83 31.17 -31.52
N ASP C 93 -52.99 31.69 -32.74
CA ASP C 93 -52.92 33.13 -33.02
C ASP C 93 -51.58 33.72 -32.61
N LYS C 94 -50.53 32.89 -32.60
CA LYS C 94 -49.16 33.29 -32.29
C LYS C 94 -48.26 33.05 -33.48
N LYS C 95 -46.96 33.33 -33.30
CA LYS C 95 -45.96 33.29 -34.37
C LYS C 95 -45.17 31.99 -34.26
N ILE C 96 -45.60 30.99 -35.02
CA ILE C 96 -45.13 29.61 -34.83
C ILE C 96 -44.00 29.34 -35.82
N THR C 97 -42.85 28.91 -35.30
CA THR C 97 -41.66 28.65 -36.10
C THR C 97 -41.00 27.37 -35.60
N LEU C 98 -40.10 26.81 -36.43
CA LEU C 98 -39.40 25.56 -36.14
C LEU C 98 -37.90 25.80 -36.07
N ARG C 99 -37.27 25.32 -35.00
CA ARG C 99 -35.85 25.53 -34.76
C ARG C 99 -35.09 24.25 -35.11
N PHE C 100 -34.09 24.38 -35.97
CA PHE C 100 -33.25 23.26 -36.35
C PHE C 100 -31.83 23.56 -35.91
N ASP C 101 -31.34 22.85 -34.89
CA ASP C 101 -30.02 23.20 -34.39
C ASP C 101 -28.92 22.81 -35.35
N GLY C 102 -29.12 21.78 -36.14
CA GLY C 102 -28.08 21.35 -37.08
C GLY C 102 -28.43 20.16 -37.95
N VAL C 103 -28.58 20.39 -39.24
CA VAL C 103 -28.82 19.33 -40.20
C VAL C 103 -27.57 19.18 -41.02
N ALA C 104 -26.97 17.99 -40.98
CA ALA C 104 -25.75 17.70 -41.72
C ALA C 104 -25.83 18.01 -43.20
N SER C 105 -25.60 19.30 -43.55
CA SER C 105 -25.39 19.89 -44.88
C SER C 105 -26.68 20.46 -45.42
N LYS C 106 -27.01 20.21 -46.69
CA LYS C 106 -28.20 20.83 -47.27
C LYS C 106 -29.46 20.22 -46.66
N ALA C 107 -30.39 21.06 -46.24
CA ALA C 107 -31.63 20.61 -45.62
C ALA C 107 -32.79 21.29 -46.32
N ASP C 108 -33.86 20.53 -46.54
CA ASP C 108 -34.97 20.93 -47.39
C ASP C 108 -36.25 20.53 -46.65
N VAL C 109 -36.94 21.51 -46.06
CA VAL C 109 -37.98 21.27 -45.06
C VAL C 109 -39.34 21.61 -45.66
N TYR C 110 -40.24 20.63 -45.69
CA TYR C 110 -41.60 20.83 -46.18
C TYR C 110 -42.60 20.59 -45.07
N LEU C 111 -43.52 21.53 -44.88
CA LEU C 111 -44.69 21.32 -44.03
C LEU C 111 -45.93 21.24 -44.91
N ASN C 112 -46.69 20.15 -44.75
CA ASN C 112 -47.98 19.94 -45.42
C ASN C 112 -47.89 20.04 -46.95
N GLY C 113 -46.77 19.61 -47.52
CA GLY C 113 -46.60 19.56 -48.94
C GLY C 113 -45.89 20.76 -49.54
N LYS C 114 -45.93 21.92 -48.90
CA LYS C 114 -45.28 23.12 -49.42
C LYS C 114 -43.82 23.19 -49.02
N LEU C 115 -42.97 23.71 -49.91
CA LEU C 115 -41.55 23.88 -49.64
C LEU C 115 -41.31 25.23 -48.93
N LEU C 116 -41.00 25.17 -47.64
CA LEU C 116 -40.84 26.40 -46.85
C LEU C 116 -39.41 26.94 -46.89
N LYS C 117 -38.47 26.23 -46.26
CA LYS C 117 -37.07 26.64 -46.14
C LYS C 117 -36.12 25.65 -46.80
N THR C 118 -35.03 26.17 -47.37
CA THR C 118 -33.83 25.40 -47.66
C THR C 118 -32.64 26.00 -46.93
N HIS C 119 -31.68 25.17 -46.53
CA HIS C 119 -30.51 25.63 -45.77
C HIS C 119 -29.29 24.86 -46.22
N LEU C 120 -28.28 25.60 -46.68
CA LEU C 120 -26.97 25.05 -46.97
C LEU C 120 -26.07 25.30 -45.74
N GLY C 121 -25.58 24.23 -45.14
CA GLY C 121 -24.68 24.40 -44.03
C GLY C 121 -24.87 23.36 -42.95
N ALA C 122 -23.82 22.58 -42.70
CA ALA C 122 -23.93 21.42 -41.82
C ALA C 122 -23.91 21.77 -40.35
N TYR C 123 -23.37 22.94 -39.96
CA TYR C 123 -23.04 23.23 -38.56
C TYR C 123 -23.77 24.41 -37.94
N THR C 124 -24.37 25.29 -38.71
CA THR C 124 -25.10 26.39 -38.12
C THR C 124 -26.57 26.02 -37.98
N ALA C 125 -27.28 26.78 -37.15
CA ALA C 125 -28.70 26.62 -36.96
C ALA C 125 -29.49 27.43 -37.99
N PHE C 126 -30.75 27.06 -38.18
CA PHE C 126 -31.64 27.85 -39.00
C PHE C 126 -33.05 27.72 -38.46
N GLY C 127 -33.90 28.64 -38.90
CA GLY C 127 -35.26 28.69 -38.42
C GLY C 127 -36.24 28.75 -39.58
N VAL C 128 -37.43 28.23 -39.32
CA VAL C 128 -38.44 27.99 -40.34
C VAL C 128 -39.77 28.50 -39.82
N ASP C 129 -40.34 29.49 -40.50
CA ASP C 129 -41.60 30.08 -40.07
C ASP C 129 -42.76 29.32 -40.70
N ILE C 130 -43.61 28.74 -39.85
CA ILE C 130 -44.72 27.90 -40.24
C ILE C 130 -46.07 28.50 -39.83
N THR C 131 -46.07 29.74 -39.37
CA THR C 131 -47.27 30.36 -38.80
C THR C 131 -48.51 30.11 -39.64
N ASP C 132 -48.48 30.53 -40.91
CA ASP C 132 -49.69 30.56 -41.72
C ASP C 132 -49.97 29.22 -42.40
N ILE C 133 -48.95 28.39 -42.58
CA ILE C 133 -49.12 27.12 -43.26
C ILE C 133 -49.59 26.02 -42.32
N CYS C 134 -49.27 26.13 -41.03
CA CYS C 134 -49.62 25.08 -40.09
C CYS C 134 -51.03 25.27 -39.58
N GLU C 135 -51.64 24.16 -39.17
CA GLU C 135 -52.94 24.15 -38.51
C GLU C 135 -52.77 23.70 -37.08
N VAL C 136 -53.45 24.36 -36.16
CA VAL C 136 -53.28 24.18 -34.72
C VAL C 136 -54.23 23.10 -34.23
N GLY C 137 -53.73 22.22 -33.37
CA GLY C 137 -54.56 21.14 -32.84
C GLY C 137 -54.67 19.98 -33.80
N LYS C 138 -54.74 20.29 -35.10
CA LYS C 138 -54.67 19.27 -36.12
C LYS C 138 -53.25 18.71 -36.24
N GLU C 139 -53.13 17.65 -37.02
CA GLU C 139 -51.88 16.98 -37.29
C GLU C 139 -51.36 17.49 -38.63
N ASN C 140 -50.20 18.12 -38.61
CA ASN C 140 -49.55 18.59 -39.81
C ASN C 140 -48.40 17.64 -40.15
N LEU C 141 -48.10 17.47 -41.42
CA LEU C 141 -47.00 16.59 -41.82
C LEU C 141 -45.74 17.40 -42.06
N LEU C 142 -44.64 16.96 -41.47
CA LEU C 142 -43.34 17.60 -41.58
C LEU C 142 -42.38 16.65 -42.27
N ALA C 143 -41.62 17.16 -43.23
CA ALA C 143 -40.68 16.29 -43.92
C ALA C 143 -39.42 17.05 -44.26
N VAL C 144 -38.28 16.42 -44.06
CA VAL C 144 -36.98 17.04 -44.28
C VAL C 144 -36.19 16.16 -45.23
N LYS C 145 -35.85 16.68 -46.40
CA LYS C 145 -34.89 16.05 -47.31
C LYS C 145 -33.48 16.48 -46.89
N VAL C 146 -32.63 15.51 -46.54
CA VAL C 146 -31.28 15.81 -46.08
C VAL C 146 -30.30 15.33 -47.13
N ASP C 147 -29.51 16.27 -47.61
CA ASP C 147 -28.44 16.04 -48.56
C ASP C 147 -27.10 16.02 -47.83
N ASN C 148 -26.19 15.30 -48.40
CA ASN C 148 -24.90 15.04 -47.78
C ASN C 148 -23.88 14.80 -48.88
N SER C 149 -24.24 15.05 -50.14
CA SER C 149 -23.51 14.55 -51.27
C SER C 149 -22.11 15.15 -51.31
N SER C 150 -21.25 14.54 -52.14
CA SER C 150 -19.95 15.13 -52.39
C SER C 150 -20.06 16.35 -53.28
N SER C 151 -21.00 16.31 -54.23
CA SER C 151 -21.17 17.38 -55.21
C SER C 151 -21.28 18.75 -54.58
N LEU C 152 -21.78 18.83 -53.34
CA LEU C 152 -21.96 20.11 -52.67
C LEU C 152 -20.64 20.79 -52.38
N GLY C 153 -19.52 20.08 -52.49
CA GLY C 153 -18.24 20.72 -52.27
C GLY C 153 -18.00 21.89 -53.21
N GLU C 154 -18.52 21.81 -54.43
CA GLU C 154 -18.30 22.87 -55.41
C GLU C 154 -19.06 24.14 -55.05
N ILE C 155 -19.93 24.14 -54.05
CA ILE C 155 -20.66 25.36 -53.71
C ILE C 155 -20.67 25.64 -52.21
N LEU C 156 -20.16 24.70 -51.39
CA LEU C 156 -20.39 24.81 -49.95
C LEU C 156 -19.28 24.15 -49.13
N PRO C 157 -18.58 24.88 -48.25
CA PRO C 157 -17.48 24.27 -47.49
C PRO C 157 -18.02 23.36 -46.39
N PRO C 158 -17.26 22.31 -46.02
CA PRO C 158 -15.95 21.97 -46.51
C PRO C 158 -15.90 21.27 -47.85
N VAL C 159 -14.79 21.48 -48.52
CA VAL C 159 -14.48 20.87 -49.81
C VAL C 159 -13.85 19.50 -49.64
N SER C 160 -12.97 19.35 -48.64
CA SER C 160 -12.34 18.10 -48.24
C SER C 160 -11.80 18.30 -46.84
N GLY C 161 -11.21 17.26 -46.26
CA GLY C 161 -10.61 17.40 -44.95
C GLY C 161 -10.61 16.09 -44.16
N ASP C 162 -9.83 16.10 -43.07
CA ASP C 162 -9.56 14.90 -42.26
C ASP C 162 -10.58 14.73 -41.13
N PHE C 163 -11.85 14.82 -41.51
CA PHE C 163 -12.99 14.53 -40.65
C PHE C 163 -14.11 14.12 -41.57
N SER C 164 -15.02 13.28 -41.08
CA SER C 164 -16.06 12.83 -41.99
C SER C 164 -17.16 13.87 -42.05
N ILE C 165 -18.16 13.59 -42.89
CA ILE C 165 -19.42 14.32 -42.93
C ILE C 165 -20.52 13.29 -42.64
N PHE C 166 -21.01 13.28 -41.40
CA PHE C 166 -22.05 12.34 -41.03
C PHE C 166 -23.39 12.94 -41.41
N GLY C 167 -24.14 12.31 -42.31
CA GLY C 167 -25.39 12.89 -42.78
C GLY C 167 -26.55 12.65 -41.81
N GLY C 168 -27.44 13.64 -41.70
CA GLY C 168 -28.64 13.44 -40.92
C GLY C 168 -29.05 14.68 -40.15
N ILE C 169 -30.07 14.51 -39.31
CA ILE C 169 -30.53 15.56 -38.40
C ILE C 169 -29.92 15.20 -37.04
N TYR C 170 -28.67 15.63 -36.83
CA TYR C 170 -27.86 15.15 -35.73
C TYR C 170 -27.86 16.09 -34.51
N ARG C 171 -28.69 17.11 -34.50
CA ARG C 171 -28.89 17.90 -33.30
C ARG C 171 -30.37 18.22 -33.18
N ARG C 172 -30.79 18.61 -31.97
CA ARG C 172 -32.22 18.63 -31.63
C ARG C 172 -33.02 19.56 -32.56
N VAL C 173 -34.34 19.37 -32.56
CA VAL C 173 -35.31 20.18 -33.30
C VAL C 173 -36.44 20.55 -32.37
N PHE C 174 -36.87 21.79 -32.42
CA PHE C 174 -37.88 22.31 -31.53
C PHE C 174 -39.01 22.97 -32.31
N LEU C 175 -40.20 22.96 -31.69
CA LEU C 175 -41.34 23.74 -32.17
C LEU C 175 -41.57 24.89 -31.21
N GLN C 176 -41.45 26.11 -31.70
CA GLN C 176 -41.51 27.27 -30.81
C GLN C 176 -42.63 28.23 -31.23
N TRP C 177 -43.02 29.09 -30.29
CA TRP C 177 -44.00 30.13 -30.55
C TRP C 177 -43.74 31.33 -29.63
N THR C 178 -43.96 32.53 -30.18
CA THR C 178 -43.97 33.78 -29.41
C THR C 178 -45.12 34.65 -29.93
N GLU C 179 -45.28 35.83 -29.35
CA GLU C 179 -46.33 36.74 -29.78
C GLU C 179 -45.88 37.59 -30.96
N LYS C 180 -46.83 37.94 -31.82
CA LYS C 180 -46.57 38.55 -33.13
C LYS C 180 -45.84 39.90 -33.04
N VAL C 181 -45.76 40.52 -31.87
CA VAL C 181 -44.77 41.57 -31.63
C VAL C 181 -43.52 40.87 -31.12
N HIS C 182 -42.47 40.85 -31.95
CA HIS C 182 -41.36 39.95 -31.73
C HIS C 182 -40.04 40.60 -32.12
N PHE C 183 -38.96 39.97 -31.69
CA PHE C 183 -37.63 40.32 -32.17
C PHE C 183 -37.35 39.58 -33.48
N VAL C 184 -36.83 40.29 -34.46
CA VAL C 184 -36.54 39.67 -35.75
C VAL C 184 -35.24 38.88 -35.62
N THR C 185 -35.30 37.61 -36.01
CA THR C 185 -34.12 36.75 -36.00
C THR C 185 -33.68 36.33 -37.40
N GLU C 186 -34.63 36.01 -38.29
CA GLU C 186 -34.24 35.62 -39.62
C GLU C 186 -33.66 36.82 -40.36
N PRO C 187 -32.90 36.59 -41.45
CA PRO C 187 -32.60 35.34 -42.17
C PRO C 187 -31.60 34.38 -41.50
N TYR C 188 -30.76 34.89 -40.60
CA TYR C 188 -29.58 34.18 -40.11
C TYR C 188 -29.81 33.50 -38.78
N ALA C 189 -31.06 33.47 -38.30
CA ALA C 189 -31.37 32.91 -36.99
C ALA C 189 -30.43 33.48 -35.94
N ALA C 190 -30.32 34.80 -35.93
CA ALA C 190 -29.39 35.46 -35.02
C ALA C 190 -29.96 35.48 -33.61
N VAL C 191 -29.10 35.84 -32.66
CA VAL C 191 -29.60 36.02 -31.30
C VAL C 191 -30.65 37.14 -31.32
N PRO C 192 -31.74 37.05 -30.54
CA PRO C 192 -32.75 38.11 -30.63
C PRO C 192 -32.24 39.48 -30.23
N VAL C 193 -31.27 39.59 -29.30
CA VAL C 193 -30.74 40.87 -28.85
C VAL C 193 -29.22 40.82 -28.89
N ARG C 194 -28.62 41.59 -29.79
CA ARG C 194 -27.17 41.64 -29.90
C ARG C 194 -26.61 42.59 -28.84
N ILE C 195 -25.54 42.16 -28.16
CA ILE C 195 -25.05 42.81 -26.94
C ILE C 195 -23.54 43.02 -27.07
N GLN C 196 -23.12 44.29 -27.10
CA GLN C 196 -21.71 44.67 -27.20
C GLN C 196 -21.25 45.38 -25.93
N THR C 197 -19.93 45.38 -25.70
CA THR C 197 -19.30 46.12 -24.59
C THR C 197 -18.10 46.91 -25.12
N PRO C 198 -18.32 48.12 -25.66
CA PRO C 198 -17.24 48.79 -26.42
C PRO C 198 -16.13 49.35 -25.56
N GLU C 199 -16.40 49.73 -24.31
CA GLU C 199 -15.35 50.09 -23.36
C GLU C 199 -15.48 49.25 -22.11
N VAL C 200 -14.36 48.68 -21.64
CA VAL C 200 -14.30 47.91 -20.39
C VAL C 200 -12.96 48.18 -19.71
N SER C 201 -13.01 48.52 -18.43
CA SER C 201 -11.81 48.61 -17.58
C SER C 201 -12.20 48.19 -16.17
N VAL C 202 -11.25 48.31 -15.24
CA VAL C 202 -11.51 47.90 -13.85
C VAL C 202 -12.61 48.74 -13.23
N SER C 203 -12.63 50.04 -13.54
CA SER C 203 -13.41 50.98 -12.73
C SER C 203 -14.78 51.23 -13.30
N GLU C 204 -14.87 51.37 -14.62
CA GLU C 204 -16.16 51.44 -15.29
C GLU C 204 -16.01 50.75 -16.64
N ALA C 205 -17.16 50.55 -17.28
CA ALA C 205 -17.28 49.79 -18.52
C ALA C 205 -18.64 50.12 -19.12
N SER C 206 -18.75 50.05 -20.44
CA SER C 206 -20.02 50.37 -21.09
C SER C 206 -20.53 49.19 -21.90
N MET C 207 -21.85 49.13 -22.01
CA MET C 207 -22.55 48.12 -22.79
C MET C 207 -23.61 48.78 -23.65
N GLN C 208 -23.73 48.33 -24.88
CA GLN C 208 -24.77 48.80 -25.78
C GLN C 208 -25.44 47.60 -26.43
N ILE C 209 -26.71 47.74 -26.77
CA ILE C 209 -27.53 46.62 -27.22
C ILE C 209 -28.17 46.96 -28.58
N VAL C 210 -28.01 46.05 -29.55
CA VAL C 210 -28.61 46.19 -30.87
C VAL C 210 -29.67 45.10 -31.04
N ALA C 211 -30.75 45.45 -31.71
CA ALA C 211 -31.88 44.54 -31.91
C ALA C 211 -32.78 45.15 -32.97
N PHE C 212 -33.76 44.38 -33.44
CA PHE C 212 -34.69 44.81 -34.48
C PHE C 212 -36.07 44.26 -34.18
N LEU C 213 -37.05 45.13 -33.96
CA LEU C 213 -38.40 44.71 -33.61
C LEU C 213 -39.39 44.89 -34.76
N LYS C 214 -40.40 44.02 -34.78
CA LYS C 214 -41.42 44.03 -35.80
C LYS C 214 -42.72 43.54 -35.19
N ASN C 215 -43.84 44.09 -35.65
CA ASN C 215 -45.17 43.68 -35.20
C ASN C 215 -45.90 42.96 -36.34
N ASP C 216 -46.55 41.84 -36.01
CA ASP C 216 -47.25 41.01 -36.98
C ASP C 216 -48.74 40.89 -36.68
N PHE C 217 -49.27 41.75 -35.81
CA PHE C 217 -50.71 41.91 -35.63
C PHE C 217 -51.28 42.80 -36.75
N THR C 218 -52.57 43.12 -36.67
CA THR C 218 -53.17 44.08 -37.59
C THR C 218 -53.27 45.48 -37.00
N ASP C 219 -53.70 45.61 -35.75
CA ASP C 219 -53.66 46.91 -35.07
C ASP C 219 -52.24 47.44 -35.03
N THR C 220 -52.10 48.75 -34.93
CA THR C 220 -50.83 49.32 -34.52
C THR C 220 -50.64 49.06 -33.02
N LYS C 221 -49.39 49.10 -32.58
CA LYS C 221 -49.05 48.70 -31.21
C LYS C 221 -48.00 49.63 -30.63
N HIS C 222 -48.31 50.24 -29.49
CA HIS C 222 -47.36 51.05 -28.75
C HIS C 222 -46.76 50.20 -27.65
N VAL C 223 -45.44 50.32 -27.46
CA VAL C 223 -44.74 49.43 -26.54
C VAL C 223 -43.67 50.17 -25.75
N HIS C 224 -43.37 49.63 -24.56
CA HIS C 224 -42.17 49.99 -23.81
C HIS C 224 -41.11 48.92 -24.02
N VAL C 225 -39.85 49.32 -23.95
CA VAL C 225 -38.72 48.39 -24.01
C VAL C 225 -37.90 48.65 -22.74
N ASN C 226 -38.29 47.97 -21.66
CA ASN C 226 -37.55 47.99 -20.41
C ASN C 226 -36.33 47.09 -20.53
N VAL C 227 -35.17 47.57 -20.09
CA VAL C 227 -33.92 46.83 -20.20
C VAL C 227 -33.25 46.81 -18.84
N PHE C 228 -32.80 45.64 -18.41
CA PHE C 228 -32.21 45.45 -17.09
C PHE C 228 -30.89 44.71 -17.18
N LEU C 229 -29.93 45.12 -16.35
CA LEU C 229 -28.66 44.42 -16.15
C LEU C 229 -28.61 43.95 -14.70
N CYS C 230 -28.51 42.63 -14.51
CA CYS C 230 -28.58 42.02 -13.20
C CYS C 230 -27.24 41.46 -12.74
N ASP C 231 -27.07 41.44 -11.43
CA ASP C 231 -26.06 40.75 -10.63
C ASP C 231 -25.99 39.26 -10.94
N GLU C 232 -24.91 38.62 -10.47
CA GLU C 232 -24.92 37.18 -10.21
C GLU C 232 -26.16 36.80 -9.43
N MET C 233 -26.27 37.31 -8.21
CA MET C 233 -27.41 37.16 -7.31
C MET C 233 -28.69 37.83 -7.85
N ASN C 234 -28.64 38.35 -9.07
CA ASN C 234 -29.81 38.84 -9.81
C ASN C 234 -30.32 40.18 -9.30
N ARG C 235 -29.46 40.95 -8.62
CA ARG C 235 -29.80 42.30 -8.25
C ARG C 235 -29.62 43.27 -9.43
N ILE C 236 -30.65 44.10 -9.68
CA ILE C 236 -30.58 45.10 -10.74
C ILE C 236 -29.45 46.07 -10.46
N VAL C 237 -28.70 46.41 -11.53
CA VAL C 237 -27.60 47.37 -11.46
C VAL C 237 -27.87 48.57 -12.35
N LYS C 238 -28.48 48.34 -13.51
CA LYS C 238 -28.78 49.37 -14.48
C LYS C 238 -30.13 49.06 -15.09
N GLU C 239 -30.91 50.10 -15.37
CA GLU C 239 -32.24 49.94 -15.95
C GLU C 239 -32.52 51.15 -16.84
N LYS C 240 -33.24 50.92 -17.95
CA LYS C 240 -33.51 51.95 -18.93
C LYS C 240 -34.71 51.54 -19.75
N GLN C 241 -35.54 52.51 -20.11
CA GLN C 241 -36.75 52.24 -20.87
C GLN C 241 -36.75 53.02 -22.18
N LEU C 242 -37.37 52.42 -23.19
CA LEU C 242 -37.61 53.08 -24.45
C LEU C 242 -39.08 52.90 -24.79
N LYS C 243 -39.60 53.85 -25.57
CA LYS C 243 -40.92 53.76 -26.16
C LYS C 243 -40.74 53.74 -27.66
N LEU C 244 -41.81 53.32 -28.35
CA LEU C 244 -41.97 53.60 -29.77
C LEU C 244 -43.29 52.98 -30.21
N LYS C 245 -43.78 53.47 -31.34
CA LYS C 245 -44.99 52.94 -31.96
C LYS C 245 -44.58 51.96 -33.04
N LEU C 246 -45.30 50.82 -33.11
CA LEU C 246 -45.00 49.72 -34.03
C LEU C 246 -46.19 49.57 -34.99
N ILE C 247 -46.05 50.09 -36.21
CA ILE C 247 -47.08 49.93 -37.23
C ILE C 247 -46.83 48.61 -37.94
N PRO C 248 -47.86 47.77 -38.11
CA PRO C 248 -47.63 46.38 -38.57
C PRO C 248 -46.85 46.30 -39.87
N GLY C 249 -46.01 45.29 -39.96
CA GLY C 249 -45.21 45.08 -41.14
C GLY C 249 -43.81 45.64 -41.01
N ARG C 250 -43.64 46.78 -40.35
CA ARG C 250 -42.35 47.45 -40.36
C ARG C 250 -41.42 46.91 -39.27
N LYS C 251 -40.12 46.91 -39.59
CA LYS C 251 -39.05 46.37 -38.76
C LYS C 251 -38.23 47.53 -38.21
N TYR C 252 -38.44 47.84 -36.92
CA TYR C 252 -37.82 49.01 -36.31
C TYR C 252 -36.54 48.61 -35.63
N PRO C 253 -35.40 49.13 -36.06
CA PRO C 253 -34.15 48.83 -35.37
C PRO C 253 -34.14 49.46 -33.98
N ILE C 254 -33.39 48.84 -33.08
CA ILE C 254 -33.12 49.39 -31.75
C ILE C 254 -31.62 49.34 -31.52
N SER C 255 -31.03 50.46 -31.09
CA SER C 255 -29.59 50.47 -30.82
C SER C 255 -29.28 51.49 -29.72
N THR C 256 -29.78 51.21 -28.52
CA THR C 256 -29.61 52.11 -27.39
C THR C 256 -28.30 51.80 -26.66
N SER C 257 -28.13 52.38 -25.47
CA SER C 257 -26.95 52.16 -24.64
C SER C 257 -27.33 52.16 -23.17
N VAL C 258 -26.58 51.40 -22.40
CA VAL C 258 -26.82 51.33 -20.96
C VAL C 258 -26.00 52.36 -20.18
N GLY C 259 -24.81 52.70 -20.65
CA GLY C 259 -24.08 53.81 -20.06
C GLY C 259 -23.21 53.38 -18.91
N ARG C 260 -22.71 54.39 -18.17
CA ARG C 260 -21.71 54.18 -17.13
C ARG C 260 -22.12 53.05 -16.19
N ILE C 261 -21.40 51.94 -16.30
CA ILE C 261 -21.53 50.80 -15.40
C ILE C 261 -20.34 50.86 -14.45
N GLU C 262 -20.61 51.22 -13.19
CA GLU C 262 -19.55 51.44 -12.22
C GLU C 262 -19.00 50.13 -11.66
N ASN C 263 -17.66 50.05 -11.53
CA ASN C 263 -16.90 48.95 -10.95
C ASN C 263 -17.57 47.60 -11.17
N PRO C 264 -17.36 46.98 -12.34
CA PRO C 264 -18.03 45.71 -12.63
C PRO C 264 -17.12 44.50 -12.44
N HIS C 265 -17.73 43.37 -12.09
CA HIS C 265 -16.97 42.12 -11.98
C HIS C 265 -16.61 41.61 -13.38
N LEU C 266 -15.38 41.18 -13.53
CA LEU C 266 -14.81 40.83 -14.82
C LEU C 266 -14.95 39.35 -15.07
N TRP C 267 -15.34 39.00 -16.31
CA TRP C 267 -15.28 37.61 -16.75
C TRP C 267 -13.84 37.24 -17.11
N SER C 268 -13.26 36.43 -16.32
CA SER C 268 -12.00 35.76 -16.46
C SER C 268 -12.25 34.29 -16.68
N PRO C 269 -11.37 33.58 -17.38
CA PRO C 269 -11.42 32.12 -17.29
C PRO C 269 -11.32 31.62 -15.86
N GLU C 270 -10.38 32.15 -15.08
CA GLU C 270 -10.27 31.70 -13.69
C GLU C 270 -11.47 32.12 -12.87
N LEU C 271 -11.94 33.35 -13.06
CA LEU C 271 -13.11 33.88 -12.38
C LEU C 271 -14.17 34.21 -13.43
N PRO C 272 -14.90 33.21 -13.94
CA PRO C 272 -15.92 33.46 -14.97
C PRO C 272 -17.19 34.12 -14.44
N TYR C 273 -17.07 35.37 -13.99
CA TYR C 273 -18.25 36.14 -13.63
C TYR C 273 -19.10 36.47 -14.87
N LEU C 274 -20.40 36.17 -14.78
CA LEU C 274 -21.38 36.48 -15.81
C LEU C 274 -22.49 37.34 -15.22
N TYR C 275 -22.89 38.36 -15.97
CA TYR C 275 -24.07 39.16 -15.68
C TYR C 275 -25.22 38.66 -16.55
N THR C 276 -26.41 39.18 -16.29
CA THR C 276 -27.55 38.81 -17.12
C THR C 276 -28.32 40.06 -17.53
N VAL C 277 -28.68 40.14 -18.81
CA VAL C 277 -29.35 41.29 -19.38
C VAL C 277 -30.77 40.90 -19.72
N LYS C 278 -31.73 41.49 -19.03
CA LYS C 278 -33.14 41.28 -19.31
C LYS C 278 -33.65 42.37 -20.24
N VAL C 279 -34.60 42.01 -21.10
CA VAL C 279 -35.23 42.96 -22.03
C VAL C 279 -36.70 42.60 -22.19
N GLN C 280 -37.59 43.36 -21.55
CA GLN C 280 -39.02 43.14 -21.68
C GLN C 280 -39.59 44.13 -22.71
N VAL C 281 -40.26 43.59 -23.73
CA VAL C 281 -41.09 44.40 -24.60
C VAL C 281 -42.51 44.27 -24.08
N CYS C 282 -43.04 45.35 -23.50
CA CYS C 282 -44.41 45.36 -22.97
C CYS C 282 -45.24 46.47 -23.59
N ASP C 283 -46.54 46.20 -23.73
CA ASP C 283 -47.49 47.15 -24.31
C ASP C 283 -47.69 48.35 -23.39
N ALA C 284 -47.39 49.54 -23.90
CA ALA C 284 -47.53 50.75 -23.09
C ALA C 284 -48.97 51.00 -22.66
N LYS C 285 -49.95 50.61 -23.48
CA LYS C 285 -51.37 50.81 -23.15
C LYS C 285 -51.78 49.89 -22.01
N ASN C 286 -52.07 48.61 -22.32
CA ASN C 286 -52.63 47.68 -21.36
C ASN C 286 -51.58 46.79 -20.67
N GLY C 287 -50.30 47.16 -20.75
CA GLY C 287 -49.27 46.51 -19.95
C GLY C 287 -48.83 45.12 -20.36
N GLU C 288 -49.50 44.46 -21.31
CA GLU C 288 -49.16 43.08 -21.66
C GLU C 288 -47.69 42.94 -22.06
N MET C 289 -47.05 41.87 -21.60
CA MET C 289 -45.67 41.60 -21.95
C MET C 289 -45.64 40.68 -23.16
N TYR C 290 -44.96 41.11 -24.23
CA TYR C 290 -44.92 40.35 -25.46
C TYR C 290 -43.68 39.47 -25.57
N GLN C 291 -42.53 39.98 -25.17
CA GLN C 291 -41.29 39.23 -25.20
C GLN C 291 -40.55 39.48 -23.89
N GLU C 292 -39.57 38.62 -23.63
CA GLU C 292 -38.63 38.82 -22.52
C GLU C 292 -37.39 37.99 -22.85
N VAL C 293 -36.34 38.66 -23.32
CA VAL C 293 -35.11 37.99 -23.74
C VAL C 293 -34.05 38.15 -22.66
N ILE C 294 -33.65 37.04 -22.05
CA ILE C 294 -32.54 36.99 -21.08
C ILE C 294 -31.27 36.51 -21.78
N SER C 295 -30.13 37.13 -21.44
CA SER C 295 -28.88 36.89 -22.16
C SER C 295 -27.66 36.95 -21.24
N PRO C 296 -27.02 35.82 -20.96
CA PRO C 296 -25.72 35.87 -20.29
C PRO C 296 -24.75 36.78 -21.02
N VAL C 297 -23.93 37.49 -20.25
CA VAL C 297 -22.84 38.25 -20.82
C VAL C 297 -21.87 38.59 -19.69
N GLY C 298 -20.60 38.76 -20.06
CA GLY C 298 -19.57 39.09 -19.09
C GLY C 298 -18.73 40.27 -19.57
N PHE C 299 -17.94 40.79 -18.63
CA PHE C 299 -17.17 42.02 -18.84
C PHE C 299 -15.69 41.67 -18.91
N ARG C 300 -15.11 41.75 -20.10
CA ARG C 300 -13.71 41.47 -20.30
C ARG C 300 -13.23 42.23 -21.53
N TRP C 301 -11.91 42.35 -21.63
CA TRP C 301 -11.28 43.14 -22.67
C TRP C 301 -9.91 42.55 -22.91
N PHE C 302 -9.46 42.62 -24.17
CA PHE C 302 -8.28 41.84 -24.51
C PHE C 302 -7.51 42.51 -25.63
N SER C 303 -6.20 42.31 -25.59
CA SER C 303 -5.30 42.75 -26.64
C SER C 303 -4.44 41.56 -27.02
N VAL C 304 -3.94 41.57 -28.25
CA VAL C 304 -2.89 40.66 -28.66
C VAL C 304 -1.75 41.48 -29.24
N ASP C 305 -0.55 40.90 -29.20
CA ASP C 305 0.63 41.46 -29.86
C ASP C 305 1.84 40.54 -29.68
N LYS C 306 2.96 40.89 -30.32
CA LYS C 306 4.18 40.06 -30.37
C LYS C 306 4.71 39.69 -28.98
N THR C 307 4.22 40.32 -27.92
CA THR C 307 4.69 40.10 -26.56
C THR C 307 3.79 39.15 -25.76
N GLY C 308 2.54 38.98 -26.18
CA GLY C 308 1.69 37.97 -25.58
C GLY C 308 0.22 38.29 -25.85
N PHE C 309 -0.64 37.53 -25.16
CA PHE C 309 -2.09 37.74 -25.15
C PHE C 309 -2.47 38.36 -23.82
N TYR C 310 -3.31 39.40 -23.85
CA TYR C 310 -3.54 40.21 -22.65
C TYR C 310 -5.03 40.33 -22.39
N LEU C 311 -5.45 39.93 -21.19
CA LEU C 311 -6.86 39.87 -20.79
C LEU C 311 -7.06 40.57 -19.46
N ASN C 312 -8.04 41.47 -19.41
CA ASN C 312 -8.29 42.31 -18.23
C ASN C 312 -7.02 43.00 -17.74
N GLY C 313 -6.14 43.37 -18.68
CA GLY C 313 -4.90 44.04 -18.36
C GLY C 313 -3.73 43.12 -18.09
N LYS C 314 -3.98 41.86 -17.73
CA LYS C 314 -2.93 40.94 -17.32
C LYS C 314 -2.53 40.00 -18.46
N TYR C 315 -1.28 39.53 -18.41
CA TYR C 315 -0.76 38.58 -19.39
C TYR C 315 -1.27 37.18 -19.09
N LEU C 316 -1.68 36.48 -20.15
CA LEU C 316 -2.23 35.13 -20.03
C LEU C 316 -1.76 34.29 -21.21
N LYS C 317 -1.05 33.21 -20.93
CA LYS C 317 -0.79 32.21 -21.96
C LYS C 317 -2.04 31.35 -22.17
N LEU C 318 -2.41 31.13 -23.42
CA LEU C 318 -3.66 30.42 -23.74
C LEU C 318 -3.35 28.96 -24.02
N ARG C 319 -3.72 28.09 -23.07
CA ARG C 319 -3.38 26.68 -23.08
C ARG C 319 -4.65 25.85 -23.12
N GLY C 320 -4.77 24.97 -24.12
CA GLY C 320 -5.95 24.13 -24.21
C GLY C 320 -5.93 23.17 -25.38
N ALA C 321 -7.09 23.00 -26.03
CA ALA C 321 -7.19 21.97 -27.07
C ALA C 321 -8.40 22.24 -27.95
N ALA C 322 -8.42 21.55 -29.10
CA ALA C 322 -9.61 21.47 -29.95
C ALA C 322 -10.51 20.34 -29.47
N ARG C 323 -11.81 20.45 -29.75
CA ARG C 323 -12.75 19.38 -29.47
C ARG C 323 -13.50 18.99 -30.74
N HIS C 324 -13.44 17.71 -31.09
CA HIS C 324 -14.29 17.27 -32.17
C HIS C 324 -15.65 16.79 -31.68
N GLN C 325 -16.59 16.83 -32.60
CA GLN C 325 -18.01 16.89 -32.34
C GLN C 325 -18.70 15.53 -32.17
N ASP C 326 -17.95 14.44 -32.05
CA ASP C 326 -18.56 13.12 -32.12
C ASP C 326 -18.11 12.19 -30.99
N TYR C 327 -18.90 11.12 -30.84
CA TYR C 327 -18.77 10.16 -29.77
C TYR C 327 -18.68 8.77 -30.38
N ALA C 328 -18.11 7.83 -29.64
CA ALA C 328 -17.89 6.49 -30.18
C ALA C 328 -19.22 5.80 -30.48
N GLY C 329 -19.30 5.16 -31.65
CA GLY C 329 -20.52 4.52 -32.09
C GLY C 329 -21.64 5.46 -32.51
N LEU C 330 -21.74 6.64 -31.90
CA LEU C 330 -22.91 7.48 -32.06
C LEU C 330 -22.84 8.38 -33.29
N GLY C 331 -21.83 8.23 -34.13
CA GLY C 331 -21.70 9.27 -35.13
C GLY C 331 -21.44 10.63 -34.48
N THR C 332 -21.91 11.67 -35.13
CA THR C 332 -21.90 12.99 -34.52
C THR C 332 -23.22 13.31 -33.82
N ALA C 333 -24.13 12.33 -33.78
CA ALA C 333 -25.48 12.50 -33.22
C ALA C 333 -25.42 12.22 -31.72
N ILE C 334 -24.71 13.09 -31.03
CA ILE C 334 -24.31 12.88 -29.64
C ILE C 334 -25.42 13.42 -28.74
N PRO C 335 -25.61 12.87 -27.54
CA PRO C 335 -26.58 13.45 -26.61
C PRO C 335 -26.11 14.84 -26.18
N VAL C 336 -27.06 15.73 -25.90
CA VAL C 336 -26.66 17.13 -25.80
C VAL C 336 -25.76 17.37 -24.59
N GLU C 337 -25.94 16.60 -23.53
CA GLU C 337 -25.11 16.76 -22.34
C GLU C 337 -23.66 16.45 -22.65
N MET C 338 -23.39 15.72 -23.73
CA MET C 338 -22.03 15.39 -24.06
C MET C 338 -21.23 16.63 -24.32
N ASN C 339 -21.90 17.68 -24.79
CA ASN C 339 -21.23 18.94 -25.09
C ASN C 339 -20.59 19.53 -23.84
N ARG C 340 -21.38 19.69 -22.77
CA ARG C 340 -20.84 20.20 -21.51
C ARG C 340 -19.91 19.20 -20.83
N ARG C 341 -20.08 17.89 -21.10
CA ARG C 341 -19.18 16.92 -20.48
C ARG C 341 -17.77 17.02 -21.05
N ASP C 342 -17.68 17.16 -22.38
CA ASP C 342 -16.43 17.45 -23.07
C ASP C 342 -15.73 18.67 -22.47
N MET C 343 -16.47 19.75 -22.19
CA MET C 343 -15.81 20.97 -21.75
C MET C 343 -15.40 20.88 -20.29
N ARG C 344 -16.27 20.33 -19.44
CA ARG C 344 -15.89 19.96 -18.09
C ARG C 344 -14.58 19.17 -18.05
N LEU C 345 -14.42 18.20 -18.95
CA LEU C 345 -13.22 17.37 -18.92
C LEU C 345 -11.98 18.14 -19.38
N LEU C 346 -12.13 19.01 -20.39
CA LEU C 346 -11.03 19.88 -20.79
C LEU C 346 -10.70 20.88 -19.69
N LYS C 347 -11.72 21.53 -19.12
CA LYS C 347 -11.47 22.44 -18.01
C LYS C 347 -10.75 21.75 -16.87
N GLU C 348 -11.19 20.54 -16.51
CA GLU C 348 -10.54 19.80 -15.43
C GLU C 348 -9.10 19.44 -15.77
N MET C 349 -8.78 19.30 -17.05
CA MET C 349 -7.39 19.15 -17.48
C MET C 349 -6.54 20.39 -17.19
N GLY C 350 -7.17 21.47 -16.72
CA GLY C 350 -6.46 22.70 -16.42
C GLY C 350 -6.27 23.64 -17.59
N ALA C 351 -7.09 23.56 -18.61
CA ALA C 351 -6.99 24.47 -19.75
C ALA C 351 -7.82 25.73 -19.53
N ASN C 352 -7.41 26.80 -20.22
CA ASN C 352 -8.22 28.02 -20.25
C ASN C 352 -8.79 28.30 -21.65
N PHE C 353 -8.41 27.53 -22.65
CA PHE C 353 -8.76 27.76 -24.04
C PHE C 353 -9.40 26.50 -24.63
N VAL C 354 -10.39 26.69 -25.52
CA VAL C 354 -10.88 25.61 -26.38
C VAL C 354 -10.88 26.11 -27.82
N ARG C 355 -10.60 25.23 -28.77
CA ARG C 355 -10.63 25.55 -30.19
C ARG C 355 -11.79 24.82 -30.88
N ILE C 356 -12.94 25.49 -30.95
CA ILE C 356 -14.08 25.00 -31.74
C ILE C 356 -13.67 24.90 -33.21
N SER C 357 -13.05 23.77 -33.59
CA SER C 357 -12.69 23.48 -34.98
C SER C 357 -13.23 22.10 -35.37
N HIS C 358 -13.47 21.90 -36.68
CA HIS C 358 -13.30 22.89 -37.73
C HIS C 358 -14.62 23.49 -38.17
N TYR C 359 -15.51 23.74 -37.20
CA TYR C 359 -16.87 24.17 -37.45
C TYR C 359 -17.53 24.62 -36.15
N PRO C 360 -18.52 25.50 -36.19
CA PRO C 360 -19.23 25.83 -34.95
C PRO C 360 -19.94 24.59 -34.44
N GLN C 361 -20.18 24.56 -33.14
CA GLN C 361 -20.77 23.37 -32.53
C GLN C 361 -22.04 23.74 -31.77
N ASP C 362 -22.53 22.82 -30.94
CA ASP C 362 -23.86 23.00 -30.35
C ASP C 362 -23.84 24.19 -29.40
N PRO C 363 -24.91 25.02 -29.40
CA PRO C 363 -25.05 26.08 -28.39
C PRO C 363 -24.61 25.71 -26.97
N GLU C 364 -24.76 24.44 -26.58
CA GLU C 364 -24.43 24.02 -25.21
C GLU C 364 -22.92 24.05 -24.92
N ILE C 365 -22.08 23.99 -25.96
CA ILE C 365 -20.64 24.17 -25.79
C ILE C 365 -20.34 25.59 -25.32
N TYR C 366 -20.96 26.57 -25.96
CA TYR C 366 -20.58 27.95 -25.73
C TYR C 366 -21.08 28.42 -24.37
N ARG C 367 -22.31 28.05 -24.02
CA ARG C 367 -22.78 28.22 -22.65
C ARG C 367 -21.89 27.47 -21.66
N ALA C 368 -21.46 26.25 -21.99
CA ALA C 368 -20.64 25.53 -21.04
C ALA C 368 -19.27 26.17 -20.85
N CYS C 369 -18.79 26.94 -21.85
CA CYS C 369 -17.49 27.59 -21.76
C CYS C 369 -17.58 28.85 -20.91
N ASP C 370 -18.56 29.72 -21.17
CA ASP C 370 -18.54 30.89 -20.31
C ASP C 370 -19.07 30.60 -18.91
N GLU C 371 -19.62 29.42 -18.65
CA GLU C 371 -19.96 29.12 -17.27
C GLU C 371 -18.77 28.54 -16.51
N LEU C 372 -17.95 27.74 -17.20
CA LEU C 372 -16.80 27.09 -16.61
C LEU C 372 -15.53 27.94 -16.63
N GLY C 373 -15.37 28.79 -17.64
CA GLY C 373 -14.15 29.57 -17.79
C GLY C 373 -13.24 29.05 -18.90
N LEU C 374 -13.64 29.23 -20.15
CA LEU C 374 -12.78 28.82 -21.27
C LEU C 374 -12.94 29.77 -22.44
N ILE C 375 -11.81 30.28 -22.92
CA ILE C 375 -11.77 31.23 -24.02
C ILE C 375 -11.85 30.47 -25.34
N VAL C 376 -12.74 30.88 -26.19
CA VAL C 376 -13.12 30.12 -27.37
C VAL C 376 -12.46 30.70 -28.62
N TRP C 377 -12.17 29.80 -29.58
CA TRP C 377 -11.62 30.10 -30.90
C TRP C 377 -12.58 29.44 -31.89
N SER C 378 -13.74 30.05 -32.08
CA SER C 378 -14.74 29.52 -33.00
C SER C 378 -14.30 29.67 -34.47
N GLU C 379 -14.68 28.72 -35.30
CA GLU C 379 -14.20 28.64 -36.66
C GLU C 379 -15.33 28.21 -37.58
N ILE C 380 -15.18 28.48 -38.88
CA ILE C 380 -16.01 27.84 -39.88
C ILE C 380 -15.11 26.92 -40.72
N CYS C 381 -15.74 26.18 -41.62
CA CYS C 381 -15.16 24.95 -42.16
C CYS C 381 -14.46 25.15 -43.51
N VAL C 382 -14.03 26.38 -43.81
CA VAL C 382 -13.32 26.61 -45.07
C VAL C 382 -11.94 25.99 -44.97
N VAL C 383 -11.86 24.67 -45.10
CA VAL C 383 -10.61 23.96 -44.88
C VAL C 383 -10.09 23.43 -46.21
N ASN C 384 -8.78 23.31 -46.26
CA ASN C 384 -7.99 22.70 -47.34
C ASN C 384 -7.97 23.50 -48.64
N GLU C 385 -9.12 23.90 -49.21
CA GLU C 385 -9.08 24.60 -50.49
C GLU C 385 -10.27 25.53 -50.68
N VAL C 386 -10.08 26.58 -51.47
CA VAL C 386 -11.14 27.49 -51.85
C VAL C 386 -11.55 27.20 -53.30
N ARG C 387 -12.85 26.96 -53.51
CA ARG C 387 -13.38 26.80 -54.86
C ARG C 387 -13.56 28.15 -55.55
N LYS C 388 -13.24 28.22 -56.83
CA LYS C 388 -13.32 29.48 -57.56
C LYS C 388 -14.72 29.77 -58.11
N ASN C 389 -15.78 29.55 -57.33
CA ASN C 389 -17.14 29.79 -57.79
C ASN C 389 -17.63 31.12 -57.24
N THR C 390 -18.45 31.78 -58.05
CA THR C 390 -19.26 32.88 -57.53
C THR C 390 -20.13 32.40 -56.36
N ALA C 391 -20.73 31.21 -56.50
CA ALA C 391 -21.67 30.69 -55.51
C ALA C 391 -20.96 30.12 -54.29
N PHE C 392 -19.66 29.83 -54.41
CA PHE C 392 -18.91 29.27 -53.28
C PHE C 392 -18.63 30.33 -52.23
N ALA C 393 -18.02 31.45 -52.64
CA ALA C 393 -17.71 32.51 -51.69
C ALA C 393 -18.96 33.08 -51.05
N HIS C 394 -20.10 33.01 -51.74
CA HIS C 394 -21.31 33.49 -51.10
C HIS C 394 -21.59 32.69 -49.85
N ASN C 395 -21.60 31.37 -49.98
CA ASN C 395 -21.92 30.45 -48.90
C ASN C 395 -20.87 30.41 -47.81
N CYS C 396 -19.68 30.95 -48.06
CA CYS C 396 -18.71 31.12 -47.00
C CYS C 396 -19.07 32.31 -46.12
N LYS C 397 -19.67 33.33 -46.72
CA LYS C 397 -20.02 34.52 -45.95
C LYS C 397 -21.30 34.31 -45.18
N GLU C 398 -22.29 33.69 -45.81
CA GLU C 398 -23.56 33.43 -45.16
C GLU C 398 -23.42 32.44 -44.02
N MET C 399 -22.38 31.62 -44.02
CA MET C 399 -22.10 30.77 -42.87
C MET C 399 -21.23 31.46 -41.84
N LEU C 400 -20.44 32.48 -42.23
CA LEU C 400 -19.73 33.28 -41.23
C LEU C 400 -20.68 34.25 -40.55
N LYS C 401 -21.55 34.90 -41.33
CA LYS C 401 -22.63 35.70 -40.76
C LYS C 401 -23.44 34.87 -39.76
N GLU C 402 -23.60 33.57 -40.03
CA GLU C 402 -24.38 32.70 -39.17
C GLU C 402 -23.66 32.46 -37.84
N MET C 403 -22.39 32.07 -37.90
CA MET C 403 -21.65 31.72 -36.69
C MET C 403 -21.53 32.91 -35.75
N ILE C 404 -21.01 34.04 -36.25
CA ILE C 404 -20.91 35.26 -35.44
C ILE C 404 -22.24 35.57 -34.79
N LEU C 405 -23.31 35.62 -35.59
CA LEU C 405 -24.57 36.15 -35.11
C LEU C 405 -25.32 35.17 -34.24
N GLN C 406 -25.09 33.87 -34.46
CA GLN C 406 -25.76 32.90 -33.59
C GLN C 406 -25.09 32.80 -32.23
N ASN C 407 -23.81 33.13 -32.11
CA ASN C 407 -23.14 33.07 -30.83
C ASN C 407 -22.53 34.40 -30.44
N TYR C 408 -23.36 35.43 -30.32
CA TYR C 408 -22.83 36.79 -30.29
C TYR C 408 -22.35 37.19 -28.89
N ASN C 409 -23.18 36.96 -27.86
CA ASN C 409 -23.00 37.65 -26.60
C ASN C 409 -22.06 36.93 -25.65
N HIS C 410 -21.75 35.65 -25.92
CA HIS C 410 -20.89 34.76 -25.14
C HIS C 410 -19.54 35.39 -24.81
N PRO C 411 -19.28 35.77 -23.55
CA PRO C 411 -17.98 36.38 -23.23
C PRO C 411 -16.83 35.44 -23.51
N SER C 412 -17.10 34.14 -23.64
CA SER C 412 -16.04 33.14 -23.77
C SER C 412 -15.31 33.28 -25.09
N VAL C 413 -16.05 33.60 -26.15
CA VAL C 413 -15.45 33.68 -27.49
C VAL C 413 -14.57 34.92 -27.58
N VAL C 414 -13.41 34.78 -28.20
CA VAL C 414 -12.45 35.87 -28.26
C VAL C 414 -11.91 35.94 -29.69
N LEU C 415 -11.95 34.82 -30.42
CA LEU C 415 -11.43 34.76 -31.79
C LEU C 415 -12.47 34.19 -32.75
N TRP C 416 -12.68 34.86 -33.88
CA TRP C 416 -13.46 34.34 -34.99
C TRP C 416 -12.50 33.77 -36.03
N GLY C 417 -12.71 32.51 -36.40
CA GLY C 417 -11.87 31.81 -37.35
C GLY C 417 -12.60 31.64 -38.66
N ALA C 418 -11.86 31.11 -39.65
CA ALA C 418 -12.48 31.01 -40.98
C ALA C 418 -11.84 29.92 -41.82
N MET C 419 -10.54 30.01 -42.01
CA MET C 419 -9.82 29.12 -42.90
C MET C 419 -8.76 28.34 -42.13
N ASN C 420 -8.39 27.19 -42.69
CA ASN C 420 -7.55 26.23 -41.98
C ASN C 420 -6.77 25.42 -43.01
N GLU C 421 -5.45 25.55 -42.98
CA GLU C 421 -4.54 24.69 -43.74
C GLU C 421 -4.85 24.69 -45.24
N LEU C 422 -5.15 25.88 -45.79
CA LEU C 422 -5.21 26.03 -47.24
C LEU C 422 -3.88 25.61 -47.88
N TRP C 423 -3.97 24.91 -49.01
CA TRP C 423 -2.80 24.40 -49.72
C TRP C 423 -2.46 25.23 -50.96
N ASP C 424 -3.16 26.34 -51.17
CA ASP C 424 -3.13 27.08 -52.44
C ASP C 424 -3.79 28.44 -52.30
N TYR C 425 -3.02 29.46 -51.93
CA TYR C 425 -3.56 30.80 -51.75
C TYR C 425 -3.63 31.53 -53.09
N HIS C 426 -4.46 30.97 -53.97
CA HIS C 426 -4.58 31.52 -55.32
C HIS C 426 -5.29 32.87 -55.25
N LYS C 427 -5.65 33.40 -56.42
CA LYS C 427 -6.18 34.76 -56.51
C LYS C 427 -7.48 34.90 -55.72
N GLN C 428 -8.48 34.08 -56.07
CA GLN C 428 -9.78 34.15 -55.40
C GLN C 428 -9.67 33.79 -53.92
N ALA C 429 -8.70 32.94 -53.56
CA ALA C 429 -8.48 32.55 -52.17
C ALA C 429 -8.04 33.74 -51.31
N ILE C 430 -7.19 34.62 -51.86
CA ILE C 430 -6.82 35.83 -51.14
C ILE C 430 -8.04 36.74 -50.94
N ALA C 431 -8.76 37.02 -52.03
CA ALA C 431 -9.90 37.93 -51.90
C ALA C 431 -10.90 37.41 -50.88
N LEU C 432 -11.05 36.09 -50.77
CA LEU C 432 -11.99 35.54 -49.80
C LEU C 432 -11.44 35.65 -48.37
N ALA C 433 -10.15 35.40 -48.18
CA ALA C 433 -9.55 35.69 -46.88
C ALA C 433 -9.76 37.16 -46.50
N ARG C 434 -9.55 38.08 -47.45
CA ARG C 434 -9.69 39.48 -47.14
C ARG C 434 -11.14 39.83 -46.85
N GLU C 435 -12.07 39.33 -47.66
CA GLU C 435 -13.48 39.67 -47.49
C GLU C 435 -14.03 39.15 -46.17
N LEU C 436 -13.71 37.90 -45.82
CA LEU C 436 -14.13 37.36 -44.52
C LEU C 436 -13.47 38.11 -43.36
N GLU C 437 -12.25 38.63 -43.57
CA GLU C 437 -11.61 39.45 -42.54
C GLU C 437 -12.38 40.74 -42.31
N ALA C 438 -12.79 41.42 -43.39
CA ALA C 438 -13.59 42.63 -43.23
C ALA C 438 -15.02 42.30 -42.77
N LEU C 439 -15.58 41.16 -43.19
CA LEU C 439 -16.91 40.79 -42.69
C LEU C 439 -16.89 40.44 -41.20
N LYS C 440 -15.80 39.84 -40.72
CA LYS C 440 -15.66 39.52 -39.30
C LYS C 440 -15.79 40.78 -38.46
N LYS C 441 -14.93 41.77 -38.76
CA LYS C 441 -14.87 43.01 -38.00
C LYS C 441 -16.00 43.97 -38.35
N GLU C 442 -16.68 43.77 -39.49
CA GLU C 442 -17.92 44.49 -39.72
C GLU C 442 -19.03 43.98 -38.81
N LEU C 443 -19.12 42.66 -38.59
CA LEU C 443 -20.17 42.14 -37.75
C LEU C 443 -19.87 42.35 -36.28
N ASP C 444 -18.58 42.41 -35.94
CA ASP C 444 -18.11 42.40 -34.57
C ASP C 444 -16.73 43.06 -34.50
N PRO C 445 -16.67 44.33 -34.10
CA PRO C 445 -15.34 44.96 -33.89
C PRO C 445 -14.59 44.42 -32.68
N TYR C 446 -15.28 43.85 -31.70
CA TYR C 446 -14.71 43.66 -30.37
C TYR C 446 -14.26 42.23 -30.13
N ARG C 447 -13.73 41.58 -31.16
CA ARG C 447 -13.12 40.26 -31.05
C ARG C 447 -12.03 40.12 -32.12
N LEU C 448 -11.01 39.32 -31.82
CA LEU C 448 -9.89 39.14 -32.73
C LEU C 448 -10.28 38.22 -33.87
N SER C 449 -9.36 38.03 -34.82
CA SER C 449 -9.58 37.27 -36.03
C SER C 449 -8.44 36.28 -36.21
N CYS C 450 -8.71 35.07 -36.71
CA CYS C 450 -7.63 34.10 -36.77
C CYS C 450 -7.66 33.30 -38.06
N VAL C 451 -6.59 32.53 -38.23
CA VAL C 451 -6.43 31.58 -39.32
C VAL C 451 -5.36 30.60 -38.90
N ALA C 452 -5.44 29.38 -39.41
CA ALA C 452 -4.50 28.33 -39.05
C ALA C 452 -3.85 27.78 -40.32
N PHE C 453 -2.52 27.79 -40.34
CA PHE C 453 -1.74 27.36 -41.50
C PHE C 453 -1.19 25.96 -41.29
N HIS C 454 -0.80 25.34 -42.40
CA HIS C 454 -0.04 24.11 -42.24
C HIS C 454 1.44 24.44 -42.09
N ALA C 455 2.22 23.45 -41.64
CA ALA C 455 3.66 23.62 -41.46
C ALA C 455 4.47 22.94 -42.55
N PHE C 456 3.86 22.70 -43.71
CA PHE C 456 4.57 22.11 -44.85
C PHE C 456 5.17 23.27 -45.65
N THR C 457 6.34 23.72 -45.21
CA THR C 457 7.01 24.86 -45.85
C THR C 457 7.60 24.52 -47.21
N TRP C 458 7.51 23.27 -47.66
CA TRP C 458 7.85 22.86 -49.02
C TRP C 458 6.64 22.87 -49.95
N GLU C 459 5.51 23.45 -49.52
CA GLU C 459 4.29 23.58 -50.31
C GLU C 459 3.82 25.04 -50.28
N LYS C 460 2.67 25.31 -50.89
CA LYS C 460 2.06 26.62 -50.77
C LYS C 460 1.34 26.69 -49.46
N PRO C 461 1.16 27.89 -48.89
CA PRO C 461 1.58 29.21 -49.38
C PRO C 461 3.07 29.51 -49.21
N TYR C 462 3.80 28.61 -48.55
CA TYR C 462 5.19 28.92 -48.23
C TYR C 462 6.01 29.15 -49.48
N THR C 463 5.78 28.35 -50.52
CA THR C 463 6.51 28.46 -51.79
C THR C 463 5.80 29.35 -52.79
N GLN C 464 5.26 30.50 -52.35
CA GLN C 464 4.52 31.41 -53.21
C GLN C 464 5.27 32.72 -53.35
N SER C 465 4.99 33.43 -54.44
CA SER C 465 5.56 34.76 -54.67
C SER C 465 5.35 35.67 -53.45
N SER C 466 4.14 35.64 -52.90
CA SER C 466 3.70 36.64 -51.94
C SER C 466 3.64 36.10 -50.52
N LYS C 467 3.61 37.04 -49.59
CA LYS C 467 3.29 36.78 -48.20
C LYS C 467 2.12 37.63 -47.74
N GLU C 468 1.30 38.07 -48.70
CA GLU C 468 0.03 38.76 -48.48
C GLU C 468 -0.76 38.07 -47.38
N MET C 469 -0.74 36.73 -47.44
CA MET C 469 -1.65 35.88 -46.71
C MET C 469 -1.28 35.70 -45.24
N PHE C 470 -0.12 36.21 -44.80
CA PHE C 470 0.27 36.14 -43.41
C PHE C 470 -0.04 37.41 -42.64
N SER C 471 -0.79 38.34 -43.23
CA SER C 471 -1.19 39.56 -42.52
C SER C 471 -2.60 39.92 -42.96
N ILE C 472 -3.57 39.16 -42.46
CA ILE C 472 -4.97 39.45 -42.71
C ILE C 472 -5.71 39.29 -41.40
N SER C 473 -5.58 38.11 -40.82
CA SER C 473 -6.19 37.83 -39.54
C SER C 473 -5.26 38.29 -38.42
N ASP C 474 -5.87 38.73 -37.31
CA ASP C 474 -5.11 39.37 -36.26
C ASP C 474 -4.10 38.43 -35.62
N VAL C 475 -4.39 37.12 -35.62
CA VAL C 475 -3.55 36.07 -35.03
C VAL C 475 -3.37 34.93 -36.03
N ASN C 476 -2.12 34.59 -36.34
CA ASN C 476 -1.80 33.54 -37.30
C ASN C 476 -1.54 32.23 -36.58
N GLY C 477 -2.36 31.21 -36.85
CA GLY C 477 -2.12 29.89 -36.31
C GLY C 477 -1.29 29.04 -37.23
N VAL C 478 -0.40 28.25 -36.62
CA VAL C 478 0.41 27.26 -37.32
C VAL C 478 0.13 25.88 -36.75
N ASN C 479 0.22 24.89 -37.63
CA ASN C 479 -0.17 23.49 -37.37
C ASN C 479 1.06 22.63 -37.55
N VAL C 480 1.71 22.28 -36.45
CA VAL C 480 3.02 21.62 -36.49
C VAL C 480 2.88 20.17 -36.10
N TYR C 481 3.37 19.30 -36.97
CA TYR C 481 3.45 17.88 -36.74
C TYR C 481 4.84 17.40 -37.07
N GLU C 482 5.86 18.23 -36.75
CA GLU C 482 7.25 17.81 -36.86
C GLU C 482 7.59 16.84 -35.74
N SER C 483 8.36 15.82 -36.09
CA SER C 483 8.64 14.59 -35.35
C SER C 483 7.49 13.56 -35.48
N TRP C 484 6.33 13.93 -36.04
CA TRP C 484 5.26 12.96 -36.28
C TRP C 484 5.18 12.53 -37.75
N TYR C 485 4.67 13.43 -38.62
CA TYR C 485 4.53 13.09 -40.04
C TYR C 485 5.85 13.16 -40.80
N GLN C 486 6.78 13.99 -40.32
CA GLN C 486 8.12 14.12 -40.86
C GLN C 486 9.03 14.63 -39.75
N GLY C 487 10.33 14.75 -40.05
CA GLY C 487 11.25 15.31 -39.06
C GLY C 487 11.36 14.49 -37.77
N ASP C 488 12.03 15.11 -36.79
CA ASP C 488 12.30 14.48 -35.50
C ASP C 488 12.51 15.57 -34.45
N SER C 489 13.29 15.25 -33.41
CA SER C 489 13.51 16.22 -32.34
C SER C 489 14.16 17.49 -32.86
N ALA C 490 15.09 17.35 -33.81
CA ALA C 490 15.91 18.45 -34.27
C ALA C 490 15.19 19.36 -35.25
N THR C 491 13.96 19.01 -35.67
CA THR C 491 13.24 19.82 -36.64
C THR C 491 12.12 20.66 -36.03
N ILE C 492 11.76 20.43 -34.76
CA ILE C 492 10.66 21.17 -34.17
C ILE C 492 11.07 22.63 -33.95
N ALA C 493 12.06 22.85 -33.08
CA ALA C 493 12.46 24.20 -32.74
C ALA C 493 12.87 25.03 -33.97
N PRO C 494 13.50 24.47 -35.00
CA PRO C 494 13.73 25.27 -36.22
C PRO C 494 12.46 25.65 -36.95
N MET C 495 11.49 24.74 -37.09
CA MET C 495 10.30 25.07 -37.85
C MET C 495 9.45 26.09 -37.11
N PHE C 496 9.50 26.09 -35.78
CA PHE C 496 8.88 27.17 -35.03
C PHE C 496 9.49 28.51 -35.42
N ASP C 497 10.82 28.58 -35.43
CA ASP C 497 11.51 29.80 -35.84
C ASP C 497 11.11 30.20 -37.25
N LYS C 498 11.01 29.20 -38.15
CA LYS C 498 10.69 29.45 -39.55
C LYS C 498 9.29 30.02 -39.73
N PHE C 499 8.32 29.66 -38.88
CA PHE C 499 7.01 30.25 -39.04
C PHE C 499 7.04 31.75 -38.81
N CYS C 500 7.64 32.17 -37.68
CA CYS C 500 7.76 33.60 -37.39
C CYS C 500 8.49 34.36 -38.49
N SER C 501 9.31 33.67 -39.28
CA SER C 501 9.88 34.25 -40.49
C SER C 501 8.80 34.75 -41.45
N TYR C 502 7.65 34.05 -41.50
CA TYR C 502 6.55 34.38 -42.41
C TYR C 502 5.47 35.22 -41.74
N SER C 503 5.16 34.95 -40.46
CA SER C 503 4.14 35.72 -39.74
C SER C 503 4.80 36.88 -38.98
N THR C 504 5.48 37.71 -39.76
CA THR C 504 6.32 38.79 -39.22
C THR C 504 5.48 39.91 -38.61
N ALA C 505 4.36 40.26 -39.25
CA ALA C 505 3.55 41.33 -38.70
C ALA C 505 2.67 40.85 -37.54
N LYS C 506 2.06 39.66 -37.66
CA LYS C 506 1.04 39.30 -36.68
C LYS C 506 1.61 38.39 -35.61
N PRO C 507 1.02 38.38 -34.42
CA PRO C 507 1.39 37.38 -33.40
C PRO C 507 0.95 35.97 -33.81
N ARG C 508 1.50 34.97 -33.13
CA ARG C 508 1.45 33.60 -33.60
C ARG C 508 0.82 32.65 -32.59
N PHE C 509 0.40 31.48 -33.08
CA PHE C 509 -0.30 30.47 -32.29
C PHE C 509 0.08 29.08 -32.80
N LEU C 510 0.29 28.15 -31.86
CA LEU C 510 0.47 26.73 -32.20
C LEU C 510 -0.92 26.12 -32.32
N SER C 511 -1.51 26.31 -33.50
CA SER C 511 -2.94 26.16 -33.67
C SER C 511 -3.37 24.71 -33.52
N GLU C 512 -2.48 23.76 -33.77
CA GLU C 512 -2.74 22.39 -33.36
C GLU C 512 -1.42 21.62 -33.31
N PHE C 513 -1.35 20.64 -32.43
CA PHE C 513 -0.23 19.70 -32.44
C PHE C 513 -0.67 18.40 -31.76
N GLY C 514 -0.17 17.28 -32.27
CA GLY C 514 -0.56 15.99 -31.75
C GLY C 514 0.11 14.79 -32.36
N ALA C 515 0.23 13.73 -31.56
CA ALA C 515 0.80 12.47 -31.97
C ALA C 515 -0.20 11.34 -31.72
N GLY C 516 -0.03 10.23 -32.44
CA GLY C 516 -0.94 9.10 -32.31
C GLY C 516 -0.54 8.15 -31.20
N SER C 517 -1.55 7.62 -30.50
CA SER C 517 -1.35 6.65 -29.43
C SER C 517 -2.49 5.63 -29.40
N ASP C 518 -2.13 4.41 -29.00
CA ASP C 518 -3.07 3.32 -28.75
C ASP C 518 -2.76 2.71 -27.40
N GLU C 519 -3.77 2.59 -26.54
CA GLU C 519 -3.56 2.02 -25.20
C GLU C 519 -3.10 0.56 -25.20
N ARG C 520 -3.16 -0.14 -26.31
CA ARG C 520 -2.73 -1.53 -26.31
C ARG C 520 -1.24 -1.72 -26.59
N ILE C 521 -0.54 -0.69 -27.07
CA ILE C 521 0.85 -0.77 -27.53
C ILE C 521 1.73 0.05 -26.61
N HIS C 522 2.88 -0.50 -26.23
CA HIS C 522 3.67 0.11 -25.19
C HIS C 522 5.15 -0.20 -25.41
N SER C 523 5.99 0.75 -25.04
CA SER C 523 7.42 0.68 -25.34
C SER C 523 8.20 1.25 -24.17
N TYR C 524 9.29 0.56 -23.81
CA TYR C 524 10.29 1.21 -22.96
C TYR C 524 11.22 2.09 -23.78
N THR C 525 11.06 2.13 -25.09
CA THR C 525 12.02 2.81 -25.94
C THR C 525 11.29 3.40 -27.14
N PRO C 526 10.34 4.31 -26.93
CA PRO C 526 9.40 4.67 -28.00
C PRO C 526 10.03 5.51 -29.10
N ARG C 527 9.49 5.34 -30.31
CA ARG C 527 9.95 6.00 -31.53
C ARG C 527 8.75 6.46 -32.34
N THR C 528 9.00 7.32 -33.34
CA THR C 528 7.92 7.89 -34.14
C THR C 528 7.06 6.80 -34.78
N PHE C 529 5.74 7.00 -34.73
CA PHE C 529 4.76 6.22 -35.46
C PHE C 529 4.71 4.77 -35.01
N ASP C 530 5.14 4.49 -33.78
CA ASP C 530 4.84 3.21 -33.17
C ASP C 530 3.50 3.22 -32.46
N PHE C 531 2.90 4.40 -32.29
CA PHE C 531 1.56 4.61 -31.75
C PHE C 531 1.46 4.27 -30.26
N THR C 532 2.61 4.20 -29.59
CA THR C 532 2.70 4.10 -28.14
C THR C 532 2.17 5.37 -27.47
N PRO C 533 1.60 5.26 -26.27
CA PRO C 533 1.46 6.45 -25.44
C PRO C 533 2.78 6.98 -24.94
N GLU C 534 3.77 6.10 -24.73
CA GLU C 534 5.06 6.57 -24.21
C GLU C 534 5.77 7.47 -25.21
N PHE C 535 5.50 7.30 -26.50
CA PHE C 535 5.96 8.32 -27.46
C PHE C 535 5.08 9.55 -27.45
N GLN C 536 3.76 9.38 -27.33
CA GLN C 536 2.88 10.53 -27.22
C GLN C 536 3.33 11.46 -26.11
N LEU C 537 3.86 10.90 -25.03
CA LEU C 537 4.33 11.74 -23.94
C LEU C 537 5.61 12.47 -24.34
N ASP C 538 6.60 11.73 -24.85
CA ASP C 538 7.84 12.36 -25.30
C ASP C 538 7.55 13.46 -26.32
N PHE C 539 6.59 13.23 -27.22
CA PHE C 539 6.13 14.26 -28.17
C PHE C 539 5.62 15.51 -27.46
N ASN C 540 4.62 15.35 -26.58
CA ASN C 540 4.07 16.51 -25.88
C ASN C 540 5.05 17.15 -24.91
N ARG C 541 6.06 16.41 -24.43
CA ARG C 541 7.08 17.05 -23.61
C ARG C 541 7.80 18.13 -24.40
N ARG C 542 8.32 17.77 -25.58
CA ARG C 542 9.13 18.70 -26.36
C ARG C 542 8.32 19.93 -26.77
N TYR C 543 7.07 19.71 -27.18
CA TYR C 543 6.27 20.83 -27.65
C TYR C 543 6.00 21.82 -26.53
N ILE C 544 5.34 21.37 -25.46
CA ILE C 544 5.07 22.25 -24.31
C ILE C 544 6.34 22.94 -23.84
N ASN C 545 7.46 22.20 -23.80
CA ASN C 545 8.70 22.75 -23.29
C ASN C 545 9.21 23.88 -24.18
N GLU C 546 8.86 23.83 -25.46
CA GLU C 546 9.25 24.89 -26.40
C GLU C 546 8.29 26.06 -26.34
N MET C 547 6.99 25.78 -26.24
CA MET C 547 5.99 26.84 -26.31
C MET C 547 6.06 27.75 -25.09
N GLU C 548 6.52 27.25 -23.95
CA GLU C 548 6.56 28.05 -22.75
C GLU C 548 7.88 28.79 -22.59
N LYS C 549 8.66 28.92 -23.67
CA LYS C 549 9.75 29.88 -23.72
C LYS C 549 9.65 30.87 -24.88
N ARG C 550 8.69 30.70 -25.79
CA ARG C 550 8.44 31.62 -26.90
C ARG C 550 7.16 32.40 -26.65
N PRO C 551 7.22 33.62 -26.10
CA PRO C 551 5.99 34.40 -25.86
C PRO C 551 5.39 35.05 -27.11
N ASP C 552 6.05 34.93 -28.27
CA ASP C 552 5.42 35.36 -29.51
C ASP C 552 4.35 34.36 -30.01
N TYR C 553 4.42 33.11 -29.56
CA TYR C 553 3.28 32.20 -29.70
C TYR C 553 2.37 32.42 -28.50
N ILE C 554 1.29 33.17 -28.72
CA ILE C 554 0.43 33.64 -27.64
C ILE C 554 -0.48 32.54 -27.09
N GLY C 555 -0.32 31.31 -27.55
CA GLY C 555 -1.11 30.20 -27.05
C GLY C 555 -0.79 28.95 -27.85
N TYR C 556 -1.04 27.77 -27.28
CA TYR C 556 -0.99 26.55 -28.04
C TYR C 556 -2.19 25.70 -27.67
N SER C 557 -2.60 24.84 -28.62
CA SER C 557 -3.75 23.97 -28.43
C SER C 557 -3.37 22.58 -28.91
N ILE C 558 -3.67 21.59 -28.08
CA ILE C 558 -3.42 20.19 -28.40
C ILE C 558 -4.43 19.70 -29.43
N TRP C 559 -3.94 18.95 -30.40
CA TRP C 559 -4.76 18.17 -31.31
C TRP C 559 -4.62 16.74 -30.85
N ASN C 560 -5.65 16.20 -30.22
CA ASN C 560 -6.97 16.83 -30.10
C ASN C 560 -7.46 16.38 -28.75
N LEU C 561 -8.56 16.92 -28.21
CA LEU C 561 -9.02 16.43 -26.92
C LEU C 561 -9.51 14.99 -27.01
N VAL C 562 -10.09 14.59 -28.14
CA VAL C 562 -10.63 13.25 -28.27
C VAL C 562 -10.00 12.52 -29.46
N ASP C 563 -10.02 11.19 -29.39
CA ASP C 563 -9.95 10.37 -30.59
C ASP C 563 -11.32 10.41 -31.24
N PHE C 564 -11.35 10.61 -32.55
CA PHE C 564 -12.61 10.77 -33.27
C PHE C 564 -12.56 9.93 -34.54
N GLN C 565 -13.75 9.49 -34.97
CA GLN C 565 -13.85 8.57 -36.08
C GLN C 565 -13.85 9.33 -37.40
N VAL C 566 -13.08 8.84 -38.37
CA VAL C 566 -13.03 9.47 -39.68
C VAL C 566 -12.79 8.41 -40.75
N ASP C 567 -13.77 8.22 -41.62
CA ASP C 567 -13.79 7.14 -42.60
C ASP C 567 -12.59 7.18 -43.52
N GLY C 568 -11.76 6.13 -43.47
CA GLY C 568 -10.62 5.98 -44.34
C GLY C 568 -9.29 6.00 -43.62
N ARG C 569 -9.22 6.60 -42.43
CA ARG C 569 -8.00 6.58 -41.64
C ARG C 569 -7.65 5.14 -41.26
N GLY C 570 -6.35 4.85 -41.25
CA GLY C 570 -5.90 3.56 -40.77
C GLY C 570 -5.03 3.66 -39.54
N ASP C 571 -3.81 3.13 -39.67
CA ASP C 571 -2.77 3.08 -38.64
C ASP C 571 -3.15 2.02 -37.59
N SER C 572 -2.93 2.31 -36.30
CA SER C 572 -3.11 1.28 -35.27
C SER C 572 -4.58 0.99 -34.97
N LYS C 573 -5.44 2.01 -34.94
CA LYS C 573 -6.89 1.80 -34.84
C LYS C 573 -7.54 2.35 -36.11
N PRO C 574 -8.09 1.50 -36.97
CA PRO C 574 -8.55 1.97 -38.28
C PRO C 574 -9.92 2.66 -38.24
N ASN C 575 -10.05 3.62 -39.15
CA ASN C 575 -11.16 4.57 -39.22
C ASN C 575 -11.16 5.53 -38.04
N LEU C 576 -9.97 5.77 -37.48
CA LEU C 576 -9.85 6.53 -36.24
C LEU C 576 -8.60 7.40 -36.25
N ASN C 577 -8.80 8.69 -36.02
CA ASN C 577 -7.73 9.63 -35.69
C ASN C 577 -7.45 9.52 -34.18
N GLN C 578 -6.21 9.18 -33.81
CA GLN C 578 -5.90 8.74 -32.47
C GLN C 578 -5.00 9.71 -31.69
N LYS C 579 -4.97 10.98 -32.08
CA LYS C 579 -4.12 11.94 -31.38
C LYS C 579 -4.85 12.61 -30.20
N GLY C 580 -5.79 11.94 -29.57
CA GLY C 580 -6.59 12.57 -28.55
C GLY C 580 -6.02 12.51 -27.12
N MET C 581 -6.50 13.41 -26.28
CA MET C 581 -6.25 13.25 -24.86
C MET C 581 -7.28 12.34 -24.19
N LEU C 582 -8.38 12.02 -24.87
CA LEU C 582 -9.39 11.08 -24.37
C LEU C 582 -9.76 10.07 -25.46
N THR C 583 -10.10 8.86 -25.04
CA THR C 583 -10.55 7.83 -25.97
C THR C 583 -11.91 8.21 -26.55
N GLU C 584 -12.29 7.52 -27.63
CA GLU C 584 -13.51 7.88 -28.35
C GLU C 584 -14.75 7.79 -27.45
N ASP C 585 -14.75 6.95 -26.43
CA ASP C 585 -15.89 6.89 -25.52
C ASP C 585 -15.67 7.70 -24.23
N ARG C 586 -14.58 8.47 -24.17
CA ARG C 586 -14.33 9.56 -23.22
C ARG C 586 -13.57 9.13 -21.97
N ARG C 587 -12.80 8.04 -22.05
CA ARG C 587 -11.94 7.69 -20.93
C ARG C 587 -10.66 8.52 -20.99
N LYS C 588 -9.91 8.55 -19.87
CA LYS C 588 -8.75 9.43 -19.72
C LYS C 588 -7.46 8.66 -20.02
N LYS C 589 -6.85 8.95 -21.16
CA LYS C 589 -5.54 8.39 -21.51
C LYS C 589 -4.45 9.00 -20.63
N GLU C 590 -3.34 8.27 -20.46
CA GLU C 590 -2.28 8.72 -19.56
C GLU C 590 -1.76 10.11 -19.93
N ILE C 591 -1.83 10.46 -21.20
CA ILE C 591 -1.41 11.78 -21.63
C ILE C 591 -2.24 12.86 -20.94
N TYR C 592 -3.50 12.57 -20.63
CA TYR C 592 -4.35 13.56 -19.97
C TYR C 592 -3.74 14.02 -18.65
N TYR C 593 -3.35 13.07 -17.79
CA TYR C 593 -2.81 13.43 -16.48
C TYR C 593 -1.50 14.20 -16.58
N TYR C 594 -0.79 14.07 -17.70
CA TYR C 594 0.39 14.88 -17.96
C TYR C 594 0.02 16.36 -18.15
N CYS C 595 -0.95 16.65 -19.01
CA CYS C 595 -1.42 18.01 -19.16
C CYS C 595 -1.92 18.57 -17.84
N GLN C 596 -2.55 17.73 -17.04
CA GLN C 596 -2.98 18.21 -15.73
C GLN C 596 -1.79 18.67 -14.92
N ALA C 597 -0.71 17.89 -14.96
CA ALA C 597 0.49 18.23 -14.22
C ALA C 597 0.99 19.61 -14.59
N ARG C 598 1.03 19.93 -15.89
CA ARG C 598 1.69 21.15 -16.33
C ARG C 598 0.80 22.38 -16.36
N TRP C 599 -0.53 22.21 -16.46
CA TRP C 599 -1.46 23.33 -16.51
C TRP C 599 -2.27 23.51 -15.23
N SER C 600 -2.93 22.45 -14.76
CA SER C 600 -3.91 22.55 -13.67
C SER C 600 -3.28 23.10 -12.39
N ASP C 601 -4.08 23.78 -11.58
CA ASP C 601 -3.65 24.22 -10.25
C ASP C 601 -4.45 23.56 -9.13
N ILE C 602 -5.36 22.65 -9.44
CA ILE C 602 -5.91 21.69 -8.47
C ILE C 602 -4.82 20.66 -8.19
N PRO C 603 -4.31 20.57 -6.96
CA PRO C 603 -3.14 19.69 -6.72
C PRO C 603 -3.46 18.22 -6.97
N MET C 604 -2.50 17.55 -7.64
CA MET C 604 -2.69 16.20 -8.16
C MET C 604 -1.35 15.45 -8.17
N ILE C 605 -1.43 14.15 -8.47
CA ILE C 605 -0.28 13.25 -8.51
C ILE C 605 -0.75 11.95 -9.15
N HIS C 606 0.07 11.35 -10.02
CA HIS C 606 -0.41 10.24 -10.83
C HIS C 606 0.77 9.46 -11.43
N ILE C 607 0.69 8.12 -11.39
CA ILE C 607 1.75 7.22 -11.84
C ILE C 607 1.45 6.76 -13.25
N ALA C 608 2.40 6.97 -14.16
CA ALA C 608 2.18 6.63 -15.57
C ALA C 608 2.32 5.13 -15.82
N GLY C 609 1.27 4.54 -16.35
CA GLY C 609 1.26 3.11 -16.61
C GLY C 609 -0.10 2.55 -16.30
N ALA C 610 -1.11 3.41 -16.08
CA ALA C 610 -2.46 2.93 -15.79
C ALA C 610 -3.05 2.10 -16.94
N ASP C 611 -2.50 2.23 -18.14
CA ASP C 611 -2.90 1.52 -19.35
C ASP C 611 -2.09 0.26 -19.59
N TRP C 612 -1.16 -0.07 -18.68
CA TRP C 612 -0.09 -1.03 -18.87
C TRP C 612 0.15 -1.73 -17.54
N THR C 613 -0.84 -2.51 -17.08
CA THR C 613 -0.72 -3.14 -15.77
C THR C 613 -0.34 -4.62 -15.83
N LYS C 614 -0.49 -5.27 -16.99
CA LYS C 614 0.00 -6.64 -17.19
C LYS C 614 1.24 -6.59 -18.06
N ARG C 615 2.35 -7.16 -17.57
CA ARG C 615 3.59 -7.18 -18.35
C ARG C 615 4.18 -8.58 -18.32
N VAL C 616 4.76 -8.96 -19.47
CA VAL C 616 5.46 -10.23 -19.65
C VAL C 616 6.74 -9.88 -20.40
N GLU C 617 7.89 -10.15 -19.80
CA GLU C 617 9.15 -9.63 -20.32
C GLU C 617 10.23 -10.69 -20.26
N ILE C 618 10.95 -10.87 -21.37
CA ILE C 618 12.16 -11.67 -21.37
C ILE C 618 13.13 -11.06 -20.37
N CYS C 619 13.60 -11.88 -19.44
CA CYS C 619 14.53 -11.45 -18.38
C CYS C 619 15.07 -12.64 -17.62
N ASP C 620 16.36 -12.91 -17.79
CA ASP C 620 16.99 -14.02 -17.07
C ASP C 620 17.54 -13.59 -15.71
N ASP C 621 17.01 -12.54 -15.10
CA ASP C 621 17.48 -12.10 -13.80
C ASP C 621 16.30 -11.95 -12.87
N SER C 622 16.61 -11.76 -11.59
CA SER C 622 15.58 -11.56 -10.58
C SER C 622 14.95 -10.18 -10.70
N ILE C 623 15.72 -9.20 -11.14
CA ILE C 623 15.31 -7.81 -11.15
C ILE C 623 15.28 -7.32 -12.59
N ASN C 624 14.19 -6.67 -12.97
CA ASN C 624 14.02 -6.07 -14.29
C ASN C 624 13.89 -4.55 -14.11
N VAL C 625 14.99 -3.83 -14.34
CA VAL C 625 15.05 -2.41 -13.99
C VAL C 625 14.41 -1.56 -15.09
N ARG C 626 13.38 -0.78 -14.74
CA ARG C 626 12.57 -0.06 -15.71
C ARG C 626 12.15 1.31 -15.19
N LYS C 627 12.06 2.27 -16.11
CA LYS C 627 11.75 3.66 -15.79
C LYS C 627 10.24 3.87 -15.67
N ILE C 628 9.86 4.79 -14.77
CA ILE C 628 8.46 5.06 -14.46
C ILE C 628 8.36 6.55 -14.18
N SER C 629 7.44 7.23 -14.88
CA SER C 629 7.18 8.64 -14.64
C SER C 629 6.08 8.79 -13.61
N VAL C 630 6.25 9.74 -12.71
CA VAL C 630 5.14 10.18 -11.87
C VAL C 630 4.80 11.60 -12.27
N PHE C 631 3.64 11.77 -12.89
CA PHE C 631 3.14 13.10 -13.20
C PHE C 631 2.62 13.73 -11.91
N SER C 632 3.01 14.98 -11.67
CA SER C 632 2.52 15.64 -10.47
C SER C 632 2.60 17.15 -10.61
N ASN C 633 1.77 17.78 -9.79
CA ASN C 633 1.56 19.21 -9.67
C ASN C 633 2.49 19.86 -8.65
N GLN C 634 3.08 19.07 -7.76
CA GLN C 634 3.76 19.57 -6.58
C GLN C 634 5.25 19.68 -6.85
N LYS C 635 5.98 20.17 -5.83
CA LYS C 635 7.42 20.32 -5.94
C LYS C 635 8.16 19.00 -5.83
N THR C 636 7.59 18.02 -5.14
CA THR C 636 8.35 16.88 -4.68
C THR C 636 7.46 15.66 -4.69
N VAL C 637 7.99 14.53 -5.15
CA VAL C 637 7.23 13.27 -5.08
C VAL C 637 8.15 12.15 -4.59
N GLU C 638 7.60 11.27 -3.75
CA GLU C 638 8.26 10.03 -3.33
C GLU C 638 7.51 8.80 -3.85
N LEU C 639 8.27 7.82 -4.32
CA LEU C 639 7.68 6.62 -4.93
C LEU C 639 8.09 5.38 -4.16
N ILE C 640 7.10 4.71 -3.55
CA ILE C 640 7.29 3.43 -2.85
C ILE C 640 7.09 2.30 -3.84
N HIS C 641 8.06 1.40 -3.90
CA HIS C 641 7.94 0.16 -4.67
C HIS C 641 7.92 -1.01 -3.71
N ASN C 642 6.82 -1.76 -3.71
CA ASN C 642 6.76 -3.03 -3.00
C ASN C 642 7.05 -2.90 -1.52
N GLY C 643 6.86 -1.70 -0.98
CA GLY C 643 7.16 -1.42 0.40
C GLY C 643 8.48 -0.75 0.67
N LYS C 644 9.36 -0.59 -0.32
CA LYS C 644 10.58 0.19 -0.12
C LYS C 644 10.48 1.48 -0.92
N SER C 645 10.31 2.60 -0.22
CA SER C 645 10.26 3.89 -0.89
C SER C 645 11.55 4.09 -1.68
N LEU C 646 11.41 4.43 -2.96
CA LEU C 646 12.54 4.47 -3.89
C LEU C 646 13.32 5.76 -3.80
N GLY C 647 12.86 6.71 -2.99
CA GLY C 647 13.48 8.01 -2.84
C GLY C 647 12.46 9.13 -2.88
N VAL C 648 12.96 10.35 -2.69
CA VAL C 648 12.16 11.55 -2.79
C VAL C 648 12.80 12.41 -3.87
N ARG C 649 12.12 12.53 -5.01
CA ARG C 649 12.71 13.16 -6.18
C ARG C 649 11.91 14.41 -6.55
N GLU C 650 12.62 15.43 -7.03
CA GLU C 650 12.04 16.73 -7.34
C GLU C 650 11.33 16.70 -8.69
N VAL C 651 10.07 17.15 -8.70
CA VAL C 651 9.25 17.21 -9.91
C VAL C 651 9.77 18.34 -10.79
N VAL C 652 10.24 18.00 -11.99
CA VAL C 652 10.61 18.97 -13.01
C VAL C 652 9.75 18.76 -14.25
N ASN C 653 9.10 19.84 -14.68
CA ASN C 653 8.25 19.85 -15.87
C ASN C 653 7.05 18.90 -15.71
N GLY C 654 6.52 18.82 -14.50
CA GLY C 654 5.38 17.97 -14.19
C GLY C 654 5.65 16.49 -14.10
N GLU C 655 6.91 16.07 -13.95
CA GLU C 655 7.15 14.64 -13.81
C GLU C 655 8.47 14.39 -13.07
N ALA C 656 8.59 13.20 -12.52
CA ALA C 656 9.81 12.69 -11.92
C ALA C 656 9.98 11.23 -12.31
N VAL C 657 11.14 10.88 -12.83
CA VAL C 657 11.41 9.52 -13.30
C VAL C 657 12.15 8.72 -12.24
N PHE C 658 11.79 7.45 -12.10
CA PHE C 658 12.43 6.58 -11.14
C PHE C 658 12.85 5.30 -11.85
N ALA C 659 13.82 4.60 -11.26
CA ALA C 659 14.24 3.26 -11.71
C ALA C 659 13.66 2.20 -10.76
N VAL C 660 12.67 1.48 -11.24
CA VAL C 660 11.95 0.49 -10.45
C VAL C 660 12.60 -0.88 -10.69
N PRO C 661 13.04 -1.59 -9.63
CA PRO C 661 13.56 -2.96 -9.77
C PRO C 661 12.43 -3.99 -9.81
N PHE C 662 11.67 -3.99 -10.91
CA PHE C 662 10.54 -4.90 -11.05
C PHE C 662 10.99 -6.33 -10.83
N ILE C 663 10.20 -7.05 -10.03
CA ILE C 663 10.43 -8.48 -9.79
C ILE C 663 9.27 -9.28 -10.38
N ASN C 664 9.52 -10.58 -10.56
CA ASN C 664 8.46 -11.49 -10.97
C ASN C 664 7.39 -11.54 -9.89
N GLY C 665 6.13 -11.43 -10.30
CA GLY C 665 5.03 -11.37 -9.36
C GLY C 665 4.33 -10.03 -9.40
N GLU C 666 3.61 -9.67 -8.34
CA GLU C 666 2.94 -8.38 -8.30
C GLU C 666 3.89 -7.29 -7.81
N ASN C 667 4.01 -6.22 -8.60
CA ASN C 667 4.80 -5.04 -8.24
C ASN C 667 3.86 -3.89 -7.86
N LEU C 668 3.82 -3.54 -6.59
CA LEU C 668 2.92 -2.51 -6.09
C LEU C 668 3.71 -1.20 -5.96
N LEU C 669 3.22 -0.16 -6.61
CA LEU C 669 3.82 1.16 -6.55
C LEU C 669 2.85 2.12 -5.90
N ASP C 670 3.35 2.89 -4.95
CA ASP C 670 2.57 3.93 -4.28
C ASP C 670 3.32 5.25 -4.43
N ALA C 671 2.66 6.25 -5.00
CA ALA C 671 3.24 7.58 -5.17
C ALA C 671 2.51 8.54 -4.24
N ARG C 672 3.26 9.16 -3.33
CA ARG C 672 2.73 10.06 -2.32
C ARG C 672 3.49 11.37 -2.41
N SER C 673 2.74 12.49 -2.40
CA SER C 673 3.27 13.87 -2.34
C SER C 673 2.41 14.63 -1.35
N GLY C 674 2.90 14.75 -0.12
CA GLY C 674 2.09 15.34 0.93
C GLY C 674 0.87 14.48 1.18
N ALA C 675 -0.31 15.13 1.24
CA ALA C 675 -1.58 14.45 1.43
C ALA C 675 -2.13 13.84 0.13
N LEU C 676 -1.32 13.76 -0.91
CA LEU C 676 -1.77 13.29 -2.21
C LEU C 676 -1.15 11.93 -2.48
N SER C 677 -1.97 11.05 -3.07
CA SER C 677 -1.67 9.62 -3.16
C SER C 677 -2.24 9.07 -4.46
N ASP C 678 -1.45 8.25 -5.13
CA ASP C 678 -1.91 7.52 -6.32
C ASP C 678 -1.36 6.11 -6.28
N ARG C 679 -2.24 5.13 -6.48
CA ARG C 679 -1.88 3.71 -6.44
C ARG C 679 -1.93 3.10 -7.82
N LEU C 680 -0.90 2.32 -8.15
CA LEU C 680 -0.83 1.54 -9.38
C LEU C 680 -0.23 0.18 -9.04
N LYS C 681 -0.86 -0.88 -9.55
CA LYS C 681 -0.40 -2.26 -9.35
C LYS C 681 -0.03 -2.86 -10.69
N ILE C 682 1.24 -3.23 -10.85
CA ILE C 682 1.75 -3.84 -12.08
C ILE C 682 2.09 -5.29 -11.80
N GLN C 683 1.28 -6.20 -12.38
CA GLN C 683 1.62 -7.61 -12.49
C GLN C 683 2.65 -7.81 -13.60
N MET C 684 3.79 -8.40 -13.25
CA MET C 684 4.91 -8.52 -14.17
C MET C 684 5.46 -9.93 -14.11
N LYS C 685 5.49 -10.62 -15.24
CA LYS C 685 6.01 -11.98 -15.33
C LYS C 685 7.35 -11.96 -16.04
N LEU C 686 8.45 -12.07 -15.28
CA LEU C 686 9.77 -12.13 -15.90
C LEU C 686 9.89 -13.45 -16.63
N LEU C 687 9.67 -13.43 -17.93
CA LEU C 687 9.82 -14.64 -18.75
C LEU C 687 11.29 -14.92 -19.02
N SER C 688 11.70 -16.18 -18.89
CA SER C 688 13.08 -16.54 -19.13
C SER C 688 13.25 -17.13 -20.52
N SER C 689 14.39 -16.82 -21.15
CA SER C 689 14.58 -17.11 -22.57
C SER C 689 14.72 -18.60 -22.88
N ARG C 690 15.25 -19.40 -21.97
CA ARG C 690 15.28 -20.84 -22.16
C ARG C 690 13.86 -21.36 -22.01
N LEU C 691 13.29 -21.85 -23.11
CA LEU C 691 11.86 -22.18 -23.14
C LEU C 691 11.47 -23.30 -22.18
N THR C 692 12.41 -24.19 -21.86
CA THR C 692 12.08 -25.28 -20.94
C THR C 692 11.65 -24.74 -19.58
N ASP C 693 12.12 -23.55 -19.22
CA ASP C 693 12.10 -23.07 -17.84
C ASP C 693 10.82 -22.29 -17.48
N SER C 694 9.71 -22.48 -18.19
CA SER C 694 8.53 -21.65 -17.87
C SER C 694 7.22 -22.28 -18.30
N ASP C 695 6.23 -22.18 -17.41
CA ASP C 695 4.84 -22.59 -17.66
C ASP C 695 4.19 -21.76 -18.75
N VAL C 696 4.99 -20.96 -19.44
CA VAL C 696 4.46 -20.00 -20.40
C VAL C 696 3.78 -20.72 -21.56
N LEU C 697 4.30 -21.89 -21.95
CA LEU C 697 3.75 -22.65 -23.06
C LEU C 697 2.40 -23.27 -22.73
N LEU C 698 2.04 -23.38 -21.47
CA LEU C 698 0.77 -24.02 -21.16
C LEU C 698 -0.40 -23.07 -21.39
N ASP C 699 -0.15 -21.76 -21.34
CA ASP C 699 -1.12 -20.75 -21.69
C ASP C 699 -0.97 -20.26 -23.13
N GLY C 700 0.14 -20.60 -23.79
CA GLY C 700 0.46 -20.07 -25.10
C GLY C 700 1.44 -18.92 -25.07
N LEU C 701 2.58 -19.09 -25.73
CA LEU C 701 3.54 -18.01 -25.93
C LEU C 701 3.21 -17.24 -27.22
N CYS C 702 3.10 -15.91 -27.11
CA CYS C 702 2.57 -15.05 -28.18
C CYS C 702 3.61 -14.00 -28.58
N ILE C 703 4.00 -14.07 -29.85
CA ILE C 703 5.18 -13.38 -30.36
C ILE C 703 4.72 -12.51 -31.52
N ASN C 704 4.72 -11.19 -31.31
CA ASN C 704 4.46 -10.26 -32.39
C ASN C 704 5.64 -10.25 -33.36
N LEU C 705 5.63 -11.14 -34.36
CA LEU C 705 6.65 -11.12 -35.40
C LEU C 705 6.70 -9.76 -36.12
N GLY C 706 7.92 -9.36 -36.54
CA GLY C 706 8.16 -8.10 -37.20
C GLY C 706 8.12 -6.86 -36.31
N GLN C 707 7.80 -7.04 -35.03
CA GLN C 707 7.85 -5.99 -34.03
C GLN C 707 8.89 -6.38 -32.99
N GLU C 708 9.83 -5.48 -32.70
CA GLU C 708 10.93 -5.84 -31.82
C GLU C 708 11.22 -4.77 -30.78
N HIS C 709 10.24 -3.95 -30.41
CA HIS C 709 10.49 -2.92 -29.42
C HIS C 709 9.19 -2.45 -28.76
N CYS C 710 8.07 -3.14 -29.04
CA CYS C 710 6.74 -2.77 -28.55
C CYS C 710 6.00 -4.03 -28.08
N TYR C 711 5.32 -3.93 -26.93
CA TYR C 711 4.42 -4.96 -26.47
C TYR C 711 3.01 -4.58 -26.88
N PHE C 712 2.26 -5.57 -27.41
CA PHE C 712 0.86 -5.39 -27.79
C PHE C 712 0.01 -6.24 -26.87
N ILE C 713 -0.97 -5.64 -26.20
CA ILE C 713 -1.83 -6.37 -25.28
C ILE C 713 -3.22 -6.48 -25.88
N ASP C 714 -3.70 -7.71 -26.06
CA ASP C 714 -5.08 -7.98 -26.43
C ASP C 714 -5.94 -7.68 -25.20
N PRO C 715 -6.88 -6.76 -25.26
CA PRO C 715 -7.74 -6.51 -24.09
C PRO C 715 -8.94 -7.43 -24.00
N GLN C 716 -9.10 -8.34 -24.95
CA GLN C 716 -10.14 -9.37 -24.84
C GLN C 716 -9.61 -10.60 -24.13
N LEU C 717 -8.49 -11.13 -24.60
CA LEU C 717 -7.94 -12.36 -24.04
C LEU C 717 -6.97 -12.10 -22.90
N GLN C 718 -6.55 -10.84 -22.71
CA GLN C 718 -5.45 -10.49 -21.80
C GLN C 718 -4.14 -11.14 -22.22
N GLU C 719 -4.02 -11.47 -23.51
CA GLU C 719 -2.78 -12.00 -24.04
C GLU C 719 -1.86 -10.84 -24.40
N ILE C 720 -0.63 -10.93 -23.91
CA ILE C 720 0.45 -10.00 -24.26
C ILE C 720 1.27 -10.62 -25.38
N TRP C 721 1.48 -9.86 -26.44
CA TRP C 721 2.32 -10.30 -27.55
C TRP C 721 3.69 -9.66 -27.37
N ILE C 722 4.62 -10.42 -26.81
CA ILE C 722 5.95 -9.88 -26.54
C ILE C 722 6.67 -9.54 -27.86
N PRO C 723 7.72 -8.69 -27.83
CA PRO C 723 8.39 -8.34 -29.09
C PRO C 723 9.12 -9.52 -29.67
N ASP C 724 9.73 -9.29 -30.81
CA ASP C 724 10.45 -10.30 -31.56
C ASP C 724 11.94 -10.16 -31.31
N LYS C 725 12.67 -11.25 -31.50
CA LYS C 725 14.11 -11.24 -31.30
C LYS C 725 14.76 -12.16 -32.32
N PRO C 726 16.02 -11.91 -32.67
CA PRO C 726 16.79 -12.92 -33.39
C PRO C 726 16.96 -14.17 -32.53
N TYR C 727 17.13 -15.32 -33.21
CA TYR C 727 17.29 -16.59 -32.53
C TYR C 727 18.70 -16.71 -31.95
N THR C 728 18.78 -17.04 -30.67
CA THR C 728 20.02 -17.41 -30.02
C THR C 728 19.85 -18.82 -29.46
N LYS C 729 20.95 -19.57 -29.40
CA LYS C 729 20.88 -21.01 -29.14
C LYS C 729 20.14 -21.32 -27.84
N GLY C 730 19.25 -22.31 -27.89
CA GLY C 730 18.45 -22.68 -26.74
C GLY C 730 17.24 -21.81 -26.47
N SER C 731 17.01 -20.79 -27.29
CA SER C 731 15.87 -19.91 -27.10
C SER C 731 14.92 -19.95 -28.31
N TRP C 732 14.63 -18.77 -28.89
CA TRP C 732 13.78 -18.68 -30.08
C TRP C 732 14.11 -17.41 -30.85
N GLY C 733 13.63 -17.33 -32.10
CA GLY C 733 13.86 -16.19 -32.96
C GLY C 733 14.06 -16.56 -34.42
N TYR C 734 14.29 -15.56 -35.27
CA TYR C 734 14.41 -15.83 -36.69
C TYR C 734 15.88 -16.01 -37.07
N MET C 735 16.15 -16.99 -37.92
CA MET C 735 17.48 -17.18 -38.46
C MET C 735 17.81 -16.08 -39.47
N ASP C 736 17.03 -15.99 -40.54
CA ASP C 736 17.18 -14.96 -41.56
C ASP C 736 15.96 -14.05 -41.53
N GLY C 737 15.96 -13.06 -42.42
CA GLY C 737 14.87 -12.14 -42.53
C GLY C 737 15.08 -10.91 -41.69
N LYS C 738 14.20 -9.93 -41.89
CA LYS C 738 14.30 -8.63 -41.22
C LYS C 738 12.91 -8.12 -40.90
N PRO C 739 12.72 -7.48 -39.74
CA PRO C 739 11.43 -6.83 -39.44
C PRO C 739 11.19 -5.68 -40.41
N PHE C 740 10.06 -5.74 -41.11
CA PHE C 740 9.78 -4.75 -42.14
C PHE C 740 9.70 -3.34 -41.57
N ASN C 741 10.45 -2.39 -42.18
CA ASN C 741 10.45 -0.98 -41.78
C ASN C 741 10.81 -0.05 -42.93
N SER C 742 10.38 -0.40 -44.15
CA SER C 742 10.78 0.35 -45.36
C SER C 742 9.72 1.39 -45.75
N TRP C 743 10.13 2.66 -45.81
CA TRP C 743 9.26 3.77 -46.20
C TRP C 743 10.07 4.80 -46.96
N PRO C 744 10.44 4.51 -48.20
CA PRO C 744 11.57 5.21 -48.83
C PRO C 744 11.24 6.67 -49.16
N GLY C 745 12.15 7.56 -48.77
CA GLY C 745 11.92 8.98 -49.00
C GLY C 745 11.09 9.65 -47.93
N SER C 746 10.98 9.03 -46.76
CA SER C 746 10.23 9.54 -45.63
C SER C 746 11.13 9.52 -44.40
N SER C 747 10.94 10.49 -43.51
CA SER C 747 11.56 10.39 -42.19
C SER C 747 11.34 9.01 -41.58
N HIS C 748 10.22 8.37 -41.95
CA HIS C 748 9.83 7.12 -41.31
C HIS C 748 10.71 5.95 -41.76
N ASP C 749 11.43 6.06 -42.87
CA ASP C 749 12.32 5.00 -43.34
C ASP C 749 13.28 4.59 -42.24
N GLY C 750 13.17 3.32 -41.83
CA GLY C 750 13.96 2.77 -40.73
C GLY C 750 13.29 2.83 -39.37
N VAL C 751 12.28 3.66 -39.19
CA VAL C 751 11.74 3.96 -37.87
C VAL C 751 10.34 3.40 -37.68
N ARG C 752 9.51 3.41 -38.72
CA ARG C 752 8.20 2.77 -38.66
C ARG C 752 8.30 1.29 -38.99
N TYR C 753 7.98 0.42 -38.02
CA TYR C 753 7.93 -1.01 -38.22
C TYR C 753 6.50 -1.42 -38.58
N GLY C 754 6.33 -1.98 -39.77
CA GLY C 754 5.03 -2.41 -40.23
C GLY C 754 4.40 -1.41 -41.18
N VAL C 755 3.19 -1.74 -41.59
CA VAL C 755 2.41 -0.93 -42.50
C VAL C 755 1.19 -0.34 -41.78
N GLY C 756 0.52 0.59 -42.44
CA GLY C 756 -0.59 1.30 -41.85
C GLY C 756 -1.96 0.83 -42.21
N ALA C 757 -2.09 -0.23 -43.00
CA ALA C 757 -3.37 -0.57 -43.62
C ALA C 757 -4.38 -1.09 -42.60
N ASP C 758 -5.65 -1.00 -42.97
CA ASP C 758 -6.69 -1.68 -42.23
C ASP C 758 -6.67 -3.15 -42.64
N ILE C 759 -6.49 -4.04 -41.69
CA ILE C 759 -6.58 -5.46 -41.98
C ILE C 759 -8.01 -5.91 -41.70
N LYS C 760 -8.62 -6.52 -42.69
CA LYS C 760 -9.99 -7.02 -42.53
C LYS C 760 -9.99 -8.26 -41.63
N ASN C 761 -11.06 -8.38 -40.82
CA ASN C 761 -11.36 -9.56 -40.02
C ASN C 761 -10.46 -9.71 -38.79
N THR C 762 -9.95 -8.60 -38.28
CA THR C 762 -9.26 -8.60 -37.01
C THR C 762 -9.42 -7.23 -36.39
N PHE C 763 -9.42 -7.20 -35.06
CA PHE C 763 -9.23 -5.96 -34.31
C PHE C 763 -7.78 -5.81 -33.86
N LEU C 764 -6.94 -6.78 -34.22
CA LEU C 764 -5.55 -6.85 -33.77
C LEU C 764 -4.60 -6.27 -34.82
N GLU C 765 -4.88 -5.01 -35.18
CA GLU C 765 -4.07 -4.33 -36.20
C GLU C 765 -2.60 -4.19 -35.83
N PRO C 766 -2.20 -3.75 -34.63
CA PRO C 766 -0.76 -3.65 -34.34
C PRO C 766 -0.01 -4.96 -34.47
N LEU C 767 -0.71 -6.11 -34.35
CA LEU C 767 -0.09 -7.42 -34.55
C LEU C 767 0.00 -7.79 -36.02
N PHE C 768 -1.10 -7.64 -36.76
CA PHE C 768 -1.12 -8.03 -38.16
C PHE C 768 -0.36 -7.06 -39.06
N GLN C 769 -0.08 -5.83 -38.61
CA GLN C 769 0.56 -4.81 -39.44
C GLN C 769 2.08 -4.88 -39.43
N THR C 770 2.68 -5.42 -38.36
CA THR C 770 4.11 -5.71 -38.32
C THR C 770 4.35 -7.10 -38.90
N PHE C 771 5.52 -7.29 -39.51
CA PHE C 771 5.76 -8.63 -40.05
C PHE C 771 7.22 -8.78 -40.44
N LEU C 772 7.66 -10.04 -40.43
CA LEU C 772 8.95 -10.41 -41.00
C LEU C 772 8.82 -10.52 -42.51
N ILE C 773 9.74 -9.90 -43.24
CA ILE C 773 9.79 -9.98 -44.70
C ILE C 773 11.01 -10.80 -45.07
N GLY C 774 10.82 -11.81 -45.92
CA GLY C 774 11.90 -12.63 -46.39
C GLY C 774 12.56 -13.52 -45.35
N THR C 775 11.86 -13.84 -44.28
CA THR C 775 12.32 -14.87 -43.37
C THR C 775 12.11 -16.25 -43.99
N THR C 776 13.02 -17.17 -43.71
CA THR C 776 12.77 -18.55 -44.10
C THR C 776 12.82 -19.53 -42.95
N CYS C 777 13.54 -19.23 -41.89
CA CYS C 777 13.67 -20.15 -40.78
C CYS C 777 13.34 -19.46 -39.47
N TYR C 778 12.51 -20.11 -38.66
CA TYR C 778 12.19 -19.65 -37.32
C TYR C 778 12.29 -20.85 -36.39
N ARG C 779 13.01 -20.68 -35.29
CA ARG C 779 13.27 -21.78 -34.37
C ARG C 779 12.69 -21.49 -33.01
N LEU C 780 12.32 -22.55 -32.31
CA LEU C 780 11.91 -22.48 -30.92
C LEU C 780 12.37 -23.76 -30.26
N ASP C 781 13.21 -23.63 -29.26
CA ASP C 781 13.79 -24.81 -28.62
C ASP C 781 12.90 -25.13 -27.43
N VAL C 782 11.85 -25.87 -27.71
CA VAL C 782 10.81 -26.23 -26.73
C VAL C 782 11.09 -27.63 -26.20
N PRO C 783 10.48 -28.03 -25.08
CA PRO C 783 10.51 -29.45 -24.67
C PRO C 783 9.62 -30.31 -25.55
N ASP C 784 9.77 -31.63 -25.38
CA ASP C 784 8.85 -32.58 -26.01
C ASP C 784 7.42 -32.38 -25.53
N GLY C 785 6.48 -32.91 -26.30
CA GLY C 785 5.08 -32.70 -26.05
C GLY C 785 4.36 -32.49 -27.37
N VAL C 786 3.09 -32.08 -27.27
CA VAL C 786 2.25 -31.80 -28.42
C VAL C 786 1.93 -30.32 -28.40
N TYR C 787 1.93 -29.69 -29.57
CA TYR C 787 1.88 -28.24 -29.63
C TYR C 787 0.86 -27.74 -30.63
N GLU C 788 0.10 -26.73 -30.24
CA GLU C 788 -0.78 -26.01 -31.16
C GLU C 788 -0.06 -24.74 -31.61
N ILE C 789 0.60 -24.84 -32.75
CA ILE C 789 1.24 -23.69 -33.37
C ILE C 789 0.23 -22.95 -34.24
N GLY C 790 0.06 -21.65 -33.96
CA GLY C 790 -0.77 -20.78 -34.77
C GLY C 790 0.03 -19.73 -35.52
N PHE C 791 -0.11 -19.69 -36.83
CA PHE C 791 0.57 -18.72 -37.66
C PHE C 791 -0.41 -17.60 -37.99
N TYR C 792 0.06 -16.36 -37.97
CA TYR C 792 -0.80 -15.20 -38.18
C TYR C 792 -0.28 -14.46 -39.40
N PHE C 793 -1.03 -14.55 -40.49
CA PHE C 793 -0.63 -14.05 -41.81
C PHE C 793 -1.55 -12.93 -42.27
N THR C 794 -1.07 -12.22 -43.30
CA THR C 794 -1.84 -11.23 -44.07
C THR C 794 -0.98 -10.74 -45.22
N GLU C 795 -1.63 -10.36 -46.31
CA GLU C 795 -0.93 -9.68 -47.39
C GLU C 795 -0.96 -8.18 -47.10
N PRO C 796 0.16 -7.57 -46.74
CA PRO C 796 0.12 -6.24 -46.13
C PRO C 796 0.13 -5.11 -47.12
N PHE C 797 0.47 -5.38 -48.38
CA PHE C 797 0.53 -4.36 -49.42
C PHE C 797 -0.55 -4.61 -50.47
N SER C 798 -1.02 -3.50 -51.07
CA SER C 798 -2.09 -3.53 -52.06
C SER C 798 -1.55 -3.65 -53.48
N LYS C 799 -2.46 -4.01 -54.40
CA LYS C 799 -2.16 -4.18 -55.82
C LYS C 799 -1.32 -3.03 -56.36
N ASP C 800 -1.56 -1.84 -55.85
CA ASP C 800 -0.72 -0.69 -56.21
C ASP C 800 0.66 -0.82 -55.59
N GLU C 801 0.73 -0.84 -54.25
CA GLU C 801 2.01 -0.79 -53.54
C GLU C 801 2.95 -1.91 -53.96
N ARG C 802 2.44 -2.99 -54.55
CA ARG C 802 3.28 -4.08 -55.02
C ARG C 802 3.83 -3.84 -56.42
N LYS C 803 3.45 -2.74 -57.08
CA LYS C 803 4.17 -2.33 -58.28
C LYS C 803 5.55 -1.80 -57.94
N ASN C 804 5.79 -1.41 -56.67
CA ASN C 804 7.13 -1.27 -56.11
C ASN C 804 7.62 -2.66 -55.77
N ILE C 805 8.32 -3.27 -56.74
CA ILE C 805 8.69 -4.66 -56.62
C ILE C 805 9.61 -4.87 -55.42
N VAL C 806 10.58 -3.95 -55.24
CA VAL C 806 11.66 -4.14 -54.27
C VAL C 806 11.18 -3.86 -52.85
N ARG C 807 10.37 -2.81 -52.67
CA ARG C 807 9.82 -2.52 -51.35
C ARG C 807 9.04 -3.72 -50.78
N THR C 808 8.05 -4.21 -51.53
CA THR C 808 7.14 -5.24 -51.02
C THR C 808 7.60 -6.67 -51.27
N GLY C 809 8.77 -6.87 -51.88
CA GLY C 809 9.30 -8.21 -52.07
C GLY C 809 8.39 -9.17 -52.81
N VAL C 810 7.95 -8.78 -54.02
CA VAL C 810 7.06 -9.59 -54.84
C VAL C 810 7.73 -9.85 -56.20
N SER C 811 7.10 -10.73 -56.99
CA SER C 811 7.52 -10.98 -58.36
C SER C 811 7.24 -9.75 -59.24
N ALA C 812 7.62 -9.85 -60.51
CA ALA C 812 7.45 -8.71 -61.41
C ALA C 812 5.97 -8.45 -61.68
N GLU C 813 5.14 -9.49 -61.59
CA GLU C 813 3.68 -9.40 -61.63
C GLU C 813 3.04 -9.23 -60.25
N GLY C 814 3.82 -8.97 -59.20
CA GLY C 814 3.27 -8.62 -57.91
C GLY C 814 2.74 -9.77 -57.07
N GLN C 815 3.33 -10.96 -57.20
CA GLN C 815 2.83 -12.15 -56.54
C GLN C 815 3.78 -12.61 -55.44
N ARG C 816 3.19 -13.15 -54.36
CA ARG C 816 3.94 -13.73 -53.25
C ARG C 816 3.33 -15.09 -52.92
N VAL C 817 4.10 -16.16 -53.13
CA VAL C 817 3.66 -17.52 -52.86
C VAL C 817 4.79 -18.21 -52.13
N PHE C 818 4.45 -18.97 -51.09
CA PHE C 818 5.47 -19.69 -50.32
C PHE C 818 4.82 -20.85 -49.59
N ASP C 819 5.67 -21.76 -49.16
CA ASP C 819 5.23 -22.90 -48.38
C ASP C 819 5.71 -22.76 -46.95
N VAL C 820 4.83 -23.15 -46.03
CA VAL C 820 5.14 -23.24 -44.62
C VAL C 820 5.28 -24.72 -44.31
N SER C 821 6.42 -25.08 -43.75
CA SER C 821 6.70 -26.44 -43.30
C SER C 821 7.02 -26.41 -41.81
N VAL C 822 6.85 -27.55 -41.15
CA VAL C 822 7.29 -27.71 -39.77
C VAL C 822 8.07 -29.01 -39.69
N ASN C 823 9.36 -28.91 -39.38
CA ASN C 823 10.18 -30.09 -39.08
C ASN C 823 10.22 -31.06 -40.27
N GLY C 824 10.30 -30.52 -41.48
CA GLY C 824 10.36 -31.35 -42.65
C GLY C 824 9.04 -31.54 -43.37
N GLU C 825 7.94 -31.71 -42.63
CA GLU C 825 6.66 -31.98 -43.27
C GLU C 825 6.09 -30.67 -43.81
N LYS C 826 5.85 -30.63 -45.13
CA LYS C 826 5.25 -29.48 -45.78
C LYS C 826 3.76 -29.49 -45.52
N LEU C 827 3.27 -28.47 -44.81
CA LEU C 827 1.90 -28.50 -44.33
C LEU C 827 1.00 -27.41 -44.91
N ILE C 828 1.53 -26.31 -45.41
CA ILE C 828 0.77 -25.42 -46.28
C ILE C 828 1.44 -25.41 -47.64
N ASP C 829 0.72 -25.86 -48.66
CA ASP C 829 1.35 -26.37 -49.86
C ASP C 829 1.57 -25.32 -50.94
N SER C 830 0.99 -24.13 -50.80
CA SER C 830 1.38 -23.00 -51.64
C SER C 830 0.52 -21.81 -51.29
N LEU C 831 0.91 -21.09 -50.26
CA LEU C 831 0.07 -20.05 -49.70
C LEU C 831 0.18 -18.79 -50.54
N ASN C 832 -0.92 -18.38 -51.18
CA ASN C 832 -0.99 -17.10 -51.89
C ASN C 832 -2.00 -16.23 -51.15
N LEU C 833 -1.51 -15.30 -50.36
CA LEU C 833 -2.41 -14.55 -49.49
C LEU C 833 -3.40 -13.70 -50.28
N ALA C 834 -2.93 -13.01 -51.32
CA ALA C 834 -3.82 -12.09 -52.04
C ALA C 834 -4.91 -12.83 -52.83
N ASP C 835 -4.55 -13.82 -53.66
CA ASP C 835 -5.57 -14.46 -54.50
C ASP C 835 -6.40 -15.50 -53.77
N SER C 836 -5.94 -15.98 -52.60
CA SER C 836 -6.74 -16.94 -51.84
C SER C 836 -7.62 -16.28 -50.79
N TYR C 837 -7.18 -15.18 -50.18
CA TYR C 837 -7.97 -14.53 -49.13
C TYR C 837 -8.27 -13.06 -49.38
N GLY C 838 -7.64 -12.42 -50.35
CA GLY C 838 -7.81 -10.99 -50.40
C GLY C 838 -6.72 -10.26 -49.64
N GLU C 839 -6.38 -9.08 -50.14
CA GLU C 839 -5.25 -8.37 -49.57
C GLU C 839 -5.64 -7.73 -48.24
N GLN C 840 -4.63 -7.59 -47.37
CA GLN C 840 -4.75 -6.93 -46.08
C GLN C 840 -5.95 -7.50 -45.31
N THR C 841 -5.94 -8.83 -45.21
CA THR C 841 -6.98 -9.61 -44.59
C THR C 841 -6.36 -10.65 -43.65
N ALA C 842 -6.96 -10.81 -42.46
CA ALA C 842 -6.43 -11.69 -41.43
C ALA C 842 -6.60 -13.16 -41.81
N VAL C 843 -5.53 -13.93 -41.67
CA VAL C 843 -5.53 -15.37 -41.93
C VAL C 843 -4.79 -16.07 -40.78
N VAL C 844 -5.52 -16.82 -39.97
CA VAL C 844 -4.88 -17.63 -38.94
C VAL C 844 -5.00 -19.09 -39.33
N LYS C 845 -3.87 -19.77 -39.34
CA LYS C 845 -3.77 -21.20 -39.58
C LYS C 845 -3.11 -21.83 -38.36
N THR C 846 -3.71 -22.91 -37.84
CA THR C 846 -3.21 -23.57 -36.63
C THR C 846 -2.77 -25.00 -36.96
N LEU C 847 -1.55 -25.34 -36.52
CA LEU C 847 -0.96 -26.66 -36.77
C LEU C 847 -0.71 -27.38 -35.44
N VAL C 848 -1.27 -28.56 -35.29
CA VAL C 848 -0.86 -29.42 -34.19
C VAL C 848 0.34 -30.25 -34.64
N VAL C 849 1.40 -30.19 -33.85
CA VAL C 849 2.70 -30.82 -34.12
C VAL C 849 3.20 -31.52 -32.86
N ASN C 850 3.68 -32.76 -32.99
CA ASN C 850 4.20 -33.55 -31.89
C ASN C 850 5.73 -33.50 -31.91
N VAL C 851 6.32 -32.87 -30.90
CA VAL C 851 7.77 -32.69 -30.83
C VAL C 851 8.36 -33.83 -30.00
N ARG C 852 9.17 -34.68 -30.65
CA ARG C 852 9.85 -35.70 -29.90
C ARG C 852 11.33 -35.68 -30.25
N ASN C 853 12.08 -36.68 -29.81
CA ASN C 853 13.53 -36.60 -29.79
C ASN C 853 13.84 -35.39 -28.91
N HIS C 854 14.88 -34.63 -29.19
CA HIS C 854 14.96 -33.32 -28.57
C HIS C 854 14.92 -32.30 -29.70
N GLU C 855 13.90 -32.41 -30.54
CA GLU C 855 13.98 -31.80 -31.86
C GLU C 855 13.55 -30.34 -31.87
N GLY C 856 12.94 -29.85 -30.80
CA GLY C 856 12.41 -28.52 -30.80
C GLY C 856 11.48 -28.31 -31.98
N LEU C 857 11.47 -27.09 -32.49
CA LEU C 857 10.61 -26.69 -33.58
C LEU C 857 11.43 -25.91 -34.59
N GLU C 858 11.42 -26.34 -35.84
CA GLU C 858 12.03 -25.60 -36.93
C GLU C 858 10.96 -25.33 -37.96
N ILE C 859 10.70 -24.05 -38.24
CA ILE C 859 9.65 -23.64 -39.16
C ILE C 859 10.32 -23.09 -40.41
N LEU C 860 10.06 -23.74 -41.55
CA LEU C 860 10.58 -23.29 -42.84
C LEU C 860 9.48 -22.61 -43.63
N LEU C 861 9.71 -21.36 -43.99
CA LEU C 861 9.00 -20.75 -45.10
C LEU C 861 9.86 -20.93 -46.34
N SER C 862 9.25 -21.42 -47.42
CA SER C 862 9.99 -21.69 -48.66
C SER C 862 9.39 -20.93 -49.82
N PRO C 863 9.99 -19.81 -50.26
CA PRO C 863 9.34 -18.92 -51.22
C PRO C 863 9.50 -19.44 -52.64
N GLN C 864 8.37 -19.60 -53.33
CA GLN C 864 8.33 -19.85 -54.75
C GLN C 864 8.22 -18.55 -55.55
N LYS C 865 7.39 -17.62 -55.08
CA LYS C 865 7.24 -16.32 -55.72
C LYS C 865 7.37 -15.25 -54.65
N GLY C 866 8.31 -14.32 -54.86
CA GLY C 866 8.49 -13.20 -53.95
C GLY C 866 9.26 -13.61 -52.70
N GLN C 867 8.93 -12.94 -51.59
CA GLN C 867 9.49 -13.23 -50.28
C GLN C 867 8.38 -13.56 -49.30
N GLY C 868 8.68 -14.44 -48.34
CA GLY C 868 7.66 -14.92 -47.42
C GLY C 868 7.43 -13.93 -46.29
N VAL C 869 6.16 -13.64 -46.02
CA VAL C 869 5.78 -12.79 -44.89
C VAL C 869 4.99 -13.61 -43.88
N ILE C 870 5.13 -13.25 -42.60
CA ILE C 870 4.29 -13.77 -41.52
C ILE C 870 4.28 -12.74 -40.38
N SER C 871 3.09 -12.55 -39.78
CA SER C 871 2.86 -11.49 -38.81
C SER C 871 2.94 -11.97 -37.37
N GLY C 872 2.50 -13.18 -37.07
CA GLY C 872 2.42 -13.62 -35.69
C GLY C 872 2.60 -15.12 -35.52
N LEU C 873 3.14 -15.50 -34.36
CA LEU C 873 3.37 -16.89 -33.99
C LEU C 873 2.91 -17.12 -32.57
N LYS C 874 2.08 -18.14 -32.36
CA LYS C 874 1.64 -18.56 -31.03
C LYS C 874 1.98 -20.03 -30.79
N VAL C 875 2.72 -20.32 -29.71
CA VAL C 875 3.12 -21.68 -29.36
C VAL C 875 2.47 -22.07 -28.03
N LYS C 876 1.62 -23.09 -28.08
CA LYS C 876 0.89 -23.58 -26.92
C LYS C 876 1.14 -25.08 -26.75
N LYS C 877 1.53 -25.46 -25.55
CA LYS C 877 1.66 -26.87 -25.15
C LYS C 877 0.32 -27.38 -24.65
N ILE C 878 -0.29 -28.28 -25.40
CA ILE C 878 -1.53 -28.85 -24.90
C ILE C 878 -1.33 -30.19 -24.19
N ARG C 879 -0.18 -30.84 -24.38
CA ARG C 879 0.16 -32.09 -23.66
C ARG C 879 1.59 -32.55 -23.95
N PHE D 20 -6.15 41.23 47.70
CA PHE D 20 -5.32 40.86 46.55
C PHE D 20 -4.74 39.46 46.69
N GLN D 21 -5.44 38.45 46.17
CA GLN D 21 -4.92 37.08 46.19
C GLN D 21 -3.64 36.93 45.36
N SER D 22 -3.32 37.88 44.49
CA SER D 22 -2.09 37.82 43.71
C SER D 22 -0.89 38.22 44.56
N ASN D 23 0.22 37.47 44.40
CA ASN D 23 1.45 37.72 45.15
C ASN D 23 2.62 38.00 44.21
N ALA D 24 3.62 38.69 44.76
CA ALA D 24 4.91 38.93 44.11
C ALA D 24 5.92 37.87 44.58
N SER D 25 6.74 37.38 43.65
CA SER D 25 7.61 36.23 43.92
C SER D 25 9.10 36.56 43.88
N GLU D 26 9.58 37.34 42.92
CA GLU D 26 10.98 37.73 42.85
C GLU D 26 11.08 39.21 42.47
N ILE D 27 12.21 39.82 42.76
CA ILE D 27 12.58 41.12 42.21
C ILE D 27 13.96 40.99 41.59
N SER D 28 14.12 41.59 40.41
CA SER D 28 15.41 41.61 39.75
C SER D 28 16.42 42.44 40.53
N ILE D 29 17.70 42.05 40.44
CA ILE D 29 18.76 42.78 41.13
C ILE D 29 19.97 42.95 40.21
N THR D 30 19.72 43.26 38.95
CA THR D 30 20.79 43.35 37.95
C THR D 30 21.41 44.75 37.84
N ASP D 31 21.07 45.67 38.73
CA ASP D 31 21.36 47.08 38.55
C ASP D 31 22.38 47.59 39.57
N SER D 32 23.32 48.40 39.10
CA SER D 32 24.30 49.13 39.93
C SER D 32 25.14 48.19 40.80
N TRP D 33 26.05 47.52 40.12
CA TRP D 33 27.07 46.65 40.69
C TRP D 33 28.43 47.32 40.58
N LYS D 34 29.35 46.96 41.49
CA LYS D 34 30.72 47.44 41.39
C LYS D 34 31.63 46.29 40.94
N TYR D 35 32.45 46.54 39.92
CA TYR D 35 33.28 45.50 39.32
C TYR D 35 34.74 45.92 39.33
N LYS D 36 35.64 44.93 39.50
CA LYS D 36 37.08 45.12 39.42
C LYS D 36 37.74 43.86 38.87
N ALA D 37 38.66 44.05 37.93
CA ALA D 37 39.49 42.96 37.42
C ALA D 37 40.72 42.81 38.32
N GLU D 38 40.50 42.26 39.52
CA GLU D 38 41.61 41.91 40.40
C GLU D 38 41.14 40.90 41.42
N ASN D 39 42.09 40.12 41.94
CA ASN D 39 41.82 38.95 42.77
C ASN D 39 42.45 39.13 44.15
N ASP D 40 41.64 39.57 45.11
CA ASP D 40 42.08 39.75 46.49
C ASP D 40 40.95 39.29 47.39
N GLU D 41 41.24 38.36 48.33
CA GLU D 41 40.17 37.77 49.13
C GLU D 41 39.48 38.76 50.05
N ARG D 42 39.99 39.99 50.12
CA ARG D 42 39.38 41.03 50.95
C ARG D 42 38.13 41.63 50.31
N PHE D 43 37.88 41.37 49.02
CA PHE D 43 36.78 42.04 48.33
C PHE D 43 35.42 41.50 48.73
N SER D 44 35.37 40.41 49.52
CA SER D 44 34.14 39.92 50.13
C SER D 44 33.74 40.68 51.40
N SER D 45 34.40 41.79 51.69
CA SER D 45 34.24 42.47 52.97
C SER D 45 33.09 43.45 52.91
N MET D 46 32.16 43.31 53.84
CA MET D 46 31.20 44.38 54.09
C MET D 46 31.89 45.74 54.15
N ASP D 47 33.03 45.80 54.85
CA ASP D 47 33.66 47.06 55.22
C ASP D 47 34.77 47.48 54.26
N TRP D 48 34.84 46.87 53.08
CA TRP D 48 35.83 47.25 52.08
C TRP D 48 35.42 48.55 51.38
N ASN D 49 36.35 49.14 50.65
CA ASN D 49 36.15 50.42 50.00
C ASN D 49 36.14 50.27 48.49
N ASP D 50 34.95 49.97 47.93
CA ASP D 50 34.76 49.83 46.49
C ASP D 50 34.29 51.12 45.83
N SER D 51 34.51 52.27 46.44
CA SER D 51 33.98 53.51 45.90
C SER D 51 34.39 53.68 44.43
N ASP D 52 35.71 53.64 44.16
CA ASP D 52 36.25 53.89 42.82
C ASP D 52 36.35 52.62 41.95
N TRP D 53 35.49 51.63 42.17
CA TRP D 53 35.33 50.56 41.21
C TRP D 53 34.34 50.99 40.14
N VAL D 54 34.48 50.41 38.94
CA VAL D 54 33.53 50.72 37.87
C VAL D 54 32.13 50.23 38.24
N THR D 55 31.10 50.97 37.79
CA THR D 55 29.71 50.62 38.05
C THR D 55 29.12 50.04 36.79
N VAL D 56 28.75 48.75 36.84
CA VAL D 56 28.19 48.06 35.69
C VAL D 56 26.78 47.58 36.03
N ASP D 57 25.97 47.45 34.98
CA ASP D 57 24.67 46.81 35.08
C ASP D 57 24.77 45.43 34.47
N LEU D 58 23.94 44.57 34.95
CA LEU D 58 23.98 43.16 34.60
C LEU D 58 22.89 42.82 33.57
N PRO D 59 23.15 41.85 32.68
CA PRO D 59 24.38 41.06 32.49
C PRO D 59 25.66 41.84 32.15
N HIS D 60 26.80 41.20 32.44
CA HIS D 60 28.11 41.78 32.26
C HIS D 60 29.14 40.70 31.97
N THR D 61 30.13 41.04 31.15
CA THR D 61 31.23 40.14 30.89
C THR D 61 32.46 40.95 30.52
N TRP D 62 33.61 40.63 31.13
CA TRP D 62 34.82 41.41 30.91
C TRP D 62 35.59 40.99 29.67
N ASN D 63 34.99 40.20 28.80
CA ASN D 63 35.61 39.87 27.52
C ASN D 63 34.75 40.29 26.32
N ALA D 64 33.73 41.15 26.52
CA ALA D 64 32.90 41.61 25.39
C ALA D 64 33.71 42.34 24.33
N GLY D 65 34.85 42.94 24.72
CA GLY D 65 35.79 43.57 23.80
C GLY D 65 37.08 42.79 23.61
N ASP D 66 37.61 42.19 24.69
CA ASP D 66 38.85 41.39 24.73
C ASP D 66 39.04 40.46 23.53
N VAL D 67 37.92 39.92 23.03
CA VAL D 67 37.91 38.84 22.05
C VAL D 67 38.00 39.37 20.62
N ILE D 68 37.23 40.43 20.29
CA ILE D 68 37.15 40.91 18.92
C ILE D 68 38.21 42.00 18.68
N ASP D 69 39.24 42.01 19.53
CA ASP D 69 40.35 42.95 19.46
C ASP D 69 41.37 42.53 18.41
N GLU D 70 42.31 43.44 18.12
CA GLU D 70 43.43 43.08 17.28
C GLU D 70 44.50 42.30 18.03
N GLN D 71 44.48 42.30 19.36
CA GLN D 71 45.44 41.52 20.13
C GLN D 71 45.00 40.05 20.17
N ARG D 72 45.96 39.15 19.94
CA ARG D 72 45.69 37.72 20.05
C ARG D 72 45.54 37.29 21.50
N GLY D 73 44.55 36.44 21.76
CA GLY D 73 44.30 36.00 23.12
C GLY D 73 43.47 36.97 23.94
N TYR D 74 42.68 36.42 24.86
CA TYR D 74 41.86 37.22 25.76
C TYR D 74 42.18 36.79 27.19
N ARG D 75 41.85 37.68 28.12
CA ARG D 75 42.23 37.49 29.51
C ARG D 75 41.35 36.44 30.16
N ARG D 76 41.98 35.35 30.60
CA ARG D 76 41.34 34.34 31.45
C ARG D 76 41.78 34.61 32.89
N GLY D 77 40.80 34.80 33.79
CA GLY D 77 41.16 35.10 35.16
C GLY D 77 40.00 35.30 36.12
N ILE D 78 40.21 36.10 37.15
CA ILE D 78 39.27 36.27 38.25
C ILE D 78 38.91 37.74 38.39
N SER D 79 37.63 38.00 38.67
CA SER D 79 37.18 39.35 38.98
C SER D 79 36.09 39.25 40.04
N TRP D 80 35.68 40.41 40.52
CA TRP D 80 34.79 40.49 41.67
C TRP D 80 33.64 41.42 41.36
N TYR D 81 32.46 41.10 41.86
CA TYR D 81 31.28 41.95 41.76
C TYR D 81 30.73 42.15 43.16
N ARG D 82 30.50 43.39 43.53
CA ARG D 82 29.90 43.70 44.82
C ARG D 82 28.62 44.49 44.59
N LYS D 83 27.64 44.27 45.46
CA LYS D 83 26.34 44.91 45.31
C LYS D 83 25.78 45.14 46.71
N LYS D 84 25.36 46.38 46.95
CA LYS D 84 24.61 46.70 48.17
C LYS D 84 23.16 46.30 47.89
N LEU D 85 22.75 45.16 48.47
CA LEU D 85 21.52 44.46 48.11
C LEU D 85 20.49 44.62 49.22
N PHE D 86 19.44 45.39 48.94
CA PHE D 86 18.32 45.56 49.87
C PHE D 86 17.33 44.43 49.68
N ILE D 87 16.59 44.11 50.75
CA ILE D 87 15.63 43.02 50.74
C ILE D 87 14.28 43.59 51.15
N PRO D 88 13.26 43.52 50.29
CA PRO D 88 11.97 44.17 50.61
C PRO D 88 11.41 43.64 51.92
N SER D 89 10.51 44.42 52.52
CA SER D 89 9.96 43.98 53.80
C SER D 89 8.91 42.89 53.62
N GLU D 90 8.24 42.84 52.46
CA GLU D 90 7.28 41.78 52.18
C GLU D 90 7.93 40.38 52.13
N ALA D 91 9.25 40.30 52.23
CA ALA D 91 9.93 39.02 52.33
C ALA D 91 10.39 38.71 53.75
N ARG D 92 10.05 39.56 54.73
CA ARG D 92 10.29 39.24 56.13
C ARG D 92 9.51 38.01 56.52
N ASP D 93 10.11 37.21 57.41
CA ASP D 93 9.55 35.96 57.93
C ASP D 93 9.53 34.86 56.88
N LYS D 94 10.03 35.10 55.67
CA LYS D 94 9.94 34.19 54.55
C LYS D 94 11.29 33.52 54.29
N LYS D 95 11.27 32.52 53.40
CA LYS D 95 12.49 31.84 52.94
C LYS D 95 13.06 32.60 51.73
N ILE D 96 14.22 33.24 51.90
CA ILE D 96 14.78 34.13 50.89
C ILE D 96 15.91 33.43 50.13
N THR D 97 15.83 33.49 48.80
CA THR D 97 16.74 32.80 47.89
C THR D 97 17.30 33.81 46.90
N LEU D 98 18.44 33.46 46.30
CA LEU D 98 19.05 34.20 45.21
C LEU D 98 19.22 33.25 44.03
N ARG D 99 18.54 33.54 42.93
CA ARG D 99 18.69 32.73 41.73
C ARG D 99 19.65 33.40 40.77
N PHE D 100 20.55 32.62 40.20
CA PHE D 100 21.50 33.08 39.19
C PHE D 100 21.23 32.25 37.95
N ASP D 101 20.95 32.91 36.82
CA ASP D 101 20.73 32.15 35.59
C ASP D 101 22.01 31.81 34.83
N GLY D 102 23.13 32.48 35.11
CA GLY D 102 24.32 32.21 34.30
C GLY D 102 25.56 32.98 34.67
N VAL D 103 26.58 32.26 35.13
CA VAL D 103 27.86 32.84 35.53
C VAL D 103 28.96 32.01 34.85
N ALA D 104 29.88 32.68 34.18
CA ALA D 104 30.86 31.97 33.36
C ALA D 104 31.90 31.33 34.26
N SER D 105 31.92 29.99 34.26
CA SER D 105 32.79 29.10 35.03
C SER D 105 32.54 29.23 36.52
N LYS D 106 33.58 29.35 37.36
CA LYS D 106 33.34 29.21 38.80
C LYS D 106 32.82 30.50 39.40
N ALA D 107 31.98 30.34 40.42
CA ALA D 107 31.30 31.45 41.08
C ALA D 107 31.34 31.23 42.59
N ASP D 108 31.70 32.26 43.34
CA ASP D 108 31.74 32.20 44.79
C ASP D 108 30.86 33.34 45.33
N VAL D 109 29.63 33.01 45.72
CA VAL D 109 28.70 33.99 46.27
C VAL D 109 28.92 34.13 47.78
N TYR D 110 29.44 35.29 48.20
CA TYR D 110 29.55 35.65 49.61
C TYR D 110 28.44 36.62 49.99
N LEU D 111 27.88 36.45 51.19
CA LEU D 111 26.92 37.40 51.71
C LEU D 111 27.35 37.90 53.09
N ASN D 112 27.28 39.21 53.28
CA ASN D 112 27.77 39.87 54.48
C ASN D 112 29.02 39.18 55.00
N GLY D 113 30.00 39.03 54.11
CA GLY D 113 31.30 38.47 54.41
C GLY D 113 31.40 36.96 54.34
N LYS D 114 30.30 36.22 54.61
CA LYS D 114 30.34 34.77 54.84
C LYS D 114 30.00 34.03 53.55
N LEU D 115 30.98 33.29 53.01
CA LEU D 115 30.81 32.42 51.85
C LEU D 115 29.60 31.51 51.98
N LEU D 116 28.62 31.67 51.08
CA LEU D 116 27.36 30.93 51.14
C LEU D 116 27.28 29.73 50.22
N LYS D 117 27.94 29.76 49.06
CA LYS D 117 27.85 28.70 48.05
C LYS D 117 28.97 28.90 47.02
N THR D 118 29.39 27.80 46.39
CA THR D 118 30.26 27.82 45.22
C THR D 118 29.63 26.94 44.16
N HIS D 119 29.79 27.35 42.90
CA HIS D 119 29.18 26.68 41.75
C HIS D 119 30.20 26.52 40.65
N LEU D 120 30.07 25.43 39.91
CA LEU D 120 30.90 25.18 38.75
C LEU D 120 29.98 24.98 37.54
N GLY D 121 30.47 25.41 36.38
CA GLY D 121 29.64 25.35 35.18
C GLY D 121 29.17 26.72 34.74
N ALA D 122 29.43 27.04 33.49
CA ALA D 122 29.18 28.37 32.95
C ALA D 122 27.81 28.55 32.34
N TYR D 123 26.96 27.52 32.37
CA TYR D 123 25.83 27.50 31.47
C TYR D 123 24.51 27.15 32.13
N THR D 124 24.52 26.73 33.39
CA THR D 124 23.33 26.35 34.11
C THR D 124 23.05 27.35 35.22
N ALA D 125 21.78 27.42 35.63
CA ALA D 125 21.37 28.24 36.74
C ALA D 125 21.78 27.61 38.07
N PHE D 126 21.77 28.42 39.13
CA PHE D 126 22.05 27.92 40.46
C PHE D 126 21.39 28.81 41.51
N GLY D 127 21.10 28.21 42.66
CA GLY D 127 20.41 28.87 43.76
C GLY D 127 21.31 29.16 44.93
N VAL D 128 20.91 30.07 45.81
CA VAL D 128 21.64 30.41 47.03
C VAL D 128 20.61 30.78 48.10
N ASP D 129 20.59 30.01 49.20
CA ASP D 129 19.69 30.25 50.33
C ASP D 129 20.38 31.21 51.28
N ILE D 130 19.71 32.32 51.60
CA ILE D 130 20.35 33.39 52.36
C ILE D 130 19.47 33.76 53.54
N THR D 131 18.52 32.88 53.87
CA THR D 131 17.40 33.28 54.71
C THR D 131 17.84 33.81 56.06
N ASP D 132 18.63 33.03 56.79
CA ASP D 132 19.01 33.36 58.14
C ASP D 132 20.32 34.14 58.22
N ILE D 133 20.87 34.52 57.07
CA ILE D 133 22.15 35.20 56.97
C ILE D 133 21.92 36.68 56.68
N CYS D 134 20.90 36.96 55.89
CA CYS D 134 20.63 38.34 55.50
C CYS D 134 19.79 39.05 56.55
N GLU D 135 19.95 40.36 56.61
CA GLU D 135 19.05 41.24 57.36
C GLU D 135 17.97 41.73 56.41
N VAL D 136 16.75 41.26 56.59
CA VAL D 136 15.63 41.70 55.76
C VAL D 136 15.10 43.02 56.32
N GLY D 137 15.12 44.06 55.50
CA GLY D 137 14.71 45.37 55.96
C GLY D 137 15.90 46.30 55.92
N LYS D 138 16.99 45.90 56.58
CA LYS D 138 18.28 46.57 56.48
C LYS D 138 18.89 46.36 55.09
N GLU D 139 20.21 46.46 54.99
CA GLU D 139 20.87 46.32 53.69
C GLU D 139 22.14 45.48 53.83
N ASN D 140 22.45 44.73 52.78
CA ASN D 140 23.45 43.68 52.83
C ASN D 140 24.48 43.88 51.72
N LEU D 141 25.64 43.26 51.88
CA LEU D 141 26.67 43.33 50.85
C LEU D 141 26.84 41.96 50.19
N LEU D 142 26.69 41.94 48.89
CA LEU D 142 26.69 40.71 48.11
C LEU D 142 27.93 40.70 47.24
N ALA D 143 28.80 39.73 47.47
CA ALA D 143 30.09 39.69 46.79
C ALA D 143 30.17 38.40 46.00
N VAL D 144 30.62 38.50 44.74
CA VAL D 144 30.74 37.35 43.87
C VAL D 144 32.14 37.36 43.25
N LYS D 145 32.96 36.37 43.60
CA LYS D 145 34.19 36.10 42.88
C LYS D 145 33.84 35.25 41.67
N VAL D 146 34.17 35.74 40.48
CA VAL D 146 33.85 35.04 39.24
C VAL D 146 35.14 34.64 38.55
N ASP D 147 35.30 33.35 38.31
CA ASP D 147 36.50 32.78 37.75
C ASP D 147 36.26 32.31 36.32
N ASN D 148 37.33 32.31 35.55
CA ASN D 148 37.22 32.13 34.12
C ASN D 148 38.47 31.45 33.57
N SER D 149 39.38 31.01 34.45
CA SER D 149 40.73 30.64 34.09
C SER D 149 40.78 29.44 33.15
N SER D 150 41.84 29.39 32.34
CA SER D 150 42.09 28.18 31.56
C SER D 150 42.37 27.00 32.47
N SER D 151 42.93 27.24 33.65
CA SER D 151 43.28 26.14 34.56
C SER D 151 42.08 25.30 34.92
N LEU D 152 40.87 25.86 34.91
CA LEU D 152 39.69 25.09 35.31
C LEU D 152 39.39 23.93 34.38
N GLY D 153 40.10 23.84 33.25
CA GLY D 153 39.83 22.79 32.27
C GLY D 153 40.19 21.40 32.73
N GLU D 154 41.12 21.26 33.68
CA GLU D 154 41.44 19.92 34.16
C GLU D 154 40.35 19.34 35.04
N ILE D 155 39.30 20.10 35.36
CA ILE D 155 38.26 19.60 36.27
C ILE D 155 36.86 20.00 35.80
N LEU D 156 36.78 20.92 34.83
CA LEU D 156 35.48 21.43 34.37
C LEU D 156 35.43 21.54 32.85
N PRO D 157 34.39 21.00 32.20
CA PRO D 157 34.17 21.24 30.77
C PRO D 157 33.56 22.61 30.53
N PRO D 158 33.75 23.20 29.34
CA PRO D 158 34.43 22.69 28.15
C PRO D 158 35.95 22.72 28.27
N VAL D 159 36.63 21.84 27.56
CA VAL D 159 38.07 21.68 27.75
C VAL D 159 38.79 22.47 26.67
N SER D 160 38.19 22.54 25.49
CA SER D 160 38.69 23.31 24.35
C SER D 160 37.52 23.50 23.39
N GLY D 161 37.74 24.24 22.32
CA GLY D 161 36.72 24.32 21.30
C GLY D 161 36.76 25.61 20.52
N ASP D 162 35.86 25.69 19.54
CA ASP D 162 35.70 26.82 18.63
C ASP D 162 34.67 27.81 19.17
N PHE D 163 34.85 28.21 20.44
CA PHE D 163 34.01 29.21 21.07
C PHE D 163 34.69 29.65 22.36
N SER D 164 34.90 30.95 22.52
CA SER D 164 35.52 31.44 23.75
C SER D 164 34.51 31.36 24.91
N ILE D 165 35.01 31.60 26.09
CA ILE D 165 34.16 31.76 27.26
C ILE D 165 34.45 33.14 27.86
N PHE D 166 33.72 34.14 27.38
CA PHE D 166 33.53 35.42 28.05
C PHE D 166 33.25 35.18 29.52
N GLY D 167 34.15 35.65 30.37
CA GLY D 167 33.89 35.58 31.80
C GLY D 167 33.01 36.74 32.27
N GLY D 168 32.13 36.45 33.22
CA GLY D 168 31.33 37.47 33.84
C GLY D 168 30.06 36.87 34.38
N ILE D 169 29.20 37.74 34.93
CA ILE D 169 27.83 37.36 35.26
C ILE D 169 26.97 37.89 34.12
N TYR D 170 26.63 37.00 33.16
CA TYR D 170 26.12 37.40 31.86
C TYR D 170 24.69 36.94 31.58
N ARG D 171 24.04 36.26 32.51
CA ARG D 171 22.59 36.18 32.48
C ARG D 171 22.09 36.84 33.75
N ARG D 172 20.78 36.99 33.88
CA ARG D 172 20.22 37.81 34.95
C ARG D 172 20.44 37.17 36.32
N VAL D 173 20.02 37.92 37.34
CA VAL D 173 20.14 37.60 38.76
C VAL D 173 18.90 38.16 39.47
N PHE D 174 18.28 37.35 40.32
CA PHE D 174 17.05 37.75 40.99
C PHE D 174 17.07 37.42 42.47
N LEU D 175 16.28 38.17 43.23
CA LEU D 175 16.06 37.95 44.66
C LEU D 175 14.67 37.36 44.84
N GLN D 176 14.61 36.08 45.21
CA GLN D 176 13.34 35.36 45.36
C GLN D 176 12.95 35.17 46.84
N TRP D 177 11.66 34.92 47.06
CA TRP D 177 11.16 34.52 48.37
C TRP D 177 9.84 33.77 48.22
N THR D 178 9.69 32.70 49.00
CA THR D 178 8.46 31.93 49.08
C THR D 178 8.07 31.77 50.55
N GLU D 179 6.96 31.06 50.78
CA GLU D 179 6.56 30.71 52.13
C GLU D 179 7.40 29.54 52.65
N LYS D 180 7.35 29.35 53.97
CA LYS D 180 8.26 28.40 54.59
C LYS D 180 7.89 26.95 54.27
N VAL D 181 6.61 26.67 54.05
CA VAL D 181 6.16 25.43 53.40
C VAL D 181 6.44 25.56 51.91
N HIS D 182 7.40 24.80 51.40
CA HIS D 182 7.97 25.15 50.11
C HIS D 182 8.28 23.89 49.32
N PHE D 183 8.91 24.08 48.16
CA PHE D 183 9.24 23.02 47.22
C PHE D 183 10.74 22.85 47.18
N VAL D 184 11.20 21.62 47.42
CA VAL D 184 12.63 21.35 47.34
C VAL D 184 13.07 21.40 45.88
N THR D 185 13.97 22.34 45.58
CA THR D 185 14.54 22.52 44.26
C THR D 185 16.03 22.26 44.22
N GLU D 186 16.70 22.24 45.36
CA GLU D 186 18.15 22.16 45.46
C GLU D 186 18.61 20.71 45.59
N PRO D 187 19.88 20.41 45.31
CA PRO D 187 21.01 21.31 44.99
C PRO D 187 21.10 21.76 43.53
N TYR D 188 20.07 21.52 42.73
CA TYR D 188 20.24 21.53 41.29
C TYR D 188 19.40 22.55 40.57
N ALA D 189 18.83 23.51 41.30
CA ALA D 189 17.94 24.53 40.73
C ALA D 189 16.87 23.89 39.83
N ALA D 190 16.48 22.65 40.15
CA ALA D 190 15.50 21.92 39.37
C ALA D 190 14.16 22.63 39.38
N VAL D 191 13.31 22.28 38.42
CA VAL D 191 11.98 22.92 38.34
C VAL D 191 11.14 22.46 39.51
N PRO D 192 10.39 23.35 40.16
CA PRO D 192 9.67 23.00 41.40
C PRO D 192 8.93 21.67 41.38
N VAL D 193 8.49 21.22 40.21
CA VAL D 193 7.73 19.98 40.09
C VAL D 193 7.83 19.45 38.67
N ARG D 194 8.36 18.23 38.53
CA ARG D 194 8.49 17.57 37.24
C ARG D 194 7.15 17.04 36.77
N ILE D 195 6.97 17.00 35.45
CA ILE D 195 5.74 16.52 34.84
C ILE D 195 6.10 15.76 33.57
N GLN D 196 5.78 14.47 33.54
CA GLN D 196 5.94 13.64 32.36
C GLN D 196 4.60 13.25 31.78
N THR D 197 4.64 12.76 30.55
CA THR D 197 3.48 12.18 29.88
C THR D 197 3.87 10.76 29.46
N PRO D 198 3.53 9.73 30.27
CA PRO D 198 4.09 8.39 30.03
C PRO D 198 3.48 7.69 28.84
N GLU D 199 2.16 7.73 28.72
CA GLU D 199 1.48 7.24 27.53
C GLU D 199 0.49 8.29 27.06
N VAL D 200 0.74 8.81 25.86
CA VAL D 200 -0.16 9.73 25.19
C VAL D 200 -0.27 9.27 23.74
N SER D 201 -1.46 9.37 23.18
CA SER D 201 -1.69 9.16 21.75
C SER D 201 -2.95 9.93 21.39
N VAL D 202 -3.44 9.70 20.18
CA VAL D 202 -4.57 10.48 19.66
C VAL D 202 -5.84 10.26 20.48
N SER D 203 -5.86 9.24 21.34
CA SER D 203 -7.03 8.87 22.14
C SER D 203 -7.16 9.70 23.42
N GLU D 204 -6.44 9.29 24.46
CA GLU D 204 -6.50 9.90 25.78
C GLU D 204 -5.08 10.03 26.34
N ALA D 205 -4.94 10.89 27.35
CA ALA D 205 -3.63 11.31 27.82
C ALA D 205 -3.36 10.88 29.26
N SER D 206 -2.06 10.87 29.62
CA SER D 206 -1.57 10.55 30.95
C SER D 206 -0.54 11.59 31.40
N MET D 207 -0.56 11.93 32.69
CA MET D 207 0.40 12.88 33.26
C MET D 207 0.69 12.47 34.70
N GLN D 208 1.96 12.13 34.99
CA GLN D 208 2.39 11.74 36.33
C GLN D 208 3.38 12.78 36.85
N ILE D 209 2.98 13.51 37.89
CA ILE D 209 3.78 14.62 38.41
C ILE D 209 4.67 14.15 39.55
N VAL D 210 5.80 14.83 39.74
CA VAL D 210 6.78 14.53 40.78
C VAL D 210 7.21 15.84 41.43
N ALA D 211 7.34 15.84 42.76
CA ALA D 211 7.68 17.07 43.51
C ALA D 211 8.21 16.70 44.89
N PHE D 212 8.44 17.74 45.71
CA PHE D 212 9.06 17.58 47.04
C PHE D 212 8.68 18.79 47.90
N LEU D 213 7.71 18.61 48.80
CA LEU D 213 7.43 19.64 49.79
C LEU D 213 8.30 19.47 51.03
N LYS D 214 8.55 20.60 51.70
CA LYS D 214 9.34 20.63 52.92
C LYS D 214 8.79 21.75 53.81
N ASN D 215 8.71 21.48 55.11
CA ASN D 215 8.17 22.42 56.08
C ASN D 215 9.31 23.02 56.91
N ASP D 216 9.81 24.16 56.48
CA ASP D 216 10.77 24.93 57.27
C ASP D 216 10.07 25.88 58.22
N PHE D 217 8.93 25.48 58.78
CA PHE D 217 8.32 26.18 59.89
C PHE D 217 8.84 25.56 61.19
N THR D 218 8.36 26.10 62.31
CA THR D 218 8.64 25.56 63.63
C THR D 218 7.69 24.42 63.98
N ASP D 219 6.40 24.60 63.71
CA ASP D 219 5.34 23.64 64.00
C ASP D 219 5.22 22.65 62.85
N THR D 220 4.19 21.81 62.90
CA THR D 220 3.78 20.96 61.78
C THR D 220 2.65 21.66 61.02
N LYS D 221 2.53 21.33 59.73
CA LYS D 221 1.38 21.78 58.95
C LYS D 221 0.83 20.61 58.16
N HIS D 222 -0.48 20.59 58.01
CA HIS D 222 -1.19 19.56 57.27
C HIS D 222 -1.81 20.21 56.04
N VAL D 223 -1.58 19.61 54.87
CA VAL D 223 -1.79 20.29 53.59
C VAL D 223 -3.07 19.84 52.91
N HIS D 224 -3.46 20.61 51.90
CA HIS D 224 -4.14 20.13 50.71
C HIS D 224 -3.25 20.49 49.52
N VAL D 225 -3.00 19.53 48.64
CA VAL D 225 -2.13 19.75 47.48
C VAL D 225 -2.98 19.52 46.23
N ASN D 226 -3.56 20.61 45.71
CA ASN D 226 -4.43 20.58 44.54
C ASN D 226 -3.64 20.60 43.23
N VAL D 227 -4.19 19.93 42.21
CA VAL D 227 -3.59 19.91 40.87
C VAL D 227 -4.67 20.08 39.80
N PHE D 228 -4.83 21.30 39.29
CA PHE D 228 -5.70 21.53 38.15
C PHE D 228 -4.88 21.49 36.86
N LEU D 229 -5.52 21.02 35.78
CA LEU D 229 -4.96 21.12 34.43
C LEU D 229 -5.96 21.89 33.58
N CYS D 230 -5.59 23.11 33.17
CA CYS D 230 -6.49 24.02 32.47
C CYS D 230 -6.16 24.10 30.99
N ASP D 231 -7.21 24.39 30.20
CA ASP D 231 -7.12 24.57 28.76
C ASP D 231 -6.09 25.64 28.40
N GLU D 232 -5.82 25.75 27.09
CA GLU D 232 -5.24 26.97 26.58
C GLU D 232 -6.19 28.14 26.79
N MET D 233 -7.49 27.89 26.73
CA MET D 233 -8.48 28.88 27.14
C MET D 233 -8.76 28.86 28.65
N ASN D 234 -7.99 28.06 29.39
CA ASN D 234 -7.95 28.02 30.86
C ASN D 234 -9.26 27.51 31.48
N ARG D 235 -10.09 26.82 30.70
CA ARG D 235 -11.19 26.04 31.25
C ARG D 235 -10.64 24.71 31.76
N ILE D 236 -10.97 24.37 33.01
CA ILE D 236 -10.32 23.25 33.71
C ILE D 236 -10.77 21.92 33.12
N VAL D 237 -9.80 21.04 32.87
CA VAL D 237 -10.09 19.74 32.32
C VAL D 237 -10.05 18.63 33.36
N LYS D 238 -9.30 18.80 34.45
CA LYS D 238 -9.15 17.78 35.47
C LYS D 238 -9.01 18.45 36.84
N GLU D 239 -9.29 17.67 37.89
CA GLU D 239 -8.89 18.04 39.24
C GLU D 239 -8.27 16.82 39.90
N LYS D 240 -7.57 17.04 41.02
CA LYS D 240 -6.89 15.99 41.78
C LYS D 240 -6.28 16.55 43.07
N GLN D 241 -7.05 16.51 44.17
CA GLN D 241 -6.62 17.09 45.44
C GLN D 241 -6.08 16.02 46.37
N LEU D 242 -4.91 16.27 46.95
CA LEU D 242 -4.29 15.35 47.89
C LEU D 242 -4.11 16.02 49.25
N LYS D 243 -3.65 15.22 50.21
CA LYS D 243 -3.44 15.67 51.57
C LYS D 243 -2.35 14.82 52.19
N LEU D 244 -1.57 15.41 53.09
CA LEU D 244 -0.51 14.69 53.77
C LEU D 244 0.02 15.56 54.90
N LYS D 245 0.92 14.97 55.70
CA LYS D 245 1.47 15.60 56.90
C LYS D 245 2.94 15.93 56.68
N LEU D 246 3.29 17.21 56.84
CA LEU D 246 4.68 17.66 56.79
C LEU D 246 5.09 18.01 58.21
N ILE D 247 6.02 17.24 58.75
CA ILE D 247 6.63 17.54 60.05
C ILE D 247 7.87 18.41 59.81
N PRO D 248 8.24 19.29 60.75
CA PRO D 248 9.25 20.32 60.44
C PRO D 248 10.59 19.69 60.06
N GLY D 249 11.13 20.14 58.93
CA GLY D 249 12.43 19.69 58.48
C GLY D 249 12.43 18.43 57.65
N ARG D 250 11.31 17.70 57.60
CA ARG D 250 11.27 16.47 56.81
C ARG D 250 11.04 16.79 55.33
N LYS D 251 11.89 16.19 54.47
CA LYS D 251 11.85 16.39 53.03
C LYS D 251 11.00 15.26 52.42
N TYR D 252 9.66 15.52 52.26
CA TYR D 252 8.71 14.45 51.96
C TYR D 252 8.55 14.26 50.46
N PRO D 253 8.61 13.05 49.95
CA PRO D 253 8.50 12.83 48.50
C PRO D 253 7.08 12.60 47.99
N ILE D 254 6.64 13.44 47.04
CA ILE D 254 5.39 13.25 46.29
C ILE D 254 5.70 12.60 44.95
N SER D 255 4.80 11.72 44.50
CA SER D 255 4.96 11.03 43.22
C SER D 255 3.62 10.51 42.71
N THR D 256 2.70 11.43 42.43
CA THR D 256 1.35 11.06 42.02
C THR D 256 1.33 10.72 40.53
N SER D 257 0.12 10.46 40.00
CA SER D 257 -0.13 10.22 38.57
C SER D 257 -1.63 10.29 38.28
N VAL D 258 -2.01 11.02 37.24
CA VAL D 258 -3.37 11.04 36.72
C VAL D 258 -3.29 10.63 35.24
N GLY D 259 -4.36 10.01 34.73
CA GLY D 259 -4.41 9.62 33.33
C GLY D 259 -5.79 9.78 32.71
N ARG D 260 -6.62 10.65 33.30
CA ARG D 260 -8.04 10.74 33.01
C ARG D 260 -8.39 11.58 31.76
N ILE D 261 -7.41 11.93 30.91
CA ILE D 261 -7.52 13.08 30.01
C ILE D 261 -8.08 12.66 28.65
N GLU D 262 -9.16 13.34 28.22
CA GLU D 262 -9.99 12.91 27.10
C GLU D 262 -9.73 13.77 25.86
N ASN D 263 -9.51 13.10 24.73
CA ASN D 263 -9.41 13.74 23.41
C ASN D 263 -8.46 14.92 23.41
N PRO D 264 -7.18 14.72 23.74
CA PRO D 264 -6.29 15.86 24.00
C PRO D 264 -5.93 16.63 22.73
N HIS D 265 -5.62 17.91 22.93
CA HIS D 265 -5.08 18.77 21.89
C HIS D 265 -3.57 18.70 21.96
N LEU D 266 -2.93 18.22 20.90
CA LEU D 266 -1.54 17.83 20.96
C LEU D 266 -0.61 18.90 20.41
N TRP D 267 0.57 19.01 21.04
CA TRP D 267 1.62 19.93 20.65
C TRP D 267 2.40 19.41 19.45
N SER D 268 2.72 20.30 18.52
CA SER D 268 3.51 20.01 17.34
C SER D 268 4.29 21.26 16.94
N PRO D 269 5.35 21.13 16.16
CA PRO D 269 6.05 22.32 15.64
C PRO D 269 5.20 23.16 14.69
N GLU D 270 4.05 22.67 14.26
CA GLU D 270 3.12 23.40 13.43
C GLU D 270 1.95 23.95 14.24
N LEU D 271 1.29 23.09 15.01
CA LEU D 271 0.30 23.50 16.00
C LEU D 271 0.95 23.41 17.38
N PRO D 272 1.22 24.53 18.06
CA PRO D 272 1.98 24.46 19.33
C PRO D 272 1.09 24.61 20.55
N TYR D 273 0.23 23.62 20.82
CA TYR D 273 -0.74 23.70 21.90
C TYR D 273 -0.08 23.29 23.21
N LEU D 274 -0.15 24.18 24.21
CA LEU D 274 0.41 23.92 25.52
C LEU D 274 -0.69 23.96 26.58
N TYR D 275 -0.54 23.13 27.61
CA TYR D 275 -1.47 23.09 28.71
C TYR D 275 -0.90 23.79 29.94
N THR D 276 -1.80 24.13 30.86
CA THR D 276 -1.49 24.78 32.13
C THR D 276 -1.74 23.78 33.25
N VAL D 277 -0.73 23.49 34.05
CA VAL D 277 -0.91 22.55 35.16
C VAL D 277 -0.64 23.24 36.49
N LYS D 278 -1.65 23.95 36.98
CA LYS D 278 -1.62 24.59 38.29
C LYS D 278 -1.38 23.57 39.40
N VAL D 279 -0.77 24.02 40.50
CA VAL D 279 -0.54 23.22 41.71
C VAL D 279 -0.62 24.14 42.92
N GLN D 280 -1.69 24.03 43.69
CA GLN D 280 -1.87 24.82 44.90
C GLN D 280 -1.60 23.92 46.09
N VAL D 281 -0.68 24.34 46.96
CA VAL D 281 -0.48 23.73 48.27
C VAL D 281 -1.12 24.64 49.30
N CYS D 282 -2.16 24.15 49.98
CA CYS D 282 -2.96 24.98 50.88
C CYS D 282 -3.19 24.29 52.22
N ASP D 283 -3.14 25.09 53.28
CA ASP D 283 -3.30 24.58 54.64
C ASP D 283 -4.72 24.07 54.87
N ALA D 284 -4.81 22.89 55.50
CA ALA D 284 -6.09 22.18 55.60
C ALA D 284 -7.10 22.94 56.44
N LYS D 285 -6.81 23.15 57.73
CA LYS D 285 -7.74 23.80 58.65
C LYS D 285 -7.79 25.31 58.48
N ASN D 286 -6.98 25.87 57.59
CA ASN D 286 -6.68 27.30 57.56
C ASN D 286 -7.14 27.98 56.29
N GLY D 287 -6.89 27.37 55.13
CA GLY D 287 -7.19 27.98 53.85
C GLY D 287 -6.05 28.74 53.20
N GLU D 288 -4.95 28.98 53.93
CA GLU D 288 -3.83 29.74 53.36
C GLU D 288 -3.22 29.01 52.16
N MET D 289 -2.75 29.78 51.18
CA MET D 289 -2.06 29.24 50.01
C MET D 289 -0.55 29.47 50.20
N TYR D 290 0.18 28.37 50.42
CA TYR D 290 1.62 28.44 50.68
C TYR D 290 2.44 28.50 49.39
N GLN D 291 1.98 27.83 48.33
CA GLN D 291 2.69 27.81 47.06
C GLN D 291 1.66 27.71 45.94
N GLU D 292 2.10 28.04 44.72
CA GLU D 292 1.25 27.83 43.55
C GLU D 292 2.15 27.87 42.31
N VAL D 293 2.74 26.72 41.98
CA VAL D 293 3.44 26.55 40.71
C VAL D 293 2.43 26.54 39.57
N ILE D 294 2.82 27.08 38.42
CA ILE D 294 2.14 26.85 37.15
C ILE D 294 3.20 26.69 36.09
N SER D 295 3.05 25.69 35.23
CA SER D 295 4.07 25.37 34.24
C SER D 295 3.42 24.89 32.94
N PRO D 296 3.77 25.50 31.82
CA PRO D 296 3.31 24.99 30.53
C PRO D 296 3.78 23.56 30.30
N VAL D 297 2.93 22.78 29.63
CA VAL D 297 3.21 21.37 29.33
C VAL D 297 2.65 21.04 27.96
N GLY D 298 3.28 20.09 27.29
CA GLY D 298 2.86 19.69 25.96
C GLY D 298 2.67 18.20 25.80
N PHE D 299 1.62 17.83 25.08
CA PHE D 299 1.31 16.44 24.80
C PHE D 299 1.84 16.08 23.42
N ARG D 300 2.77 15.13 23.38
CA ARG D 300 3.33 14.71 22.11
C ARG D 300 3.96 13.35 22.30
N TRP D 301 4.32 12.72 21.19
CA TRP D 301 5.06 11.45 21.26
C TRP D 301 5.90 11.28 19.99
N PHE D 302 6.94 10.47 20.12
CA PHE D 302 7.90 10.42 19.03
C PHE D 302 8.81 9.22 19.18
N SER D 303 9.48 8.87 18.09
CA SER D 303 10.57 7.90 18.16
C SER D 303 11.40 7.98 16.87
N VAL D 304 12.16 6.91 16.62
CA VAL D 304 13.42 7.02 15.91
C VAL D 304 13.75 5.65 15.34
N ASP D 305 14.49 5.64 14.23
CA ASP D 305 15.02 4.45 13.55
C ASP D 305 15.60 4.88 12.22
N LYS D 306 16.18 3.94 11.47
CA LYS D 306 16.69 4.39 10.17
C LYS D 306 15.58 4.60 9.13
N THR D 307 14.32 4.49 9.52
CA THR D 307 13.21 4.75 8.61
C THR D 307 12.65 6.17 8.78
N GLY D 308 13.33 7.02 9.53
CA GLY D 308 12.95 8.40 9.68
C GLY D 308 12.64 8.74 11.13
N PHE D 309 12.32 10.02 11.35
CA PHE D 309 11.87 10.50 12.64
C PHE D 309 10.35 10.66 12.60
N TYR D 310 9.69 10.25 13.68
CA TYR D 310 8.23 10.26 13.70
C TYR D 310 7.77 10.97 14.95
N LEU D 311 6.67 11.71 14.82
CA LEU D 311 6.16 12.53 15.91
C LEU D 311 4.65 12.51 15.81
N ASN D 312 3.98 11.95 16.82
CA ASN D 312 2.52 11.82 16.83
C ASN D 312 2.02 10.90 15.71
N GLY D 313 2.84 9.95 15.28
CA GLY D 313 2.43 9.04 14.21
C GLY D 313 3.03 9.34 12.86
N LYS D 314 2.84 10.59 12.38
CA LYS D 314 3.15 10.99 11.02
C LYS D 314 4.66 10.98 10.75
N TYR D 315 5.06 11.30 9.53
CA TYR D 315 6.49 11.42 9.21
C TYR D 315 6.95 12.85 9.39
N LEU D 316 8.17 12.99 9.91
CA LEU D 316 8.73 14.31 10.11
C LEU D 316 10.23 14.29 9.85
N LYS D 317 10.67 15.17 8.96
CA LYS D 317 12.07 15.44 8.75
C LYS D 317 12.42 16.68 9.56
N LEU D 318 13.44 16.57 10.41
CA LEU D 318 13.83 17.68 11.28
C LEU D 318 14.75 18.62 10.50
N ARG D 319 14.39 19.90 10.43
CA ARG D 319 15.12 20.86 9.62
C ARG D 319 15.33 22.15 10.42
N GLY D 320 16.59 22.51 10.64
CA GLY D 320 16.92 23.72 11.39
C GLY D 320 18.40 24.03 11.51
N ALA D 321 18.81 24.55 12.67
CA ALA D 321 20.17 25.07 12.86
C ALA D 321 20.53 25.12 14.33
N ALA D 322 21.82 25.34 14.60
CA ALA D 322 22.33 25.68 15.93
C ALA D 322 22.36 27.18 16.14
N ARG D 323 22.18 27.58 17.40
CA ARG D 323 22.20 28.98 17.82
C ARG D 323 23.28 29.23 18.86
N HIS D 324 24.03 30.32 18.69
CA HIS D 324 24.96 30.79 19.72
C HIS D 324 24.34 31.93 20.50
N GLN D 325 24.77 32.07 21.76
CA GLN D 325 24.11 32.97 22.70
C GLN D 325 24.83 34.30 22.87
N ASP D 326 25.52 34.77 21.83
CA ASP D 326 26.19 36.06 21.83
C ASP D 326 25.69 36.93 20.68
N TYR D 327 25.99 38.23 20.78
CA TYR D 327 25.51 39.24 19.86
C TYR D 327 26.63 40.23 19.63
N ALA D 328 26.48 41.06 18.60
CA ALA D 328 27.60 41.85 18.10
C ALA D 328 28.21 42.75 19.16
N GLY D 329 29.49 42.54 19.45
CA GLY D 329 30.24 43.41 20.33
C GLY D 329 29.73 43.51 21.75
N LEU D 330 28.80 42.65 22.12
CA LEU D 330 28.22 42.61 23.45
C LEU D 330 28.75 41.47 24.30
N GLY D 331 29.73 40.70 23.81
CA GLY D 331 30.05 39.44 24.45
C GLY D 331 28.82 38.57 24.46
N THR D 332 28.59 37.86 25.58
CA THR D 332 27.37 37.10 25.78
C THR D 332 26.43 37.75 26.79
N ALA D 333 26.69 38.99 27.19
CA ALA D 333 25.79 39.72 28.07
C ALA D 333 24.65 40.29 27.22
N ILE D 334 23.86 39.37 26.69
CA ILE D 334 22.78 39.76 25.77
C ILE D 334 21.58 40.25 26.55
N PRO D 335 20.84 41.22 26.02
CA PRO D 335 19.49 41.46 26.53
C PRO D 335 18.70 40.16 26.48
N VAL D 336 17.86 39.93 27.47
CA VAL D 336 17.23 38.62 27.51
C VAL D 336 16.24 38.48 26.37
N GLU D 337 15.59 39.58 25.98
CA GLU D 337 14.69 39.56 24.82
C GLU D 337 15.38 39.04 23.57
N MET D 338 16.71 39.10 23.51
CA MET D 338 17.41 38.57 22.35
C MET D 338 17.04 37.12 22.08
N ASN D 339 16.81 36.35 23.15
CA ASN D 339 16.68 34.91 23.04
C ASN D 339 15.44 34.48 22.25
N ARG D 340 14.31 35.14 22.48
CA ARG D 340 13.12 34.89 21.65
C ARG D 340 13.27 35.49 20.26
N ARG D 341 14.11 36.52 20.09
CA ARG D 341 14.31 37.13 18.78
C ARG D 341 15.16 36.26 17.87
N ASP D 342 16.22 35.65 18.43
CA ASP D 342 17.01 34.67 17.68
C ASP D 342 16.17 33.50 17.20
N MET D 343 15.27 33.01 18.06
CA MET D 343 14.52 31.80 17.73
C MET D 343 13.38 32.11 16.76
N ARG D 344 12.76 33.28 16.89
CA ARG D 344 11.73 33.66 15.94
C ARG D 344 12.31 33.83 14.55
N LEU D 345 13.57 34.25 14.44
CA LEU D 345 14.18 34.38 13.13
C LEU D 345 14.50 33.03 12.52
N LEU D 346 14.58 32.00 13.36
CA LEU D 346 14.73 30.62 12.88
C LEU D 346 13.40 30.04 12.44
N LYS D 347 12.35 30.23 13.25
CA LYS D 347 11.02 29.77 12.89
C LYS D 347 10.59 30.36 11.56
N GLU D 348 10.73 31.69 11.41
CA GLU D 348 10.29 32.32 10.17
C GLU D 348 11.25 32.04 9.01
N MET D 349 12.47 31.58 9.30
CA MET D 349 13.32 30.99 8.25
C MET D 349 12.69 29.73 7.67
N GLY D 350 11.72 29.13 8.37
CA GLY D 350 11.06 27.94 7.90
C GLY D 350 11.46 26.66 8.59
N ALA D 351 12.38 26.74 9.56
CA ALA D 351 12.83 25.55 10.27
C ALA D 351 11.76 25.08 11.25
N ASN D 352 12.00 23.88 11.79
CA ASN D 352 11.14 23.34 12.84
C ASN D 352 11.95 22.76 13.98
N PHE D 353 13.27 22.92 13.95
CA PHE D 353 14.23 22.34 14.87
C PHE D 353 15.30 23.37 15.19
N VAL D 354 15.80 23.37 16.44
CA VAL D 354 16.95 24.18 16.85
C VAL D 354 17.88 23.32 17.70
N ARG D 355 19.18 23.57 17.57
CA ARG D 355 20.22 22.77 18.26
C ARG D 355 20.92 23.63 19.32
N ILE D 356 20.39 23.60 20.54
CA ILE D 356 21.01 24.31 21.65
C ILE D 356 22.41 23.76 21.89
N SER D 357 23.42 24.45 21.36
CA SER D 357 24.79 23.99 21.43
C SER D 357 25.69 25.20 21.70
N HIS D 358 26.90 24.96 22.23
CA HIS D 358 27.39 23.67 22.67
C HIS D 358 27.13 23.43 24.14
N TYR D 359 26.04 23.99 24.65
CA TYR D 359 25.83 24.22 26.07
C TYR D 359 24.36 24.61 26.23
N PRO D 360 23.72 24.37 27.36
CA PRO D 360 22.35 24.86 27.54
C PRO D 360 22.32 26.37 27.56
N GLN D 361 21.12 26.91 27.40
CA GLN D 361 20.97 28.37 27.30
C GLN D 361 19.82 28.90 28.15
N ASP D 362 19.42 30.14 27.91
CA ASP D 362 18.51 30.84 28.80
C ASP D 362 17.14 30.16 28.87
N PRO D 363 16.49 30.10 30.07
CA PRO D 363 15.08 29.68 30.12
C PRO D 363 14.25 30.23 28.97
N GLU D 364 14.55 31.46 28.54
CA GLU D 364 13.78 32.12 27.49
C GLU D 364 13.88 31.37 26.16
N ILE D 365 15.06 30.88 25.82
CA ILE D 365 15.20 30.05 24.62
C ILE D 365 14.17 28.93 24.63
N TYR D 366 14.10 28.18 25.73
CA TYR D 366 13.21 27.04 25.78
C TYR D 366 11.75 27.50 25.74
N ARG D 367 11.40 28.50 26.54
CA ARG D 367 10.04 29.05 26.51
C ARG D 367 9.64 29.47 25.11
N ALA D 368 10.59 30.00 24.33
CA ALA D 368 10.28 30.44 22.97
C ALA D 368 9.91 29.25 22.08
N CYS D 369 10.72 28.18 22.10
CA CYS D 369 10.51 27.09 21.16
C CYS D 369 9.32 26.19 21.46
N ASP D 370 8.58 26.36 22.55
CA ASP D 370 7.34 25.62 22.62
C ASP D 370 6.13 26.53 22.59
N GLU D 371 6.32 27.84 22.66
CA GLU D 371 5.26 28.77 22.31
C GLU D 371 5.15 28.95 20.81
N LEU D 372 6.28 28.92 20.10
CA LEU D 372 6.26 29.09 18.65
C LEU D 372 6.32 27.76 17.92
N GLY D 373 6.76 26.69 18.57
CA GLY D 373 6.81 25.39 17.94
C GLY D 373 8.14 25.15 17.27
N LEU D 374 9.03 24.43 17.97
CA LEU D 374 10.37 24.13 17.50
C LEU D 374 10.98 23.00 18.32
N ILE D 375 11.09 21.81 17.73
CA ILE D 375 11.74 20.71 18.42
C ILE D 375 13.16 21.11 18.76
N VAL D 376 13.60 20.76 19.97
CA VAL D 376 14.86 21.26 20.50
C VAL D 376 15.79 20.09 20.76
N TRP D 377 17.07 20.31 20.48
CA TRP D 377 18.16 19.40 20.78
C TRP D 377 19.07 20.14 21.74
N SER D 378 19.38 19.53 22.88
CA SER D 378 19.97 20.26 24.00
C SER D 378 21.18 19.51 24.55
N GLU D 379 22.39 20.03 24.30
CA GLU D 379 23.61 19.38 24.75
C GLU D 379 24.20 20.12 25.94
N ILE D 380 25.28 19.52 26.47
CA ILE D 380 26.20 20.15 27.41
C ILE D 380 27.59 19.98 26.82
N CYS D 381 28.55 20.65 27.44
CA CYS D 381 29.75 21.12 26.74
C CYS D 381 30.92 20.15 26.77
N VAL D 382 30.68 18.86 26.99
CA VAL D 382 31.78 17.91 26.93
C VAL D 382 32.25 17.88 25.48
N VAL D 383 33.23 18.73 25.17
CA VAL D 383 33.59 19.07 23.81
C VAL D 383 35.06 18.73 23.59
N ASN D 384 35.34 18.10 22.45
CA ASN D 384 36.70 17.91 21.94
C ASN D 384 37.47 16.82 22.67
N GLU D 385 37.36 16.74 24.01
CA GLU D 385 38.11 15.72 24.75
C GLU D 385 37.61 15.61 26.18
N VAL D 386 37.88 14.41 26.78
CA VAL D 386 37.70 14.13 28.20
C VAL D 386 39.07 14.20 28.86
N ARG D 387 39.07 14.51 30.15
CA ARG D 387 40.27 14.43 30.99
C ARG D 387 40.18 13.18 31.86
N LYS D 388 41.13 12.26 31.68
CA LYS D 388 41.26 11.09 32.53
C LYS D 388 41.55 11.58 33.94
N ASN D 389 40.49 11.80 34.71
CA ASN D 389 40.56 12.65 35.89
C ASN D 389 39.36 12.34 36.77
N THR D 390 39.62 11.91 38.00
CA THR D 390 38.54 11.59 38.93
C THR D 390 37.48 12.70 38.95
N ALA D 391 37.92 13.96 39.09
CA ALA D 391 37.00 15.09 39.31
C ALA D 391 36.21 15.44 38.06
N PHE D 392 36.89 15.47 36.90
CA PHE D 392 36.28 15.88 35.64
C PHE D 392 34.95 15.19 35.41
N ALA D 393 34.96 13.86 35.41
CA ALA D 393 33.75 13.11 35.10
C ALA D 393 32.62 13.46 36.06
N HIS D 394 32.95 13.77 37.31
CA HIS D 394 31.87 14.04 38.25
C HIS D 394 31.11 15.30 37.86
N ASN D 395 31.83 16.37 37.50
CA ASN D 395 31.17 17.63 37.16
C ASN D 395 30.36 17.51 35.88
N CYS D 396 30.79 16.67 34.93
CA CYS D 396 30.02 16.47 33.71
C CYS D 396 28.64 15.90 34.02
N LYS D 397 28.55 15.00 34.98
CA LYS D 397 27.26 14.45 35.35
C LYS D 397 26.47 15.42 36.24
N GLU D 398 27.18 16.15 37.12
CA GLU D 398 26.52 17.19 37.90
C GLU D 398 25.90 18.24 37.00
N MET D 399 26.53 18.51 35.86
CA MET D 399 26.01 19.47 34.91
C MET D 399 24.86 18.89 34.08
N LEU D 400 25.00 17.65 33.60
CA LEU D 400 23.89 17.01 32.91
C LEU D 400 22.68 16.90 33.82
N LYS D 401 22.93 16.64 35.12
CA LYS D 401 21.85 16.61 36.11
C LYS D 401 21.16 17.97 36.19
N GLU D 402 21.91 19.05 35.99
CA GLU D 402 21.32 20.38 36.06
C GLU D 402 20.55 20.73 34.80
N MET D 403 21.11 20.40 33.63
CA MET D 403 20.44 20.70 32.37
C MET D 403 19.04 20.10 32.34
N ILE D 404 18.96 18.80 32.62
CA ILE D 404 17.70 18.08 32.52
C ILE D 404 16.67 18.67 33.48
N LEU D 405 16.95 18.57 34.80
CA LEU D 405 15.94 18.94 35.79
C LEU D 405 15.61 20.42 35.76
N GLN D 406 16.47 21.28 35.20
CA GLN D 406 16.16 22.70 35.07
C GLN D 406 15.23 22.98 33.89
N ASN D 407 15.41 22.27 32.78
CA ASN D 407 14.53 22.40 31.62
C ASN D 407 13.90 21.02 31.40
N TYR D 408 12.68 20.82 31.89
CA TYR D 408 12.14 19.47 31.99
C TYR D 408 10.69 19.35 31.51
N ASN D 409 9.81 20.21 32.00
CA ASN D 409 8.44 20.20 31.53
C ASN D 409 8.27 20.88 30.19
N HIS D 410 9.36 20.96 29.41
CA HIS D 410 9.43 21.71 28.17
C HIS D 410 9.22 20.75 27.00
N PRO D 411 8.02 20.74 26.40
CA PRO D 411 7.75 19.71 25.39
C PRO D 411 8.58 19.85 24.14
N SER D 412 8.85 21.10 23.74
CA SER D 412 9.78 21.40 22.66
C SER D 412 11.00 20.49 22.67
N VAL D 413 11.47 20.12 23.85
CA VAL D 413 12.75 19.42 23.97
C VAL D 413 12.53 17.93 23.69
N VAL D 414 13.49 17.31 22.99
CA VAL D 414 13.31 15.95 22.52
C VAL D 414 14.60 15.15 22.71
N LEU D 415 15.75 15.75 22.41
CA LEU D 415 17.01 15.03 22.53
C LEU D 415 17.89 15.65 23.63
N TRP D 416 18.59 14.80 24.38
CA TRP D 416 19.59 15.23 25.36
C TRP D 416 20.97 14.84 24.84
N GLY D 417 21.84 15.84 24.69
CA GLY D 417 23.19 15.62 24.22
C GLY D 417 24.20 15.89 25.34
N ALA D 418 25.45 15.56 25.05
CA ALA D 418 26.50 15.81 26.04
C ALA D 418 27.87 15.80 25.37
N MET D 419 28.10 14.91 24.43
CA MET D 419 29.40 14.89 23.78
C MET D 419 29.28 15.42 22.36
N ASN D 420 30.43 15.88 21.84
CA ASN D 420 30.49 16.58 20.58
C ASN D 420 31.92 16.64 20.07
N GLU D 421 32.19 15.96 18.96
CA GLU D 421 33.44 16.13 18.24
C GLU D 421 34.67 15.75 19.08
N LEU D 422 34.62 14.58 19.72
CA LEU D 422 35.79 14.09 20.43
C LEU D 422 36.87 13.60 19.45
N TRP D 423 38.12 13.62 19.93
CA TRP D 423 39.28 13.21 19.15
C TRP D 423 40.06 12.07 19.81
N ASP D 424 39.41 11.31 20.71
CA ASP D 424 40.02 10.19 21.42
C ASP D 424 39.00 9.55 22.35
N TYR D 425 38.26 8.57 21.85
CA TYR D 425 37.31 7.85 22.70
C TYR D 425 38.07 6.79 23.51
N HIS D 426 38.82 7.29 24.48
CA HIS D 426 39.62 6.41 25.33
C HIS D 426 38.76 5.74 26.39
N LYS D 427 39.41 5.32 27.46
CA LYS D 427 38.84 4.37 28.42
C LYS D 427 37.81 5.03 29.33
N GLN D 428 38.25 6.10 30.03
CA GLN D 428 37.34 6.91 30.84
C GLN D 428 36.30 7.59 29.97
N ALA D 429 36.67 7.93 28.73
CA ALA D 429 35.72 8.46 27.75
C ALA D 429 34.51 7.54 27.61
N ILE D 430 34.75 6.33 27.10
CA ILE D 430 33.63 5.45 26.76
C ILE D 430 32.84 5.08 27.99
N ALA D 431 33.49 4.97 29.16
CA ALA D 431 32.72 4.75 30.38
C ALA D 431 31.87 5.97 30.71
N LEU D 432 32.47 7.17 30.65
CA LEU D 432 31.72 8.39 30.90
C LEU D 432 30.59 8.56 29.89
N ALA D 433 30.80 8.10 28.65
CA ALA D 433 29.74 8.08 27.67
C ALA D 433 28.52 7.29 28.16
N ARG D 434 28.77 6.08 28.68
CA ARG D 434 27.66 5.23 29.14
C ARG D 434 26.95 5.85 30.33
N GLU D 435 27.73 6.35 31.30
CA GLU D 435 27.14 6.93 32.50
C GLU D 435 26.24 8.12 32.17
N LEU D 436 26.57 8.87 31.11
CA LEU D 436 25.72 9.99 30.70
C LEU D 436 24.37 9.50 30.20
N GLU D 437 24.34 8.39 29.45
CA GLU D 437 23.07 7.88 28.97
C GLU D 437 22.24 7.32 30.11
N ALA D 438 22.86 6.49 30.96
CA ALA D 438 22.13 5.87 32.06
C ALA D 438 21.34 6.89 32.86
N LEU D 439 21.93 8.08 33.05
CA LEU D 439 21.34 9.09 33.90
C LEU D 439 20.38 9.99 33.14
N LYS D 440 20.43 9.99 31.80
CA LYS D 440 19.45 10.71 30.99
C LYS D 440 18.08 10.05 31.07
N LYS D 441 18.00 8.76 30.70
CA LYS D 441 16.72 8.03 30.73
C LYS D 441 16.28 7.67 32.15
N GLU D 442 17.22 7.59 33.10
CA GLU D 442 16.85 7.58 34.50
C GLU D 442 16.02 8.82 34.80
N LEU D 443 16.67 10.00 34.74
CA LEU D 443 15.99 11.24 35.02
C LEU D 443 14.79 11.45 34.10
N ASP D 444 15.00 11.30 32.80
CA ASP D 444 13.99 11.59 31.77
C ASP D 444 13.80 10.34 30.92
N PRO D 445 12.80 9.51 31.26
CA PRO D 445 12.56 8.30 30.47
C PRO D 445 11.82 8.56 29.19
N TYR D 446 11.22 9.73 29.03
CA TYR D 446 10.33 10.00 27.93
C TYR D 446 10.90 11.08 27.03
N ARG D 447 12.22 11.04 26.86
CA ARG D 447 12.97 11.84 25.91
C ARG D 447 14.11 11.01 25.38
N LEU D 448 14.55 11.35 24.16
CA LEU D 448 15.61 10.62 23.48
C LEU D 448 16.99 11.20 23.84
N SER D 449 18.04 10.51 23.37
CA SER D 449 19.41 10.89 23.63
C SER D 449 20.20 10.92 22.33
N CYS D 450 21.32 11.66 22.37
CA CYS D 450 22.04 12.01 21.15
C CYS D 450 23.48 12.33 21.46
N VAL D 451 24.29 12.29 20.39
CA VAL D 451 25.70 12.59 20.48
C VAL D 451 26.13 13.10 19.10
N ALA D 452 27.30 13.75 19.06
CA ALA D 452 27.82 14.32 17.83
C ALA D 452 29.26 13.90 17.68
N PHE D 453 29.56 13.17 16.61
CA PHE D 453 30.94 12.93 16.22
C PHE D 453 31.35 13.99 15.20
N HIS D 454 32.66 14.24 15.12
CA HIS D 454 33.17 14.93 13.95
C HIS D 454 33.21 13.95 12.78
N ALA D 455 33.57 14.46 11.60
CA ALA D 455 33.62 13.63 10.41
C ALA D 455 35.01 13.59 9.80
N PHE D 456 36.04 13.72 10.63
CA PHE D 456 37.40 13.43 10.19
C PHE D 456 37.61 11.94 10.40
N THR D 457 37.38 11.14 9.35
CA THR D 457 37.48 9.70 9.50
C THR D 457 38.92 9.22 9.57
N TRP D 458 39.91 10.09 9.33
CA TRP D 458 41.31 9.71 9.51
C TRP D 458 41.82 9.98 10.93
N GLU D 459 40.91 10.11 11.89
CA GLU D 459 41.25 10.39 13.28
C GLU D 459 40.35 9.54 14.17
N LYS D 460 40.73 9.41 15.43
CA LYS D 460 39.89 8.67 16.36
C LYS D 460 38.59 9.43 16.56
N PRO D 461 37.47 8.71 16.80
CA PRO D 461 37.23 7.27 16.96
C PRO D 461 37.16 6.41 15.68
N TYR D 462 37.66 6.92 14.56
CA TYR D 462 37.62 6.15 13.34
C TYR D 462 38.92 5.40 13.07
N THR D 463 40.04 5.85 13.65
CA THR D 463 41.32 5.13 13.60
C THR D 463 41.45 4.10 14.71
N GLN D 464 40.45 3.95 15.57
CA GLN D 464 40.64 3.26 16.83
C GLN D 464 40.29 1.78 16.72
N SER D 465 40.89 1.01 17.64
CA SER D 465 40.63 -0.41 17.91
C SER D 465 39.19 -0.84 17.63
N SER D 466 38.24 -0.07 18.14
CA SER D 466 36.85 -0.48 18.24
C SER D 466 35.93 0.46 17.44
N LYS D 467 34.64 0.15 17.51
CA LYS D 467 33.54 0.99 17.08
C LYS D 467 32.49 1.04 18.18
N GLU D 468 32.92 0.81 19.43
CA GLU D 468 31.98 0.68 20.55
C GLU D 468 31.07 1.89 20.66
N MET D 469 31.65 3.09 20.55
CA MET D 469 30.96 4.32 20.95
C MET D 469 29.74 4.61 20.08
N PHE D 470 29.77 4.22 18.80
CA PHE D 470 28.63 4.50 17.95
C PHE D 470 27.37 3.73 18.35
N SER D 471 27.45 2.89 19.39
CA SER D 471 26.30 2.09 19.81
C SER D 471 25.87 2.45 21.24
N ILE D 472 26.05 3.72 21.63
CA ILE D 472 25.56 4.21 22.91
C ILE D 472 24.25 4.97 22.70
N SER D 473 24.32 6.18 22.15
CA SER D 473 23.17 7.07 22.14
C SER D 473 22.15 6.70 21.04
N ASP D 474 20.92 7.19 21.25
CA ASP D 474 19.79 6.81 20.41
C ASP D 474 19.86 7.42 19.00
N VAL D 475 20.54 8.57 18.84
CA VAL D 475 20.82 9.13 17.53
C VAL D 475 22.26 9.63 17.50
N ASN D 476 22.91 9.49 16.36
CA ASN D 476 24.29 9.92 16.21
C ASN D 476 24.37 11.08 15.24
N GLY D 477 25.02 12.16 15.68
CA GLY D 477 25.25 13.32 14.85
C GLY D 477 26.68 13.33 14.33
N VAL D 478 26.85 13.94 13.17
CA VAL D 478 28.14 14.01 12.51
C VAL D 478 28.36 15.44 12.01
N ASN D 479 29.60 15.89 12.10
CA ASN D 479 30.00 17.24 11.73
C ASN D 479 30.79 17.14 10.43
N VAL D 480 30.12 17.44 9.32
CA VAL D 480 30.68 17.28 7.99
C VAL D 480 30.95 18.68 7.43
N TYR D 481 32.18 18.90 6.98
CA TYR D 481 32.63 20.15 6.39
C TYR D 481 33.40 19.89 5.10
N GLU D 482 32.99 18.86 4.35
CA GLU D 482 33.60 18.57 3.05
C GLU D 482 33.17 19.63 2.03
N SER D 483 34.13 20.03 1.20
CA SER D 483 34.13 21.19 0.30
C SER D 483 34.60 22.46 1.02
N TRP D 484 34.73 22.43 2.35
CA TRP D 484 35.14 23.61 3.11
C TRP D 484 36.58 23.49 3.62
N TYR D 485 36.78 22.79 4.77
CA TYR D 485 38.11 22.67 5.36
C TYR D 485 39.00 21.70 4.60
N GLN D 486 38.40 20.70 3.94
CA GLN D 486 39.07 19.80 3.01
C GLN D 486 37.97 19.06 2.24
N GLY D 487 38.39 18.31 1.23
CA GLY D 487 37.48 17.63 0.32
C GLY D 487 36.82 18.62 -0.63
N ASP D 488 36.23 18.08 -1.70
CA ASP D 488 35.68 18.92 -2.75
C ASP D 488 34.19 18.59 -2.95
N SER D 489 33.62 19.16 -4.02
CA SER D 489 32.21 18.92 -4.34
C SER D 489 31.87 17.43 -4.40
N ALA D 490 32.85 16.59 -4.77
CA ALA D 490 32.61 15.18 -5.04
C ALA D 490 32.69 14.30 -3.81
N THR D 491 33.40 14.72 -2.76
CA THR D 491 33.69 13.88 -1.61
C THR D 491 32.60 13.94 -0.54
N ILE D 492 31.45 14.54 -0.84
CA ILE D 492 30.49 14.91 0.19
C ILE D 492 29.44 13.83 0.43
N ALA D 493 28.90 13.23 -0.62
CA ALA D 493 28.00 12.10 -0.43
C ALA D 493 28.82 10.87 -0.05
N PRO D 494 30.04 10.66 -0.60
CA PRO D 494 30.91 9.62 0.00
C PRO D 494 31.12 9.80 1.50
N MET D 495 31.21 11.05 1.97
CA MET D 495 31.39 11.27 3.41
C MET D 495 30.14 10.90 4.19
N PHE D 496 28.95 11.31 3.72
CA PHE D 496 27.73 10.86 4.39
C PHE D 496 27.66 9.35 4.41
N ASP D 497 28.19 8.70 3.38
CA ASP D 497 28.11 7.24 3.28
C ASP D 497 28.90 6.57 4.39
N LYS D 498 30.23 6.75 4.39
CA LYS D 498 31.04 5.96 5.32
C LYS D 498 30.78 6.30 6.78
N PHE D 499 30.04 7.37 7.09
CA PHE D 499 29.59 7.53 8.47
C PHE D 499 28.62 6.42 8.85
N CYS D 500 27.63 6.15 7.99
CA CYS D 500 26.70 5.05 8.26
C CYS D 500 27.40 3.70 8.32
N SER D 501 28.60 3.56 7.74
CA SER D 501 29.45 2.40 8.00
C SER D 501 29.57 2.16 9.50
N TYR D 502 29.79 3.24 10.25
CA TYR D 502 29.98 3.16 11.70
C TYR D 502 28.64 3.19 12.42
N SER D 503 27.97 4.34 12.41
CA SER D 503 26.69 4.42 13.11
C SER D 503 25.67 3.53 12.41
N THR D 504 25.92 2.23 12.42
CA THR D 504 25.11 1.28 11.70
C THR D 504 23.98 0.70 12.53
N ALA D 505 24.00 0.87 13.84
CA ALA D 505 22.86 0.41 14.63
C ALA D 505 21.77 1.47 14.69
N LYS D 506 22.14 2.73 14.93
CA LYS D 506 21.14 3.74 15.18
C LYS D 506 21.10 4.79 14.07
N PRO D 507 19.99 5.53 13.97
CA PRO D 507 19.86 6.50 12.89
C PRO D 507 20.80 7.68 13.07
N ARG D 508 21.03 8.36 11.94
CA ARG D 508 21.99 9.44 11.88
C ARG D 508 21.28 10.77 11.92
N PHE D 509 22.11 11.81 11.99
CA PHE D 509 21.71 13.20 12.01
C PHE D 509 22.89 14.00 11.53
N LEU D 510 22.62 15.07 10.78
CA LEU D 510 23.66 16.00 10.37
C LEU D 510 23.74 17.10 11.41
N SER D 511 24.69 16.96 12.33
CA SER D 511 24.94 17.91 13.41
C SER D 511 25.20 19.33 12.89
N GLU D 512 26.38 19.53 12.32
CA GLU D 512 26.81 20.81 11.78
C GLU D 512 27.11 20.68 10.29
N PHE D 513 26.81 21.74 9.55
CA PHE D 513 27.37 21.99 8.23
C PHE D 513 27.13 23.46 7.89
N GLY D 514 28.09 24.06 7.18
CA GLY D 514 28.06 25.46 6.83
C GLY D 514 29.39 25.89 6.27
N ALA D 515 29.39 26.96 5.47
CA ALA D 515 30.59 27.60 4.96
C ALA D 515 30.58 29.07 5.37
N GLY D 516 31.74 29.62 5.69
CA GLY D 516 31.78 31.00 6.11
C GLY D 516 31.59 31.95 4.94
N SER D 517 30.99 33.11 5.22
CA SER D 517 30.73 34.10 4.18
C SER D 517 30.84 35.51 4.72
N ASP D 518 31.14 36.44 3.82
CA ASP D 518 31.26 37.85 4.09
C ASP D 518 30.43 38.61 3.07
N GLU D 519 29.59 39.52 3.55
CA GLU D 519 28.72 40.30 2.67
C GLU D 519 29.48 41.39 1.90
N ARG D 520 30.80 41.25 1.80
CA ARG D 520 31.61 42.19 1.04
C ARG D 520 32.32 41.53 -0.14
N ILE D 521 32.46 40.21 -0.14
CA ILE D 521 33.17 39.50 -1.19
C ILE D 521 32.12 38.86 -2.08
N HIS D 522 32.14 39.20 -3.37
CA HIS D 522 31.26 38.55 -4.32
C HIS D 522 32.03 38.06 -5.54
N SER D 523 31.49 37.01 -6.17
CA SER D 523 32.17 36.29 -7.23
C SER D 523 31.13 35.64 -8.13
N TYR D 524 31.41 35.67 -9.42
CA TYR D 524 30.50 34.96 -10.32
C TYR D 524 30.86 33.49 -10.46
N THR D 525 32.09 33.13 -10.05
CA THR D 525 32.60 31.76 -10.09
C THR D 525 33.15 31.42 -8.71
N PRO D 526 32.28 31.28 -7.71
CA PRO D 526 32.75 31.06 -6.33
C PRO D 526 33.44 29.71 -6.17
N ARG D 527 34.52 29.73 -5.40
CA ARG D 527 35.34 28.57 -5.10
C ARG D 527 35.42 28.41 -3.57
N THR D 528 36.05 27.33 -3.12
CA THR D 528 36.18 27.08 -1.69
C THR D 528 37.08 28.13 -1.01
N PHE D 529 36.57 28.69 0.09
CA PHE D 529 37.35 29.49 1.03
C PHE D 529 37.69 30.87 0.45
N ASP D 530 36.81 31.39 -0.42
CA ASP D 530 36.84 32.79 -0.77
C ASP D 530 35.79 33.61 -0.01
N PHE D 531 34.93 32.94 0.75
CA PHE D 531 34.01 33.55 1.71
C PHE D 531 32.91 34.38 1.05
N THR D 532 32.62 34.11 -0.22
CA THR D 532 31.52 34.82 -0.87
C THR D 532 30.19 34.16 -0.51
N PRO D 533 29.13 34.96 -0.32
CA PRO D 533 27.79 34.37 -0.17
C PRO D 533 27.43 33.48 -1.34
N GLU D 534 28.12 33.67 -2.46
CA GLU D 534 27.86 32.84 -3.63
C GLU D 534 28.23 31.39 -3.34
N PHE D 535 29.48 31.15 -2.90
CA PHE D 535 29.88 29.78 -2.56
C PHE D 535 29.06 29.23 -1.40
N GLN D 536 28.81 30.05 -0.37
CA GLN D 536 27.98 29.58 0.73
C GLN D 536 26.65 29.06 0.21
N LEU D 537 26.12 29.69 -0.85
CA LEU D 537 24.86 29.23 -1.42
C LEU D 537 25.02 27.85 -2.05
N ASP D 538 26.02 27.66 -2.90
CA ASP D 538 26.14 26.37 -3.53
C ASP D 538 26.46 25.30 -2.50
N PHE D 539 27.28 25.62 -1.51
CA PHE D 539 27.54 24.67 -0.44
C PHE D 539 26.23 24.18 0.17
N ASN D 540 25.43 25.10 0.70
CA ASN D 540 24.19 24.67 1.33
C ASN D 540 23.17 24.14 0.33
N ARG D 541 23.37 24.30 -0.97
CA ARG D 541 22.43 23.68 -1.89
C ARG D 541 22.90 22.34 -2.39
N ARG D 542 24.19 22.01 -2.26
CA ARG D 542 24.59 20.62 -2.41
C ARG D 542 24.21 19.81 -1.17
N TYR D 543 24.33 20.40 0.01
CA TYR D 543 24.09 19.65 1.23
C TYR D 543 22.61 19.38 1.43
N ILE D 544 21.76 20.34 1.09
CA ILE D 544 20.35 20.12 1.35
C ILE D 544 19.82 19.08 0.40
N ASN D 545 20.35 19.03 -0.81
CA ASN D 545 19.91 18.02 -1.77
C ASN D 545 20.28 16.62 -1.32
N GLU D 546 21.51 16.43 -0.82
CA GLU D 546 21.92 15.10 -0.36
C GLU D 546 21.15 14.68 0.87
N MET D 547 20.69 15.63 1.67
CA MET D 547 20.07 15.30 2.94
C MET D 547 18.58 15.04 2.82
N GLU D 548 17.87 15.76 1.94
CA GLU D 548 16.44 15.52 1.79
C GLU D 548 16.15 14.20 1.07
N LYS D 549 17.14 13.67 0.33
CA LYS D 549 16.96 12.40 -0.37
C LYS D 549 17.03 11.20 0.59
N ARG D 550 17.84 11.29 1.64
CA ARG D 550 18.07 10.19 2.57
C ARG D 550 17.15 10.33 3.80
N PRO D 551 16.09 9.53 3.94
CA PRO D 551 15.24 9.66 5.15
C PRO D 551 15.86 9.07 6.41
N ASP D 552 16.92 8.24 6.30
CA ASP D 552 17.50 7.62 7.50
C ASP D 552 18.18 8.66 8.41
N TYR D 553 18.93 9.58 7.83
CA TYR D 553 19.28 10.82 8.53
C TYR D 553 18.02 11.57 8.93
N ILE D 554 17.58 11.40 10.17
CA ILE D 554 16.25 11.89 10.52
C ILE D 554 16.14 13.41 10.41
N GLY D 555 17.28 14.11 10.47
CA GLY D 555 17.32 15.55 10.42
C GLY D 555 18.72 16.08 10.15
N TYR D 556 18.79 17.40 10.00
CA TYR D 556 20.05 18.10 9.76
C TYR D 556 19.97 19.54 10.26
N SER D 557 21.12 20.07 10.69
CA SER D 557 21.21 21.41 11.24
C SER D 557 22.28 22.22 10.54
N ILE D 558 21.88 23.37 9.98
CA ILE D 558 22.85 24.37 9.54
C ILE D 558 23.71 24.81 10.72
N TRP D 559 25.01 24.95 10.47
CA TRP D 559 25.95 25.63 11.37
C TRP D 559 26.49 26.83 10.61
N ASN D 560 26.06 28.04 11.00
CA ASN D 560 25.29 28.32 12.22
C ASN D 560 24.14 29.29 11.89
N LEU D 561 23.13 29.39 12.76
CA LEU D 561 22.13 30.45 12.57
C LEU D 561 22.76 31.83 12.53
N VAL D 562 23.82 32.05 13.30
CA VAL D 562 24.40 33.37 13.54
C VAL D 562 25.89 33.30 13.25
N ASP D 563 26.44 34.46 12.93
CA ASP D 563 27.86 34.69 13.06
C ASP D 563 28.16 34.96 14.53
N PHE D 564 29.28 34.44 15.02
CA PHE D 564 29.58 34.50 16.44
C PHE D 564 31.08 34.70 16.62
N GLN D 565 31.42 35.32 17.74
CA GLN D 565 32.75 35.89 17.96
C GLN D 565 33.58 34.91 18.77
N VAL D 566 34.67 34.44 18.18
CA VAL D 566 35.63 33.55 18.84
C VAL D 566 37.01 34.17 18.64
N ASP D 567 37.70 34.44 19.74
CA ASP D 567 38.97 35.16 19.66
C ASP D 567 40.08 34.23 19.19
N GLY D 568 40.86 34.71 18.23
CA GLY D 568 41.85 33.88 17.57
C GLY D 568 41.55 33.67 16.10
N ARG D 569 40.28 33.32 15.81
CA ARG D 569 39.85 32.97 14.45
C ARG D 569 40.22 34.07 13.47
N GLY D 570 40.64 33.66 12.28
CA GLY D 570 41.06 34.63 11.28
C GLY D 570 40.09 34.75 10.12
N ASP D 571 40.67 34.77 8.90
CA ASP D 571 39.96 34.77 7.62
C ASP D 571 39.38 36.16 7.29
N SER D 572 38.21 36.21 6.67
CA SER D 572 37.69 37.47 6.13
C SER D 572 37.36 38.47 7.24
N LYS D 573 36.37 38.15 8.09
CA LYS D 573 36.12 38.89 9.33
C LYS D 573 36.91 38.24 10.47
N PRO D 574 38.08 38.77 10.84
CA PRO D 574 38.89 38.10 11.86
C PRO D 574 38.28 38.21 13.25
N ASN D 575 38.51 37.14 14.04
CA ASN D 575 37.90 36.95 15.36
C ASN D 575 36.40 36.72 15.27
N LEU D 576 35.96 36.17 14.14
CA LEU D 576 34.56 35.87 13.87
C LEU D 576 34.48 34.52 13.16
N ASN D 577 33.43 33.77 13.50
CA ASN D 577 33.00 32.60 12.74
C ASN D 577 31.88 33.08 11.82
N GLN D 578 32.03 32.83 10.52
CA GLN D 578 31.22 33.50 9.51
C GLN D 578 30.27 32.56 8.76
N LYS D 579 30.14 31.32 9.23
CA LYS D 579 29.21 30.35 8.67
C LYS D 579 27.77 30.67 9.02
N GLY D 580 27.51 31.82 9.66
CA GLY D 580 26.16 32.16 10.04
C GLY D 580 25.24 32.43 8.86
N MET D 581 23.94 32.32 9.15
CA MET D 581 22.86 32.77 8.28
C MET D 581 22.38 34.17 8.63
N LEU D 582 22.85 34.73 9.75
CA LEU D 582 22.62 36.11 10.13
C LEU D 582 23.95 36.70 10.54
N THR D 583 24.13 38.00 10.33
CA THR D 583 25.35 38.65 10.81
C THR D 583 25.36 38.65 12.33
N GLU D 584 26.48 39.09 12.92
CA GLU D 584 26.52 39.19 14.39
C GLU D 584 25.43 40.11 14.94
N ASP D 585 24.89 41.03 14.14
CA ASP D 585 23.83 41.92 14.57
C ASP D 585 22.46 41.54 14.01
N ARG D 586 22.32 40.30 13.54
CA ARG D 586 21.03 39.65 13.23
C ARG D 586 20.35 40.26 12.00
N ARG D 587 21.17 40.76 11.08
CA ARG D 587 20.71 41.08 9.75
C ARG D 587 20.77 39.81 8.89
N LYS D 588 19.67 39.54 8.15
CA LYS D 588 19.55 38.31 7.36
C LYS D 588 20.46 38.36 6.14
N LYS D 589 21.34 37.36 6.02
CA LYS D 589 22.14 37.15 4.82
C LYS D 589 21.26 36.57 3.71
N GLU D 590 21.84 36.36 2.53
CA GLU D 590 21.01 35.85 1.44
C GLU D 590 20.86 34.34 1.51
N ILE D 591 21.78 33.65 2.18
CA ILE D 591 21.55 32.24 2.39
C ILE D 591 20.31 32.04 3.23
N TYR D 592 20.01 32.99 4.11
CA TYR D 592 18.81 32.87 4.92
C TYR D 592 17.58 32.73 4.04
N TYR D 593 17.48 33.52 2.98
CA TYR D 593 16.31 33.47 2.12
C TYR D 593 16.27 32.16 1.33
N TYR D 594 17.43 31.65 0.92
CA TYR D 594 17.47 30.36 0.22
C TYR D 594 16.81 29.27 1.07
N CYS D 595 17.26 29.12 2.32
CA CYS D 595 16.65 28.15 3.22
C CYS D 595 15.16 28.36 3.33
N GLN D 596 14.73 29.60 3.48
CA GLN D 596 13.31 29.90 3.55
C GLN D 596 12.56 29.29 2.36
N ALA D 597 13.19 29.29 1.18
CA ALA D 597 12.56 28.79 -0.03
C ALA D 597 12.47 27.27 -0.06
N ARG D 598 13.35 26.59 0.67
CA ARG D 598 13.33 25.15 0.74
C ARG D 598 12.62 24.60 1.97
N TRP D 599 12.26 25.46 2.94
CA TRP D 599 11.65 25.03 4.19
C TRP D 599 10.29 25.65 4.45
N SER D 600 10.19 26.97 4.43
CA SER D 600 8.96 27.63 4.87
C SER D 600 7.78 27.24 3.99
N ASP D 601 6.63 27.04 4.63
CA ASP D 601 5.39 26.85 3.90
C ASP D 601 4.71 28.18 3.62
N ILE D 602 5.28 29.28 4.09
CA ILE D 602 4.68 30.60 3.96
C ILE D 602 5.21 31.24 2.68
N PRO D 603 4.38 31.45 1.65
CA PRO D 603 4.89 31.78 0.31
C PRO D 603 5.88 32.93 0.28
N MET D 604 6.94 32.76 -0.52
CA MET D 604 8.01 33.75 -0.61
C MET D 604 8.64 33.75 -2.01
N ILE D 605 9.32 34.86 -2.29
CA ILE D 605 10.15 35.03 -3.48
C ILE D 605 11.23 36.04 -3.12
N HIS D 606 12.44 35.86 -3.66
CA HIS D 606 13.55 36.76 -3.35
C HIS D 606 14.63 36.69 -4.44
N ILE D 607 15.07 37.86 -4.90
CA ILE D 607 16.16 37.99 -5.87
C ILE D 607 17.49 38.04 -5.13
N ALA D 608 18.35 37.05 -5.35
CA ALA D 608 19.61 36.96 -4.62
C ALA D 608 20.62 37.91 -5.21
N GLY D 609 21.27 38.69 -4.33
CA GLY D 609 22.13 39.78 -4.74
C GLY D 609 21.79 41.09 -4.06
N ALA D 610 20.87 41.05 -3.09
CA ALA D 610 20.55 42.25 -2.32
C ALA D 610 21.74 42.79 -1.55
N ASP D 611 22.75 41.94 -1.33
CA ASP D 611 23.98 42.29 -0.63
C ASP D 611 25.09 42.72 -1.58
N TRP D 612 24.76 42.94 -2.85
CA TRP D 612 25.70 43.18 -3.95
C TRP D 612 25.02 44.14 -4.91
N THR D 613 24.65 45.31 -4.41
CA THR D 613 23.81 46.21 -5.18
C THR D 613 24.59 47.14 -6.07
N LYS D 614 25.84 47.41 -5.74
CA LYS D 614 26.70 48.25 -6.57
C LYS D 614 27.77 47.37 -7.20
N ARG D 615 28.00 47.53 -8.50
CA ARG D 615 28.92 46.67 -9.24
C ARG D 615 29.72 47.45 -10.27
N VAL D 616 31.02 47.20 -10.31
CA VAL D 616 31.93 47.80 -11.29
C VAL D 616 32.71 46.67 -11.91
N GLU D 617 32.62 46.52 -13.22
CA GLU D 617 33.17 45.34 -13.87
C GLU D 617 33.73 45.74 -15.23
N ILE D 618 34.88 45.18 -15.59
CA ILE D 618 35.48 45.40 -16.92
C ILE D 618 34.64 44.69 -17.96
N CYS D 619 34.15 45.44 -18.94
CA CYS D 619 33.34 44.90 -20.04
C CYS D 619 33.39 45.86 -21.21
N ASP D 620 33.79 45.36 -22.38
CA ASP D 620 33.91 46.20 -23.56
C ASP D 620 32.66 46.20 -24.45
N ASP D 621 31.75 45.25 -24.28
CA ASP D 621 30.51 45.29 -25.04
C ASP D 621 29.50 46.19 -24.33
N SER D 622 28.32 46.29 -24.95
CA SER D 622 27.22 47.03 -24.37
C SER D 622 26.60 46.26 -23.21
N ILE D 623 26.72 44.93 -23.23
CA ILE D 623 25.98 44.06 -22.32
C ILE D 623 26.94 43.24 -21.48
N ASN D 624 26.64 43.15 -20.18
CA ASN D 624 27.35 42.32 -19.22
C ASN D 624 26.40 41.21 -18.75
N VAL D 625 26.38 40.10 -19.49
CA VAL D 625 25.47 39.01 -19.16
C VAL D 625 26.05 38.23 -18.00
N ARG D 626 25.25 38.09 -16.94
CA ARG D 626 25.65 37.45 -15.70
C ARG D 626 24.44 36.69 -15.18
N LYS D 627 24.64 35.46 -14.71
CA LYS D 627 23.50 34.72 -14.19
C LYS D 627 23.05 35.30 -12.85
N ILE D 628 21.76 35.17 -12.55
CA ILE D 628 21.19 35.70 -11.33
C ILE D 628 20.02 34.80 -10.96
N SER D 629 19.90 34.46 -9.67
CA SER D 629 18.96 33.42 -9.28
C SER D 629 17.88 33.98 -8.35
N VAL D 630 16.68 33.45 -8.50
CA VAL D 630 15.49 33.89 -7.76
C VAL D 630 15.02 32.75 -6.85
N PHE D 631 15.12 32.93 -5.54
CA PHE D 631 14.70 31.92 -4.57
C PHE D 631 13.19 31.98 -4.35
N SER D 632 12.55 30.82 -4.27
CA SER D 632 11.09 30.84 -4.17
C SER D 632 10.51 29.54 -3.62
N ASN D 633 9.29 29.68 -3.12
CA ASN D 633 8.36 28.64 -2.68
C ASN D 633 7.47 28.11 -3.81
N GLN D 634 7.06 29.00 -4.73
CA GLN D 634 6.08 28.67 -5.75
C GLN D 634 6.70 27.84 -6.87
N LYS D 635 5.84 27.40 -7.79
CA LYS D 635 6.19 26.49 -8.88
C LYS D 635 6.96 27.20 -9.99
N THR D 636 6.64 28.47 -10.24
CA THR D 636 7.16 29.25 -11.35
C THR D 636 7.60 30.62 -10.84
N VAL D 637 8.56 31.23 -11.53
CA VAL D 637 8.91 32.63 -11.29
C VAL D 637 9.17 33.33 -12.62
N GLU D 638 8.61 34.54 -12.75
CA GLU D 638 8.97 35.47 -13.83
C GLU D 638 9.92 36.56 -13.29
N LEU D 639 10.82 37.00 -14.15
CA LEU D 639 11.80 38.02 -13.81
C LEU D 639 11.84 39.03 -14.94
N ILE D 640 11.63 40.29 -14.59
CA ILE D 640 11.64 41.38 -15.54
C ILE D 640 12.93 42.16 -15.36
N HIS D 641 13.69 42.31 -16.44
CA HIS D 641 14.87 43.16 -16.47
C HIS D 641 14.56 44.45 -17.21
N ASN D 642 14.64 45.58 -16.50
CA ASN D 642 14.44 46.92 -17.07
C ASN D 642 13.14 47.05 -17.86
N GLY D 643 12.15 46.21 -17.55
CA GLY D 643 10.85 46.29 -18.17
C GLY D 643 10.59 45.25 -19.24
N LYS D 644 11.64 44.77 -19.90
CA LYS D 644 11.56 43.59 -20.78
C LYS D 644 11.60 42.32 -19.90
N SER D 645 10.48 41.60 -19.84
CA SER D 645 10.48 40.31 -19.17
C SER D 645 11.53 39.38 -19.77
N LEU D 646 12.11 38.54 -18.92
CA LEU D 646 13.09 37.56 -19.35
C LEU D 646 12.48 36.17 -19.48
N GLY D 647 11.16 36.04 -19.41
CA GLY D 647 10.50 34.76 -19.48
C GLY D 647 10.07 34.24 -18.10
N VAL D 648 9.20 33.22 -18.14
CA VAL D 648 8.79 32.49 -16.95
C VAL D 648 9.65 31.24 -16.85
N ARG D 649 9.98 30.86 -15.62
CA ARG D 649 10.79 29.69 -15.39
C ARG D 649 10.31 28.96 -14.15
N GLU D 650 10.52 27.65 -14.17
CA GLU D 650 10.10 26.79 -13.08
C GLU D 650 11.11 26.87 -11.93
N VAL D 651 10.61 26.92 -10.71
CA VAL D 651 11.48 26.88 -9.55
C VAL D 651 11.89 25.44 -9.29
N VAL D 652 13.19 25.17 -9.27
CA VAL D 652 13.72 23.85 -8.98
C VAL D 652 14.72 23.92 -7.83
N ASN D 653 14.45 23.14 -6.76
CA ASN D 653 15.24 23.15 -5.52
C ASN D 653 15.32 24.56 -4.99
N GLY D 654 14.15 25.21 -4.96
CA GLY D 654 13.99 26.55 -4.45
C GLY D 654 14.47 27.67 -5.34
N GLU D 655 15.13 27.34 -6.48
CA GLU D 655 15.94 28.29 -7.22
C GLU D 655 15.59 28.33 -8.71
N ALA D 656 15.55 29.54 -9.27
CA ALA D 656 15.40 29.77 -10.71
C ALA D 656 16.50 30.70 -11.18
N VAL D 657 17.27 30.27 -12.18
CA VAL D 657 18.46 31.02 -12.61
C VAL D 657 18.20 31.62 -13.99
N PHE D 658 18.16 32.95 -14.04
CA PHE D 658 18.05 33.72 -15.27
C PHE D 658 19.41 34.25 -15.71
N ALA D 659 19.51 34.59 -16.98
CA ALA D 659 20.69 35.26 -17.53
C ALA D 659 20.31 36.70 -17.81
N VAL D 660 20.95 37.65 -17.12
CA VAL D 660 20.54 39.05 -17.14
C VAL D 660 21.47 39.82 -18.06
N PRO D 661 20.96 40.51 -19.08
CA PRO D 661 21.79 41.38 -19.94
C PRO D 661 22.01 42.74 -19.31
N PHE D 662 22.91 42.78 -18.33
CA PHE D 662 23.23 44.00 -17.60
C PHE D 662 23.84 45.06 -18.54
N ILE D 663 23.47 46.32 -18.29
CA ILE D 663 23.95 47.46 -19.07
C ILE D 663 24.37 48.54 -18.10
N ASN D 664 25.16 49.50 -18.62
CA ASN D 664 25.73 50.56 -17.80
C ASN D 664 24.65 51.38 -17.12
N GLY D 665 24.76 51.53 -15.81
CA GLY D 665 23.82 52.39 -15.11
C GLY D 665 22.91 51.64 -14.19
N GLU D 666 21.66 52.08 -14.04
CA GLU D 666 20.72 51.34 -13.21
C GLU D 666 20.10 50.17 -13.97
N ASN D 667 19.92 49.08 -13.24
CA ASN D 667 19.27 47.88 -13.72
C ASN D 667 18.17 47.55 -12.73
N LEU D 668 16.92 47.54 -13.18
CA LEU D 668 15.78 47.23 -12.31
C LEU D 668 15.32 45.81 -12.62
N LEU D 669 15.67 44.89 -11.73
CA LEU D 669 15.19 43.51 -11.76
C LEU D 669 13.99 43.40 -10.84
N ASP D 670 12.84 43.04 -11.38
CA ASP D 670 11.66 42.81 -10.57
C ASP D 670 11.19 41.39 -10.81
N ALA D 671 11.19 40.60 -9.75
CA ALA D 671 10.74 39.22 -9.76
C ALA D 671 9.26 39.14 -9.40
N ARG D 672 8.55 38.26 -10.08
CA ARG D 672 7.11 38.10 -9.87
C ARG D 672 6.76 36.63 -9.98
N SER D 673 5.80 36.19 -9.14
CA SER D 673 5.28 34.83 -9.19
C SER D 673 4.00 34.75 -8.39
N GLY D 674 2.86 34.83 -9.09
CA GLY D 674 1.56 34.84 -8.44
C GLY D 674 1.25 36.17 -7.79
N ALA D 675 0.76 36.12 -6.56
CA ALA D 675 0.42 37.33 -5.85
C ALA D 675 1.62 38.03 -5.23
N LEU D 676 2.83 37.56 -5.52
CA LEU D 676 4.03 37.87 -4.76
C LEU D 676 4.96 38.76 -5.57
N SER D 677 5.97 39.32 -4.88
CA SER D 677 6.93 40.21 -5.54
C SER D 677 8.21 40.34 -4.73
N ASP D 678 9.30 40.62 -5.45
CA ASP D 678 10.52 41.18 -4.87
C ASP D 678 11.11 42.13 -5.90
N ARG D 679 11.84 43.13 -5.42
CA ARG D 679 12.51 44.10 -6.28
C ARG D 679 13.96 44.25 -5.85
N LEU D 680 14.80 44.57 -6.83
CA LEU D 680 16.22 44.75 -6.57
C LEU D 680 16.79 45.64 -7.65
N LYS D 681 17.28 46.84 -7.29
CA LYS D 681 17.96 47.73 -8.22
C LYS D 681 19.47 47.50 -8.10
N ILE D 682 20.11 47.15 -9.21
CA ILE D 682 21.54 46.93 -9.27
C ILE D 682 22.13 48.05 -10.12
N GLN D 683 22.94 48.88 -9.48
CA GLN D 683 23.81 49.82 -10.18
C GLN D 683 25.00 49.07 -10.75
N MET D 684 25.22 49.19 -12.06
CA MET D 684 26.32 48.48 -12.72
C MET D 684 27.10 49.44 -13.60
N LYS D 685 28.40 49.56 -13.36
CA LYS D 685 29.28 50.45 -14.11
C LYS D 685 30.18 49.59 -15.00
N LEU D 686 29.95 49.64 -16.31
CA LEU D 686 30.83 48.94 -17.23
C LEU D 686 32.12 49.75 -17.42
N LEU D 687 33.28 49.12 -17.24
CA LEU D 687 34.56 49.78 -17.43
C LEU D 687 35.24 49.22 -18.66
N SER D 688 35.61 50.09 -19.59
CA SER D 688 36.39 49.64 -20.74
C SER D 688 37.81 49.33 -20.30
N SER D 689 38.42 48.32 -20.95
CA SER D 689 39.79 47.95 -20.60
C SER D 689 40.81 48.99 -21.02
N ARG D 690 40.52 49.85 -21.99
CA ARG D 690 41.42 50.94 -22.28
C ARG D 690 41.06 52.08 -21.35
N LEU D 691 42.09 52.65 -20.72
CA LEU D 691 41.85 53.74 -19.79
C LEU D 691 41.57 55.06 -20.49
N THR D 692 41.69 55.09 -21.83
CA THR D 692 41.05 56.13 -22.64
C THR D 692 39.64 56.38 -22.12
N ASP D 693 38.76 55.41 -22.39
CA ASP D 693 37.31 55.60 -22.26
C ASP D 693 36.85 55.38 -20.81
N SER D 694 37.23 56.32 -19.93
CA SER D 694 36.80 56.20 -18.54
C SER D 694 36.99 57.45 -17.68
N ASP D 695 35.87 57.95 -17.14
CA ASP D 695 35.79 58.87 -16.00
C ASP D 695 36.31 58.27 -14.70
N VAL D 696 36.64 56.98 -14.67
CA VAL D 696 36.81 56.27 -13.41
C VAL D 696 38.09 56.70 -12.70
N LEU D 697 39.10 57.13 -13.46
CA LEU D 697 40.37 57.50 -12.85
C LEU D 697 40.23 58.74 -11.98
N LEU D 698 39.25 59.60 -12.28
CA LEU D 698 39.03 60.78 -11.44
C LEU D 698 38.51 60.38 -10.08
N ASP D 699 37.74 59.29 -10.02
CA ASP D 699 37.24 58.75 -8.76
C ASP D 699 38.33 57.98 -8.02
N GLY D 700 39.14 57.23 -8.79
CA GLY D 700 40.02 56.20 -8.26
C GLY D 700 39.72 54.85 -8.86
N LEU D 701 40.70 54.29 -9.57
CA LEU D 701 40.67 52.89 -9.98
C LEU D 701 41.33 52.05 -8.88
N CYS D 702 40.52 51.26 -8.17
CA CYS D 702 40.99 50.49 -7.03
C CYS D 702 41.11 49.02 -7.40
N ILE D 703 42.33 48.48 -7.34
CA ILE D 703 42.67 47.16 -7.88
C ILE D 703 43.11 46.26 -6.74
N ASN D 704 42.47 45.09 -6.65
CA ASN D 704 42.66 44.11 -5.59
C ASN D 704 43.74 43.10 -6.00
N LEU D 705 45.01 43.50 -5.85
CA LEU D 705 46.13 42.70 -6.36
C LEU D 705 46.19 41.32 -5.71
N GLY D 706 46.41 40.29 -6.53
CA GLY D 706 46.37 38.92 -6.07
C GLY D 706 44.99 38.30 -5.93
N GLN D 707 43.93 39.01 -6.30
CA GLN D 707 42.57 38.48 -6.28
C GLN D 707 42.06 38.55 -7.70
N GLU D 708 41.81 37.39 -8.32
CA GLU D 708 41.51 37.32 -9.74
C GLU D 708 40.14 36.72 -10.01
N HIS D 709 39.30 36.58 -9.00
CA HIS D 709 37.93 36.14 -9.26
C HIS D 709 36.90 36.72 -8.31
N CYS D 710 37.24 37.62 -7.37
CA CYS D 710 36.24 38.27 -6.53
C CYS D 710 36.34 39.78 -6.56
N TYR D 711 35.18 40.39 -6.36
CA TYR D 711 35.02 41.81 -6.14
C TYR D 711 34.83 42.06 -4.64
N PHE D 712 35.65 42.94 -4.09
CA PHE D 712 35.53 43.37 -2.71
C PHE D 712 34.96 44.78 -2.67
N ILE D 713 33.92 45.00 -1.86
CA ILE D 713 33.30 46.31 -1.69
C ILE D 713 33.52 46.74 -0.25
N ASP D 714 34.21 47.87 -0.08
CA ASP D 714 34.33 48.50 1.24
C ASP D 714 33.09 49.31 1.50
N PRO D 715 32.27 48.98 2.50
CA PRO D 715 31.00 49.69 2.68
C PRO D 715 31.17 51.10 3.24
N GLN D 716 32.35 51.44 3.77
CA GLN D 716 32.59 52.77 4.34
C GLN D 716 32.74 53.84 3.25
N LEU D 717 33.42 53.50 2.15
CA LEU D 717 33.58 54.41 1.03
C LEU D 717 32.67 54.06 -0.17
N GLN D 718 32.01 52.92 -0.13
CA GLN D 718 31.42 52.31 -1.33
C GLN D 718 32.46 52.07 -2.42
N GLU D 719 33.75 52.05 -2.09
CA GLU D 719 34.77 51.71 -3.08
C GLU D 719 34.69 50.23 -3.45
N ILE D 720 34.57 49.95 -4.73
CA ILE D 720 34.55 48.58 -5.21
C ILE D 720 35.94 48.23 -5.69
N TRP D 721 36.53 47.19 -5.12
CA TRP D 721 37.90 46.80 -5.47
C TRP D 721 37.85 45.73 -6.54
N ILE D 722 38.01 46.14 -7.80
CA ILE D 722 37.87 45.23 -8.93
C ILE D 722 39.00 44.22 -8.99
N PRO D 723 38.78 43.05 -9.59
CA PRO D 723 39.84 42.03 -9.61
C PRO D 723 40.96 42.40 -10.55
N ASP D 724 42.09 41.76 -10.29
CA ASP D 724 43.33 41.90 -11.02
C ASP D 724 43.25 41.12 -12.33
N LYS D 725 44.12 41.51 -13.27
CA LYS D 725 44.28 40.74 -14.49
C LYS D 725 45.69 40.98 -15.02
N PRO D 726 46.20 40.07 -15.86
CA PRO D 726 47.48 40.33 -16.53
C PRO D 726 47.40 41.51 -17.46
N TYR D 727 48.53 42.17 -17.64
CA TYR D 727 48.59 43.34 -18.49
C TYR D 727 48.42 42.93 -19.95
N THR D 728 47.52 43.62 -20.65
CA THR D 728 47.43 43.58 -22.10
C THR D 728 47.70 44.99 -22.64
N LYS D 729 48.05 45.10 -23.92
CA LYS D 729 48.46 46.40 -24.47
C LYS D 729 47.32 47.42 -24.40
N GLY D 730 47.63 48.62 -23.93
CA GLY D 730 46.59 49.61 -23.77
C GLY D 730 45.79 49.54 -22.50
N SER D 731 45.99 48.52 -21.66
CA SER D 731 45.20 48.34 -20.45
C SER D 731 46.07 48.35 -19.21
N TRP D 732 45.66 47.58 -18.18
CA TRP D 732 46.48 47.42 -16.99
C TRP D 732 46.66 45.96 -16.64
N GLY D 733 47.56 45.75 -15.70
CA GLY D 733 47.81 44.44 -15.13
C GLY D 733 49.26 44.29 -14.72
N TYR D 734 49.57 43.11 -14.22
CA TYR D 734 50.94 42.76 -13.89
C TYR D 734 51.62 42.11 -15.08
N MET D 735 52.96 42.19 -15.11
CA MET D 735 53.75 41.59 -16.17
C MET D 735 54.25 40.20 -15.81
N ASP D 736 54.96 40.07 -14.70
CA ASP D 736 55.34 38.80 -14.12
C ASP D 736 54.59 38.60 -12.81
N GLY D 737 54.98 37.56 -12.08
CA GLY D 737 54.38 37.27 -10.81
C GLY D 737 53.05 36.55 -10.93
N LYS D 738 52.65 35.91 -9.85
CA LYS D 738 51.42 35.14 -9.76
C LYS D 738 50.69 35.52 -8.49
N PRO D 739 49.36 35.50 -8.50
CA PRO D 739 48.63 35.63 -7.24
C PRO D 739 48.95 34.44 -6.35
N PHE D 740 48.89 34.66 -5.05
CA PHE D 740 49.34 33.65 -4.10
C PHE D 740 48.17 32.76 -3.71
N ASN D 741 48.43 31.44 -3.73
CA ASN D 741 47.39 30.50 -3.28
C ASN D 741 47.95 29.16 -2.83
N SER D 742 49.24 29.05 -2.52
CA SER D 742 49.80 27.74 -2.19
C SER D 742 49.41 27.34 -0.78
N TRP D 743 48.78 26.18 -0.66
CA TRP D 743 48.49 25.56 0.62
C TRP D 743 48.91 24.09 0.49
N PRO D 744 50.23 23.84 0.50
CA PRO D 744 50.75 22.56 0.03
C PRO D 744 50.39 21.44 0.99
N GLY D 745 49.59 20.49 0.50
CA GLY D 745 49.11 19.40 1.32
C GLY D 745 47.72 19.65 1.86
N SER D 746 46.86 20.33 1.10
CA SER D 746 45.47 20.40 1.47
C SER D 746 44.59 20.47 0.22
N SER D 747 43.29 20.32 0.43
CA SER D 747 42.33 20.59 -0.65
C SER D 747 42.41 22.03 -1.12
N HIS D 748 43.13 22.89 -0.41
CA HIS D 748 43.14 24.30 -0.70
C HIS D 748 44.21 24.73 -1.68
N ASP D 749 45.25 23.90 -1.90
CA ASP D 749 46.37 24.31 -2.75
C ASP D 749 45.86 24.79 -4.12
N GLY D 750 46.26 26.00 -4.49
CA GLY D 750 45.79 26.57 -5.74
C GLY D 750 44.32 26.95 -5.78
N VAL D 751 43.63 27.00 -4.64
CA VAL D 751 42.21 27.35 -4.60
C VAL D 751 41.92 28.44 -3.57
N ARG D 752 42.63 28.44 -2.45
CA ARG D 752 42.51 29.52 -1.46
C ARG D 752 43.48 30.64 -1.86
N TYR D 753 42.94 31.73 -2.40
CA TYR D 753 43.74 32.89 -2.72
C TYR D 753 43.96 33.73 -1.46
N GLY D 754 45.22 34.00 -1.15
CA GLY D 754 45.56 34.83 0.00
C GLY D 754 45.62 34.04 1.31
N VAL D 755 46.27 34.66 2.31
CA VAL D 755 46.47 34.07 3.62
C VAL D 755 45.22 34.24 4.48
N GLY D 756 45.21 33.59 5.64
CA GLY D 756 44.13 33.71 6.59
C GLY D 756 44.39 34.69 7.71
N ALA D 757 45.51 35.42 7.67
CA ALA D 757 45.91 36.27 8.79
C ALA D 757 44.91 37.38 9.07
N ASP D 758 44.71 37.68 10.34
CA ASP D 758 44.14 38.96 10.73
C ASP D 758 45.20 40.03 10.47
N ILE D 759 44.81 41.13 9.84
CA ILE D 759 45.75 42.21 9.52
C ILE D 759 45.48 43.39 10.42
N LYS D 760 46.52 43.88 11.06
CA LYS D 760 46.43 44.98 11.99
C LYS D 760 46.33 46.29 11.26
N ASN D 761 45.56 47.23 11.82
CA ASN D 761 45.40 48.58 11.31
C ASN D 761 44.64 48.64 9.97
N THR D 762 43.80 47.65 9.70
CA THR D 762 42.84 47.74 8.60
C THR D 762 41.66 46.84 8.89
N PHE D 763 40.48 47.30 8.48
CA PHE D 763 39.28 46.47 8.44
C PHE D 763 39.15 45.73 7.11
N LEU D 764 39.87 46.17 6.09
CA LEU D 764 39.78 45.60 4.76
C LEU D 764 40.68 44.35 4.64
N GLU D 765 40.33 43.35 5.45
CA GLU D 765 41.01 42.04 5.38
C GLU D 765 41.01 41.43 3.98
N PRO D 766 39.87 41.23 3.30
CA PRO D 766 39.92 40.57 1.98
C PRO D 766 40.81 41.28 0.99
N LEU D 767 41.13 42.56 1.24
CA LEU D 767 42.07 43.27 0.39
C LEU D 767 43.52 42.95 0.75
N PHE D 768 43.89 43.11 2.03
CA PHE D 768 45.29 42.98 2.34
C PHE D 768 45.75 41.54 2.34
N GLN D 769 44.82 40.58 2.56
CA GLN D 769 45.19 39.15 2.61
C GLN D 769 45.57 38.63 1.25
N THR D 770 44.99 39.19 0.18
CA THR D 770 45.28 38.88 -1.22
C THR D 770 46.51 39.64 -1.67
N PHE D 771 47.38 38.97 -2.39
CA PHE D 771 48.56 39.67 -2.85
C PHE D 771 49.23 38.97 -4.01
N LEU D 772 49.90 39.76 -4.85
CA LEU D 772 50.85 39.24 -5.81
C LEU D 772 52.15 38.94 -5.10
N ILE D 773 52.81 37.87 -5.54
CA ILE D 773 54.10 37.45 -5.00
C ILE D 773 55.03 37.23 -6.19
N GLY D 774 56.24 37.77 -6.11
CA GLY D 774 57.16 37.66 -7.22
C GLY D 774 56.88 38.57 -8.40
N THR D 775 55.96 39.52 -8.27
CA THR D 775 55.68 40.44 -9.36
C THR D 775 56.71 41.56 -9.30
N THR D 776 57.46 41.75 -10.37
CA THR D 776 58.43 42.83 -10.39
C THR D 776 57.96 44.07 -11.14
N CYS D 777 56.89 43.97 -11.92
CA CYS D 777 56.50 45.10 -12.74
C CYS D 777 54.99 45.10 -12.98
N TYR D 778 54.38 46.28 -12.75
CA TYR D 778 52.98 46.55 -12.98
C TYR D 778 52.84 47.70 -13.96
N ARG D 779 51.96 47.55 -14.95
CA ARG D 779 51.70 48.60 -15.93
C ARG D 779 50.25 49.00 -15.89
N LEU D 780 50.02 50.31 -16.07
CA LEU D 780 48.72 50.87 -16.39
C LEU D 780 48.99 51.94 -17.44
N ASP D 781 48.29 51.88 -18.55
CA ASP D 781 48.51 52.85 -19.63
C ASP D 781 47.55 54.03 -19.46
N VAL D 782 47.97 55.03 -18.69
CA VAL D 782 47.08 56.14 -18.38
C VAL D 782 47.40 57.38 -19.24
N PRO D 783 46.47 58.32 -19.36
CA PRO D 783 46.79 59.58 -20.02
C PRO D 783 47.68 60.48 -19.18
N ASP D 784 48.27 61.46 -19.85
CA ASP D 784 49.08 62.46 -19.17
C ASP D 784 48.28 63.12 -18.07
N GLY D 785 48.99 63.58 -17.04
CA GLY D 785 48.35 64.17 -15.88
C GLY D 785 48.94 63.76 -14.55
N VAL D 786 48.42 64.35 -13.48
CA VAL D 786 48.94 64.14 -12.13
C VAL D 786 48.11 63.07 -11.46
N TYR D 787 48.78 62.12 -10.79
CA TYR D 787 48.16 60.94 -10.22
C TYR D 787 48.59 60.73 -8.78
N GLU D 788 47.61 60.48 -7.92
CA GLU D 788 47.86 59.91 -6.61
C GLU D 788 47.82 58.40 -6.78
N ILE D 789 48.98 57.78 -6.82
CA ILE D 789 49.08 56.33 -6.75
C ILE D 789 49.26 55.91 -5.30
N GLY D 790 48.41 54.99 -4.83
CA GLY D 790 48.52 54.50 -3.47
C GLY D 790 48.70 53.01 -3.40
N PHE D 791 49.71 52.57 -2.63
CA PHE D 791 50.10 51.18 -2.60
C PHE D 791 49.73 50.55 -1.26
N TYR D 792 49.24 49.32 -1.30
CA TYR D 792 48.74 48.64 -0.10
C TYR D 792 49.59 47.40 0.13
N PHE D 793 50.44 47.46 1.15
CA PHE D 793 51.40 46.40 1.46
C PHE D 793 51.11 45.77 2.81
N THR D 794 51.45 44.49 2.92
CA THR D 794 51.61 43.87 4.22
C THR D 794 52.51 42.66 4.04
N GLU D 795 53.40 42.45 4.99
CA GLU D 795 54.02 41.14 5.12
C GLU D 795 52.96 40.15 5.59
N PRO D 796 52.55 39.18 4.77
CA PRO D 796 51.40 38.33 5.16
C PRO D 796 51.74 37.15 6.04
N PHE D 797 53.03 36.86 6.26
CA PHE D 797 53.49 35.61 6.85
C PHE D 797 54.16 35.81 8.20
N SER D 798 53.77 34.96 9.15
CA SER D 798 54.34 34.94 10.49
C SER D 798 55.78 34.45 10.45
N LYS D 799 56.52 34.75 11.52
CA LYS D 799 57.93 34.39 11.57
C LYS D 799 58.12 32.88 11.42
N ASP D 800 57.16 32.08 11.87
CA ASP D 800 57.38 30.64 11.81
C ASP D 800 56.98 30.03 10.47
N GLU D 801 55.93 30.53 9.82
CA GLU D 801 55.68 30.07 8.45
C GLU D 801 56.71 30.61 7.47
N ARG D 802 57.36 31.73 7.79
CA ARG D 802 58.45 32.21 6.96
C ARG D 802 59.68 31.32 7.07
N LYS D 803 59.70 30.37 8.00
CA LYS D 803 60.74 29.35 8.00
C LYS D 803 60.58 28.39 6.83
N ASN D 804 59.40 28.36 6.19
CA ASN D 804 59.17 27.67 4.91
C ASN D 804 59.59 28.63 3.81
N ILE D 805 60.85 28.51 3.37
CA ILE D 805 61.46 29.57 2.57
C ILE D 805 60.87 29.61 1.16
N VAL D 806 60.55 28.46 0.57
CA VAL D 806 59.99 28.45 -0.80
C VAL D 806 58.58 29.02 -0.81
N ARG D 807 57.71 28.51 0.09
CA ARG D 807 56.31 28.91 0.10
C ARG D 807 56.15 30.40 0.36
N THR D 808 57.04 30.99 1.15
CA THR D 808 56.92 32.40 1.49
C THR D 808 57.86 33.27 0.69
N GLY D 809 58.62 32.70 -0.24
CA GLY D 809 59.47 33.51 -1.10
C GLY D 809 60.37 34.51 -0.40
N VAL D 810 61.04 34.04 0.64
CA VAL D 810 61.91 34.85 1.48
C VAL D 810 63.33 34.29 1.43
N SER D 811 64.27 35.05 1.99
CA SER D 811 65.69 34.74 1.99
C SER D 811 66.01 33.64 3.00
N ALA D 812 67.25 33.15 2.92
CA ALA D 812 67.69 32.04 3.76
C ALA D 812 67.38 32.31 5.22
N GLU D 813 67.53 33.57 5.64
CA GLU D 813 67.26 34.02 6.99
C GLU D 813 65.88 34.67 7.14
N GLY D 814 64.99 34.49 6.16
CA GLY D 814 63.60 34.91 6.29
C GLY D 814 63.26 36.38 6.13
N GLN D 815 64.04 37.12 5.34
CA GLN D 815 63.78 38.55 5.18
C GLN D 815 63.16 38.81 3.82
N ARG D 816 62.60 40.02 3.66
CA ARG D 816 61.96 40.38 2.40
C ARG D 816 62.12 41.88 2.19
N VAL D 817 63.24 42.27 1.63
CA VAL D 817 63.53 43.67 1.33
C VAL D 817 63.44 43.86 -0.17
N PHE D 818 62.60 44.80 -0.61
CA PHE D 818 62.55 45.16 -2.02
C PHE D 818 62.35 46.67 -2.14
N ASP D 819 62.55 47.17 -3.36
CA ASP D 819 62.45 48.59 -3.65
C ASP D 819 61.26 48.84 -4.55
N VAL D 820 60.75 50.06 -4.49
CA VAL D 820 59.67 50.48 -5.39
C VAL D 820 60.16 51.64 -6.23
N SER D 821 60.10 51.47 -7.54
CA SER D 821 60.37 52.55 -8.47
C SER D 821 59.14 52.79 -9.31
N VAL D 822 58.91 54.07 -9.65
CA VAL D 822 57.88 54.43 -10.63
C VAL D 822 58.53 55.28 -11.72
N ASN D 823 58.30 54.90 -12.98
CA ASN D 823 58.75 55.63 -14.17
C ASN D 823 60.21 56.03 -14.07
N GLY D 824 61.03 55.13 -13.53
CA GLY D 824 62.48 55.28 -13.49
C GLY D 824 63.05 55.87 -12.22
N GLU D 825 62.21 56.29 -11.28
CA GLU D 825 62.69 56.92 -10.07
C GLU D 825 62.47 55.98 -8.90
N LYS D 826 63.56 55.63 -8.21
CA LYS D 826 63.42 54.86 -6.99
C LYS D 826 62.84 55.76 -5.91
N LEU D 827 61.75 55.31 -5.29
CA LEU D 827 60.96 56.16 -4.40
C LEU D 827 60.69 55.55 -3.03
N ILE D 828 60.79 54.23 -2.86
CA ILE D 828 60.88 53.57 -1.56
C ILE D 828 62.17 52.76 -1.59
N ASP D 829 63.16 53.16 -0.76
CA ASP D 829 64.55 52.78 -1.03
C ASP D 829 64.97 51.43 -0.44
N SER D 830 64.32 50.97 0.62
CA SER D 830 64.57 49.61 1.08
C SER D 830 63.42 49.16 1.94
N LEU D 831 62.31 48.81 1.31
CA LEU D 831 61.12 48.40 2.04
C LEU D 831 61.33 47.01 2.65
N ASN D 832 61.42 46.96 3.97
CA ASN D 832 61.34 45.71 4.70
C ASN D 832 60.12 45.81 5.62
N LEU D 833 59.09 45.01 5.34
CA LEU D 833 57.80 45.19 6.01
C LEU D 833 57.82 44.70 7.45
N ALA D 834 58.14 43.41 7.64
CA ALA D 834 58.19 42.80 8.97
C ALA D 834 58.99 43.65 9.98
N ASP D 835 60.30 43.82 9.75
CA ASP D 835 61.14 44.46 10.76
C ASP D 835 60.96 45.97 10.86
N SER D 836 60.20 46.60 9.95
CA SER D 836 59.93 48.05 10.01
C SER D 836 58.53 48.38 10.45
N TYR D 837 57.55 47.52 10.17
CA TYR D 837 56.17 47.81 10.51
C TYR D 837 55.49 46.74 11.35
N GLY D 838 56.10 45.56 11.51
CA GLY D 838 55.41 44.40 12.08
C GLY D 838 54.81 43.48 11.03
N GLU D 839 54.91 42.16 11.23
CA GLU D 839 54.30 41.24 10.29
C GLU D 839 52.79 41.36 10.36
N GLN D 840 52.14 41.24 9.19
CA GLN D 840 50.69 41.25 9.06
C GLN D 840 50.06 42.52 9.64
N THR D 841 50.77 43.63 9.53
CA THR D 841 50.25 44.95 9.81
C THR D 841 50.08 45.68 8.47
N ALA D 842 49.04 46.49 8.35
CA ALA D 842 48.72 47.17 7.10
C ALA D 842 49.63 48.37 6.90
N VAL D 843 50.17 48.51 5.69
CA VAL D 843 51.10 49.58 5.31
C VAL D 843 50.62 50.21 4.01
N VAL D 844 50.32 51.50 4.04
CA VAL D 844 49.93 52.21 2.83
C VAL D 844 50.90 53.35 2.57
N LYS D 845 51.24 53.54 1.29
CA LYS D 845 52.08 54.62 0.83
C LYS D 845 51.44 55.19 -0.43
N THR D 846 51.25 56.50 -0.44
CA THR D 846 50.72 57.20 -1.60
C THR D 846 51.84 57.93 -2.31
N LEU D 847 51.78 57.97 -3.64
CA LEU D 847 52.72 58.75 -4.43
C LEU D 847 51.95 59.70 -5.31
N VAL D 848 52.56 60.84 -5.60
CA VAL D 848 52.06 61.79 -6.57
C VAL D 848 53.04 61.77 -7.75
N VAL D 849 52.56 61.38 -8.93
CA VAL D 849 53.40 61.20 -10.11
C VAL D 849 52.82 61.99 -11.26
N ASN D 850 53.66 62.80 -11.95
CA ASN D 850 53.26 63.58 -13.13
C ASN D 850 53.67 62.80 -14.38
N VAL D 851 52.68 62.34 -15.14
CA VAL D 851 52.90 61.55 -16.34
C VAL D 851 52.86 62.45 -17.57
N ARG D 852 53.95 62.42 -18.35
CA ARG D 852 54.04 63.15 -19.61
C ARG D 852 54.40 62.17 -20.71
N ASN D 853 54.71 62.70 -21.90
CA ASN D 853 54.82 61.90 -23.13
C ASN D 853 53.52 61.11 -23.24
N HIS D 854 53.58 59.79 -23.41
CA HIS D 854 52.41 58.96 -23.16
C HIS D 854 52.86 57.75 -22.36
N GLU D 855 53.83 57.99 -21.47
CA GLU D 855 54.51 56.89 -20.79
C GLU D 855 53.60 56.14 -19.83
N GLY D 856 52.49 56.73 -19.40
CA GLY D 856 51.66 56.07 -18.41
C GLY D 856 52.46 55.78 -17.15
N LEU D 857 52.10 54.68 -16.48
CA LEU D 857 52.72 54.30 -15.22
C LEU D 857 53.42 52.96 -15.37
N GLU D 858 54.72 52.94 -15.13
CA GLU D 858 55.49 51.72 -15.01
C GLU D 858 55.96 51.60 -13.58
N ILE D 859 55.47 50.59 -12.88
CA ILE D 859 55.82 50.36 -11.49
C ILE D 859 56.77 49.18 -11.41
N LEU D 860 57.84 49.34 -10.63
CA LEU D 860 58.86 48.31 -10.49
C LEU D 860 59.00 47.95 -9.03
N LEU D 861 59.06 46.66 -8.76
CA LEU D 861 59.37 46.17 -7.43
C LEU D 861 60.67 45.38 -7.55
N SER D 862 61.79 46.00 -7.20
CA SER D 862 63.09 45.36 -7.37
C SER D 862 63.45 44.60 -6.11
N PRO D 863 63.50 43.28 -6.14
CA PRO D 863 63.83 42.53 -4.92
C PRO D 863 65.29 42.72 -4.54
N GLN D 864 65.53 43.06 -3.28
CA GLN D 864 66.85 42.98 -2.68
C GLN D 864 67.02 41.65 -1.94
N LYS D 865 66.15 41.36 -0.99
CA LYS D 865 66.12 40.08 -0.31
C LYS D 865 64.75 39.47 -0.51
N GLY D 866 64.72 38.21 -0.94
CA GLY D 866 63.44 37.55 -1.17
C GLY D 866 62.72 38.05 -2.41
N GLN D 867 61.39 38.00 -2.38
CA GLN D 867 60.57 38.40 -3.53
C GLN D 867 59.42 39.29 -3.07
N GLY D 868 58.97 40.14 -4.00
CA GLY D 868 58.11 41.24 -3.63
C GLY D 868 56.68 40.82 -3.32
N VAL D 869 55.98 41.73 -2.66
CA VAL D 869 54.57 41.55 -2.31
C VAL D 869 53.84 42.88 -2.44
N ILE D 870 52.67 42.86 -3.08
CA ILE D 870 51.73 43.98 -3.06
C ILE D 870 50.33 43.40 -2.94
N SER D 871 49.50 44.04 -2.12
CA SER D 871 48.10 43.64 -1.94
C SER D 871 47.12 44.44 -2.78
N GLY D 872 47.36 45.74 -2.96
CA GLY D 872 46.42 46.50 -3.77
C GLY D 872 47.04 47.78 -4.30
N LEU D 873 46.33 48.36 -5.27
CA LEU D 873 46.74 49.57 -5.97
C LEU D 873 45.54 50.48 -6.14
N LYS D 874 45.76 51.79 -6.04
CA LYS D 874 44.71 52.77 -6.26
C LYS D 874 45.27 53.87 -7.15
N VAL D 875 44.54 54.19 -8.23
CA VAL D 875 44.99 55.15 -9.21
C VAL D 875 43.95 56.26 -9.32
N LYS D 876 44.36 57.47 -8.96
CA LYS D 876 43.47 58.61 -8.94
C LYS D 876 44.10 59.70 -9.77
N LYS D 877 43.34 60.24 -10.74
CA LYS D 877 43.80 61.38 -11.51
C LYS D 877 43.28 62.65 -10.84
N ILE D 878 44.17 63.38 -10.19
CA ILE D 878 43.78 64.54 -9.41
C ILE D 878 43.82 65.87 -10.18
N ARG D 879 44.49 65.92 -11.33
CA ARG D 879 44.43 67.10 -12.21
C ARG D 879 45.13 66.87 -13.58
#